data_8A6T
#
_entry.id   8A6T
#
_cell.length_a   1.00
_cell.length_b   1.00
_cell.length_c   1.00
_cell.angle_alpha   90.00
_cell.angle_beta   90.00
_cell.angle_gamma   90.00
#
_symmetry.space_group_name_H-M   'P 1'
#
loop_
_entity.id
_entity.type
_entity.pdbx_description
1 polymer 'Electron bifurcating hydrogenase subunit HydA1'
2 polymer 'Electron bifurcating hydrogenase subunit HydB'
3 polymer 'Electron bifurcating hydrogenase subunit HydC'
4 non-polymer 'IRON/SULFUR CLUSTER'
5 non-polymer '2 IRON/2 SULFUR/5 CARBONYL/2 WATER INORGANIC CLUSTER'
6 non-polymer 'FE2/S2 (INORGANIC) CLUSTER'
7 non-polymer 'FLAVIN MONONUCLEOTIDE'
8 non-polymer 'ZINC ION'
9 non-polymer 'NADP NICOTINAMIDE-ADENINE-DINUCLEOTIDE PHOSPHATE'
#
loop_
_entity_poly.entity_id
_entity_poly.type
_entity_poly.pdbx_seq_one_letter_code
_entity_poly.pdbx_strand_id
1 'polypeptide(L)'
;MNMVMLTIDGKQVQVEKGTTIKKAAEKLGIEIPGLCDDNDLKPFGACRLCVVEDARGNLVASCHTPVREGMVVKTNSPKV
LKARRVILELLLSSHNADCFECDKNLHCKLQKYAYELNIRNIRFKGEKRNYEIKDNGPIYYDPNKCILCGKCVRICEEVQ
HICAIDFASRGFKAYISTPFEKPLLESDCIFCGQCVRVCPTGALAEKTDIERIYEAISDPNKVVVVQVAPAVRVALGEEF
GLEPGEIVTGKMVAALKRLGFDKVFDTQFAADMTIVEETAELVERLEKGENFPMFTSCCPSWILAVEKFYPELIPNISTA
RSPQQIFGAIAKNYYAKKIGVARENMFVVSVMPCIGKKFEATRPEFNNDVDAVLTTRELARMIKESGIDFIKLEEENFDS
PLGESTGAAAIFGVTGGVMEAALRTAYSIMTGEELEGDKIEFTAVRGLEGIKEAEVDIKGKKVRIAIANGIGNAKKLIEK
IKSGETKYDFVEVMACPGGCMSGGGQPYTDDPEFRKKRMEGIYKNDRNLPKRKSHENEEVKKVYEEYYEKPCGPKAHEEL
HTHYHSRKKEY
;
A,D
2 'polypeptide(L)'
;MVKLKSIQELENLREKIKEAKKKEKIVIRICGGTGCRASGSLAVRDELVKVLKREGFANVDVNLSSDCLENTSEVHVKMT
GCQGFCAQGPLMTIEPLGVFYVGVKPEDVEEIVEKSIKKNEIIERLLYHDPATGKTYVKRDENPFYAKQTRLVLKHCGTV
DPASVYDYIAEGGYSAIAKALTMDRKQIIDEVIKSGLRGRGGAGFPTGEKWLGAYKNQSPKKYIICNGDEGDPGAFMDRS
VMEGDPHKVIEGMMIGAYAIGSDEGYIYVRAEYPLAVQMLRKAIEECEKLGLLGDNILGTGFSFRLHVREGAGAFVCGES
TALTYSIEGKRGMPRVRPPRTNECGLWEMPTVLNNVETFACIPEIILNGGEWFASIGTPTSTGTKIFALSGKVNRTGLVE
VPMGLKLRELIFDIGGGIANNKKFKAVQLGGPSGGCVPESQLDLPIDFDSLSKAGAIMGSGGVVVVDEDTCMVDFAKFFT
NFIVEESCGKCIPCREGNKKMLEILERITEGKGKEGDIELLEELGDVIISASLCGLGKTAPNPVLSTIKHFRDEYEAHIR
DKKCPAGACQALAAYKIDPGKCIGCGKCVKVCPVGAISGEKKKPHVIDQSKCIKCGACAENCPKGAIYKG
;
B,E
3 'polypeptide(L)'
;MCNCCCKGSKDPRFEKVDEILSKLANERGALIAILQHVQHEFGYLPEDVIFYIASKTGIPASKIYGVATFYAQFHLKPRG
KYVIRVCLGTACHVKGANKILAEFEKQLGIKAGETTSDLKFTLERVGCLGACGLAPTVMVNEKTYGKMTPEKVSEVLKEY
SDVEAAASAQ
;
C,F
#
loop_
_chem_comp.id
_chem_comp.type
_chem_comp.name
_chem_comp.formula
FES non-polymer 'FE2/S2 (INORGANIC) CLUSTER' 'Fe2 S2'
FMN non-polymer 'FLAVIN MONONUCLEOTIDE' 'C17 H21 N4 O9 P'
HC1 non-polymer '2 IRON/2 SULFUR/5 CARBONYL/2 WATER INORGANIC CLUSTER' 'C5 H8 Fe2 O7 S2'
NAP non-polymer 'NADP NICOTINAMIDE-ADENINE-DINUCLEOTIDE PHOSPHATE' 'C21 H28 N7 O17 P3'
SF4 non-polymer 'IRON/SULFUR CLUSTER' 'Fe4 S4'
ZN non-polymer 'ZINC ION' 'Zn 2'
#
# COMPACT_ATOMS: atom_id res chain seq x y z
N MET A 1 52.69 -4.53 1.38
CA MET A 1 51.78 -4.39 2.51
C MET A 1 52.12 -3.14 3.32
N ASN A 2 51.58 -2.01 2.91
CA ASN A 2 51.81 -0.72 3.56
C ASN A 2 50.51 -0.25 4.18
N MET A 3 50.59 0.28 5.40
CA MET A 3 49.42 0.66 6.17
C MET A 3 49.19 2.17 6.10
N VAL A 4 47.93 2.56 6.26
CA VAL A 4 47.52 3.96 6.29
C VAL A 4 46.70 4.18 7.56
N MET A 5 46.93 5.32 8.21
CA MET A 5 46.28 5.65 9.47
C MET A 5 45.32 6.81 9.25
N LEU A 6 44.08 6.65 9.74
CA LEU A 6 43.06 7.68 9.63
C LEU A 6 42.25 7.71 10.92
N THR A 7 41.32 8.67 11.00
CA THR A 7 40.44 8.82 12.15
C THR A 7 39.01 8.66 11.69
N ILE A 8 38.31 7.67 12.24
CA ILE A 8 36.91 7.43 11.96
C ILE A 8 36.13 7.53 13.26
N ASP A 9 35.29 8.57 13.36
CA ASP A 9 34.48 8.82 14.56
C ASP A 9 35.34 8.94 15.81
N GLY A 10 36.54 9.50 15.68
CA GLY A 10 37.45 9.66 16.79
C GLY A 10 38.29 8.46 17.14
N LYS A 11 38.18 7.37 16.39
CA LYS A 11 38.93 6.15 16.65
C LYS A 11 40.00 5.96 15.58
N GLN A 12 41.23 5.71 16.01
CA GLN A 12 42.34 5.50 15.08
C GLN A 12 42.21 4.14 14.40
N VAL A 13 42.42 4.12 13.09
CA VAL A 13 42.29 2.92 12.28
C VAL A 13 43.51 2.79 11.39
N GLN A 14 44.05 1.57 11.30
CA GLN A 14 45.20 1.27 10.45
C GLN A 14 44.78 0.21 9.44
N VAL A 15 44.70 0.61 8.16
CA VAL A 15 44.28 -0.29 7.09
C VAL A 15 45.28 -0.22 5.94
N GLU A 16 45.25 -1.26 5.11
CA GLU A 16 46.12 -1.31 3.95
C GLU A 16 45.69 -0.28 2.91
N LYS A 17 46.65 0.17 2.11
CA LYS A 17 46.36 1.12 1.06
C LYS A 17 45.42 0.52 0.02
N GLY A 18 44.47 1.33 -0.43
CA GLY A 18 43.49 0.93 -1.42
C GLY A 18 42.14 0.55 -0.85
N THR A 19 42.05 0.26 0.44
CA THR A 19 40.78 -0.08 1.05
C THR A 19 39.87 1.14 1.08
N THR A 20 38.58 0.92 0.79
CA THR A 20 37.61 2.00 0.80
C THR A 20 37.24 2.36 2.24
N ILE A 21 36.43 3.41 2.37
CA ILE A 21 36.00 3.85 3.70
C ILE A 21 35.08 2.82 4.33
N LYS A 22 34.25 2.16 3.51
CA LYS A 22 33.30 1.18 4.05
C LYS A 22 34.04 -0.01 4.66
N LYS A 23 35.01 -0.58 3.92
CA LYS A 23 35.74 -1.73 4.44
C LYS A 23 36.67 -1.34 5.59
N ALA A 24 37.10 -0.08 5.63
CA ALA A 24 37.93 0.38 6.75
C ALA A 24 37.10 0.55 8.01
N ALA A 25 35.89 1.10 7.88
CA ALA A 25 35.02 1.28 9.02
C ALA A 25 34.35 -0.02 9.46
N GLU A 26 34.33 -1.03 8.60
CA GLU A 26 33.78 -2.33 9.00
C GLU A 26 34.57 -2.93 10.15
N LYS A 27 35.84 -2.59 10.28
CA LYS A 27 36.69 -3.15 11.34
C LYS A 27 36.41 -2.53 12.70
N LEU A 28 35.60 -1.46 12.77
CA LEU A 28 35.18 -0.88 14.04
C LEU A 28 33.78 -1.29 14.43
N GLY A 29 33.21 -2.28 13.76
CA GLY A 29 31.83 -2.67 14.02
C GLY A 29 30.83 -1.61 13.64
N ILE A 30 30.99 -0.99 12.48
CA ILE A 30 30.06 0.02 11.97
C ILE A 30 29.56 -0.43 10.61
N GLU A 31 28.25 -0.50 10.44
CA GLU A 31 27.62 -0.93 9.21
C GLU A 31 26.97 0.28 8.54
N ILE A 32 27.55 0.73 7.44
CA ILE A 32 27.03 1.86 6.68
C ILE A 32 25.99 1.33 5.69
N PRO A 33 24.78 1.89 5.66
CA PRO A 33 23.75 1.36 4.76
C PRO A 33 24.13 1.53 3.30
N GLY A 34 23.65 0.60 2.48
CA GLY A 34 23.91 0.61 1.05
C GLY A 34 23.07 -0.43 0.32
N LEU A 35 22.61 -0.08 -0.89
CA LEU A 35 21.71 -0.94 -1.63
C LEU A 35 22.24 -1.38 -2.99
N CYS A 36 23.23 -0.70 -3.56
CA CYS A 36 23.67 -0.96 -4.92
C CYS A 36 25.02 -1.66 -5.00
N ASP A 37 25.59 -2.08 -3.88
CA ASP A 37 26.90 -2.72 -3.86
C ASP A 37 26.81 -4.13 -3.30
N ASP A 38 27.58 -5.04 -3.88
CA ASP A 38 27.61 -6.43 -3.48
C ASP A 38 29.07 -6.89 -3.44
N ASN A 39 29.30 -7.98 -2.70
CA ASN A 39 30.66 -8.50 -2.53
C ASN A 39 31.25 -9.06 -3.83
N ASP A 40 30.42 -9.37 -4.81
CA ASP A 40 30.87 -9.95 -6.06
C ASP A 40 31.12 -8.93 -7.16
N LEU A 41 30.76 -7.67 -6.93
CA LEU A 41 30.70 -6.68 -8.00
C LEU A 41 31.50 -5.44 -7.62
N LYS A 42 31.91 -4.70 -8.64
CA LYS A 42 32.59 -3.43 -8.43
C LYS A 42 31.59 -2.38 -7.94
N PRO A 43 32.07 -1.35 -7.25
CA PRO A 43 31.17 -0.26 -6.84
C PRO A 43 30.55 0.44 -8.04
N PHE A 44 29.31 0.89 -7.86
CA PHE A 44 28.54 1.52 -8.92
C PHE A 44 28.22 2.97 -8.63
N GLY A 45 27.77 3.28 -7.43
CA GLY A 45 27.46 4.65 -7.07
C GLY A 45 26.12 5.13 -7.61
N ALA A 46 25.06 4.35 -7.37
CA ALA A 46 23.72 4.68 -7.84
C ALA A 46 22.76 5.03 -6.72
N CYS A 47 22.79 4.30 -5.60
CA CYS A 47 21.85 4.57 -4.52
C CYS A 47 22.19 5.85 -3.77
N ARG A 48 23.48 6.19 -3.67
CA ARG A 48 23.94 7.37 -2.94
C ARG A 48 23.46 7.37 -1.49
N LEU A 49 23.37 6.18 -0.89
CA LEU A 49 22.83 6.03 0.45
C LEU A 49 23.91 5.74 1.49
N CYS A 50 25.17 5.67 1.09
CA CYS A 50 26.28 5.40 2.00
C CYS A 50 27.16 6.63 2.21
N VAL A 51 26.60 7.83 2.06
CA VAL A 51 27.39 9.04 2.12
C VAL A 51 27.91 9.26 3.54
N VAL A 52 29.11 9.81 3.65
CA VAL A 52 29.70 10.20 4.93
C VAL A 52 30.23 11.62 4.79
N GLU A 53 30.43 12.27 5.92
CA GLU A 53 30.89 13.65 5.97
C GLU A 53 32.35 13.70 6.34
N ASP A 54 33.16 14.36 5.51
CA ASP A 54 34.58 14.48 5.75
C ASP A 54 34.87 15.77 6.51
N ALA A 55 36.15 16.12 6.63
CA ALA A 55 36.53 17.30 7.40
C ALA A 55 36.09 18.59 6.72
N ARG A 56 36.11 18.65 5.39
CA ARG A 56 35.74 19.87 4.69
C ARG A 56 34.26 20.20 4.87
N GLY A 57 33.43 19.20 5.09
CA GLY A 57 32.00 19.40 5.27
C GLY A 57 31.12 18.93 4.13
N ASN A 58 31.67 18.25 3.14
CA ASN A 58 30.91 17.74 2.01
C ASN A 58 30.49 16.30 2.26
N LEU A 59 29.66 15.79 1.36
CA LEU A 59 29.20 14.40 1.43
C LEU A 59 29.90 13.59 0.34
N VAL A 60 30.56 12.51 0.74
CA VAL A 60 31.29 11.64 -0.18
C VAL A 60 30.80 10.22 0.00
N ALA A 61 30.58 9.53 -1.11
CA ALA A 61 30.17 8.13 -1.06
C ALA A 61 31.32 7.28 -0.55
N SER A 62 31.04 6.42 0.43
CA SER A 62 32.07 5.65 1.12
C SER A 62 32.28 4.26 0.52
N CYS A 63 31.61 3.93 -0.58
CA CYS A 63 31.78 2.62 -1.19
C CYS A 63 32.81 2.60 -2.31
N HIS A 64 33.18 3.76 -2.85
CA HIS A 64 34.17 3.85 -3.92
C HIS A 64 35.17 4.96 -3.66
N THR A 65 35.43 5.28 -2.39
CA THR A 65 36.36 6.33 -2.02
C THR A 65 37.60 5.72 -1.39
N PRO A 66 38.77 5.82 -2.00
CA PRO A 66 39.98 5.26 -1.40
C PRO A 66 40.37 6.01 -0.13
N VAL A 67 41.09 5.30 0.74
CA VAL A 67 41.51 5.82 2.02
C VAL A 67 42.81 6.60 1.84
N ARG A 68 43.01 7.60 2.71
CA ARG A 68 44.19 8.44 2.66
C ARG A 68 44.67 8.74 4.07
N GLU A 69 45.94 9.10 4.19
CA GLU A 69 46.51 9.46 5.47
C GLU A 69 45.96 10.81 5.92
N GLY A 70 45.75 10.95 7.24
CA GLY A 70 45.25 12.20 7.78
C GLY A 70 43.84 12.55 7.35
N MET A 71 42.92 11.60 7.40
CA MET A 71 41.54 11.81 6.99
C MET A 71 40.62 11.73 8.21
N VAL A 72 39.65 12.65 8.26
CA VAL A 72 38.67 12.70 9.34
C VAL A 72 37.30 12.44 8.72
N VAL A 73 36.60 11.43 9.25
CA VAL A 73 35.33 10.98 8.69
C VAL A 73 34.29 10.93 9.82
N LYS A 74 33.10 11.46 9.55
CA LYS A 74 31.97 11.39 10.45
C LYS A 74 30.86 10.60 9.78
N THR A 75 30.33 9.60 10.49
CA THR A 75 29.38 8.67 9.89
C THR A 75 27.95 8.83 10.40
N ASN A 76 27.72 9.52 11.51
CA ASN A 76 26.38 9.63 12.08
C ASN A 76 26.07 11.07 12.46
N SER A 77 26.56 12.03 11.69
CA SER A 77 26.18 13.41 11.88
C SER A 77 24.73 13.61 11.45
N PRO A 78 24.06 14.63 12.00
CA PRO A 78 22.64 14.84 11.63
C PRO A 78 22.42 15.09 10.15
N LYS A 79 23.36 15.75 9.47
CA LYS A 79 23.20 16.03 8.05
C LYS A 79 23.13 14.74 7.23
N VAL A 80 23.98 13.76 7.56
CA VAL A 80 23.97 12.49 6.84
C VAL A 80 22.65 11.76 7.06
N LEU A 81 22.16 11.74 8.29
CA LEU A 81 20.89 11.08 8.58
C LEU A 81 19.75 11.75 7.83
N LYS A 82 19.74 13.09 7.80
CA LYS A 82 18.70 13.81 7.08
C LYS A 82 18.75 13.49 5.59
N ALA A 83 19.95 13.46 5.01
CA ALA A 83 20.07 13.14 3.58
C ALA A 83 19.58 11.73 3.29
N ARG A 84 19.95 10.76 4.14
CA ARG A 84 19.49 9.39 3.94
C ARG A 84 17.97 9.29 4.03
N ARG A 85 17.38 9.98 5.01
CA ARG A 85 15.93 9.96 5.14
C ARG A 85 15.26 10.55 3.90
N VAL A 86 15.79 11.66 3.39
CA VAL A 86 15.20 12.29 2.21
C VAL A 86 15.33 11.36 0.99
N ILE A 87 16.47 10.71 0.84
CA ILE A 87 16.65 9.81 -0.31
C ILE A 87 15.69 8.64 -0.24
N LEU A 88 15.53 8.05 0.95
CA LEU A 88 14.59 6.93 1.06
C LEU A 88 13.14 7.38 0.88
N GLU A 89 12.79 8.59 1.33
CA GLU A 89 11.46 9.11 1.05
C GLU A 89 11.25 9.30 -0.44
N LEU A 90 12.28 9.76 -1.15
CA LEU A 90 12.19 9.92 -2.60
C LEU A 90 11.96 8.57 -3.28
N LEU A 91 12.66 7.53 -2.83
CA LEU A 91 12.40 6.18 -3.35
C LEU A 91 10.97 5.74 -3.08
N LEU A 92 10.53 5.83 -1.83
CA LEU A 92 9.24 5.27 -1.44
C LEU A 92 8.06 6.11 -1.91
N SER A 93 8.31 7.31 -2.44
CA SER A 93 7.24 8.11 -3.01
C SER A 93 6.68 7.53 -4.31
N SER A 94 7.39 6.59 -4.94
CA SER A 94 6.99 6.02 -6.23
C SER A 94 7.14 4.51 -6.22
N HIS A 95 6.64 3.86 -5.17
CA HIS A 95 6.68 2.41 -5.02
C HIS A 95 5.26 1.88 -4.93
N ASN A 96 4.99 0.79 -5.64
CA ASN A 96 3.72 0.09 -5.51
C ASN A 96 3.84 -0.89 -4.36
N ALA A 97 2.99 -0.73 -3.35
CA ALA A 97 3.32 -1.18 -2.00
C ALA A 97 2.45 -2.34 -1.52
N ASP A 98 2.24 -3.34 -2.37
CA ASP A 98 1.52 -4.54 -1.96
C ASP A 98 2.46 -5.45 -1.16
N CYS A 99 2.88 -4.95 0.01
CA CYS A 99 3.71 -5.75 0.89
C CYS A 99 2.96 -6.93 1.48
N PHE A 100 1.63 -6.93 1.41
CA PHE A 100 0.86 -8.12 1.72
C PHE A 100 1.00 -9.16 0.62
N GLU A 101 1.10 -8.72 -0.62
CA GLU A 101 1.12 -9.58 -1.80
C GLU A 101 2.53 -9.86 -2.30
N CYS A 102 3.55 -9.30 -1.66
CA CYS A 102 4.91 -9.38 -2.20
C CYS A 102 5.59 -10.67 -1.74
N ASP A 103 6.22 -11.34 -2.69
CA ASP A 103 6.94 -12.58 -2.38
C ASP A 103 8.13 -12.32 -1.48
N LYS A 104 8.77 -11.16 -1.60
CA LYS A 104 9.96 -10.82 -0.83
C LYS A 104 9.59 -10.22 0.54
N ASN A 105 8.37 -10.46 1.02
CA ASN A 105 7.96 -9.95 2.31
C ASN A 105 8.82 -10.55 3.42
N LEU A 106 9.20 -9.71 4.38
CA LEU A 106 10.02 -10.09 5.52
C LEU A 106 11.43 -10.49 5.10
N HIS A 107 11.73 -10.40 3.80
CA HIS A 107 13.06 -10.65 3.28
C HIS A 107 13.58 -9.50 2.44
N CYS A 108 12.80 -8.43 2.27
CA CYS A 108 13.21 -7.29 1.47
C CYS A 108 14.19 -6.42 2.24
N LYS A 109 15.13 -5.81 1.50
CA LYS A 109 16.09 -4.90 2.10
C LYS A 109 15.57 -3.47 2.15
N LEU A 110 14.80 -3.05 1.15
CA LEU A 110 14.19 -1.74 1.17
C LEU A 110 13.25 -1.59 2.36
N GLN A 111 12.47 -2.63 2.65
CA GLN A 111 11.57 -2.61 3.80
C GLN A 111 12.34 -2.49 5.12
N LYS A 112 13.43 -3.26 5.24
CA LYS A 112 14.22 -3.21 6.48
C LYS A 112 14.88 -1.85 6.66
N TYR A 113 15.38 -1.25 5.56
CA TYR A 113 15.98 0.07 5.67
C TYR A 113 14.93 1.15 5.93
N ALA A 114 13.72 0.98 5.41
CA ALA A 114 12.64 1.92 5.72
C ALA A 114 12.27 1.82 7.21
N TYR A 115 12.33 0.62 7.77
CA TYR A 115 12.08 0.48 9.20
C TYR A 115 13.19 1.10 10.04
N GLU A 116 14.45 0.80 9.72
CA GLU A 116 15.55 1.17 10.61
C GLU A 116 15.78 2.68 10.61
N LEU A 117 15.83 3.31 9.44
CA LEU A 117 16.06 4.75 9.36
C LEU A 117 14.80 5.58 9.62
N ASN A 118 13.78 4.97 10.21
CA ASN A 118 12.69 5.69 10.87
C ASN A 118 11.95 6.58 9.85
N ILE A 119 11.20 5.92 8.97
CA ILE A 119 10.29 6.60 8.06
C ILE A 119 8.87 6.35 8.53
N ARG A 120 8.10 7.44 8.70
CA ARG A 120 6.72 7.32 9.17
C ARG A 120 5.71 8.16 8.40
N ASN A 121 6.16 9.11 7.57
CA ASN A 121 5.21 9.97 6.87
C ASN A 121 5.90 10.52 5.62
N ILE A 122 5.42 10.10 4.46
CA ILE A 122 5.97 10.56 3.19
C ILE A 122 5.33 11.91 2.83
N ARG A 123 6.18 12.90 2.58
CA ARG A 123 5.70 14.23 2.21
C ARG A 123 5.50 14.39 0.70
N PHE A 124 6.17 13.56 -0.10
CA PHE A 124 6.09 13.65 -1.55
C PHE A 124 5.11 12.60 -2.05
N LYS A 125 3.92 13.04 -2.43
CA LYS A 125 2.89 12.16 -3.00
C LYS A 125 2.54 12.65 -4.39
N GLY A 126 2.56 11.74 -5.36
CA GLY A 126 2.29 12.12 -6.74
C GLY A 126 2.33 10.97 -7.71
N GLU A 127 2.98 11.18 -8.85
CA GLU A 127 3.04 10.16 -9.89
C GLU A 127 3.86 8.97 -9.44
N LYS A 128 3.41 7.77 -9.82
CA LYS A 128 4.05 6.52 -9.45
C LYS A 128 4.51 5.78 -10.70
N ARG A 129 5.10 4.61 -10.50
CA ARG A 129 5.48 3.74 -11.61
C ARG A 129 4.32 2.83 -11.96
N ASN A 130 4.07 2.65 -13.26
CA ASN A 130 2.99 1.79 -13.71
C ASN A 130 3.42 1.11 -15.02
N TYR A 131 3.56 -0.20 -14.98
CA TYR A 131 3.91 -0.99 -16.15
C TYR A 131 3.01 -2.21 -16.28
N GLU A 132 3.34 -3.11 -17.20
CA GLU A 132 2.60 -4.34 -17.41
C GLU A 132 3.51 -5.52 -17.11
N ILE A 133 2.99 -6.49 -16.37
CA ILE A 133 3.74 -7.68 -15.99
C ILE A 133 3.47 -8.79 -16.99
N LYS A 134 4.53 -9.40 -17.52
CA LYS A 134 4.41 -10.44 -18.52
C LYS A 134 5.18 -11.68 -18.06
N ASP A 135 4.70 -12.84 -18.51
CA ASP A 135 5.32 -14.10 -18.13
C ASP A 135 6.64 -14.29 -18.86
N ASN A 136 7.69 -14.61 -18.11
CA ASN A 136 9.02 -14.85 -18.66
C ASN A 136 9.49 -16.27 -18.37
N GLY A 137 8.56 -17.21 -18.21
CA GLY A 137 8.90 -18.57 -17.90
C GLY A 137 8.96 -18.81 -16.40
N PRO A 138 10.05 -19.41 -15.93
CA PRO A 138 10.23 -19.64 -14.50
C PRO A 138 10.73 -18.44 -13.71
N ILE A 139 10.80 -17.26 -14.32
CA ILE A 139 11.24 -16.04 -13.66
C ILE A 139 10.12 -15.01 -13.76
N TYR A 140 9.83 -14.35 -12.64
CA TYR A 140 8.75 -13.39 -12.55
C TYR A 140 9.36 -12.00 -12.37
N TYR A 141 9.04 -11.10 -13.30
CA TYR A 141 9.61 -9.75 -13.31
C TYR A 141 8.50 -8.73 -13.17
N ASP A 142 8.59 -7.88 -12.15
CA ASP A 142 7.62 -6.81 -11.91
C ASP A 142 8.35 -5.48 -11.91
N PRO A 143 8.31 -4.72 -13.01
CA PRO A 143 9.06 -3.45 -13.07
C PRO A 143 8.48 -2.34 -12.20
N ASN A 144 7.35 -2.56 -11.54
CA ASN A 144 6.79 -1.55 -10.65
C ASN A 144 7.49 -1.52 -9.29
N LYS A 145 8.33 -2.50 -8.98
CA LYS A 145 9.06 -2.54 -7.72
C LYS A 145 10.56 -2.36 -7.91
N CYS A 146 11.01 -2.01 -9.11
CA CYS A 146 12.43 -1.85 -9.37
C CYS A 146 12.93 -0.52 -8.83
N ILE A 147 14.14 -0.54 -8.27
CA ILE A 147 14.81 0.66 -7.80
C ILE A 147 16.01 1.03 -8.67
N LEU A 148 16.27 0.28 -9.73
CA LEU A 148 17.34 0.56 -10.68
C LEU A 148 18.69 0.64 -9.99
N CYS A 149 19.09 -0.48 -9.40
CA CYS A 149 20.41 -0.59 -8.76
C CYS A 149 21.45 -1.19 -9.70
N GLY A 150 21.04 -1.88 -10.76
CA GLY A 150 21.95 -2.43 -11.72
C GLY A 150 22.60 -3.74 -11.33
N LYS A 151 22.22 -4.32 -10.20
CA LYS A 151 22.88 -5.54 -9.73
C LYS A 151 22.69 -6.69 -10.71
N CYS A 152 21.48 -6.81 -11.28
CA CYS A 152 21.21 -7.90 -12.23
C CYS A 152 22.03 -7.73 -13.51
N VAL A 153 22.06 -6.51 -14.06
CA VAL A 153 22.83 -6.26 -15.27
C VAL A 153 24.32 -6.48 -15.01
N ARG A 154 24.82 -5.99 -13.86
CA ARG A 154 26.23 -6.13 -13.56
C ARG A 154 26.62 -7.58 -13.32
N ILE A 155 25.75 -8.36 -12.68
CA ILE A 155 26.08 -9.77 -12.45
C ILE A 155 25.99 -10.55 -13.75
N CYS A 156 25.08 -10.18 -14.66
CA CYS A 156 25.00 -10.87 -15.93
C CYS A 156 26.13 -10.51 -16.89
N GLU A 157 26.70 -9.31 -16.77
CA GLU A 157 27.74 -8.85 -17.69
C GLU A 157 29.15 -9.11 -17.17
N GLU A 158 29.43 -8.72 -15.92
CA GLU A 158 30.79 -8.83 -15.40
C GLU A 158 31.19 -10.28 -15.11
N VAL A 159 30.29 -11.05 -14.51
CA VAL A 159 30.64 -12.37 -14.00
C VAL A 159 30.25 -13.45 -14.99
N GLN A 160 28.96 -13.49 -15.38
CA GLN A 160 28.47 -14.56 -16.23
C GLN A 160 28.91 -14.42 -17.67
N HIS A 161 29.22 -13.21 -18.12
CA HIS A 161 29.68 -12.94 -19.49
C HIS A 161 28.66 -13.38 -20.53
N ILE A 162 27.38 -13.28 -20.20
CA ILE A 162 26.31 -13.62 -21.13
C ILE A 162 25.67 -12.39 -21.74
N CYS A 163 25.42 -11.35 -20.93
CA CYS A 163 24.87 -10.08 -21.38
C CYS A 163 23.51 -10.27 -22.06
N ALA A 164 22.56 -10.78 -21.29
CA ALA A 164 21.21 -11.01 -21.80
C ALA A 164 20.25 -9.86 -21.52
N ILE A 165 20.58 -8.96 -20.60
CA ILE A 165 19.72 -7.83 -20.25
C ILE A 165 20.58 -6.57 -20.14
N ASP A 166 19.90 -5.43 -20.24
CA ASP A 166 20.56 -4.13 -20.14
C ASP A 166 19.50 -3.08 -19.82
N PHE A 167 19.94 -1.84 -19.68
CA PHE A 167 19.04 -0.74 -19.38
C PHE A 167 18.28 -0.30 -20.64
N ALA A 168 17.10 0.27 -20.44
CA ALA A 168 16.30 0.81 -21.52
C ALA A 168 15.73 2.15 -21.10
N SER A 169 15.50 3.02 -22.08
CA SER A 169 14.97 4.36 -21.86
C SER A 169 15.91 5.19 -20.99
N ARG A 170 15.45 6.36 -20.55
CA ARG A 170 16.27 7.22 -19.70
C ARG A 170 15.36 8.03 -18.79
N GLY A 171 15.94 8.50 -17.68
CA GLY A 171 15.24 9.38 -16.77
C GLY A 171 14.30 8.66 -15.82
N PHE A 172 13.16 9.28 -15.54
CA PHE A 172 12.16 8.69 -14.65
C PHE A 172 11.54 7.43 -15.24
N LYS A 173 11.65 7.22 -16.55
CA LYS A 173 11.01 6.11 -17.24
C LYS A 173 11.97 4.97 -17.55
N ALA A 174 13.15 4.95 -16.95
CA ALA A 174 14.11 3.89 -17.20
C ALA A 174 13.63 2.57 -16.60
N TYR A 175 14.04 1.47 -17.23
CA TYR A 175 13.66 0.14 -16.78
C TYR A 175 14.63 -0.87 -17.40
N ILE A 176 14.59 -2.10 -16.89
CA ILE A 176 15.42 -3.19 -17.37
C ILE A 176 14.62 -4.02 -18.36
N SER A 177 15.21 -4.30 -19.52
CA SER A 177 14.48 -5.03 -20.54
C SER A 177 15.45 -5.75 -21.47
N THR A 178 14.93 -6.81 -22.09
CA THR A 178 15.53 -7.53 -23.20
C THR A 178 15.25 -6.81 -24.51
N PRO A 179 16.00 -7.09 -25.57
CA PRO A 179 15.73 -6.44 -26.86
C PRO A 179 14.29 -6.62 -27.30
N PHE A 180 13.60 -5.49 -27.46
CA PHE A 180 12.21 -5.42 -27.93
C PHE A 180 11.23 -6.09 -26.97
N GLU A 181 11.57 -6.17 -25.68
CA GLU A 181 10.71 -6.77 -24.67
C GLU A 181 10.32 -8.20 -25.01
N LYS A 182 11.21 -8.92 -25.69
CA LYS A 182 10.94 -10.30 -26.05
C LYS A 182 11.02 -11.20 -24.81
N PRO A 183 10.30 -12.31 -24.81
CA PRO A 183 10.39 -13.25 -23.70
C PRO A 183 11.80 -13.80 -23.54
N LEU A 184 12.15 -14.15 -22.30
CA LEU A 184 13.51 -14.58 -21.99
C LEU A 184 13.89 -15.88 -22.68
N LEU A 185 12.91 -16.67 -23.12
CA LEU A 185 13.23 -18.00 -23.67
C LEU A 185 14.04 -17.89 -24.95
N GLU A 186 13.65 -16.98 -25.86
CA GLU A 186 14.35 -16.83 -27.12
C GLU A 186 15.39 -15.72 -27.09
N SER A 187 15.62 -15.10 -25.94
CA SER A 187 16.74 -14.19 -25.76
C SER A 187 18.00 -15.02 -25.50
N ASP A 188 19.07 -14.37 -25.06
CA ASP A 188 20.32 -15.05 -24.77
C ASP A 188 20.38 -15.58 -23.34
N CYS A 189 19.26 -15.63 -22.64
CA CYS A 189 19.23 -16.15 -21.28
C CYS A 189 19.42 -17.66 -21.28
N ILE A 190 20.19 -18.16 -20.31
CA ILE A 190 20.44 -19.59 -20.16
C ILE A 190 19.83 -20.14 -18.88
N PHE A 191 19.07 -19.31 -18.16
CA PHE A 191 18.33 -19.73 -16.96
C PHE A 191 19.27 -20.32 -15.90
N CYS A 192 20.18 -19.48 -15.42
CA CYS A 192 21.02 -19.86 -14.29
C CYS A 192 20.44 -19.38 -12.97
N GLY A 193 19.88 -18.19 -12.94
CA GLY A 193 19.21 -17.67 -11.75
C GLY A 193 20.06 -16.81 -10.85
N GLN A 194 21.23 -16.37 -11.30
CA GLN A 194 22.08 -15.54 -10.44
C GLN A 194 21.53 -14.12 -10.29
N CYS A 195 20.79 -13.64 -11.29
CA CYS A 195 20.19 -12.31 -11.17
C CYS A 195 19.08 -12.29 -10.13
N VAL A 196 18.33 -13.39 -10.01
CA VAL A 196 17.30 -13.50 -8.99
C VAL A 196 17.91 -13.59 -7.59
N ARG A 197 19.15 -14.06 -7.50
CA ARG A 197 19.80 -14.30 -6.21
C ARG A 197 20.33 -13.02 -5.58
N VAL A 198 20.52 -11.96 -6.35
CA VAL A 198 21.13 -10.73 -5.85
C VAL A 198 20.18 -9.55 -5.84
N CYS A 199 18.98 -9.68 -6.38
CA CYS A 199 18.05 -8.56 -6.42
C CYS A 199 17.63 -8.18 -5.00
N PRO A 200 17.72 -6.91 -4.60
CA PRO A 200 17.36 -6.52 -3.24
C PRO A 200 15.88 -6.28 -3.00
N THR A 201 15.05 -6.24 -4.03
CA THR A 201 13.62 -6.01 -3.91
C THR A 201 12.86 -7.23 -4.43
N GLY A 202 11.54 -7.10 -4.51
CA GLY A 202 10.71 -8.18 -4.99
C GLY A 202 10.42 -8.10 -6.48
N ALA A 203 11.23 -7.32 -7.20
CA ALA A 203 11.02 -7.18 -8.64
C ALA A 203 11.29 -8.49 -9.38
N LEU A 204 12.34 -9.20 -9.00
CA LEU A 204 12.69 -10.47 -9.61
C LEU A 204 12.39 -11.60 -8.65
N ALA A 205 11.66 -12.61 -9.12
CA ALA A 205 11.28 -13.75 -8.29
C ALA A 205 11.12 -14.96 -9.18
N GLU A 206 10.65 -16.06 -8.59
CA GLU A 206 10.44 -17.32 -9.29
C GLU A 206 8.97 -17.69 -9.31
N LYS A 207 8.58 -18.43 -10.34
CA LYS A 207 7.21 -18.90 -10.47
C LYS A 207 6.94 -20.04 -9.50
N THR A 208 5.75 -20.04 -8.92
CA THR A 208 5.37 -21.01 -7.90
C THR A 208 4.35 -22.00 -8.43
N ASP A 209 4.47 -23.26 -7.98
CA ASP A 209 3.62 -24.35 -8.40
C ASP A 209 2.97 -25.06 -7.21
N ILE A 210 2.80 -24.34 -6.10
CA ILE A 210 2.32 -24.96 -4.87
C ILE A 210 0.85 -25.40 -5.01
N GLU A 211 0.04 -24.60 -5.71
CA GLU A 211 -1.39 -24.88 -5.81
C GLU A 211 -1.65 -26.22 -6.51
N ARG A 212 -0.88 -26.52 -7.56
CA ARG A 212 -1.05 -27.80 -8.24
C ARG A 212 -0.70 -28.97 -7.32
N ILE A 213 0.34 -28.80 -6.50
CA ILE A 213 0.71 -29.85 -5.56
C ILE A 213 -0.40 -30.07 -4.53
N TYR A 214 -0.97 -28.97 -4.01
CA TYR A 214 -2.08 -29.11 -3.07
C TYR A 214 -3.30 -29.77 -3.72
N GLU A 215 -3.61 -29.40 -4.96
CA GLU A 215 -4.78 -29.99 -5.61
C GLU A 215 -4.54 -31.42 -6.04
N ALA A 216 -3.29 -31.85 -6.20
CA ALA A 216 -3.00 -33.24 -6.47
C ALA A 216 -2.94 -34.07 -5.19
N ILE A 217 -2.59 -33.45 -4.07
CA ILE A 217 -2.61 -34.17 -2.79
C ILE A 217 -4.05 -34.46 -2.37
N SER A 218 -4.94 -33.48 -2.53
CA SER A 218 -6.33 -33.68 -2.15
C SER A 218 -7.04 -34.69 -3.06
N ASP A 219 -6.50 -34.98 -4.22
CA ASP A 219 -7.10 -35.96 -5.13
C ASP A 219 -6.97 -37.35 -4.51
N PRO A 220 -8.08 -38.06 -4.28
CA PRO A 220 -8.00 -39.38 -3.64
C PRO A 220 -7.63 -40.51 -4.58
N ASN A 221 -7.34 -40.24 -5.85
CA ASN A 221 -7.02 -41.27 -6.83
C ASN A 221 -5.61 -41.09 -7.39
N LYS A 222 -4.68 -40.58 -6.58
CA LYS A 222 -3.31 -40.37 -7.01
C LYS A 222 -2.35 -40.67 -5.87
N VAL A 223 -1.12 -41.02 -6.22
CA VAL A 223 -0.06 -41.28 -5.26
C VAL A 223 1.06 -40.28 -5.51
N VAL A 224 1.51 -39.62 -4.45
CA VAL A 224 2.48 -38.53 -4.54
C VAL A 224 3.80 -39.01 -3.95
N VAL A 225 4.88 -38.84 -4.70
CA VAL A 225 6.23 -39.16 -4.25
C VAL A 225 7.10 -37.92 -4.44
N VAL A 226 8.11 -37.78 -3.58
CA VAL A 226 8.97 -36.60 -3.56
C VAL A 226 10.42 -37.04 -3.53
N GLN A 227 11.28 -36.28 -4.20
CA GLN A 227 12.72 -36.49 -4.21
C GLN A 227 13.43 -35.21 -3.77
N VAL A 228 14.51 -35.38 -3.00
CA VAL A 228 15.22 -34.27 -2.39
C VAL A 228 16.64 -34.23 -2.94
N ALA A 229 17.10 -33.01 -3.27
CA ALA A 229 18.43 -32.79 -3.82
C ALA A 229 19.48 -32.88 -2.73
N PRO A 230 20.72 -33.25 -3.09
CA PRO A 230 21.78 -33.34 -2.07
C PRO A 230 22.08 -32.04 -1.36
N ALA A 231 21.93 -30.90 -2.03
CA ALA A 231 22.32 -29.62 -1.47
C ALA A 231 21.23 -28.95 -0.65
N VAL A 232 20.03 -29.52 -0.60
CA VAL A 232 18.95 -28.91 0.17
C VAL A 232 19.12 -29.15 1.66
N ARG A 233 19.83 -30.21 2.03
CA ARG A 233 19.92 -30.62 3.43
C ARG A 233 20.97 -29.85 4.21
N VAL A 234 21.72 -28.95 3.58
CA VAL A 234 22.70 -28.12 4.29
C VAL A 234 22.30 -26.66 4.34
N ALA A 235 21.31 -26.23 3.56
CA ALA A 235 20.87 -24.84 3.53
C ALA A 235 19.43 -24.65 3.95
N LEU A 236 18.68 -25.74 4.21
CA LEU A 236 17.29 -25.59 4.64
C LEU A 236 17.19 -25.10 6.07
N GLY A 237 18.17 -25.43 6.91
CA GLY A 237 18.12 -25.01 8.30
C GLY A 237 18.36 -23.52 8.51
N GLU A 238 18.89 -22.83 7.51
CA GLU A 238 19.12 -21.40 7.64
C GLU A 238 17.81 -20.64 7.78
N GLU A 239 16.76 -21.10 7.09
CA GLU A 239 15.47 -20.42 7.14
C GLU A 239 14.82 -20.48 8.52
N PHE A 240 15.30 -21.36 9.40
CA PHE A 240 14.71 -21.54 10.73
C PHE A 240 15.63 -21.08 11.85
N GLY A 241 16.62 -20.26 11.53
CA GLY A 241 17.47 -19.66 12.55
C GLY A 241 18.75 -20.41 12.87
N LEU A 242 19.17 -21.34 12.03
CA LEU A 242 20.40 -22.09 12.25
C LEU A 242 21.53 -21.54 11.39
N GLU A 243 22.74 -22.02 11.69
CA GLU A 243 23.92 -21.60 10.94
C GLU A 243 24.02 -22.37 9.62
N PRO A 244 24.63 -21.77 8.60
CA PRO A 244 24.82 -22.49 7.33
C PRO A 244 25.69 -23.72 7.53
N GLY A 245 25.39 -24.76 6.75
CA GLY A 245 26.15 -25.98 6.79
C GLY A 245 25.75 -26.98 7.87
N GLU A 246 24.60 -26.79 8.51
CA GLU A 246 24.13 -27.70 9.53
C GLU A 246 23.19 -28.73 8.92
N ILE A 247 23.46 -30.01 9.18
CA ILE A 247 22.70 -31.08 8.56
C ILE A 247 21.34 -31.21 9.22
N VAL A 248 20.28 -31.19 8.40
CA VAL A 248 18.91 -31.27 8.87
C VAL A 248 18.16 -32.37 8.13
N THR A 249 18.88 -33.42 7.73
CA THR A 249 18.30 -34.45 6.88
C THR A 249 17.11 -35.14 7.56
N GLY A 250 17.32 -35.64 8.77
CA GLY A 250 16.24 -36.32 9.46
C GLY A 250 15.06 -35.40 9.76
N LYS A 251 15.36 -34.17 10.17
CA LYS A 251 14.29 -33.20 10.44
C LYS A 251 13.49 -32.91 9.18
N MET A 252 14.16 -32.75 8.04
CA MET A 252 13.43 -32.45 6.81
C MET A 252 12.64 -33.65 6.33
N VAL A 253 13.15 -34.87 6.54
CA VAL A 253 12.39 -36.06 6.16
C VAL A 253 11.13 -36.18 7.02
N ALA A 254 11.26 -35.94 8.33
CA ALA A 254 10.09 -35.96 9.19
C ALA A 254 9.08 -34.90 8.79
N ALA A 255 9.56 -33.68 8.49
CA ALA A 255 8.66 -32.60 8.09
C ALA A 255 7.93 -32.94 6.80
N LEU A 256 8.65 -33.51 5.82
CA LEU A 256 8.01 -33.91 4.57
C LEU A 256 6.98 -35.00 4.80
N LYS A 257 7.27 -35.93 5.72
CA LYS A 257 6.28 -36.96 6.04
C LYS A 257 5.03 -36.36 6.65
N ARG A 258 5.18 -35.36 7.52
CA ARG A 258 4.02 -34.70 8.11
C ARG A 258 3.31 -33.76 7.14
N LEU A 259 3.87 -33.50 5.97
CA LEU A 259 3.25 -32.58 5.00
C LEU A 259 2.22 -33.25 4.12
N GLY A 260 2.11 -34.58 4.15
CA GLY A 260 1.14 -35.30 3.34
C GLY A 260 1.72 -36.14 2.23
N PHE A 261 3.03 -36.11 1.99
CA PHE A 261 3.61 -36.93 0.93
C PHE A 261 3.60 -38.39 1.35
N ASP A 262 3.17 -39.26 0.42
CA ASP A 262 3.04 -40.68 0.74
C ASP A 262 4.41 -41.35 0.87
N LYS A 263 5.32 -41.07 -0.07
CA LYS A 263 6.64 -41.67 -0.07
C LYS A 263 7.70 -40.61 -0.28
N VAL A 264 8.78 -40.67 0.50
CA VAL A 264 9.87 -39.72 0.42
C VAL A 264 11.14 -40.47 0.06
N PHE A 265 11.76 -40.08 -1.04
CA PHE A 265 13.01 -40.67 -1.50
C PHE A 265 14.09 -39.59 -1.62
N ASP A 266 15.24 -39.96 -2.16
CA ASP A 266 16.33 -39.01 -2.38
C ASP A 266 16.92 -39.23 -3.76
N THR A 267 17.52 -38.16 -4.29
CA THR A 267 18.06 -38.18 -5.65
C THR A 267 19.42 -38.86 -5.74
N GLN A 268 20.08 -39.11 -4.61
CA GLN A 268 21.43 -39.69 -4.63
C GLN A 268 21.45 -41.11 -5.20
N PHE A 269 20.34 -41.83 -5.11
CA PHE A 269 20.23 -43.11 -5.81
C PHE A 269 20.38 -42.92 -7.32
N ALA A 270 19.63 -41.96 -7.87
CA ALA A 270 19.79 -41.61 -9.28
C ALA A 270 21.17 -41.05 -9.57
N ALA A 271 21.80 -40.39 -8.57
CA ALA A 271 23.15 -39.91 -8.75
C ALA A 271 24.13 -41.07 -8.93
N ASP A 272 23.99 -42.12 -8.13
CA ASP A 272 24.83 -43.31 -8.31
C ASP A 272 24.56 -43.99 -9.64
N MET A 273 23.28 -44.07 -10.04
CA MET A 273 22.96 -44.67 -11.33
C MET A 273 23.61 -43.89 -12.47
N THR A 274 23.53 -42.56 -12.42
CA THR A 274 24.16 -41.71 -13.42
C THR A 274 25.68 -41.86 -13.39
N ILE A 275 26.25 -42.01 -12.21
CA ILE A 275 27.70 -42.20 -12.10
C ILE A 275 28.10 -43.47 -12.81
N VAL A 276 27.36 -44.55 -12.59
CA VAL A 276 27.68 -45.83 -13.24
C VAL A 276 27.57 -45.70 -14.75
N GLU A 277 26.48 -45.10 -15.23
CA GLU A 277 26.29 -44.95 -16.68
C GLU A 277 27.39 -44.10 -17.30
N GLU A 278 27.69 -42.96 -16.67
CA GLU A 278 28.71 -42.06 -17.22
C GLU A 278 30.09 -42.69 -17.18
N THR A 279 30.41 -43.44 -16.13
CA THR A 279 31.72 -44.08 -16.06
C THR A 279 31.85 -45.16 -17.13
N ALA A 280 30.79 -45.95 -17.35
CA ALA A 280 30.83 -46.93 -18.42
C ALA A 280 31.00 -46.26 -19.79
N GLU A 281 30.27 -45.17 -20.02
CA GLU A 281 30.39 -44.45 -21.28
C GLU A 281 31.80 -43.89 -21.46
N LEU A 282 32.38 -43.33 -20.39
CA LEU A 282 33.72 -42.78 -20.48
C LEU A 282 34.75 -43.86 -20.75
N VAL A 283 34.60 -45.03 -20.11
CA VAL A 283 35.52 -46.13 -20.37
C VAL A 283 35.44 -46.58 -21.82
N GLU A 284 34.21 -46.71 -22.34
CA GLU A 284 34.06 -47.11 -23.74
C GLU A 284 34.64 -46.07 -24.69
N ARG A 285 34.43 -44.79 -24.38
CA ARG A 285 34.99 -43.73 -25.24
C ARG A 285 36.51 -43.74 -25.20
N LEU A 286 37.10 -43.94 -24.01
CA LEU A 286 38.56 -44.03 -23.91
C LEU A 286 39.09 -45.21 -24.69
N GLU A 287 38.40 -46.35 -24.62
CA GLU A 287 38.80 -47.51 -25.42
C GLU A 287 38.74 -47.20 -26.91
N LYS A 288 37.67 -46.53 -27.34
CA LYS A 288 37.54 -46.16 -28.75
C LYS A 288 38.43 -44.97 -29.11
N GLY A 289 38.62 -44.04 -28.20
CA GLY A 289 39.45 -42.88 -28.47
C GLY A 289 38.90 -41.94 -29.52
N GLU A 290 37.60 -41.65 -29.46
CA GLU A 290 36.94 -40.78 -30.43
C GLU A 290 36.09 -39.75 -29.71
N ASN A 291 35.91 -38.60 -30.35
CA ASN A 291 35.07 -37.51 -29.85
C ASN A 291 35.53 -37.05 -28.47
N PHE A 292 36.76 -36.52 -28.44
CA PHE A 292 37.34 -35.98 -27.23
C PHE A 292 37.42 -34.45 -27.30
N PRO A 293 37.27 -33.76 -26.17
CA PRO A 293 36.98 -34.30 -24.84
C PRO A 293 35.50 -34.61 -24.63
N MET A 294 35.16 -35.15 -23.46
CA MET A 294 33.79 -35.47 -23.10
C MET A 294 33.32 -34.53 -22.01
N PHE A 295 32.18 -33.88 -22.23
CA PHE A 295 31.61 -32.96 -21.26
C PHE A 295 30.41 -33.60 -20.56
N THR A 296 30.21 -33.19 -19.31
CA THR A 296 29.06 -33.68 -18.55
C THR A 296 27.79 -32.99 -19.04
N SER A 297 26.64 -33.51 -18.57
CA SER A 297 25.35 -33.01 -19.01
C SER A 297 24.38 -32.88 -17.85
N CYS A 298 24.90 -32.79 -16.62
CA CYS A 298 24.04 -32.71 -15.44
C CYS A 298 23.50 -31.31 -15.19
N CYS A 299 24.06 -30.28 -15.83
CA CYS A 299 23.63 -28.91 -15.61
C CYS A 299 22.76 -28.45 -16.77
N PRO A 300 21.47 -28.20 -16.56
CA PRO A 300 20.62 -27.74 -17.68
C PRO A 300 21.07 -26.43 -18.30
N SER A 301 21.61 -25.51 -17.49
CA SER A 301 22.07 -24.24 -18.04
C SER A 301 23.28 -24.42 -18.94
N TRP A 302 24.17 -25.34 -18.58
CA TRP A 302 25.30 -25.64 -19.45
C TRP A 302 24.83 -26.20 -20.78
N ILE A 303 23.81 -27.07 -20.76
CA ILE A 303 23.26 -27.60 -22.00
C ILE A 303 22.62 -26.49 -22.83
N LEU A 304 21.90 -25.57 -22.18
CA LEU A 304 21.32 -24.44 -22.91
C LEU A 304 22.40 -23.58 -23.55
N ALA A 305 23.48 -23.31 -22.81
CA ALA A 305 24.57 -22.53 -23.37
C ALA A 305 25.22 -23.23 -24.54
N VAL A 306 25.39 -24.55 -24.45
CA VAL A 306 25.93 -25.32 -25.57
C VAL A 306 25.01 -25.21 -26.78
N GLU A 307 23.71 -25.36 -26.56
CA GLU A 307 22.77 -25.34 -27.68
C GLU A 307 22.71 -23.96 -28.34
N LYS A 308 22.85 -22.89 -27.55
CA LYS A 308 22.69 -21.54 -28.09
C LYS A 308 23.99 -21.00 -28.69
N PHE A 309 25.10 -21.09 -27.95
CA PHE A 309 26.32 -20.38 -28.34
C PHE A 309 27.37 -21.28 -28.96
N TYR A 310 27.45 -22.55 -28.57
CA TYR A 310 28.49 -23.47 -29.06
C TYR A 310 27.82 -24.74 -29.59
N PRO A 311 27.13 -24.65 -30.73
CA PRO A 311 26.42 -25.83 -31.25
C PRO A 311 27.32 -26.87 -31.90
N GLU A 312 28.63 -26.62 -31.97
CA GLU A 312 29.56 -27.58 -32.56
C GLU A 312 30.08 -28.60 -31.55
N LEU A 313 29.77 -28.44 -30.27
CA LEU A 313 30.20 -29.35 -29.23
C LEU A 313 29.16 -30.42 -28.90
N ILE A 314 28.04 -30.44 -29.62
CA ILE A 314 26.97 -31.40 -29.31
C ILE A 314 27.44 -32.85 -29.41
N PRO A 315 28.19 -33.27 -30.43
CA PRO A 315 28.65 -34.67 -30.46
C PRO A 315 29.54 -35.05 -29.28
N ASN A 316 30.16 -34.08 -28.61
CA ASN A 316 31.06 -34.36 -27.50
C ASN A 316 30.35 -34.40 -26.14
N ILE A 317 29.08 -34.05 -26.08
CA ILE A 317 28.35 -34.02 -24.82
C ILE A 317 27.88 -35.43 -24.48
N SER A 318 28.01 -35.79 -23.20
CA SER A 318 27.49 -37.07 -22.73
C SER A 318 25.97 -37.09 -22.82
N THR A 319 25.43 -38.23 -23.23
CA THR A 319 24.00 -38.36 -23.49
C THR A 319 23.19 -38.80 -22.27
N ALA A 320 23.85 -39.08 -21.15
CA ALA A 320 23.13 -39.52 -19.96
C ALA A 320 22.25 -38.40 -19.41
N ARG A 321 21.06 -38.76 -18.96
CA ARG A 321 20.13 -37.78 -18.41
C ARG A 321 20.62 -37.29 -17.05
N SER A 322 20.03 -36.19 -16.61
CA SER A 322 20.28 -35.68 -15.27
C SER A 322 19.65 -36.61 -14.23
N PRO A 323 20.16 -36.61 -13.00
CA PRO A 323 19.58 -37.47 -11.97
C PRO A 323 18.09 -37.26 -11.73
N GLN A 324 17.58 -36.03 -11.88
CA GLN A 324 16.16 -35.78 -11.66
C GLN A 324 15.31 -36.55 -12.67
N GLN A 325 15.65 -36.47 -13.96
CA GLN A 325 14.87 -37.17 -14.97
C GLN A 325 15.07 -38.67 -14.88
N ILE A 326 16.25 -39.12 -14.50
CA ILE A 326 16.48 -40.56 -14.31
C ILE A 326 15.61 -41.08 -13.19
N PHE A 327 15.53 -40.34 -12.07
CA PHE A 327 14.67 -40.75 -10.96
C PHE A 327 13.20 -40.74 -11.39
N GLY A 328 12.78 -39.73 -12.15
CA GLY A 328 11.40 -39.71 -12.63
C GLY A 328 11.07 -40.91 -13.49
N ALA A 329 11.97 -41.25 -14.41
CA ALA A 329 11.75 -42.42 -15.27
C ALA A 329 11.72 -43.70 -14.45
N ILE A 330 12.61 -43.83 -13.47
CA ILE A 330 12.62 -45.02 -12.63
C ILE A 330 11.31 -45.15 -11.87
N ALA A 331 10.85 -44.04 -11.28
CA ALA A 331 9.62 -44.09 -10.49
C ALA A 331 8.41 -44.42 -11.36
N LYS A 332 8.32 -43.83 -12.55
CA LYS A 332 7.13 -44.00 -13.37
C LYS A 332 7.19 -45.22 -14.30
N ASN A 333 8.33 -45.90 -14.38
CA ASN A 333 8.44 -47.06 -15.24
C ASN A 333 8.73 -48.37 -14.52
N TYR A 334 9.31 -48.33 -13.33
CA TYR A 334 9.67 -49.54 -12.60
C TYR A 334 8.98 -49.66 -11.26
N TYR A 335 8.93 -48.58 -10.47
CA TYR A 335 8.31 -48.64 -9.15
C TYR A 335 6.80 -48.84 -9.26
N ALA A 336 6.17 -48.18 -10.25
CA ALA A 336 4.71 -48.27 -10.38
C ALA A 336 4.27 -49.69 -10.68
N LYS A 337 5.00 -50.38 -11.57
CA LYS A 337 4.64 -51.77 -11.89
C LYS A 337 4.83 -52.67 -10.67
N LYS A 338 5.88 -52.44 -9.89
CA LYS A 338 6.10 -53.22 -8.68
C LYS A 338 4.97 -53.00 -7.67
N ILE A 339 4.53 -51.75 -7.53
CA ILE A 339 3.44 -51.46 -6.59
C ILE A 339 2.07 -51.77 -7.19
N GLY A 340 1.89 -51.54 -8.48
CA GLY A 340 0.60 -51.77 -9.11
C GLY A 340 -0.21 -50.50 -9.29
N VAL A 341 0.44 -49.45 -9.78
CA VAL A 341 -0.19 -48.15 -9.99
C VAL A 341 -0.03 -47.78 -11.46
N ALA A 342 -1.13 -47.32 -12.08
CA ALA A 342 -1.08 -46.90 -13.47
C ALA A 342 -0.21 -45.66 -13.61
N ARG A 343 0.41 -45.53 -14.79
CA ARG A 343 1.32 -44.41 -15.05
C ARG A 343 0.61 -43.06 -14.97
N GLU A 344 -0.69 -43.04 -15.27
CA GLU A 344 -1.45 -41.79 -15.27
C GLU A 344 -1.89 -41.36 -13.88
N ASN A 345 -1.75 -42.22 -12.87
CA ASN A 345 -2.19 -41.92 -11.52
C ASN A 345 -1.04 -41.75 -10.54
N MET A 346 0.14 -41.37 -11.03
CA MET A 346 1.31 -41.16 -10.19
C MET A 346 1.82 -39.74 -10.36
N PHE A 347 2.10 -39.08 -9.24
CA PHE A 347 2.57 -37.70 -9.22
C PHE A 347 3.96 -37.67 -8.61
N VAL A 348 4.89 -37.01 -9.29
CA VAL A 348 6.28 -36.91 -8.85
C VAL A 348 6.61 -35.44 -8.63
N VAL A 349 7.13 -35.12 -7.45
CA VAL A 349 7.51 -33.76 -7.07
C VAL A 349 8.98 -33.76 -6.70
N SER A 350 9.70 -32.72 -7.11
CA SER A 350 11.12 -32.58 -6.84
C SER A 350 11.39 -31.28 -6.09
N VAL A 351 12.32 -31.32 -5.15
CA VAL A 351 12.77 -30.15 -4.42
C VAL A 351 14.20 -29.88 -4.84
N MET A 352 14.42 -28.79 -5.57
CA MET A 352 15.73 -28.50 -6.13
C MET A 352 16.16 -27.08 -5.78
N PRO A 353 17.46 -26.84 -5.62
CA PRO A 353 17.94 -25.49 -5.35
C PRO A 353 18.23 -24.70 -6.62
N CYS A 354 17.73 -25.18 -7.76
CA CYS A 354 18.05 -24.61 -9.06
C CYS A 354 16.83 -23.95 -9.68
N ILE A 355 17.09 -23.09 -10.65
CA ILE A 355 16.04 -22.40 -11.40
C ILE A 355 15.91 -23.04 -12.77
N GLY A 356 17.04 -23.56 -13.29
CA GLY A 356 17.02 -24.22 -14.58
C GLY A 356 16.27 -25.54 -14.60
N LYS A 357 16.08 -26.16 -13.43
CA LYS A 357 15.30 -27.39 -13.37
C LYS A 357 13.84 -27.14 -13.65
N LYS A 358 13.31 -25.97 -13.27
CA LYS A 358 11.93 -25.63 -13.59
C LYS A 358 11.70 -25.62 -15.10
N PHE A 359 12.65 -25.08 -15.86
CA PHE A 359 12.53 -25.11 -17.31
C PHE A 359 12.81 -26.50 -17.87
N GLU A 360 13.78 -27.22 -17.28
CA GLU A 360 14.13 -28.53 -17.78
C GLU A 360 12.98 -29.53 -17.66
N ALA A 361 12.18 -29.41 -16.59
CA ALA A 361 11.11 -30.36 -16.36
C ALA A 361 10.01 -30.27 -17.42
N THR A 362 9.99 -29.21 -18.22
CA THR A 362 8.93 -28.99 -19.20
C THR A 362 9.38 -29.24 -20.64
N ARG A 363 10.54 -29.85 -20.85
CA ARG A 363 10.99 -30.11 -22.19
C ARG A 363 10.19 -31.26 -22.82
N PRO A 364 9.86 -31.15 -24.11
CA PRO A 364 9.02 -32.19 -24.75
C PRO A 364 9.67 -33.56 -24.78
N GLU A 365 11.00 -33.66 -24.80
CA GLU A 365 11.66 -34.93 -25.01
C GLU A 365 11.53 -35.88 -23.80
N PHE A 366 11.17 -35.36 -22.63
CA PHE A 366 11.12 -36.17 -21.43
C PHE A 366 9.75 -36.79 -21.17
N ASN A 367 8.75 -36.49 -22.00
CA ASN A 367 7.42 -37.12 -21.92
C ASN A 367 6.77 -36.87 -20.57
N ASN A 368 7.08 -35.72 -19.96
CA ASN A 368 6.48 -35.28 -18.70
C ASN A 368 6.71 -36.31 -17.60
N ASP A 369 7.99 -36.60 -17.35
CA ASP A 369 8.34 -37.53 -16.28
C ASP A 369 8.11 -36.91 -14.90
N VAL A 370 8.53 -35.66 -14.73
CA VAL A 370 8.39 -34.93 -13.47
C VAL A 370 7.27 -33.92 -13.63
N ASP A 371 6.31 -33.95 -12.70
CA ASP A 371 5.12 -33.12 -12.82
C ASP A 371 5.29 -31.74 -12.21
N ALA A 372 6.12 -31.58 -11.17
CA ALA A 372 6.31 -30.29 -10.55
C ALA A 372 7.72 -30.22 -9.96
N VAL A 373 8.20 -28.99 -9.81
CA VAL A 373 9.52 -28.71 -9.24
C VAL A 373 9.39 -27.60 -8.21
N LEU A 374 9.97 -27.80 -7.04
CA LEU A 374 9.97 -26.81 -5.97
C LEU A 374 11.38 -26.31 -5.72
N THR A 375 11.50 -25.37 -4.79
CA THR A 375 12.77 -24.83 -4.34
C THR A 375 12.85 -24.95 -2.81
N THR A 376 14.03 -24.65 -2.28
CA THR A 376 14.21 -24.69 -0.83
C THR A 376 13.35 -23.66 -0.13
N ARG A 377 13.25 -22.45 -0.69
CA ARG A 377 12.43 -21.41 -0.09
C ARG A 377 10.96 -21.78 -0.11
N GLU A 378 10.49 -22.39 -1.20
CA GLU A 378 9.10 -22.84 -1.26
C GLU A 378 8.82 -23.93 -0.23
N LEU A 379 9.77 -24.86 -0.06
CA LEU A 379 9.60 -25.90 0.96
C LEU A 379 9.55 -25.31 2.35
N ALA A 380 10.42 -24.33 2.64
CA ALA A 380 10.39 -23.66 3.94
C ALA A 380 9.07 -22.94 4.16
N ARG A 381 8.57 -22.27 3.12
CA ARG A 381 7.28 -21.59 3.24
C ARG A 381 6.16 -22.59 3.52
N MET A 382 6.18 -23.73 2.84
CA MET A 382 5.17 -24.76 3.08
C MET A 382 5.25 -25.29 4.50
N ILE A 383 6.47 -25.54 4.99
CA ILE A 383 6.65 -26.05 6.34
C ILE A 383 6.13 -25.05 7.37
N LYS A 384 6.45 -23.77 7.19
CA LYS A 384 5.95 -22.74 8.11
C LYS A 384 4.44 -22.60 8.02
N GLU A 385 3.87 -22.73 6.82
CA GLU A 385 2.43 -22.63 6.65
C GLU A 385 1.71 -23.76 7.39
N SER A 386 2.24 -24.99 7.30
CA SER A 386 1.57 -26.11 7.92
C SER A 386 1.63 -26.07 9.44
N GLY A 387 2.58 -25.33 10.02
CA GLY A 387 2.65 -25.15 11.45
C GLY A 387 3.66 -26.02 12.17
N ILE A 388 4.43 -26.83 11.45
CA ILE A 388 5.40 -27.71 12.09
C ILE A 388 6.57 -26.89 12.63
N ASP A 389 7.07 -27.27 13.79
CA ASP A 389 8.24 -26.62 14.38
C ASP A 389 9.48 -27.43 14.02
N PHE A 390 10.44 -26.79 13.38
CA PHE A 390 11.61 -27.49 12.85
C PHE A 390 12.62 -27.85 13.93
N ILE A 391 12.72 -27.04 14.98
CA ILE A 391 13.78 -27.22 15.97
C ILE A 391 13.57 -28.50 16.77
N LYS A 392 12.31 -28.83 17.08
CA LYS A 392 11.97 -29.92 17.99
C LYS A 392 11.36 -31.11 17.26
N LEU A 393 11.89 -31.43 16.08
CA LEU A 393 11.43 -32.58 15.32
C LEU A 393 12.24 -33.82 15.69
N GLU A 394 11.72 -34.98 15.29
CA GLU A 394 12.34 -36.27 15.55
C GLU A 394 12.92 -36.82 14.26
N GLU A 395 14.16 -37.30 14.32
CA GLU A 395 14.84 -37.79 13.13
C GLU A 395 14.21 -39.07 12.62
N GLU A 396 14.08 -39.17 11.30
CA GLU A 396 13.54 -40.36 10.65
C GLU A 396 14.41 -40.68 9.44
N ASN A 397 14.05 -41.75 8.73
CA ASN A 397 14.82 -42.24 7.59
C ASN A 397 13.99 -42.20 6.32
N PHE A 398 14.67 -42.36 5.19
CA PHE A 398 14.01 -42.39 3.90
C PHE A 398 13.27 -43.70 3.70
N ASP A 399 12.28 -43.68 2.81
CA ASP A 399 11.47 -44.85 2.52
C ASP A 399 12.27 -45.86 1.70
N SER A 400 11.61 -46.94 1.32
CA SER A 400 12.19 -48.05 0.58
C SER A 400 11.43 -48.30 -0.72
N PRO A 401 12.07 -48.92 -1.73
CA PRO A 401 13.44 -49.43 -1.77
C PRO A 401 14.42 -48.52 -2.51
N LEU A 402 14.05 -47.26 -2.71
CA LEU A 402 14.89 -46.31 -3.44
C LEU A 402 15.32 -45.17 -2.52
N GLY A 403 15.72 -45.49 -1.30
CA GLY A 403 16.10 -44.47 -0.34
C GLY A 403 17.56 -44.51 0.08
N GLU A 404 18.16 -45.69 0.13
CA GLU A 404 19.53 -45.81 0.58
C GLU A 404 20.50 -45.27 -0.46
N SER A 405 21.53 -44.57 0.01
CA SER A 405 22.53 -43.95 -0.87
C SER A 405 23.90 -44.14 -0.26
N THR A 406 24.92 -43.75 -1.01
CA THR A 406 26.32 -43.86 -0.59
C THR A 406 26.90 -42.45 -0.39
N GLY A 407 28.19 -42.40 -0.07
CA GLY A 407 28.85 -41.14 0.13
C GLY A 407 29.39 -40.49 -1.12
N ALA A 408 29.59 -41.27 -2.18
CA ALA A 408 30.09 -40.70 -3.44
C ALA A 408 29.07 -39.80 -4.09
N ALA A 409 27.79 -40.01 -3.82
CA ALA A 409 26.72 -39.21 -4.41
C ALA A 409 26.30 -38.04 -3.53
N ALA A 410 26.93 -37.84 -2.39
CA ALA A 410 26.58 -36.76 -1.48
C ALA A 410 27.36 -35.48 -1.72
N ILE A 411 28.23 -35.45 -2.73
CA ILE A 411 29.08 -34.29 -2.97
C ILE A 411 28.81 -33.71 -4.36
N PHE A 412 27.60 -33.92 -4.88
CA PHE A 412 27.21 -33.28 -6.13
C PHE A 412 26.79 -31.83 -5.94
N GLY A 413 26.59 -31.38 -4.71
CA GLY A 413 26.21 -30.02 -4.42
C GLY A 413 27.38 -29.05 -4.33
N VAL A 414 28.59 -29.49 -4.65
CA VAL A 414 29.78 -28.64 -4.60
C VAL A 414 30.58 -28.90 -5.86
N THR A 415 31.37 -27.90 -6.25
CA THR A 415 32.15 -28.00 -7.49
C THR A 415 33.28 -29.01 -7.33
N GLY A 416 33.42 -29.88 -8.33
CA GLY A 416 34.46 -30.89 -8.33
C GLY A 416 34.05 -32.24 -7.76
N GLY A 417 32.87 -32.34 -7.14
CA GLY A 417 32.45 -33.61 -6.58
C GLY A 417 32.15 -34.66 -7.65
N VAL A 418 31.56 -34.25 -8.76
CA VAL A 418 31.21 -35.19 -9.82
C VAL A 418 32.46 -35.85 -10.39
N MET A 419 33.50 -35.05 -10.63
CA MET A 419 34.76 -35.60 -11.12
C MET A 419 35.38 -36.54 -10.11
N GLU A 420 35.30 -36.19 -8.82
CA GLU A 420 35.87 -37.05 -7.78
C GLU A 420 35.17 -38.41 -7.75
N ALA A 421 33.83 -38.41 -7.82
CA ALA A 421 33.09 -39.67 -7.81
C ALA A 421 33.35 -40.47 -9.07
N ALA A 422 33.40 -39.79 -10.23
CA ALA A 422 33.69 -40.49 -11.48
C ALA A 422 35.06 -41.14 -11.43
N LEU A 423 36.06 -40.45 -10.89
CA LEU A 423 37.39 -41.04 -10.76
C LEU A 423 37.38 -42.20 -9.78
N ARG A 424 36.62 -42.07 -8.68
CA ARG A 424 36.51 -43.15 -7.72
C ARG A 424 36.00 -44.43 -8.38
N THR A 425 34.96 -44.31 -9.20
CA THR A 425 34.42 -45.50 -9.87
C THR A 425 35.33 -45.97 -11.00
N ALA A 426 35.95 -45.03 -11.72
CA ALA A 426 36.76 -45.39 -12.89
C ALA A 426 38.04 -46.10 -12.48
N TYR A 427 38.64 -45.73 -11.35
CA TYR A 427 39.83 -46.44 -10.89
C TYR A 427 39.51 -47.91 -10.64
N SER A 428 38.40 -48.18 -9.95
CA SER A 428 38.00 -49.55 -9.68
C SER A 428 37.68 -50.30 -10.97
N ILE A 429 36.99 -49.64 -11.91
CA ILE A 429 36.64 -50.32 -13.15
C ILE A 429 37.89 -50.63 -13.97
N MET A 430 38.82 -49.69 -14.06
CA MET A 430 40.00 -49.87 -14.91
C MET A 430 41.00 -50.84 -14.31
N THR A 431 41.25 -50.76 -13.00
CA THR A 431 42.27 -51.58 -12.37
C THR A 431 41.73 -52.87 -11.77
N GLY A 432 40.58 -52.82 -11.10
CA GLY A 432 40.00 -53.98 -10.45
C GLY A 432 40.14 -54.01 -8.95
N GLU A 433 41.00 -53.18 -8.38
CA GLU A 433 41.14 -53.08 -6.93
C GLU A 433 40.44 -51.83 -6.44
N GLU A 434 40.28 -51.75 -5.11
CA GLU A 434 39.54 -50.67 -4.47
C GLU A 434 40.48 -49.77 -3.70
N LEU A 435 40.28 -48.46 -3.83
CA LEU A 435 41.09 -47.50 -3.10
C LEU A 435 40.81 -47.62 -1.60
N GLU A 436 41.87 -47.53 -0.80
CA GLU A 436 41.76 -47.65 0.64
C GLU A 436 42.58 -46.55 1.31
N GLY A 437 42.18 -46.19 2.52
CA GLY A 437 42.88 -45.15 3.26
C GLY A 437 42.50 -43.75 2.78
N ASP A 438 43.48 -42.85 2.82
CA ASP A 438 43.27 -41.47 2.41
C ASP A 438 43.34 -41.29 0.90
N LYS A 439 43.66 -42.34 0.15
CA LYS A 439 43.71 -42.24 -1.31
C LYS A 439 42.34 -42.04 -1.94
N ILE A 440 41.25 -42.20 -1.18
CA ILE A 440 39.92 -41.98 -1.72
C ILE A 440 39.73 -40.52 -2.11
N GLU A 441 40.19 -39.61 -1.27
CA GLU A 441 40.04 -38.19 -1.56
C GLU A 441 41.07 -37.74 -2.58
N PHE A 442 40.62 -36.99 -3.59
CA PHE A 442 41.50 -36.36 -4.57
C PHE A 442 41.54 -34.87 -4.24
N THR A 443 42.54 -34.48 -3.46
CA THR A 443 42.67 -33.10 -2.99
C THR A 443 43.09 -32.12 -4.09
N ALA A 444 43.48 -32.61 -5.26
CA ALA A 444 43.91 -31.73 -6.33
C ALA A 444 42.75 -31.12 -7.11
N VAL A 445 41.52 -31.55 -6.86
CA VAL A 445 40.35 -31.04 -7.56
C VAL A 445 39.41 -30.28 -6.62
N ARG A 446 39.88 -29.93 -5.42
CA ARG A 446 39.06 -29.30 -4.41
C ARG A 446 39.49 -27.85 -4.21
N GLY A 447 38.52 -26.99 -3.92
CA GLY A 447 38.75 -25.58 -3.73
C GLY A 447 37.66 -24.77 -4.39
N LEU A 448 37.92 -23.48 -4.55
CA LEU A 448 36.97 -22.55 -5.18
C LEU A 448 37.65 -21.73 -6.26
N GLU A 449 38.65 -22.29 -6.93
CA GLU A 449 39.36 -21.58 -7.97
C GLU A 449 38.54 -21.55 -9.27
N GLY A 450 38.99 -20.75 -10.22
CA GLY A 450 38.31 -20.61 -11.49
C GLY A 450 38.37 -21.86 -12.34
N ILE A 451 39.57 -22.21 -12.80
CA ILE A 451 39.80 -23.41 -13.59
C ILE A 451 40.76 -24.31 -12.82
N LYS A 452 40.32 -25.53 -12.53
CA LYS A 452 41.11 -26.50 -11.78
C LYS A 452 41.48 -27.64 -12.72
N GLU A 453 42.77 -27.77 -13.00
CA GLU A 453 43.30 -28.81 -13.87
C GLU A 453 44.16 -29.76 -13.07
N ALA A 454 43.97 -31.06 -13.29
CA ALA A 454 44.68 -32.09 -12.55
C ALA A 454 45.26 -33.11 -13.52
N GLU A 455 46.03 -34.05 -12.98
CA GLU A 455 46.66 -35.10 -13.77
C GLU A 455 46.72 -36.36 -12.90
N VAL A 456 45.78 -37.26 -13.10
CA VAL A 456 45.66 -38.47 -12.28
C VAL A 456 46.26 -39.64 -13.04
N ASP A 457 47.15 -40.37 -12.39
CA ASP A 457 47.81 -41.53 -12.96
C ASP A 457 47.15 -42.79 -12.44
N ILE A 458 46.67 -43.63 -13.36
CA ILE A 458 45.94 -44.85 -13.01
C ILE A 458 46.74 -46.02 -13.59
N LYS A 459 47.61 -46.61 -12.77
CA LYS A 459 48.38 -47.80 -13.13
C LYS A 459 49.15 -47.60 -14.43
N GLY A 460 49.84 -46.47 -14.53
CA GLY A 460 50.69 -46.17 -15.67
C GLY A 460 50.01 -45.42 -16.80
N LYS A 461 48.70 -45.26 -16.75
CA LYS A 461 47.97 -44.50 -17.77
C LYS A 461 47.57 -43.16 -17.19
N LYS A 462 47.89 -42.08 -17.91
CA LYS A 462 47.64 -40.73 -17.44
C LYS A 462 46.46 -40.13 -18.19
N VAL A 463 45.54 -39.51 -17.46
CA VAL A 463 44.35 -38.88 -18.02
C VAL A 463 44.35 -37.41 -17.65
N ARG A 464 43.94 -36.57 -18.60
CA ARG A 464 43.84 -35.13 -18.38
C ARG A 464 42.40 -34.78 -18.05
N ILE A 465 42.20 -34.16 -16.89
CA ILE A 465 40.87 -33.76 -16.43
C ILE A 465 40.88 -32.27 -16.14
N ALA A 466 39.72 -31.66 -16.27
CA ALA A 466 39.56 -30.22 -16.04
C ALA A 466 38.20 -29.94 -15.44
N ILE A 467 38.14 -28.96 -14.54
CA ILE A 467 36.91 -28.51 -13.91
C ILE A 467 36.83 -27.00 -14.07
N ALA A 468 35.68 -26.51 -14.52
CA ALA A 468 35.47 -25.07 -14.75
C ALA A 468 34.10 -24.70 -14.19
N ASN A 469 34.10 -24.08 -13.00
CA ASN A 469 32.87 -23.63 -12.37
C ASN A 469 32.59 -22.18 -12.78
N GLY A 470 31.48 -21.98 -13.47
CA GLY A 470 31.11 -20.67 -13.97
C GLY A 470 31.08 -20.65 -15.48
N ILE A 471 30.20 -19.79 -16.02
CA ILE A 471 30.08 -19.68 -17.46
C ILE A 471 31.30 -18.98 -18.06
N GLY A 472 31.81 -17.93 -17.40
CA GLY A 472 32.98 -17.24 -17.91
C GLY A 472 34.20 -18.14 -18.00
N ASN A 473 34.45 -18.90 -16.94
CA ASN A 473 35.55 -19.86 -16.96
C ASN A 473 35.31 -20.95 -17.99
N ALA A 474 34.04 -21.33 -18.21
CA ALA A 474 33.73 -22.30 -19.26
C ALA A 474 34.09 -21.77 -20.64
N LYS A 475 33.77 -20.50 -20.90
CA LYS A 475 34.14 -19.90 -22.18
C LYS A 475 35.65 -19.81 -22.34
N LYS A 476 36.35 -19.45 -21.26
CA LYS A 476 37.80 -19.39 -21.32
C LYS A 476 38.40 -20.77 -21.62
N LEU A 477 37.87 -21.81 -20.97
CA LEU A 477 38.36 -23.16 -21.21
C LEU A 477 38.05 -23.61 -22.63
N ILE A 478 36.88 -23.25 -23.15
CA ILE A 478 36.53 -23.61 -24.53
C ILE A 478 37.49 -22.92 -25.50
N GLU A 479 37.79 -21.64 -25.27
CA GLU A 479 38.72 -20.94 -26.14
C GLU A 479 40.11 -21.56 -26.07
N LYS A 480 40.54 -21.97 -24.88
CA LYS A 480 41.82 -22.65 -24.75
C LYS A 480 41.84 -23.97 -25.49
N ILE A 481 40.75 -24.74 -25.41
CA ILE A 481 40.71 -26.07 -25.99
C ILE A 481 40.67 -25.99 -27.52
N LYS A 482 39.84 -25.08 -28.05
CA LYS A 482 39.63 -25.02 -29.49
C LYS A 482 40.90 -24.65 -30.24
N SER A 483 41.71 -23.76 -29.66
CA SER A 483 42.94 -23.33 -30.30
C SER A 483 43.99 -24.43 -30.38
N GLY A 484 43.80 -25.53 -29.65
CA GLY A 484 44.73 -26.64 -29.72
C GLY A 484 45.95 -26.53 -28.84
N GLU A 485 45.90 -25.72 -27.78
CA GLU A 485 47.03 -25.62 -26.87
C GLU A 485 47.30 -26.94 -26.17
N THR A 486 46.25 -27.64 -25.74
CA THR A 486 46.40 -28.91 -25.06
C THR A 486 45.11 -29.71 -25.22
N LYS A 487 45.19 -31.00 -24.92
CA LYS A 487 44.08 -31.92 -25.09
C LYS A 487 43.73 -32.56 -23.75
N TYR A 488 42.43 -32.67 -23.49
CA TYR A 488 41.91 -33.27 -22.25
C TYR A 488 41.16 -34.55 -22.58
N ASP A 489 40.58 -35.16 -21.55
CA ASP A 489 39.85 -36.41 -21.71
C ASP A 489 38.47 -36.34 -21.07
N PHE A 490 38.32 -35.49 -20.05
CA PHE A 490 37.05 -35.36 -19.33
C PHE A 490 36.97 -33.96 -18.75
N VAL A 491 35.88 -33.25 -19.03
CA VAL A 491 35.71 -31.87 -18.61
C VAL A 491 34.36 -31.74 -17.93
N GLU A 492 34.34 -31.07 -16.78
CA GLU A 492 33.12 -30.77 -16.04
C GLU A 492 32.85 -29.28 -16.09
N VAL A 493 31.58 -28.91 -16.24
CA VAL A 493 31.16 -27.51 -16.30
C VAL A 493 29.93 -27.33 -15.42
N MET A 494 29.95 -26.29 -14.60
CA MET A 494 28.80 -25.89 -13.79
C MET A 494 28.54 -24.40 -14.03
N ALA A 495 27.28 -24.05 -14.27
CA ALA A 495 26.95 -22.67 -14.60
C ALA A 495 27.05 -21.73 -13.39
N CYS A 496 26.87 -22.25 -12.18
CA CYS A 496 26.95 -21.36 -11.03
C CYS A 496 28.34 -21.42 -10.40
N PRO A 497 28.92 -20.27 -10.06
CA PRO A 497 30.26 -20.27 -9.43
C PRO A 497 30.19 -20.83 -8.02
N GLY A 498 30.91 -21.92 -7.79
CA GLY A 498 30.93 -22.56 -6.49
C GLY A 498 30.07 -23.80 -6.37
N GLY A 499 29.42 -24.23 -7.44
CA GLY A 499 28.59 -25.41 -7.41
C GLY A 499 27.13 -25.10 -7.18
N CYS A 500 26.34 -26.18 -7.05
CA CYS A 500 24.90 -26.05 -6.85
C CYS A 500 24.54 -25.43 -5.51
N MET A 501 25.48 -25.32 -4.57
CA MET A 501 25.19 -24.67 -3.30
C MET A 501 25.05 -23.16 -3.44
N SER A 502 25.38 -22.60 -4.60
CA SER A 502 25.17 -21.18 -4.89
C SER A 502 24.03 -20.97 -5.88
N GLY A 503 23.09 -21.92 -5.95
CA GLY A 503 22.00 -21.82 -6.89
C GLY A 503 21.03 -20.71 -6.57
N GLY A 504 20.18 -20.40 -7.54
CA GLY A 504 19.21 -19.34 -7.39
C GLY A 504 18.00 -19.67 -6.55
N GLY A 505 17.86 -20.93 -6.15
CA GLY A 505 16.76 -21.35 -5.31
C GLY A 505 17.10 -21.54 -3.84
N GLN A 506 18.30 -21.14 -3.42
CA GLN A 506 18.72 -21.29 -2.04
C GLN A 506 18.25 -20.10 -1.20
N PRO A 507 18.13 -20.28 0.12
CA PRO A 507 17.70 -19.16 0.96
C PRO A 507 18.70 -18.01 0.97
N TYR A 508 18.17 -16.81 1.14
CA TYR A 508 19.00 -15.61 1.11
C TYR A 508 19.93 -15.55 2.31
N THR A 509 21.11 -14.99 2.10
CA THR A 509 22.13 -14.92 3.15
C THR A 509 22.69 -13.51 3.22
N ASP A 510 23.25 -13.18 4.37
CA ASP A 510 23.96 -11.93 4.57
C ASP A 510 25.43 -12.13 4.93
N ASP A 511 25.81 -13.31 5.37
CA ASP A 511 27.21 -13.57 5.70
C ASP A 511 28.05 -13.63 4.42
N PRO A 512 29.22 -12.97 4.37
CA PRO A 512 30.06 -13.05 3.17
C PRO A 512 30.83 -14.35 3.04
N GLU A 513 30.67 -15.29 3.95
CA GLU A 513 31.43 -16.54 3.96
C GLU A 513 30.49 -17.75 3.93
N PHE A 514 29.41 -17.65 3.15
CA PHE A 514 28.46 -18.76 3.08
C PHE A 514 28.99 -19.93 2.26
N ARG A 515 29.77 -19.64 1.20
CA ARG A 515 30.27 -20.71 0.34
C ARG A 515 31.18 -21.65 1.12
N LYS A 516 32.11 -21.09 1.90
CA LYS A 516 33.03 -21.93 2.67
C LYS A 516 32.30 -22.77 3.70
N LYS A 517 31.33 -22.17 4.39
CA LYS A 517 30.57 -22.92 5.40
C LYS A 517 29.77 -24.05 4.76
N ARG A 518 29.12 -23.78 3.62
CA ARG A 518 28.33 -24.82 2.97
C ARG A 518 29.22 -25.92 2.42
N MET A 519 30.37 -25.57 1.86
CA MET A 519 31.30 -26.59 1.38
C MET A 519 31.81 -27.46 2.52
N GLU A 520 32.14 -26.84 3.66
CA GLU A 520 32.57 -27.60 4.82
C GLU A 520 31.48 -28.54 5.30
N GLY A 521 30.23 -28.06 5.33
CA GLY A 521 29.13 -28.91 5.73
C GLY A 521 28.92 -30.08 4.78
N ILE A 522 29.04 -29.84 3.47
CA ILE A 522 28.88 -30.92 2.50
C ILE A 522 29.96 -31.96 2.67
N TYR A 523 31.22 -31.52 2.84
CA TYR A 523 32.31 -32.47 3.03
C TYR A 523 32.15 -33.25 4.34
N LYS A 524 31.72 -32.59 5.41
CA LYS A 524 31.48 -33.28 6.67
C LYS A 524 30.37 -34.32 6.53
N ASN A 525 29.31 -33.98 5.80
CA ASN A 525 28.25 -34.94 5.55
C ASN A 525 28.76 -36.14 4.76
N ASP A 526 29.61 -35.89 3.76
CA ASP A 526 30.19 -36.98 2.99
C ASP A 526 31.05 -37.88 3.88
N ARG A 527 31.83 -37.28 4.78
CA ARG A 527 32.77 -38.03 5.61
C ARG A 527 32.08 -38.94 6.63
N ASN A 528 30.78 -38.78 6.86
CA ASN A 528 30.08 -39.52 7.90
C ASN A 528 29.15 -40.60 7.35
N LEU A 529 29.50 -41.19 6.21
CA LEU A 529 28.68 -42.25 5.65
C LEU A 529 29.44 -43.57 5.63
N PRO A 530 28.74 -44.71 5.70
CA PRO A 530 29.45 -45.99 5.72
C PRO A 530 30.07 -46.37 4.39
N LYS A 531 29.43 -46.03 3.27
CA LYS A 531 29.93 -46.35 1.95
C LYS A 531 30.36 -45.09 1.23
N ARG A 532 31.48 -45.18 0.50
CA ARG A 532 32.04 -44.03 -0.21
C ARG A 532 32.28 -44.32 -1.68
N LYS A 533 31.60 -45.32 -2.25
CA LYS A 533 31.75 -45.67 -3.65
C LYS A 533 30.39 -45.93 -4.27
N SER A 534 30.32 -45.76 -5.59
CA SER A 534 29.03 -45.89 -6.28
C SER A 534 28.69 -47.34 -6.61
N HIS A 535 29.68 -48.15 -6.95
CA HIS A 535 29.42 -49.55 -7.27
C HIS A 535 29.06 -50.38 -6.05
N GLU A 536 29.22 -49.83 -4.85
CA GLU A 536 28.89 -50.53 -3.61
C GLU A 536 27.43 -50.37 -3.23
N ASN A 537 26.66 -49.56 -3.94
CA ASN A 537 25.24 -49.44 -3.68
C ASN A 537 24.54 -50.76 -4.00
N GLU A 538 23.55 -51.10 -3.19
CA GLU A 538 22.90 -52.41 -3.27
C GLU A 538 21.64 -52.42 -4.12
N GLU A 539 20.87 -51.32 -4.12
CA GLU A 539 19.64 -51.30 -4.90
C GLU A 539 19.90 -51.09 -6.39
N VAL A 540 21.02 -50.45 -6.74
CA VAL A 540 21.37 -50.29 -8.16
C VAL A 540 21.59 -51.65 -8.80
N LYS A 541 22.27 -52.54 -8.08
CA LYS A 541 22.50 -53.89 -8.60
C LYS A 541 21.19 -54.63 -8.81
N LYS A 542 20.24 -54.48 -7.88
CA LYS A 542 18.94 -55.10 -8.05
C LYS A 542 18.19 -54.53 -9.25
N VAL A 543 18.24 -53.20 -9.42
CA VAL A 543 17.54 -52.58 -10.56
C VAL A 543 18.11 -53.10 -11.87
N TYR A 544 19.45 -53.15 -11.97
CA TYR A 544 20.06 -53.73 -13.16
C TYR A 544 19.63 -55.18 -13.37
N GLU A 545 19.80 -56.02 -12.35
CA GLU A 545 19.56 -57.45 -12.52
C GLU A 545 18.08 -57.77 -12.72
N GLU A 546 17.18 -56.83 -12.45
CA GLU A 546 15.76 -57.09 -12.63
C GLU A 546 15.17 -56.46 -13.88
N TYR A 547 15.62 -55.26 -14.28
CA TYR A 547 14.96 -54.56 -15.38
C TYR A 547 15.86 -54.34 -16.58
N TYR A 548 17.05 -53.78 -16.40
CA TYR A 548 17.88 -53.36 -17.53
C TYR A 548 18.96 -54.37 -17.91
N GLU A 549 19.46 -55.13 -16.93
CA GLU A 549 20.33 -56.29 -17.13
C GLU A 549 21.75 -55.92 -17.58
N LYS A 550 21.98 -54.64 -17.92
CA LYS A 550 23.32 -54.18 -18.26
C LYS A 550 23.34 -52.66 -18.41
N PRO A 551 24.39 -51.98 -17.98
CA PRO A 551 24.53 -50.56 -18.31
C PRO A 551 24.69 -50.35 -19.80
N CYS A 552 24.15 -49.23 -20.29
CA CYS A 552 24.20 -48.87 -21.70
C CYS A 552 23.56 -49.93 -22.59
N GLY A 553 22.56 -50.62 -22.06
CA GLY A 553 21.84 -51.63 -22.82
C GLY A 553 20.74 -51.02 -23.66
N PRO A 554 20.07 -51.83 -24.48
CA PRO A 554 18.99 -51.30 -25.32
C PRO A 554 17.87 -50.63 -24.53
N LYS A 555 17.38 -51.30 -23.48
CA LYS A 555 16.36 -50.69 -22.63
C LYS A 555 16.91 -49.45 -21.92
N ALA A 556 18.13 -49.54 -21.41
CA ALA A 556 18.75 -48.38 -20.76
C ALA A 556 18.97 -47.25 -21.75
N HIS A 557 19.45 -47.56 -22.96
CA HIS A 557 19.64 -46.53 -23.97
C HIS A 557 18.32 -45.90 -24.38
N GLU A 558 17.23 -46.66 -24.33
CA GLU A 558 15.92 -46.11 -24.66
C GLU A 558 15.39 -45.21 -23.55
N GLU A 559 15.59 -45.60 -22.28
CA GLU A 559 14.96 -44.91 -21.17
C GLU A 559 15.91 -44.03 -20.36
N LEU A 560 17.22 -44.19 -20.49
CA LEU A 560 18.18 -43.44 -19.69
C LEU A 560 19.14 -42.61 -20.53
N HIS A 561 18.76 -42.26 -21.76
CA HIS A 561 19.60 -41.45 -22.62
C HIS A 561 18.73 -40.43 -23.36
N THR A 562 19.39 -39.42 -23.92
CA THR A 562 18.69 -38.33 -24.59
C THR A 562 19.58 -37.76 -25.69
N HIS A 563 19.00 -36.87 -26.48
CA HIS A 563 19.69 -36.23 -27.59
C HIS A 563 19.41 -34.73 -27.57
N TYR A 564 20.34 -33.95 -28.13
CA TYR A 564 20.29 -32.50 -28.09
C TYR A 564 20.22 -31.93 -29.49
N HIS A 565 19.59 -30.76 -29.60
CA HIS A 565 19.41 -30.08 -30.87
C HIS A 565 19.88 -28.63 -30.74
N SER A 566 20.26 -28.05 -31.88
CA SER A 566 20.77 -26.68 -31.89
C SER A 566 19.63 -25.68 -31.78
N ARG A 567 19.78 -24.72 -30.87
CA ARG A 567 18.81 -23.64 -30.68
C ARG A 567 19.26 -22.32 -31.28
N LYS A 568 20.29 -22.34 -32.13
CA LYS A 568 20.86 -21.10 -32.65
C LYS A 568 19.95 -20.49 -33.71
N LYS A 569 19.08 -19.58 -33.30
CA LYS A 569 18.20 -18.86 -34.22
C LYS A 569 19.02 -17.83 -34.98
N GLU A 570 19.43 -18.20 -36.19
CA GLU A 570 20.24 -17.29 -37.01
C GLU A 570 19.44 -16.05 -37.39
N TYR A 571 20.12 -14.92 -37.42
CA TYR A 571 19.48 -13.64 -37.73
C TYR A 571 20.00 -13.06 -39.03
N MET B 1 49.01 21.57 -54.94
CA MET B 1 48.95 21.08 -53.57
C MET B 1 49.98 19.98 -53.35
N VAL B 2 51.25 20.36 -53.37
CA VAL B 2 52.35 19.41 -53.26
C VAL B 2 52.75 19.29 -51.79
N LYS B 3 53.36 18.15 -51.46
CA LYS B 3 53.78 17.90 -50.09
C LYS B 3 54.91 18.84 -49.69
N LEU B 4 55.06 19.03 -48.38
CA LEU B 4 56.09 19.89 -47.83
C LEU B 4 57.08 19.05 -47.02
N LYS B 5 58.36 19.40 -47.13
CA LYS B 5 59.42 18.68 -46.46
C LYS B 5 60.34 19.58 -45.63
N SER B 6 60.06 20.88 -45.54
CA SER B 6 60.89 21.78 -44.77
C SER B 6 60.02 22.85 -44.13
N ILE B 7 60.49 23.39 -43.01
CA ILE B 7 59.74 24.42 -42.30
C ILE B 7 59.75 25.72 -43.08
N GLN B 8 60.88 26.06 -43.71
CA GLN B 8 61.01 27.33 -44.41
C GLN B 8 60.18 27.37 -45.70
N GLU B 9 59.83 26.21 -46.26
CA GLU B 9 59.03 26.20 -47.48
C GLU B 9 57.64 26.76 -47.24
N LEU B 10 57.10 26.60 -46.03
CA LEU B 10 55.80 27.18 -45.72
C LEU B 10 55.85 28.71 -45.82
N GLU B 11 56.88 29.32 -45.24
CA GLU B 11 57.03 30.77 -45.35
C GLU B 11 57.37 31.19 -46.78
N ASN B 12 58.08 30.34 -47.51
CA ASN B 12 58.35 30.64 -48.92
C ASN B 12 57.06 30.71 -49.73
N LEU B 13 56.16 29.75 -49.51
CA LEU B 13 54.86 29.75 -50.18
C LEU B 13 53.94 30.85 -49.65
N ARG B 14 54.16 31.30 -48.41
CA ARG B 14 53.38 32.40 -47.85
C ARG B 14 53.53 33.66 -48.69
N GLU B 15 54.74 33.96 -49.15
CA GLU B 15 54.95 35.13 -49.99
C GLU B 15 54.21 35.01 -51.32
N LYS B 16 54.20 33.82 -51.91
CA LYS B 16 53.45 33.62 -53.15
C LYS B 16 51.96 33.85 -52.93
N ILE B 17 51.42 33.33 -51.81
CA ILE B 17 50.00 33.55 -51.52
C ILE B 17 49.73 35.04 -51.31
N LYS B 18 50.63 35.73 -50.60
CA LYS B 18 50.45 37.15 -50.35
C LYS B 18 50.44 37.94 -51.65
N GLU B 19 51.36 37.61 -52.57
CA GLU B 19 51.38 38.29 -53.87
C GLU B 19 50.11 38.01 -54.66
N ALA B 20 49.66 36.75 -54.67
CA ALA B 20 48.45 36.40 -55.38
C ALA B 20 47.24 37.16 -54.84
N LYS B 21 47.14 37.28 -53.52
CA LYS B 21 46.07 38.07 -52.93
C LYS B 21 46.23 39.56 -53.25
N LYS B 22 47.45 40.07 -53.26
CA LYS B 22 47.70 41.47 -53.56
C LYS B 22 47.38 41.81 -55.02
N LYS B 23 47.38 40.82 -55.90
CA LYS B 23 47.05 41.08 -57.30
C LYS B 23 45.59 41.50 -57.50
N GLU B 24 44.73 41.33 -56.49
CA GLU B 24 43.33 41.70 -56.60
C GLU B 24 43.13 43.16 -56.22
N LYS B 25 42.00 43.71 -56.66
CA LYS B 25 41.64 45.10 -56.39
C LYS B 25 40.39 45.25 -55.55
N ILE B 26 39.29 44.60 -55.95
CA ILE B 26 38.00 44.74 -55.30
C ILE B 26 37.62 43.40 -54.69
N VAL B 27 37.23 43.42 -53.42
CA VAL B 27 36.80 42.22 -52.70
C VAL B 27 35.48 42.50 -52.01
N ILE B 28 34.56 41.55 -52.08
CA ILE B 28 33.24 41.65 -51.46
C ILE B 28 33.05 40.47 -50.53
N ARG B 29 32.63 40.74 -49.29
CA ARG B 29 32.43 39.72 -48.28
C ARG B 29 30.95 39.57 -47.99
N ILE B 30 30.48 38.32 -47.98
CA ILE B 30 29.09 37.99 -47.67
C ILE B 30 29.08 37.00 -46.51
N CYS B 31 28.22 37.23 -45.53
CA CYS B 31 28.17 36.39 -44.35
C CYS B 31 27.60 35.02 -44.71
N GLY B 32 28.34 33.96 -44.38
CA GLY B 32 27.90 32.61 -44.63
C GLY B 32 27.41 31.90 -43.38
N GLY B 33 27.12 32.66 -42.33
CA GLY B 33 26.67 32.09 -41.09
C GLY B 33 25.25 31.56 -41.18
N THR B 34 24.90 30.72 -40.21
CA THR B 34 23.59 30.05 -40.23
C THR B 34 22.46 31.07 -40.11
N GLY B 35 22.62 32.07 -39.23
CA GLY B 35 21.57 33.06 -39.07
C GLY B 35 21.34 33.87 -40.34
N CYS B 36 22.42 34.24 -41.03
CA CYS B 36 22.29 34.97 -42.28
C CYS B 36 21.88 34.06 -43.44
N ARG B 37 22.32 32.79 -43.42
CA ARG B 37 21.90 31.86 -44.45
C ARG B 37 20.40 31.58 -44.35
N ALA B 38 19.84 31.65 -43.15
CA ALA B 38 18.39 31.50 -42.99
C ALA B 38 17.63 32.65 -43.63
N SER B 39 18.28 33.80 -43.83
CA SER B 39 17.65 34.94 -44.48
C SER B 39 17.82 34.94 -45.99
N GLY B 40 18.62 34.04 -46.55
CA GLY B 40 18.78 33.94 -47.98
C GLY B 40 20.02 34.61 -48.53
N SER B 41 21.16 34.42 -47.85
CA SER B 41 22.41 35.00 -48.35
C SER B 41 22.93 34.25 -49.57
N LEU B 42 22.65 32.95 -49.66
CA LEU B 42 23.07 32.18 -50.83
C LEU B 42 22.39 32.69 -52.09
N ALA B 43 21.09 32.99 -52.00
CA ALA B 43 20.39 33.57 -53.14
C ALA B 43 20.97 34.93 -53.52
N VAL B 44 21.33 35.73 -52.52
CA VAL B 44 21.95 37.03 -52.79
C VAL B 44 23.27 36.84 -53.55
N ARG B 45 24.08 35.89 -53.10
CA ARG B 45 25.35 35.62 -53.78
C ARG B 45 25.13 35.14 -55.20
N ASP B 46 24.15 34.25 -55.40
CA ASP B 46 23.86 33.75 -56.74
C ASP B 46 23.41 34.87 -57.67
N GLU B 47 22.52 35.73 -57.18
CA GLU B 47 22.06 36.87 -57.98
C GLU B 47 23.22 37.80 -58.30
N LEU B 48 24.08 38.07 -57.32
CA LEU B 48 25.19 39.00 -57.53
C LEU B 48 26.17 38.45 -58.56
N VAL B 49 26.49 37.16 -58.48
CA VAL B 49 27.42 36.58 -59.44
C VAL B 49 26.79 36.51 -60.82
N LYS B 50 25.47 36.26 -60.90
CA LYS B 50 24.80 36.27 -62.20
C LYS B 50 24.84 37.64 -62.84
N VAL B 51 24.57 38.69 -62.06
CA VAL B 51 24.61 40.05 -62.61
C VAL B 51 26.03 40.42 -63.02
N LEU B 52 27.03 40.03 -62.23
CA LEU B 52 28.41 40.31 -62.60
C LEU B 52 28.77 39.60 -63.91
N LYS B 53 28.34 38.35 -64.07
CA LYS B 53 28.60 37.63 -65.31
C LYS B 53 27.91 38.30 -66.49
N ARG B 54 26.68 38.77 -66.30
CA ARG B 54 25.98 39.45 -67.38
C ARG B 54 26.67 40.76 -67.76
N GLU B 55 27.18 41.50 -66.77
CA GLU B 55 27.76 42.81 -66.98
C GLU B 55 29.16 42.76 -67.61
N GLY B 56 29.60 41.60 -68.09
CA GLY B 56 30.88 41.49 -68.74
C GLY B 56 32.07 41.25 -67.82
N PHE B 57 31.84 41.11 -66.52
CA PHE B 57 32.92 40.82 -65.57
C PHE B 57 33.30 39.36 -65.71
N ALA B 58 34.31 39.07 -66.53
CA ALA B 58 34.68 37.68 -66.78
C ALA B 58 35.42 37.06 -65.61
N ASN B 59 36.24 37.83 -64.91
CA ASN B 59 37.06 37.32 -63.81
C ASN B 59 36.26 37.41 -62.52
N VAL B 60 35.32 36.49 -62.34
CA VAL B 60 34.51 36.39 -61.14
C VAL B 60 34.59 34.95 -60.64
N ASP B 61 35.01 34.78 -59.38
CA ASP B 61 35.13 33.48 -58.77
C ASP B 61 34.56 33.51 -57.35
N VAL B 62 34.23 32.34 -56.84
CA VAL B 62 33.60 32.20 -55.53
C VAL B 62 34.59 31.71 -54.47
N ASN B 63 35.35 30.67 -54.79
CA ASN B 63 36.26 30.04 -53.85
C ASN B 63 37.70 30.24 -54.29
N LEU B 64 38.56 30.65 -53.35
CA LEU B 64 39.98 30.81 -53.61
C LEU B 64 40.67 29.46 -53.39
N SER B 65 41.09 28.82 -54.48
CA SER B 65 41.69 27.49 -54.43
C SER B 65 43.12 27.55 -54.95
N SER B 66 43.73 26.37 -55.08
CA SER B 66 45.11 26.30 -55.55
C SER B 66 45.24 26.78 -56.99
N ASP B 67 44.26 26.45 -57.84
CA ASP B 67 44.30 26.90 -59.22
C ASP B 67 44.07 28.40 -59.36
N CYS B 68 43.52 29.05 -58.31
CA CYS B 68 43.26 30.47 -58.36
C CYS B 68 44.52 31.31 -58.18
N LEU B 69 45.62 30.70 -57.73
CA LEU B 69 46.85 31.47 -57.49
C LEU B 69 47.43 32.01 -58.79
N GLU B 70 47.20 31.34 -59.91
CA GLU B 70 47.71 31.77 -61.20
C GLU B 70 46.73 32.65 -61.97
N ASN B 71 45.57 32.96 -61.38
CA ASN B 71 44.53 33.73 -62.05
C ASN B 71 44.39 35.09 -61.36
N THR B 72 44.43 36.16 -62.15
CA THR B 72 44.23 37.52 -61.64
C THR B 72 42.78 37.92 -61.88
N SER B 73 42.06 38.18 -60.79
CA SER B 73 40.64 38.52 -60.85
C SER B 73 40.46 39.98 -60.43
N GLU B 74 39.81 40.76 -61.28
CA GLU B 74 39.53 42.16 -60.95
C GLU B 74 38.53 42.27 -59.81
N VAL B 75 37.52 41.40 -59.79
CA VAL B 75 36.48 41.40 -58.77
C VAL B 75 36.42 40.02 -58.14
N HIS B 76 36.44 39.95 -56.82
CA HIS B 76 36.40 38.70 -56.08
C HIS B 76 35.20 38.69 -55.16
N VAL B 77 34.52 37.55 -55.10
CA VAL B 77 33.36 37.35 -54.24
C VAL B 77 33.74 36.34 -53.17
N LYS B 78 33.58 36.73 -51.92
CA LYS B 78 33.96 35.90 -50.78
C LYS B 78 32.72 35.43 -50.03
N MET B 79 32.91 34.38 -49.22
CA MET B 79 31.88 33.87 -48.32
C MET B 79 32.56 33.57 -46.99
N THR B 80 32.42 34.47 -46.04
CA THR B 80 33.08 34.34 -44.74
C THR B 80 32.11 33.72 -43.74
N GLY B 81 32.51 33.67 -42.47
CA GLY B 81 31.69 33.16 -41.40
C GLY B 81 30.79 34.24 -40.81
N CYS B 82 30.26 33.94 -39.63
CA CYS B 82 29.41 34.91 -38.95
C CYS B 82 30.22 36.13 -38.53
N GLN B 83 29.75 37.31 -38.93
CA GLN B 83 30.48 38.55 -38.68
C GLN B 83 30.16 39.16 -37.32
N GLY B 84 29.19 38.60 -36.58
CA GLY B 84 28.94 39.04 -35.23
C GLY B 84 27.59 39.71 -35.03
N PHE B 85 27.18 40.55 -35.98
CA PHE B 85 25.94 41.31 -35.86
C PHE B 85 24.84 40.57 -36.61
N CYS B 86 24.16 39.68 -35.89
CA CYS B 86 23.12 38.83 -36.47
C CYS B 86 21.75 39.48 -36.49
N ALA B 87 21.61 40.69 -35.94
CA ALA B 87 20.29 41.30 -35.81
C ALA B 87 19.70 41.67 -37.15
N GLN B 88 20.49 42.18 -38.07
CA GLN B 88 20.01 42.71 -39.35
C GLN B 88 20.83 42.17 -40.51
N GLY B 89 21.05 40.86 -40.53
CA GLY B 89 21.70 40.22 -41.66
C GLY B 89 20.79 40.15 -42.86
N PRO B 90 21.38 39.83 -44.02
CA PRO B 90 22.80 39.55 -44.28
C PRO B 90 23.68 40.80 -44.27
N LEU B 91 24.96 40.61 -44.01
CA LEU B 91 25.93 41.70 -43.95
C LEU B 91 26.90 41.60 -45.12
N MET B 92 27.15 42.73 -45.77
CA MET B 92 28.06 42.80 -46.91
C MET B 92 29.04 43.94 -46.72
N THR B 93 30.30 43.69 -47.06
CA THR B 93 31.36 44.67 -46.94
C THR B 93 32.08 44.81 -48.28
N ILE B 94 32.30 46.05 -48.70
CA ILE B 94 32.94 46.36 -49.97
C ILE B 94 34.23 47.11 -49.70
N GLU B 95 35.31 46.68 -50.36
CA GLU B 95 36.63 47.29 -50.20
C GLU B 95 37.15 47.69 -51.57
N PRO B 96 37.98 48.75 -51.64
CA PRO B 96 38.47 49.56 -50.52
C PRO B 96 37.51 50.68 -50.12
N LEU B 97 36.23 50.55 -50.50
CA LEU B 97 35.24 51.53 -50.10
C LEU B 97 35.06 51.56 -48.58
N GLY B 98 35.07 50.40 -47.94
CA GLY B 98 34.93 50.34 -46.49
C GLY B 98 33.53 50.57 -45.99
N VAL B 99 32.54 50.43 -46.86
CA VAL B 99 31.14 50.61 -46.48
C VAL B 99 30.62 49.30 -45.90
N PHE B 100 29.68 49.42 -44.97
CA PHE B 100 29.06 48.26 -44.31
C PHE B 100 27.57 48.30 -44.62
N TYR B 101 27.08 47.26 -45.29
CA TYR B 101 25.71 47.20 -45.76
C TYR B 101 24.92 46.17 -44.96
N VAL B 102 23.69 46.51 -44.59
CA VAL B 102 22.84 45.63 -43.81
C VAL B 102 21.54 45.41 -44.57
N GLY B 103 20.93 44.25 -44.34
CA GLY B 103 19.65 43.94 -44.97
C GLY B 103 19.70 43.90 -46.48
N VAL B 104 20.76 43.30 -47.05
CA VAL B 104 20.92 43.29 -48.49
C VAL B 104 19.88 42.36 -49.11
N LYS B 105 19.14 42.87 -50.09
CA LYS B 105 18.11 42.15 -50.81
C LYS B 105 18.57 41.83 -52.23
N PRO B 106 18.21 40.65 -52.76
CA PRO B 106 18.62 40.33 -54.14
C PRO B 106 18.22 41.36 -55.17
N GLU B 107 17.03 41.96 -55.05
CA GLU B 107 16.63 42.97 -56.03
C GLU B 107 17.39 44.28 -55.83
N ASP B 108 18.02 44.47 -54.66
CA ASP B 108 18.92 45.60 -54.48
C ASP B 108 20.32 45.36 -55.04
N VAL B 109 20.62 44.13 -55.47
CA VAL B 109 21.98 43.80 -55.91
C VAL B 109 22.34 44.61 -57.16
N GLU B 110 21.38 44.77 -58.07
CA GLU B 110 21.64 45.51 -59.30
C GLU B 110 22.00 46.97 -58.99
N GLU B 111 21.25 47.59 -58.07
CA GLU B 111 21.56 48.96 -57.69
C GLU B 111 22.90 49.05 -56.97
N ILE B 112 23.22 48.05 -56.13
CA ILE B 112 24.51 48.04 -55.46
C ILE B 112 25.65 47.98 -56.46
N VAL B 113 25.52 47.12 -57.46
CA VAL B 113 26.54 47.02 -58.50
C VAL B 113 26.64 48.30 -59.31
N GLU B 114 25.48 48.91 -59.63
CA GLU B 114 25.50 50.13 -60.42
C GLU B 114 26.14 51.30 -59.66
N LYS B 115 25.88 51.42 -58.37
CA LYS B 115 26.32 52.57 -57.59
C LYS B 115 27.55 52.27 -56.73
N SER B 116 27.48 51.25 -55.87
CA SER B 116 28.57 51.00 -54.94
C SER B 116 29.81 50.42 -55.61
N ILE B 117 29.66 49.76 -56.75
CA ILE B 117 30.78 49.15 -57.46
C ILE B 117 31.30 50.04 -58.57
N LYS B 118 30.40 50.56 -59.40
CA LYS B 118 30.80 51.36 -60.56
C LYS B 118 30.97 52.84 -60.23
N LYS B 119 30.08 53.40 -59.41
CA LYS B 119 30.10 54.83 -59.11
C LYS B 119 30.76 55.16 -57.78
N ASN B 120 31.13 54.16 -56.98
CA ASN B 120 31.77 54.37 -55.68
C ASN B 120 30.92 55.26 -54.79
N GLU B 121 29.61 55.04 -54.81
CA GLU B 121 28.66 55.80 -54.02
C GLU B 121 28.10 54.95 -52.88
N ILE B 122 27.31 55.59 -52.02
CA ILE B 122 26.69 54.94 -50.87
C ILE B 122 25.21 55.26 -50.88
N ILE B 123 24.41 54.28 -50.48
CA ILE B 123 22.95 54.43 -50.40
C ILE B 123 22.58 54.49 -48.92
N GLU B 124 22.05 55.65 -48.50
CA GLU B 124 21.75 55.86 -47.09
C GLU B 124 20.60 54.96 -46.62
N ARG B 125 19.66 54.63 -47.50
CA ARG B 125 18.49 53.86 -47.08
C ARG B 125 18.85 52.43 -46.67
N LEU B 126 20.02 51.93 -47.06
CA LEU B 126 20.44 50.58 -46.73
C LEU B 126 21.49 50.55 -45.63
N LEU B 127 21.95 51.69 -45.14
CA LEU B 127 22.88 51.73 -44.03
C LEU B 127 22.13 51.59 -42.70
N TYR B 128 22.89 51.37 -41.63
CA TYR B 128 22.28 51.21 -40.32
C TYR B 128 21.85 52.56 -39.77
N HIS B 129 20.60 52.63 -39.31
CA HIS B 129 20.06 53.80 -38.63
C HIS B 129 19.55 53.37 -37.27
N ASP B 130 20.22 53.85 -36.22
CA ASP B 130 19.83 53.47 -34.87
C ASP B 130 18.57 54.23 -34.46
N PRO B 131 17.47 53.54 -34.16
CA PRO B 131 16.24 54.26 -33.76
C PRO B 131 16.39 55.05 -32.48
N ALA B 132 17.34 54.70 -31.61
CA ALA B 132 17.52 55.43 -30.35
C ALA B 132 17.99 56.85 -30.60
N THR B 133 18.91 57.03 -31.55
CA THR B 133 19.48 58.35 -31.83
C THR B 133 19.19 58.87 -33.23
N GLY B 134 19.07 57.99 -34.22
CA GLY B 134 18.86 58.40 -35.59
C GLY B 134 20.11 58.67 -36.39
N LYS B 135 21.28 58.54 -35.78
CA LYS B 135 22.54 58.75 -36.49
C LYS B 135 22.80 57.63 -37.48
N THR B 136 23.44 57.98 -38.59
CA THR B 136 23.77 57.03 -39.64
C THR B 136 25.26 56.70 -39.60
N TYR B 137 25.57 55.41 -39.58
CA TYR B 137 26.94 54.94 -39.51
C TYR B 137 27.32 54.22 -40.80
N VAL B 138 28.57 54.42 -41.23
CA VAL B 138 29.08 53.85 -42.47
C VAL B 138 30.05 52.70 -42.20
N LYS B 139 31.14 52.99 -41.50
CA LYS B 139 32.14 51.96 -41.24
C LYS B 139 31.64 50.97 -40.19
N ARG B 140 32.18 49.75 -40.26
CA ARG B 140 31.83 48.73 -39.29
C ARG B 140 32.37 49.05 -37.90
N ASP B 141 33.60 49.52 -37.83
CA ASP B 141 34.20 49.81 -36.53
C ASP B 141 33.55 51.00 -35.84
N GLU B 142 33.10 51.99 -36.62
CA GLU B 142 32.46 53.18 -36.04
C GLU B 142 31.10 52.85 -35.43
N ASN B 143 30.54 51.69 -35.72
CA ASN B 143 29.26 51.32 -35.14
C ASN B 143 29.39 51.16 -33.63
N PRO B 144 28.41 51.63 -32.85
CA PRO B 144 28.50 51.47 -31.39
C PRO B 144 28.55 50.01 -30.95
N PHE B 145 27.99 49.10 -31.74
CA PHE B 145 28.05 47.68 -31.40
C PHE B 145 29.48 47.18 -31.37
N TYR B 146 30.30 47.58 -32.35
CA TYR B 146 31.67 47.13 -32.47
C TYR B 146 32.67 48.03 -31.76
N ALA B 147 32.22 49.14 -31.17
CA ALA B 147 33.15 50.10 -30.58
C ALA B 147 33.82 49.54 -29.33
N LYS B 148 33.06 48.88 -28.47
CA LYS B 148 33.58 48.40 -27.19
C LYS B 148 34.18 47.00 -27.27
N GLN B 149 34.21 46.39 -28.45
CA GLN B 149 34.67 45.03 -28.61
C GLN B 149 36.15 44.99 -28.94
N THR B 150 36.91 44.17 -28.21
CA THR B 150 38.32 43.92 -28.49
C THR B 150 38.43 42.47 -28.96
N ARG B 151 38.29 42.27 -30.27
CA ARG B 151 38.23 40.93 -30.84
C ARG B 151 39.63 40.34 -30.93
N LEU B 152 39.85 39.25 -30.21
CA LEU B 152 41.12 38.52 -30.25
C LEU B 152 40.95 37.12 -30.82
N VAL B 153 40.02 36.34 -30.27
CA VAL B 153 39.77 35.00 -30.82
C VAL B 153 39.11 35.12 -32.20
N LEU B 154 38.23 36.11 -32.37
CA LEU B 154 37.52 36.33 -33.63
C LEU B 154 38.26 37.26 -34.56
N LYS B 155 39.59 37.33 -34.45
CA LYS B 155 40.37 38.20 -35.32
C LYS B 155 40.24 37.80 -36.78
N HIS B 156 40.30 36.49 -37.07
CA HIS B 156 40.23 36.01 -38.44
C HIS B 156 38.80 35.78 -38.92
N CYS B 157 37.83 35.65 -38.01
CA CYS B 157 36.46 35.45 -38.42
C CYS B 157 35.89 36.68 -39.10
N GLY B 158 35.13 36.47 -40.16
CA GLY B 158 34.54 37.55 -40.92
C GLY B 158 35.40 38.11 -42.03
N THR B 159 36.64 37.64 -42.18
CA THR B 159 37.52 38.12 -43.23
C THR B 159 38.29 37.01 -43.93
N VAL B 160 38.10 35.75 -43.55
CA VAL B 160 38.82 34.62 -44.13
C VAL B 160 37.82 33.57 -44.56
N ASP B 161 38.01 33.02 -45.76
CA ASP B 161 37.14 31.97 -46.26
C ASP B 161 37.35 30.70 -45.43
N PRO B 162 36.32 30.19 -44.76
CA PRO B 162 36.52 28.99 -43.92
C PRO B 162 36.88 27.74 -44.71
N ALA B 163 36.62 27.71 -46.01
CA ALA B 163 36.86 26.52 -46.83
C ALA B 163 38.18 26.58 -47.60
N SER B 164 39.00 27.60 -47.34
CA SER B 164 40.28 27.78 -48.04
C SER B 164 41.41 27.76 -47.03
N VAL B 165 42.44 26.98 -47.31
CA VAL B 165 43.63 26.95 -46.45
C VAL B 165 44.64 28.02 -46.85
N TYR B 166 44.73 28.35 -48.14
CA TYR B 166 45.66 29.38 -48.58
C TYR B 166 45.28 30.74 -48.03
N ASP B 167 43.97 31.02 -47.92
CA ASP B 167 43.53 32.28 -47.32
C ASP B 167 43.97 32.37 -45.87
N TYR B 168 43.87 31.26 -45.13
CA TYR B 168 44.36 31.25 -43.75
C TYR B 168 45.87 31.42 -43.71
N ILE B 169 46.58 30.83 -44.68
CA ILE B 169 48.04 30.97 -44.73
C ILE B 169 48.42 32.44 -44.94
N ALA B 170 47.70 33.13 -45.83
CA ALA B 170 48.03 34.52 -46.14
C ALA B 170 47.87 35.44 -44.94
N GLU B 171 47.09 35.03 -43.94
CA GLU B 171 46.89 35.86 -42.75
C GLU B 171 47.94 35.63 -41.67
N GLY B 172 48.93 34.78 -41.92
CA GLY B 172 49.95 34.49 -40.95
C GLY B 172 49.75 33.22 -40.14
N GLY B 173 48.78 32.39 -40.51
CA GLY B 173 48.54 31.16 -39.79
C GLY B 173 49.63 30.13 -40.02
N TYR B 174 49.56 29.06 -39.21
CA TYR B 174 50.51 27.95 -39.26
C TYR B 174 51.95 28.39 -39.00
N SER B 175 52.14 29.51 -38.31
CA SER B 175 53.47 29.95 -37.91
C SER B 175 53.79 29.58 -36.47
N ALA B 176 52.78 29.53 -35.61
CA ALA B 176 53.00 29.15 -34.22
C ALA B 176 53.53 27.73 -34.12
N ILE B 177 52.97 26.80 -34.91
CA ILE B 177 53.45 25.43 -34.89
C ILE B 177 54.89 25.36 -35.42
N ALA B 178 55.21 26.14 -36.45
CA ALA B 178 56.57 26.16 -36.98
C ALA B 178 57.55 26.66 -35.94
N LYS B 179 57.19 27.71 -35.20
CA LYS B 179 58.06 28.22 -34.15
C LYS B 179 58.19 27.21 -33.01
N ALA B 180 57.09 26.55 -32.64
CA ALA B 180 57.11 25.63 -31.52
C ALA B 180 57.86 24.35 -31.85
N LEU B 181 57.95 23.97 -33.13
CA LEU B 181 58.67 22.77 -33.50
C LEU B 181 60.16 22.88 -33.22
N THR B 182 60.69 24.09 -33.05
CA THR B 182 62.09 24.29 -32.73
C THR B 182 62.35 24.41 -31.23
N MET B 183 61.31 24.39 -30.41
CA MET B 183 61.43 24.53 -28.97
C MET B 183 61.09 23.22 -28.27
N ASP B 184 61.45 23.15 -26.99
CA ASP B 184 61.19 21.98 -26.17
C ASP B 184 59.75 22.00 -25.65
N ARG B 185 59.28 20.82 -25.25
CA ARG B 185 57.93 20.72 -24.69
C ARG B 185 57.80 21.50 -23.40
N LYS B 186 58.82 21.44 -22.53
CA LYS B 186 58.74 22.11 -21.24
C LYS B 186 58.64 23.62 -21.40
N GLN B 187 59.35 24.18 -22.38
CA GLN B 187 59.25 25.62 -22.63
C GLN B 187 57.83 26.02 -23.00
N ILE B 188 57.19 25.25 -23.89
CA ILE B 188 55.82 25.55 -24.28
C ILE B 188 54.88 25.42 -23.09
N ILE B 189 55.04 24.36 -22.30
CA ILE B 189 54.16 24.14 -21.16
C ILE B 189 54.32 25.26 -20.14
N ASP B 190 55.55 25.67 -19.85
CA ASP B 190 55.78 26.75 -18.91
C ASP B 190 55.27 28.08 -19.44
N GLU B 191 55.37 28.31 -20.76
CA GLU B 191 54.80 29.52 -21.34
C GLU B 191 53.28 29.53 -21.17
N VAL B 192 52.63 28.38 -21.40
CA VAL B 192 51.19 28.29 -21.22
C VAL B 192 50.82 28.55 -19.76
N ILE B 193 51.58 27.98 -18.82
CA ILE B 193 51.29 28.18 -17.40
C ILE B 193 51.45 29.65 -17.03
N LYS B 194 52.55 30.27 -17.45
CA LYS B 194 52.80 31.67 -17.10
C LYS B 194 51.81 32.59 -17.79
N SER B 195 51.20 32.14 -18.89
CA SER B 195 50.16 32.94 -19.54
C SER B 195 48.93 33.10 -18.67
N GLY B 196 48.76 32.25 -17.65
CA GLY B 196 47.60 32.36 -16.78
C GLY B 196 46.30 31.91 -17.40
N LEU B 197 46.34 31.06 -18.42
CA LEU B 197 45.12 30.61 -19.08
C LEU B 197 44.29 29.73 -18.14
N ARG B 198 42.97 29.91 -18.20
CA ARG B 198 42.04 29.10 -17.43
C ARG B 198 41.00 28.51 -18.38
N GLY B 199 40.43 27.38 -17.98
CA GLY B 199 39.46 26.71 -18.83
C GLY B 199 38.24 27.58 -19.09
N ARG B 200 37.79 27.57 -20.34
CA ARG B 200 36.62 28.34 -20.77
C ARG B 200 35.34 27.53 -20.75
N GLY B 201 35.39 26.27 -20.30
CA GLY B 201 34.22 25.43 -20.28
C GLY B 201 33.30 25.60 -19.09
N GLY B 202 33.65 26.49 -18.17
CA GLY B 202 32.80 26.75 -17.01
C GLY B 202 33.45 26.37 -15.70
N ALA B 203 34.18 25.25 -15.69
CA ALA B 203 34.81 24.78 -14.47
C ALA B 203 35.90 25.74 -13.99
N GLY B 204 36.67 26.29 -14.93
CA GLY B 204 37.74 27.20 -14.57
C GLY B 204 39.02 26.54 -14.12
N PHE B 205 39.15 25.23 -14.25
CA PHE B 205 40.36 24.55 -13.84
C PHE B 205 41.53 24.97 -14.73
N PRO B 206 42.71 25.24 -14.14
CA PRO B 206 43.84 25.69 -14.96
C PRO B 206 44.25 24.64 -15.98
N THR B 207 44.60 25.12 -17.18
CA THR B 207 45.03 24.24 -18.25
C THR B 207 46.46 23.75 -18.04
N GLY B 208 47.33 24.63 -17.53
CA GLY B 208 48.73 24.27 -17.36
C GLY B 208 48.93 23.13 -16.38
N GLU B 209 48.12 23.09 -15.32
CA GLU B 209 48.24 21.99 -14.35
C GLU B 209 47.89 20.66 -15.01
N LYS B 210 46.82 20.62 -15.80
CA LYS B 210 46.46 19.38 -16.48
C LYS B 210 47.52 18.97 -17.50
N TRP B 211 48.07 19.96 -18.23
CA TRP B 211 49.11 19.65 -19.19
C TRP B 211 50.36 19.10 -18.51
N LEU B 212 50.75 19.68 -17.37
CA LEU B 212 51.87 19.15 -16.61
C LEU B 212 51.59 17.73 -16.12
N GLY B 213 50.37 17.50 -15.62
CA GLY B 213 50.02 16.16 -15.15
C GLY B 213 50.07 15.13 -16.26
N ALA B 214 49.65 15.51 -17.46
CA ALA B 214 49.75 14.61 -18.60
C ALA B 214 51.21 14.41 -19.02
N TYR B 215 52.02 15.47 -18.92
CA TYR B 215 53.43 15.37 -19.30
C TYR B 215 54.19 14.42 -18.36
N LYS B 216 53.91 14.48 -17.06
CA LYS B 216 54.64 13.67 -16.09
C LYS B 216 54.31 12.19 -16.17
N ASN B 217 53.28 11.81 -16.92
CA ASN B 217 52.91 10.40 -17.04
C ASN B 217 53.75 9.73 -18.13
N GLN B 218 54.35 8.60 -17.78
CA GLN B 218 55.17 7.83 -18.72
C GLN B 218 54.34 6.64 -19.19
N SER B 219 53.57 6.86 -20.25
CA SER B 219 52.74 5.82 -20.84
C SER B 219 52.97 5.77 -22.34
N PRO B 220 52.88 4.59 -22.95
CA PRO B 220 53.09 4.50 -24.41
C PRO B 220 52.12 5.34 -25.22
N LYS B 221 50.86 5.44 -24.80
CA LYS B 221 49.84 6.12 -25.57
C LYS B 221 49.14 7.19 -24.74
N LYS B 222 48.86 8.32 -25.38
CA LYS B 222 48.09 9.40 -24.78
C LYS B 222 47.11 9.93 -25.81
N TYR B 223 46.04 10.56 -25.34
CA TYR B 223 44.98 11.06 -26.20
C TYR B 223 44.65 12.51 -25.85
N ILE B 224 44.11 13.22 -26.83
CA ILE B 224 43.56 14.55 -26.65
C ILE B 224 42.18 14.59 -27.27
N ILE B 225 41.24 15.26 -26.60
CA ILE B 225 39.87 15.36 -27.05
C ILE B 225 39.46 16.83 -27.06
N CYS B 226 38.86 17.27 -28.16
CA CYS B 226 38.32 18.62 -28.28
C CYS B 226 36.79 18.54 -28.18
N ASN B 227 36.23 19.31 -27.24
CA ASN B 227 34.81 19.25 -26.92
C ASN B 227 34.07 20.40 -27.59
N GLY B 228 33.12 20.07 -28.46
CA GLY B 228 32.30 21.06 -29.12
C GLY B 228 30.83 20.72 -29.09
N ASP B 229 30.38 20.11 -27.99
CA ASP B 229 29.00 19.65 -27.91
C ASP B 229 28.02 20.81 -27.94
N GLU B 230 28.22 21.82 -27.08
CA GLU B 230 27.31 22.95 -26.94
C GLU B 230 25.88 22.48 -26.68
N GLY B 231 25.70 21.78 -25.57
CA GLY B 231 24.37 21.33 -25.20
C GLY B 231 23.47 22.40 -24.61
N ASP B 232 24.02 23.56 -24.27
CA ASP B 232 23.22 24.63 -23.69
C ASP B 232 22.42 25.34 -24.78
N PRO B 233 21.10 25.37 -24.69
CA PRO B 233 20.32 26.14 -25.67
C PRO B 233 20.55 27.63 -25.51
N GLY B 234 20.53 28.34 -26.63
CA GLY B 234 20.76 29.76 -26.63
C GLY B 234 22.22 30.17 -26.70
N ALA B 235 23.15 29.21 -26.74
CA ALA B 235 24.57 29.49 -26.85
C ALA B 235 25.07 28.95 -28.18
N PHE B 236 25.66 29.82 -29.00
CA PHE B 236 26.14 29.47 -30.33
C PHE B 236 27.53 30.06 -30.56
N MET B 237 28.41 29.89 -29.57
CA MET B 237 29.74 30.46 -29.66
C MET B 237 30.71 29.54 -30.40
N ASP B 238 30.89 28.31 -29.89
CA ASP B 238 31.79 27.38 -30.54
C ASP B 238 31.26 26.97 -31.91
N ARG B 239 29.94 27.01 -32.10
CA ARG B 239 29.36 26.78 -33.42
C ARG B 239 29.91 27.77 -34.43
N SER B 240 29.86 29.07 -34.09
CA SER B 240 30.39 30.09 -34.99
C SER B 240 31.90 30.01 -35.11
N VAL B 241 32.60 29.62 -34.03
CA VAL B 241 34.04 29.47 -34.11
C VAL B 241 34.43 28.39 -35.10
N MET B 242 33.74 27.24 -35.05
CA MET B 242 34.03 26.17 -35.99
C MET B 242 33.60 26.53 -37.41
N GLU B 243 32.48 27.23 -37.56
CA GLU B 243 32.05 27.64 -38.88
C GLU B 243 32.90 28.77 -39.46
N GLY B 244 33.70 29.43 -38.62
CA GLY B 244 34.53 30.52 -39.09
C GLY B 244 35.94 30.13 -39.44
N ASP B 245 36.63 29.41 -38.54
CA ASP B 245 38.03 29.07 -38.75
C ASP B 245 38.46 27.79 -38.03
N PRO B 246 38.19 26.62 -38.60
CA PRO B 246 38.66 25.37 -37.98
C PRO B 246 40.16 25.21 -37.99
N HIS B 247 40.88 25.94 -38.85
CA HIS B 247 42.33 25.81 -38.88
C HIS B 247 42.95 26.29 -37.58
N LYS B 248 42.34 27.27 -36.91
CA LYS B 248 42.86 27.74 -35.63
C LYS B 248 42.82 26.63 -34.58
N VAL B 249 41.68 25.93 -34.47
CA VAL B 249 41.59 24.87 -33.48
C VAL B 249 42.45 23.68 -33.90
N ILE B 250 42.61 23.44 -35.20
CA ILE B 250 43.51 22.38 -35.65
C ILE B 250 44.94 22.69 -35.23
N GLU B 251 45.37 23.94 -35.41
CA GLU B 251 46.71 24.34 -34.99
C GLU B 251 46.88 24.23 -33.49
N GLY B 252 45.87 24.65 -32.73
CA GLY B 252 45.94 24.51 -31.28
C GLY B 252 46.04 23.06 -30.84
N MET B 253 45.28 22.18 -31.50
CA MET B 253 45.34 20.76 -31.18
C MET B 253 46.72 20.19 -31.49
N MET B 254 47.30 20.56 -32.63
CA MET B 254 48.64 20.08 -32.96
C MET B 254 49.67 20.59 -31.96
N ILE B 255 49.55 21.85 -31.54
CA ILE B 255 50.48 22.40 -30.56
C ILE B 255 50.36 21.64 -29.24
N GLY B 256 49.13 21.38 -28.79
CA GLY B 256 48.95 20.63 -27.57
C GLY B 256 49.48 19.20 -27.66
N ALA B 257 49.25 18.55 -28.79
CA ALA B 257 49.75 17.19 -28.99
C ALA B 257 51.27 17.15 -28.96
N TYR B 258 51.92 18.14 -29.59
CA TYR B 258 53.37 18.22 -29.52
C TYR B 258 53.84 18.50 -28.09
N ALA B 259 53.10 19.34 -27.36
CA ALA B 259 53.49 19.69 -26.00
C ALA B 259 53.44 18.49 -25.07
N ILE B 260 52.39 17.68 -25.16
CA ILE B 260 52.28 16.54 -24.25
C ILE B 260 52.80 15.24 -24.85
N GLY B 261 52.86 15.13 -26.17
CA GLY B 261 53.40 13.94 -26.80
C GLY B 261 52.37 12.87 -27.12
N SER B 262 51.31 13.24 -27.83
CA SER B 262 50.28 12.31 -28.26
C SER B 262 50.16 12.34 -29.77
N ASP B 263 50.00 11.16 -30.37
CA ASP B 263 49.94 11.03 -31.82
C ASP B 263 48.52 10.85 -32.34
N GLU B 264 47.52 10.92 -31.45
CA GLU B 264 46.12 10.75 -31.86
C GLU B 264 45.27 11.80 -31.17
N GLY B 265 44.16 12.16 -31.82
CA GLY B 265 43.26 13.16 -31.28
C GLY B 265 41.89 13.04 -31.91
N TYR B 266 40.89 13.49 -31.17
CA TYR B 266 39.49 13.42 -31.60
C TYR B 266 38.84 14.79 -31.49
N ILE B 267 37.85 15.02 -32.35
CA ILE B 267 37.02 16.22 -32.30
C ILE B 267 35.59 15.77 -32.17
N TYR B 268 34.96 16.08 -31.03
CA TYR B 268 33.59 15.68 -30.76
C TYR B 268 32.67 16.84 -31.10
N VAL B 269 31.94 16.71 -32.22
CA VAL B 269 31.00 17.72 -32.67
C VAL B 269 29.66 17.05 -32.92
N ARG B 270 28.58 17.69 -32.49
CA ARG B 270 27.25 17.13 -32.65
C ARG B 270 26.89 17.04 -34.13
N ALA B 271 26.24 15.93 -34.50
CA ALA B 271 25.84 15.73 -35.89
C ALA B 271 24.67 16.62 -36.31
N GLU B 272 24.03 17.29 -35.36
CA GLU B 272 22.96 18.23 -35.67
C GLU B 272 23.48 19.48 -36.38
N TYR B 273 24.80 19.68 -36.41
CA TYR B 273 25.42 20.86 -37.00
C TYR B 273 26.03 20.49 -38.34
N PRO B 274 25.30 20.59 -39.45
CA PRO B 274 25.86 20.12 -40.73
C PRO B 274 27.01 20.97 -41.25
N LEU B 275 26.87 22.30 -41.20
CA LEU B 275 27.91 23.16 -41.73
C LEU B 275 29.21 22.99 -40.97
N ALA B 276 29.13 22.88 -39.64
CA ALA B 276 30.34 22.75 -38.84
C ALA B 276 31.10 21.47 -39.16
N VAL B 277 30.39 20.34 -39.24
CA VAL B 277 31.06 19.07 -39.50
C VAL B 277 31.59 19.03 -40.94
N GLN B 278 30.83 19.59 -41.89
CA GLN B 278 31.32 19.64 -43.27
C GLN B 278 32.60 20.47 -43.35
N MET B 279 32.62 21.65 -42.72
CA MET B 279 33.81 22.48 -42.75
C MET B 279 34.98 21.82 -42.05
N LEU B 280 34.73 21.15 -40.93
CA LEU B 280 35.81 20.48 -40.21
C LEU B 280 36.41 19.35 -41.04
N ARG B 281 35.56 18.54 -41.68
CA ARG B 281 36.08 17.45 -42.51
C ARG B 281 36.84 17.99 -43.71
N LYS B 282 36.32 19.06 -44.34
CA LYS B 282 37.02 19.65 -45.47
C LYS B 282 38.37 20.21 -45.05
N ALA B 283 38.43 20.89 -43.91
CA ALA B 283 39.70 21.44 -43.43
C ALA B 283 40.69 20.33 -43.11
N ILE B 284 40.22 19.25 -42.49
CA ILE B 284 41.11 18.15 -42.16
C ILE B 284 41.67 17.49 -43.41
N GLU B 285 40.82 17.27 -44.42
CA GLU B 285 41.30 16.65 -45.64
C GLU B 285 42.24 17.57 -46.40
N GLU B 286 41.98 18.88 -46.40
CA GLU B 286 42.90 19.83 -47.01
C GLU B 286 44.25 19.83 -46.30
N CYS B 287 44.24 19.80 -44.97
CA CYS B 287 45.49 19.77 -44.22
C CYS B 287 46.27 18.50 -44.48
N GLU B 288 45.57 17.36 -44.56
CA GLU B 288 46.24 16.11 -44.87
C GLU B 288 46.82 16.13 -46.29
N LYS B 289 46.10 16.71 -47.23
CA LYS B 289 46.61 16.84 -48.60
C LYS B 289 47.85 17.72 -48.64
N LEU B 290 47.85 18.83 -47.90
CA LEU B 290 48.98 19.73 -47.88
C LEU B 290 50.23 19.10 -47.26
N GLY B 291 50.07 18.10 -46.40
CA GLY B 291 51.18 17.42 -45.79
C GLY B 291 51.51 17.83 -44.37
N LEU B 292 50.70 18.70 -43.75
CA LEU B 292 50.93 19.11 -42.38
C LEU B 292 50.44 18.10 -41.36
N LEU B 293 49.68 17.09 -41.78
CA LEU B 293 49.17 16.06 -40.90
C LEU B 293 49.61 14.69 -41.40
N GLY B 294 50.02 13.83 -40.47
CA GLY B 294 50.47 12.50 -40.83
C GLY B 294 51.72 12.08 -40.07
N ASP B 295 52.70 11.56 -40.79
CA ASP B 295 53.95 11.11 -40.21
C ASP B 295 55.09 12.00 -40.68
N ASN B 296 56.02 12.29 -39.76
CA ASN B 296 57.20 13.12 -40.03
C ASN B 296 56.79 14.49 -40.58
N ILE B 297 56.12 15.26 -39.72
CA ILE B 297 55.61 16.58 -40.09
C ILE B 297 56.80 17.51 -40.26
N LEU B 298 57.01 17.99 -41.50
CA LEU B 298 58.07 18.96 -41.82
C LEU B 298 59.46 18.43 -41.46
N GLY B 299 59.65 17.12 -41.57
CA GLY B 299 60.95 16.52 -41.32
C GLY B 299 61.37 16.47 -39.87
N THR B 300 60.46 16.76 -38.94
CA THR B 300 60.78 16.74 -37.52
C THR B 300 60.66 15.36 -36.89
N GLY B 301 59.69 14.56 -37.35
CA GLY B 301 59.40 13.28 -36.74
C GLY B 301 58.16 13.26 -35.88
N PHE B 302 57.47 14.39 -35.73
CA PHE B 302 56.23 14.43 -34.98
C PHE B 302 55.10 13.83 -35.80
N SER B 303 54.33 12.94 -35.17
CA SER B 303 53.21 12.28 -35.83
C SER B 303 51.91 12.66 -35.12
N PHE B 304 50.87 12.92 -35.91
CA PHE B 304 49.59 13.33 -35.37
C PHE B 304 48.47 12.90 -36.31
N ARG B 305 47.34 12.50 -35.72
CA ARG B 305 46.15 12.13 -36.47
C ARG B 305 44.94 12.85 -35.87
N LEU B 306 43.97 13.17 -36.74
CA LEU B 306 42.75 13.85 -36.32
C LEU B 306 41.55 13.06 -36.80
N HIS B 307 40.60 12.84 -35.88
CA HIS B 307 39.37 12.12 -36.17
C HIS B 307 38.18 12.95 -35.74
N VAL B 308 37.07 12.79 -36.46
CA VAL B 308 35.83 13.51 -36.18
C VAL B 308 34.78 12.51 -35.72
N ARG B 309 34.17 12.78 -34.57
CA ARG B 309 33.10 11.95 -34.03
C ARG B 309 31.84 12.79 -33.94
N GLU B 310 30.75 12.29 -34.53
CA GLU B 310 29.50 13.03 -34.58
C GLU B 310 28.61 12.63 -33.41
N GLY B 311 28.16 13.63 -32.64
CA GLY B 311 27.30 13.37 -31.51
C GLY B 311 25.89 13.02 -31.94
N ALA B 312 25.11 12.51 -30.99
CA ALA B 312 23.78 12.00 -31.30
C ALA B 312 22.79 12.36 -30.19
N GLY B 313 22.82 13.60 -29.70
CA GLY B 313 21.78 13.98 -28.76
C GLY B 313 22.20 14.47 -27.39
N ALA B 314 21.97 13.61 -26.39
CA ALA B 314 21.82 13.96 -24.97
C ALA B 314 22.73 15.10 -24.51
N PHE B 315 22.12 16.05 -23.80
CA PHE B 315 22.85 17.14 -23.16
C PHE B 315 23.89 16.62 -22.17
N VAL B 316 23.64 15.47 -21.55
CA VAL B 316 24.55 14.92 -20.56
C VAL B 316 25.82 14.37 -21.17
N CYS B 317 25.87 14.22 -22.50
CA CYS B 317 27.05 13.67 -23.15
C CYS B 317 28.24 14.62 -23.16
N GLY B 318 28.04 15.88 -22.76
CA GLY B 318 29.16 16.81 -22.64
C GLY B 318 30.07 16.54 -21.47
N GLU B 319 29.56 15.87 -20.44
CA GLU B 319 30.38 15.54 -19.28
C GLU B 319 31.49 14.58 -19.70
N SER B 320 32.66 14.72 -19.06
CA SER B 320 33.88 14.09 -19.56
C SER B 320 33.76 12.58 -19.65
N THR B 321 33.35 11.94 -18.56
CA THR B 321 33.25 10.47 -18.58
C THR B 321 32.14 10.00 -19.50
N ALA B 322 31.00 10.70 -19.49
CA ALA B 322 29.93 10.37 -20.44
C ALA B 322 30.40 10.58 -21.87
N LEU B 323 31.22 11.61 -22.11
CA LEU B 323 31.78 11.82 -23.44
C LEU B 323 32.70 10.68 -23.84
N THR B 324 33.52 10.18 -22.91
CA THR B 324 34.41 9.07 -23.23
C THR B 324 33.63 7.81 -23.56
N TYR B 325 32.58 7.52 -22.78
CA TYR B 325 31.73 6.38 -23.11
C TYR B 325 31.02 6.57 -24.45
N SER B 326 30.54 7.78 -24.74
CA SER B 326 29.89 8.03 -26.02
C SER B 326 30.86 7.82 -27.17
N ILE B 327 32.11 8.24 -27.01
CA ILE B 327 33.12 7.99 -28.04
C ILE B 327 33.35 6.49 -28.19
N GLU B 328 33.43 5.77 -27.08
CA GLU B 328 33.67 4.33 -27.15
C GLU B 328 32.49 3.59 -27.79
N GLY B 329 31.27 4.03 -27.51
CA GLY B 329 30.11 3.41 -28.11
C GLY B 329 29.12 2.80 -27.14
N LYS B 330 29.04 3.35 -25.93
CA LYS B 330 28.13 2.87 -24.90
C LYS B 330 27.18 3.99 -24.49
N ARG B 331 26.34 3.69 -23.49
CA ARG B 331 25.44 4.70 -22.95
C ARG B 331 26.23 5.75 -22.17
N GLY B 332 25.86 7.01 -22.35
CA GLY B 332 26.57 8.09 -21.69
C GLY B 332 26.24 8.24 -20.22
N MET B 333 26.50 7.19 -19.43
CA MET B 333 26.33 7.28 -17.99
C MET B 333 27.65 7.60 -17.31
N PRO B 334 27.71 8.69 -16.53
CA PRO B 334 28.96 9.03 -15.86
C PRO B 334 29.40 7.93 -14.89
N ARG B 335 30.71 7.72 -14.82
CA ARG B 335 31.27 6.76 -13.90
C ARG B 335 31.76 7.45 -12.64
N VAL B 336 32.16 6.65 -11.66
CA VAL B 336 32.52 7.15 -10.34
C VAL B 336 34.01 7.45 -10.32
N ARG B 337 34.37 8.62 -9.77
CA ARG B 337 35.74 9.07 -9.61
C ARG B 337 36.11 9.07 -8.13
N PRO B 338 37.38 8.81 -7.78
CA PRO B 338 38.55 8.51 -8.61
C PRO B 338 38.49 7.11 -9.23
N PRO B 339 39.31 6.83 -10.25
CA PRO B 339 40.35 7.67 -10.87
C PRO B 339 39.82 8.72 -11.84
N ARG B 340 40.59 9.79 -12.03
CA ARG B 340 40.23 10.84 -12.97
C ARG B 340 40.55 10.40 -14.39
N THR B 341 39.99 11.14 -15.36
CA THR B 341 40.24 10.85 -16.76
C THR B 341 41.65 11.22 -17.21
N ASN B 342 42.42 11.90 -16.37
CA ASN B 342 43.77 12.33 -16.72
C ASN B 342 44.82 11.26 -16.46
N GLU B 343 44.42 10.11 -15.92
CA GLU B 343 45.32 8.97 -15.75
C GLU B 343 44.72 7.67 -16.26
N CYS B 344 43.39 7.55 -16.26
CA CYS B 344 42.72 6.39 -16.85
C CYS B 344 41.45 6.92 -17.53
N GLY B 345 41.57 7.22 -18.82
CA GLY B 345 40.45 7.81 -19.54
C GLY B 345 39.92 6.96 -20.68
N LEU B 346 40.17 7.39 -21.91
CA LEU B 346 39.67 6.67 -23.08
C LEU B 346 40.43 5.37 -23.25
N TRP B 347 39.71 4.25 -23.20
CA TRP B 347 40.30 2.92 -23.30
C TRP B 347 41.39 2.71 -22.25
N GLU B 348 41.15 3.24 -21.05
CA GLU B 348 42.08 3.11 -19.92
C GLU B 348 43.46 3.67 -20.26
N MET B 349 43.49 4.83 -20.90
CA MET B 349 44.70 5.56 -21.20
C MET B 349 44.53 7.02 -20.80
N PRO B 350 45.62 7.70 -20.43
CA PRO B 350 45.51 9.11 -20.04
C PRO B 350 44.98 9.96 -21.19
N THR B 351 44.14 10.94 -20.86
CA THR B 351 43.52 11.81 -21.85
C THR B 351 43.54 13.24 -21.34
N VAL B 352 43.47 14.17 -22.30
CA VAL B 352 43.37 15.61 -22.01
C VAL B 352 42.16 16.14 -22.77
N LEU B 353 41.17 16.64 -22.04
CA LEU B 353 39.93 17.13 -22.62
C LEU B 353 39.82 18.62 -22.38
N ASN B 354 39.67 19.39 -23.46
CA ASN B 354 39.59 20.84 -23.38
C ASN B 354 38.51 21.34 -24.32
N ASN B 355 38.12 22.59 -24.12
CA ASN B 355 37.08 23.21 -24.93
C ASN B 355 37.68 23.73 -26.25
N VAL B 356 36.78 24.12 -27.16
CA VAL B 356 37.22 24.67 -28.45
C VAL B 356 37.88 26.02 -28.25
N GLU B 357 37.27 26.88 -27.42
CA GLU B 357 37.83 28.22 -27.19
C GLU B 357 39.19 28.14 -26.52
N THR B 358 39.38 27.18 -25.61
CA THR B 358 40.67 27.02 -24.95
C THR B 358 41.76 26.63 -25.95
N PHE B 359 41.45 25.72 -26.87
CA PHE B 359 42.41 25.34 -27.89
C PHE B 359 42.60 26.42 -28.94
N ALA B 360 41.66 27.36 -29.06
CA ALA B 360 41.80 28.43 -30.04
C ALA B 360 42.81 29.48 -29.60
N CYS B 361 43.03 29.63 -28.30
CA CYS B 361 43.90 30.69 -27.79
C CYS B 361 45.36 30.30 -27.68
N ILE B 362 45.69 29.02 -27.88
CA ILE B 362 47.07 28.58 -27.73
C ILE B 362 48.01 29.21 -28.75
N PRO B 363 47.69 29.24 -30.06
CA PRO B 363 48.64 29.86 -31.01
C PRO B 363 48.92 31.32 -30.74
N GLU B 364 47.93 32.08 -30.26
CA GLU B 364 48.19 33.48 -29.92
C GLU B 364 49.19 33.60 -28.78
N ILE B 365 49.04 32.75 -27.75
CA ILE B 365 49.99 32.75 -26.64
C ILE B 365 51.38 32.38 -27.13
N ILE B 366 51.47 31.37 -28.00
CA ILE B 366 52.77 30.95 -28.52
C ILE B 366 53.42 32.07 -29.31
N LEU B 367 52.65 32.75 -30.17
CA LEU B 367 53.22 33.76 -31.05
C LEU B 367 53.63 35.01 -30.28
N ASN B 368 52.74 35.51 -29.40
CA ASN B 368 52.95 36.80 -28.76
C ASN B 368 53.53 36.70 -27.36
N GLY B 369 53.42 35.56 -26.69
CA GLY B 369 53.93 35.43 -25.35
C GLY B 369 52.83 35.53 -24.31
N GLY B 370 53.01 34.82 -23.20
CA GLY B 370 51.98 34.80 -22.18
C GLY B 370 51.97 36.06 -21.32
N GLU B 371 53.12 36.75 -21.23
CA GLU B 371 53.18 37.99 -20.46
C GLU B 371 52.32 39.08 -21.08
N TRP B 372 52.30 39.16 -22.42
CA TRP B 372 51.38 40.08 -23.08
C TRP B 372 49.93 39.70 -22.81
N PHE B 373 49.64 38.41 -22.81
CA PHE B 373 48.27 37.95 -22.56
C PHE B 373 47.81 38.29 -21.15
N ALA B 374 48.70 38.15 -20.16
CA ALA B 374 48.34 38.32 -18.77
C ALA B 374 48.07 39.78 -18.39
N SER B 375 48.36 40.72 -19.28
CA SER B 375 48.14 42.14 -18.98
C SER B 375 46.68 42.56 -19.15
N ILE B 376 45.82 41.67 -19.63
CA ILE B 376 44.41 41.98 -19.88
C ILE B 376 43.57 41.30 -18.81
N GLY B 377 42.62 42.04 -18.25
CA GLY B 377 41.72 41.48 -17.27
C GLY B 377 42.28 41.46 -15.87
N THR B 378 41.55 40.78 -14.99
CA THR B 378 41.95 40.67 -13.60
C THR B 378 43.21 39.81 -13.47
N PRO B 379 44.05 40.10 -12.47
CA PRO B 379 45.25 39.27 -12.28
C PRO B 379 44.96 37.80 -12.02
N THR B 380 43.86 37.49 -11.33
CA THR B 380 43.53 36.10 -11.04
C THR B 380 42.81 35.41 -12.19
N SER B 381 42.40 36.14 -13.22
CA SER B 381 41.73 35.55 -14.38
C SER B 381 42.01 36.46 -15.58
N THR B 382 42.96 36.06 -16.42
CA THR B 382 43.39 36.86 -17.56
C THR B 382 42.65 36.42 -18.82
N GLY B 383 42.96 37.09 -19.92
CA GLY B 383 42.36 36.77 -21.20
C GLY B 383 41.04 37.49 -21.42
N THR B 384 40.27 36.95 -22.35
CA THR B 384 38.95 37.50 -22.70
C THR B 384 37.97 36.35 -22.87
N LYS B 385 36.70 36.71 -22.99
CA LYS B 385 35.62 35.75 -23.12
C LYS B 385 34.68 36.18 -24.24
N ILE B 386 34.01 35.20 -24.83
CA ILE B 386 33.06 35.43 -25.92
C ILE B 386 31.66 35.20 -25.39
N PHE B 387 30.80 36.20 -25.52
CA PHE B 387 29.44 36.15 -25.00
C PHE B 387 28.44 36.28 -26.14
N ALA B 388 27.36 35.51 -26.07
CA ALA B 388 26.28 35.55 -27.04
C ALA B 388 25.02 36.02 -26.32
N LEU B 389 24.75 37.32 -26.39
CA LEU B 389 23.62 37.93 -25.69
C LEU B 389 22.40 37.95 -26.61
N SER B 390 21.25 37.66 -26.04
CA SER B 390 19.99 37.64 -26.79
C SER B 390 18.85 37.87 -25.82
N GLY B 391 17.62 37.73 -26.32
CA GLY B 391 16.42 37.90 -25.53
C GLY B 391 15.68 39.16 -25.91
N LYS B 392 15.09 39.82 -24.90
CA LYS B 392 14.33 41.04 -25.10
C LYS B 392 15.27 42.25 -25.06
N VAL B 393 16.12 42.31 -26.08
CA VAL B 393 17.08 43.41 -26.23
C VAL B 393 17.03 43.87 -27.68
N ASN B 394 17.43 45.14 -27.88
CA ASN B 394 17.33 45.73 -29.21
C ASN B 394 18.28 45.06 -30.20
N ARG B 395 19.54 44.89 -29.82
CA ARG B 395 20.55 44.31 -30.69
C ARG B 395 21.01 42.97 -30.12
N THR B 396 20.91 41.92 -30.94
CA THR B 396 21.37 40.58 -30.58
C THR B 396 22.53 40.20 -31.48
N GLY B 397 23.53 39.53 -30.90
CA GLY B 397 24.67 39.11 -31.68
C GLY B 397 25.74 38.51 -30.77
N LEU B 398 26.89 38.22 -31.37
CA LEU B 398 28.02 37.61 -30.68
C LEU B 398 29.04 38.70 -30.38
N VAL B 399 29.31 38.93 -29.09
CA VAL B 399 30.17 40.02 -28.65
C VAL B 399 31.39 39.44 -27.96
N GLU B 400 32.53 40.11 -28.15
CA GLU B 400 33.78 39.77 -27.47
C GLU B 400 34.26 41.01 -26.72
N VAL B 401 34.45 40.86 -25.41
CA VAL B 401 34.88 41.98 -24.56
C VAL B 401 36.00 41.50 -23.66
N PRO B 402 36.85 42.41 -23.20
CA PRO B 402 37.86 42.03 -22.20
C PRO B 402 37.19 41.51 -20.93
N MET B 403 37.79 40.50 -20.32
CA MET B 403 37.20 39.84 -19.16
C MET B 403 37.33 40.75 -17.95
N GLY B 404 36.21 41.34 -17.54
CA GLY B 404 36.20 42.25 -16.41
C GLY B 404 35.29 43.45 -16.62
N LEU B 405 34.69 43.53 -17.81
CA LEU B 405 33.80 44.64 -18.12
C LEU B 405 32.53 44.56 -17.27
N LYS B 406 32.02 45.72 -16.87
CA LYS B 406 30.83 45.76 -16.03
C LYS B 406 29.60 45.33 -16.84
N LEU B 407 28.60 44.84 -16.10
CA LEU B 407 27.40 44.28 -16.73
C LEU B 407 26.47 45.34 -17.28
N ARG B 408 26.47 46.54 -16.70
CA ARG B 408 25.49 47.55 -17.08
C ARG B 408 25.70 48.03 -18.52
N GLU B 409 26.94 48.33 -18.90
CA GLU B 409 27.19 48.75 -20.27
C GLU B 409 27.11 47.58 -21.24
N LEU B 410 27.37 46.36 -20.76
CA LEU B 410 27.17 45.19 -21.60
C LEU B 410 25.70 45.03 -21.96
N ILE B 411 24.81 45.24 -20.99
CA ILE B 411 23.38 45.09 -21.25
C ILE B 411 22.84 46.27 -22.05
N PHE B 412 23.20 47.49 -21.65
CA PHE B 412 22.57 48.70 -22.18
C PHE B 412 23.37 49.34 -23.32
N ASP B 413 24.65 49.63 -23.10
CA ASP B 413 25.43 50.36 -24.11
C ASP B 413 25.57 49.53 -25.38
N ILE B 414 26.03 48.28 -25.27
CA ILE B 414 26.19 47.44 -26.44
C ILE B 414 24.83 46.97 -26.95
N GLY B 415 23.95 46.56 -26.05
CA GLY B 415 22.66 46.03 -26.44
C GLY B 415 21.63 47.06 -26.88
N GLY B 416 21.92 48.34 -26.66
CA GLY B 416 20.99 49.39 -27.06
C GLY B 416 19.69 49.41 -26.28
N GLY B 417 19.75 49.14 -24.99
CA GLY B 417 18.58 49.24 -24.14
C GLY B 417 17.61 48.07 -24.32
N ILE B 418 16.48 48.19 -23.66
CA ILE B 418 15.42 47.18 -23.70
C ILE B 418 14.45 47.53 -24.82
N ALA B 419 14.04 46.52 -25.57
CA ALA B 419 13.14 46.73 -26.70
C ALA B 419 11.75 47.13 -26.21
N ASN B 420 11.05 47.87 -27.06
CA ASN B 420 9.67 48.34 -26.81
C ASN B 420 9.58 49.28 -25.62
N ASN B 421 10.71 49.88 -25.21
CA ASN B 421 10.74 50.87 -24.14
C ASN B 421 10.13 50.31 -22.84
N LYS B 422 10.47 49.07 -22.52
CA LYS B 422 9.99 48.44 -21.30
C LYS B 422 11.05 48.60 -20.20
N LYS B 423 10.81 48.00 -19.04
CA LYS B 423 11.70 48.11 -17.90
C LYS B 423 12.45 46.80 -17.69
N PHE B 424 13.75 46.92 -17.46
CA PHE B 424 14.60 45.75 -17.23
C PHE B 424 14.21 45.04 -15.94
N LYS B 425 14.23 43.71 -15.97
CA LYS B 425 13.90 42.91 -14.80
C LYS B 425 15.05 42.05 -14.31
N ALA B 426 15.62 41.20 -15.16
CA ALA B 426 16.66 40.29 -14.74
C ALA B 426 17.38 39.71 -15.96
N VAL B 427 18.53 39.09 -15.70
CA VAL B 427 19.32 38.40 -16.72
C VAL B 427 19.64 36.99 -16.21
N GLN B 428 19.69 36.04 -17.12
CA GLN B 428 20.11 34.68 -16.80
C GLN B 428 21.52 34.46 -17.34
N LEU B 429 22.44 34.07 -16.46
CA LEU B 429 23.84 33.87 -16.82
C LEU B 429 24.20 32.40 -16.58
N GLY B 430 24.72 31.74 -17.62
CA GLY B 430 25.19 30.38 -17.52
C GLY B 430 24.25 29.33 -18.07
N GLY B 431 22.98 29.68 -18.32
CA GLY B 431 22.04 28.74 -18.84
C GLY B 431 21.30 27.99 -17.75
N PRO B 432 20.95 26.73 -18.01
CA PRO B 432 20.21 25.95 -17.01
C PRO B 432 20.97 25.72 -15.72
N SER B 433 22.29 25.84 -15.72
CA SER B 433 23.10 25.64 -14.53
C SER B 433 23.42 26.94 -13.82
N GLY B 434 22.95 28.08 -14.32
CA GLY B 434 23.25 29.37 -13.74
C GLY B 434 22.10 29.93 -12.92
N GLY B 435 22.35 31.11 -12.34
CA GLY B 435 21.38 31.77 -11.49
C GLY B 435 20.80 33.02 -12.16
N CYS B 436 19.85 33.61 -11.46
CA CYS B 436 19.15 34.81 -11.93
C CYS B 436 19.67 36.03 -11.18
N VAL B 437 20.04 37.06 -11.92
CA VAL B 437 20.61 38.29 -11.38
C VAL B 437 19.59 39.41 -11.56
N PRO B 438 19.11 40.04 -10.49
CA PRO B 438 18.15 41.14 -10.65
C PRO B 438 18.82 42.44 -11.04
N GLU B 439 18.03 43.52 -11.10
CA GLU B 439 18.55 44.83 -11.51
C GLU B 439 19.43 45.45 -10.44
N SER B 440 19.36 44.98 -9.19
CA SER B 440 20.10 45.60 -8.10
C SER B 440 21.60 45.37 -8.21
N GLN B 441 22.05 44.40 -9.00
CA GLN B 441 23.46 44.04 -9.09
C GLN B 441 24.00 44.17 -10.51
N LEU B 442 23.57 45.20 -11.25
CA LEU B 442 24.10 45.40 -12.60
C LEU B 442 25.49 46.01 -12.59
N ASP B 443 25.95 46.54 -11.45
CA ASP B 443 27.27 47.14 -11.34
C ASP B 443 28.34 46.13 -10.98
N LEU B 444 28.11 44.84 -11.24
CA LEU B 444 29.06 43.80 -10.87
C LEU B 444 29.95 43.46 -12.06
N PRO B 445 31.27 43.62 -11.94
CA PRO B 445 32.16 43.17 -13.02
C PRO B 445 32.15 41.65 -13.15
N ILE B 446 32.45 41.18 -14.35
CA ILE B 446 32.34 39.76 -14.68
C ILE B 446 33.71 39.11 -14.57
N ASP B 447 33.82 38.11 -13.71
CA ASP B 447 34.98 37.24 -13.60
C ASP B 447 34.57 36.06 -12.75
N PHE B 448 35.46 35.06 -12.65
CA PHE B 448 35.13 33.85 -11.92
C PHE B 448 34.87 34.12 -10.45
N ASP B 449 35.71 34.96 -9.82
CA ASP B 449 35.61 35.17 -8.38
C ASP B 449 34.32 35.85 -7.99
N SER B 450 34.00 36.97 -8.63
CA SER B 450 32.79 37.72 -8.26
C SER B 450 31.53 36.92 -8.57
N LEU B 451 31.48 36.26 -9.73
CA LEU B 451 30.30 35.47 -10.08
C LEU B 451 30.14 34.29 -9.14
N SER B 452 31.24 33.66 -8.73
CA SER B 452 31.16 32.58 -7.75
C SER B 452 30.72 33.11 -6.39
N LYS B 453 31.07 34.35 -6.06
CA LYS B 453 30.65 34.94 -4.79
C LYS B 453 29.14 35.20 -4.78
N ALA B 454 28.57 35.56 -5.93
CA ALA B 454 27.18 35.97 -6.01
C ALA B 454 26.21 34.80 -6.17
N GLY B 455 26.71 33.57 -6.13
CA GLY B 455 25.87 32.39 -6.25
C GLY B 455 25.63 31.91 -7.66
N ALA B 456 26.09 32.65 -8.67
CA ALA B 456 25.97 32.23 -10.06
C ALA B 456 27.26 31.55 -10.50
N ILE B 457 27.27 31.06 -11.74
CA ILE B 457 28.44 30.44 -12.34
C ILE B 457 28.67 31.02 -13.71
N MET B 458 29.91 30.85 -14.21
CA MET B 458 30.24 31.34 -15.54
C MET B 458 29.40 30.65 -16.61
N GLY B 459 29.27 29.33 -16.51
CA GLY B 459 28.48 28.59 -17.48
C GLY B 459 29.13 28.61 -18.86
N SER B 460 28.31 28.29 -19.87
CA SER B 460 28.78 28.35 -21.25
C SER B 460 29.14 29.78 -21.64
N GLY B 461 28.29 30.75 -21.29
CA GLY B 461 28.52 32.13 -21.64
C GLY B 461 27.32 32.82 -22.25
N GLY B 462 26.16 32.16 -22.19
CA GLY B 462 24.94 32.73 -22.76
C GLY B 462 24.29 33.72 -21.82
N VAL B 463 23.78 34.81 -22.39
CA VAL B 463 23.11 35.87 -21.65
C VAL B 463 21.72 36.06 -22.23
N VAL B 464 20.70 36.03 -21.38
CA VAL B 464 19.31 36.21 -21.78
C VAL B 464 18.70 37.30 -20.91
N VAL B 465 18.04 38.26 -21.54
CA VAL B 465 17.45 39.41 -20.86
C VAL B 465 15.93 39.28 -20.90
N VAL B 466 15.28 39.56 -19.77
CA VAL B 466 13.83 39.54 -19.67
C VAL B 466 13.37 40.86 -19.05
N ASP B 467 12.09 41.16 -19.27
CA ASP B 467 11.48 42.41 -18.81
C ASP B 467 10.36 42.11 -17.83
N GLU B 468 9.60 43.16 -17.48
CA GLU B 468 8.54 43.06 -16.48
C GLU B 468 7.31 42.31 -16.97
N ASP B 469 7.37 41.69 -18.14
CA ASP B 469 6.22 40.98 -18.70
C ASP B 469 6.14 39.54 -18.25
N THR B 470 7.28 38.88 -18.02
CA THR B 470 7.33 37.45 -17.77
C THR B 470 7.19 37.16 -16.28
N CYS B 471 6.56 36.03 -15.97
CA CYS B 471 6.42 35.55 -14.61
C CYS B 471 7.64 34.71 -14.26
N MET B 472 8.20 34.93 -13.07
CA MET B 472 9.43 34.21 -12.69
C MET B 472 9.15 32.76 -12.34
N VAL B 473 7.97 32.46 -11.80
CA VAL B 473 7.61 31.08 -11.52
C VAL B 473 7.57 30.26 -12.80
N ASP B 474 7.02 30.83 -13.86
CA ASP B 474 6.98 30.14 -15.15
C ASP B 474 8.38 29.92 -15.71
N PHE B 475 9.27 30.90 -15.53
CA PHE B 475 10.65 30.76 -15.99
C PHE B 475 11.37 29.63 -15.25
N ALA B 476 11.21 29.59 -13.93
CA ALA B 476 11.80 28.51 -13.14
C ALA B 476 11.21 27.17 -13.53
N LYS B 477 9.89 27.12 -13.80
CA LYS B 477 9.26 25.89 -14.22
C LYS B 477 9.80 25.41 -15.56
N PHE B 478 10.02 26.34 -16.50
CA PHE B 478 10.57 25.97 -17.79
C PHE B 478 11.98 25.39 -17.64
N PHE B 479 12.82 26.03 -16.83
CA PHE B 479 14.17 25.50 -16.63
C PHE B 479 14.13 24.14 -15.94
N THR B 480 13.26 23.98 -14.95
CA THR B 480 13.14 22.69 -14.26
C THR B 480 12.66 21.61 -15.21
N ASN B 481 11.71 21.94 -16.10
CA ASN B 481 11.24 20.96 -17.06
C ASN B 481 12.34 20.56 -18.03
N PHE B 482 13.15 21.52 -18.49
CA PHE B 482 14.27 21.17 -19.35
C PHE B 482 15.25 20.26 -18.63
N ILE B 483 15.54 20.55 -17.36
CA ILE B 483 16.47 19.71 -16.60
C ILE B 483 15.88 18.31 -16.41
N VAL B 484 14.58 18.23 -16.16
CA VAL B 484 13.93 16.93 -15.99
C VAL B 484 14.01 16.11 -17.27
N GLU B 485 13.77 16.75 -18.41
CA GLU B 485 13.80 16.02 -19.68
C GLU B 485 15.21 15.73 -20.16
N GLU B 486 16.23 16.40 -19.60
CA GLU B 486 17.60 16.15 -20.02
C GLU B 486 18.38 15.24 -19.07
N SER B 487 17.73 14.69 -18.05
CA SER B 487 18.40 13.81 -17.11
C SER B 487 18.71 12.47 -17.76
N CYS B 488 19.59 11.70 -17.11
CA CYS B 488 19.94 10.37 -17.59
C CYS B 488 19.38 9.25 -16.73
N GLY B 489 19.06 9.53 -15.47
CA GLY B 489 18.40 8.56 -14.61
C GLY B 489 19.26 7.42 -14.15
N LYS B 490 20.35 7.71 -13.43
CA LYS B 490 21.20 6.68 -12.85
C LYS B 490 21.15 6.68 -11.34
N CYS B 491 21.23 7.84 -10.70
CA CYS B 491 21.22 7.94 -9.25
C CYS B 491 19.88 8.47 -8.75
N ILE B 492 19.56 8.12 -7.51
CA ILE B 492 18.26 8.46 -6.94
C ILE B 492 18.03 9.97 -6.82
N PRO B 493 18.96 10.77 -6.24
CA PRO B 493 18.64 12.18 -5.97
C PRO B 493 18.20 12.97 -7.20
N CYS B 494 19.02 13.04 -8.25
CA CYS B 494 18.64 13.80 -9.42
C CYS B 494 17.34 13.26 -10.01
N ARG B 495 17.30 11.95 -10.28
CA ARG B 495 16.19 11.36 -11.03
C ARG B 495 14.85 11.56 -10.35
N GLU B 496 14.82 11.44 -9.02
CA GLU B 496 13.54 11.59 -8.32
C GLU B 496 13.25 13.04 -7.94
N GLY B 497 14.24 13.74 -7.38
CA GLY B 497 14.00 15.09 -6.92
C GLY B 497 13.68 16.07 -8.02
N ASN B 498 14.26 15.89 -9.21
CA ASN B 498 13.93 16.81 -10.30
C ASN B 498 12.45 16.73 -10.66
N LYS B 499 11.92 15.51 -10.75
CA LYS B 499 10.51 15.36 -11.06
C LYS B 499 9.63 15.83 -9.91
N LYS B 500 10.06 15.59 -8.66
CA LYS B 500 9.28 16.10 -7.53
C LYS B 500 9.20 17.63 -7.55
N MET B 501 10.33 18.28 -7.84
CA MET B 501 10.35 19.74 -7.90
C MET B 501 9.50 20.24 -9.06
N LEU B 502 9.56 19.56 -10.21
CA LEU B 502 8.70 19.95 -11.33
C LEU B 502 7.23 19.83 -10.97
N GLU B 503 6.86 18.75 -10.27
CA GLU B 503 5.47 18.59 -9.84
C GLU B 503 5.05 19.70 -8.88
N ILE B 504 5.93 20.05 -7.93
CA ILE B 504 5.61 21.12 -6.98
C ILE B 504 5.42 22.44 -7.72
N LEU B 505 6.31 22.74 -8.67
CA LEU B 505 6.20 23.98 -9.43
C LEU B 505 4.92 24.02 -10.25
N GLU B 506 4.55 22.89 -10.89
CA GLU B 506 3.31 22.84 -11.65
C GLU B 506 2.10 23.04 -10.74
N ARG B 507 2.11 22.42 -9.56
CA ARG B 507 1.02 22.63 -8.61
C ARG B 507 0.92 24.09 -8.18
N ILE B 508 2.06 24.73 -7.93
CA ILE B 508 2.05 26.14 -7.53
C ILE B 508 1.51 27.01 -8.65
N THR B 509 1.95 26.77 -9.88
CA THR B 509 1.56 27.60 -11.01
C THR B 509 0.17 27.29 -11.53
N GLU B 510 -0.46 26.21 -11.10
CA GLU B 510 -1.82 25.90 -11.49
C GLU B 510 -2.85 26.44 -10.51
N GLY B 511 -2.42 27.15 -9.46
CA GLY B 511 -3.32 27.70 -8.47
C GLY B 511 -3.68 26.78 -7.33
N LYS B 512 -3.19 25.54 -7.33
CA LYS B 512 -3.47 24.57 -6.29
C LYS B 512 -2.41 24.53 -5.21
N GLY B 513 -1.44 25.45 -5.26
CA GLY B 513 -0.35 25.43 -4.29
C GLY B 513 -0.84 25.70 -2.88
N LYS B 514 -0.19 25.03 -1.92
CA LYS B 514 -0.50 25.16 -0.51
C LYS B 514 0.63 25.89 0.20
N GLU B 515 0.35 26.34 1.42
CA GLU B 515 1.35 27.03 2.22
C GLU B 515 2.42 26.05 2.70
N GLY B 516 3.66 26.49 2.64
CA GLY B 516 4.79 25.67 3.05
C GLY B 516 5.54 24.97 1.93
N ASP B 517 5.23 25.30 0.67
CA ASP B 517 5.91 24.66 -0.45
C ASP B 517 7.32 25.19 -0.66
N ILE B 518 7.59 26.44 -0.28
CA ILE B 518 8.89 27.04 -0.52
C ILE B 518 9.96 26.36 0.31
N GLU B 519 9.68 26.07 1.58
CA GLU B 519 10.66 25.41 2.43
C GLU B 519 10.92 23.99 1.94
N LEU B 520 9.88 23.29 1.49
CA LEU B 520 10.06 21.95 0.93
C LEU B 520 10.92 22.00 -0.34
N LEU B 521 10.67 22.99 -1.20
CA LEU B 521 11.49 23.15 -2.39
C LEU B 521 12.94 23.41 -2.05
N GLU B 522 13.18 24.27 -1.05
CA GLU B 522 14.55 24.56 -0.63
C GLU B 522 15.24 23.33 -0.07
N GLU B 523 14.52 22.54 0.73
CA GLU B 523 15.11 21.31 1.27
C GLU B 523 15.44 20.32 0.17
N LEU B 524 14.54 20.17 -0.81
CA LEU B 524 14.82 19.28 -1.93
C LEU B 524 16.03 19.76 -2.73
N GLY B 525 16.12 21.07 -2.98
CA GLY B 525 17.27 21.59 -3.69
C GLY B 525 18.57 21.35 -2.95
N ASP B 526 18.56 21.56 -1.62
CA ASP B 526 19.76 21.33 -0.83
C ASP B 526 20.19 19.86 -0.90
N VAL B 527 19.23 18.94 -0.74
CA VAL B 527 19.56 17.52 -0.76
C VAL B 527 20.09 17.11 -2.14
N ILE B 528 19.44 17.58 -3.20
CA ILE B 528 19.87 17.23 -4.56
C ILE B 528 21.28 17.75 -4.82
N ILE B 529 21.55 19.00 -4.42
CA ILE B 529 22.88 19.57 -4.62
C ILE B 529 23.93 18.77 -3.85
N SER B 530 23.60 18.40 -2.61
CA SER B 530 24.60 17.74 -1.77
C SER B 530 24.90 16.32 -2.22
N ALA B 531 23.86 15.55 -2.56
CA ALA B 531 23.99 14.10 -2.71
C ALA B 531 23.93 13.61 -4.15
N SER B 532 24.20 14.47 -5.14
CA SER B 532 24.18 14.01 -6.52
C SER B 532 25.53 13.42 -6.91
N LEU B 533 25.57 12.74 -8.05
CA LEU B 533 26.76 12.04 -8.52
C LEU B 533 27.59 12.91 -9.48
N CYS B 534 27.01 13.33 -10.59
CA CYS B 534 27.72 14.09 -11.61
C CYS B 534 27.40 15.57 -11.46
N GLY B 535 27.89 16.37 -12.40
CA GLY B 535 27.72 17.81 -12.34
C GLY B 535 26.39 18.34 -12.85
N LEU B 536 25.60 17.51 -13.51
CA LEU B 536 24.31 17.97 -14.02
C LEU B 536 23.27 18.08 -12.91
N GLY B 537 23.29 17.17 -11.94
CA GLY B 537 22.33 17.20 -10.86
C GLY B 537 22.73 18.14 -9.74
N LYS B 538 24.04 18.44 -9.64
CA LYS B 538 24.51 19.34 -8.60
C LYS B 538 24.17 20.79 -8.90
N THR B 539 24.06 21.16 -10.16
CA THR B 539 23.71 22.51 -10.57
C THR B 539 22.26 22.64 -11.03
N ALA B 540 21.47 21.57 -10.92
CA ALA B 540 20.09 21.61 -11.41
C ALA B 540 19.20 22.60 -10.67
N PRO B 541 19.15 22.64 -9.33
CA PRO B 541 18.20 23.52 -8.65
C PRO B 541 18.60 24.99 -8.58
N ASN B 542 19.67 25.39 -9.27
CA ASN B 542 20.14 26.77 -9.18
C ASN B 542 19.12 27.78 -9.70
N PRO B 543 18.49 27.61 -10.87
CA PRO B 543 17.49 28.60 -11.30
C PRO B 543 16.32 28.73 -10.34
N VAL B 544 15.89 27.63 -9.71
CA VAL B 544 14.80 27.69 -8.76
C VAL B 544 15.24 28.41 -7.49
N LEU B 545 16.42 28.07 -6.98
CA LEU B 545 16.87 28.66 -5.72
C LEU B 545 17.14 30.15 -5.87
N SER B 546 17.74 30.56 -6.99
CA SER B 546 17.99 31.98 -7.22
C SER B 546 16.68 32.76 -7.32
N THR B 547 15.71 32.21 -8.04
CA THR B 547 14.41 32.88 -8.18
C THR B 547 13.70 32.99 -6.84
N ILE B 548 13.78 31.94 -6.03
CA ILE B 548 13.19 32.00 -4.68
C ILE B 548 13.89 33.06 -3.84
N LYS B 549 15.22 33.12 -3.92
CA LYS B 549 15.97 34.10 -3.13
C LYS B 549 15.64 35.53 -3.52
N HIS B 550 15.54 35.81 -4.81
CA HIS B 550 15.38 37.17 -5.29
C HIS B 550 13.93 37.60 -5.50
N PHE B 551 13.03 36.65 -5.79
CA PHE B 551 11.65 37.00 -6.12
C PHE B 551 10.66 36.22 -5.27
N ARG B 552 10.86 36.21 -3.95
CA ARG B 552 9.95 35.48 -3.07
C ARG B 552 8.54 36.05 -3.10
N ASP B 553 8.41 37.37 -3.35
CA ASP B 553 7.09 37.99 -3.35
C ASP B 553 6.21 37.43 -4.46
N GLU B 554 6.81 37.06 -5.60
CA GLU B 554 6.04 36.43 -6.67
C GLU B 554 5.43 35.11 -6.20
N TYR B 555 6.23 34.28 -5.51
CA TYR B 555 5.72 33.01 -5.00
C TYR B 555 4.64 33.24 -3.95
N GLU B 556 4.84 34.22 -3.07
CA GLU B 556 3.84 34.51 -2.05
C GLU B 556 2.53 34.96 -2.69
N ALA B 557 2.59 35.81 -3.71
CA ALA B 557 1.38 36.25 -4.40
C ALA B 557 0.70 35.07 -5.11
N HIS B 558 1.49 34.20 -5.73
CA HIS B 558 0.92 33.04 -6.42
C HIS B 558 0.22 32.10 -5.46
N ILE B 559 0.80 31.90 -4.27
CA ILE B 559 0.28 30.89 -3.35
C ILE B 559 -0.87 31.46 -2.52
N ARG B 560 -0.62 32.57 -1.81
CA ARG B 560 -1.58 33.05 -0.83
C ARG B 560 -2.78 33.74 -1.48
N ASP B 561 -2.55 34.53 -2.53
CA ASP B 561 -3.59 35.36 -3.11
C ASP B 561 -4.19 34.81 -4.40
N LYS B 562 -3.63 33.74 -4.96
CA LYS B 562 -4.11 33.15 -6.20
C LYS B 562 -4.15 34.17 -7.33
N LYS B 563 -3.11 35.01 -7.40
CA LYS B 563 -3.01 36.04 -8.42
C LYS B 563 -1.59 36.08 -8.98
N CYS B 564 -1.49 36.29 -10.29
CA CYS B 564 -0.20 36.43 -10.95
C CYS B 564 0.11 37.90 -11.14
N PRO B 565 1.15 38.44 -10.51
CA PRO B 565 1.44 39.88 -10.67
C PRO B 565 1.70 40.29 -12.12
N ALA B 566 2.34 39.43 -12.90
CA ALA B 566 2.66 39.75 -14.29
C ALA B 566 1.55 39.39 -15.26
N GLY B 567 0.52 38.68 -14.81
CA GLY B 567 -0.57 38.29 -15.69
C GLY B 567 -0.15 37.36 -16.81
N ALA B 568 0.72 36.39 -16.53
CA ALA B 568 1.17 35.45 -17.54
C ALA B 568 0.68 34.03 -17.31
N CYS B 569 0.19 33.71 -16.11
CA CYS B 569 -0.34 32.39 -15.81
C CYS B 569 -1.83 32.36 -16.13
N GLN B 570 -2.19 31.53 -17.11
CA GLN B 570 -3.57 31.51 -17.59
C GLN B 570 -4.54 30.99 -16.52
N ALA B 571 -4.12 29.98 -15.75
CA ALA B 571 -5.00 29.36 -14.78
C ALA B 571 -5.37 30.30 -13.63
N LEU B 572 -4.67 31.42 -13.47
CA LEU B 572 -4.95 32.37 -12.40
C LEU B 572 -5.50 33.69 -12.93
N ALA B 573 -6.00 33.71 -14.15
CA ALA B 573 -6.56 34.93 -14.72
C ALA B 573 -7.91 35.24 -14.07
N ALA B 574 -8.13 36.52 -13.78
CA ALA B 574 -9.36 37.00 -13.15
C ALA B 574 -9.99 38.04 -14.07
N TYR B 575 -10.90 37.59 -14.93
CA TYR B 575 -11.57 38.49 -15.85
C TYR B 575 -12.48 39.46 -15.10
N LYS B 576 -12.52 40.70 -15.57
CA LYS B 576 -13.35 41.74 -14.98
C LYS B 576 -14.24 42.36 -16.05
N ILE B 577 -15.53 42.49 -15.72
CA ILE B 577 -16.52 43.04 -16.65
C ILE B 577 -16.68 44.53 -16.36
N ASP B 578 -16.48 45.35 -17.39
CA ASP B 578 -16.60 46.79 -17.25
C ASP B 578 -18.06 47.21 -17.43
N PRO B 579 -18.71 47.77 -16.41
CA PRO B 579 -20.10 48.20 -16.60
C PRO B 579 -20.27 49.28 -17.66
N GLY B 580 -19.29 50.17 -17.83
CA GLY B 580 -19.44 51.25 -18.78
C GLY B 580 -19.50 50.78 -20.22
N LYS B 581 -18.65 49.82 -20.58
CA LYS B 581 -18.57 49.33 -21.95
C LYS B 581 -19.48 48.13 -22.21
N CYS B 582 -20.25 47.69 -21.22
CA CYS B 582 -21.12 46.54 -21.39
C CYS B 582 -22.45 46.97 -22.01
N ILE B 583 -23.00 46.10 -22.86
CA ILE B 583 -24.31 46.31 -23.47
C ILE B 583 -25.29 45.21 -23.08
N GLY B 584 -24.90 44.32 -22.18
CA GLY B 584 -25.76 43.19 -21.83
C GLY B 584 -25.98 42.22 -22.97
N CYS B 585 -24.92 41.93 -23.74
CA CYS B 585 -25.06 41.01 -24.86
C CYS B 585 -25.40 39.61 -24.40
N GLY B 586 -24.82 39.17 -23.28
CA GLY B 586 -25.08 37.84 -22.76
C GLY B 586 -24.36 36.72 -23.48
N LYS B 587 -23.44 37.04 -24.39
CA LYS B 587 -22.70 36.00 -25.09
C LYS B 587 -21.79 35.23 -24.13
N CYS B 588 -21.20 35.93 -23.17
CA CYS B 588 -20.33 35.26 -22.19
C CYS B 588 -21.13 34.25 -21.36
N VAL B 589 -22.36 34.60 -20.99
CA VAL B 589 -23.20 33.67 -20.24
C VAL B 589 -23.54 32.45 -21.09
N LYS B 590 -23.76 32.66 -22.39
CA LYS B 590 -24.19 31.57 -23.25
C LYS B 590 -23.04 30.61 -23.56
N VAL B 591 -21.84 31.14 -23.84
CA VAL B 591 -20.75 30.30 -24.33
C VAL B 591 -19.99 29.57 -23.23
N CYS B 592 -20.10 30.02 -21.98
CA CYS B 592 -19.33 29.39 -20.91
C CYS B 592 -19.98 28.09 -20.48
N PRO B 593 -19.26 26.97 -20.47
CA PRO B 593 -19.88 25.69 -20.05
C PRO B 593 -20.39 25.70 -18.62
N VAL B 594 -19.71 26.39 -17.70
CA VAL B 594 -20.12 26.41 -16.30
C VAL B 594 -21.03 27.58 -15.97
N GLY B 595 -20.99 28.66 -16.73
CA GLY B 595 -21.92 29.76 -16.56
C GLY B 595 -21.81 30.48 -15.23
N ALA B 596 -20.59 30.83 -14.82
CA ALA B 596 -20.41 31.56 -13.57
C ALA B 596 -20.92 32.99 -13.65
N ILE B 597 -21.19 33.51 -14.84
CA ILE B 597 -21.72 34.86 -15.02
C ILE B 597 -23.23 34.78 -15.09
N SER B 598 -23.90 35.48 -14.19
CA SER B 598 -25.35 35.59 -14.19
C SER B 598 -25.74 37.06 -14.06
N GLY B 599 -26.63 37.52 -14.93
CA GLY B 599 -27.03 38.92 -14.91
C GLY B 599 -28.22 39.14 -15.81
N GLU B 600 -28.74 40.36 -15.73
CA GLU B 600 -29.91 40.76 -16.50
C GLU B 600 -29.49 41.31 -17.87
N LYS B 601 -30.41 41.21 -18.83
CA LYS B 601 -30.16 41.74 -20.16
C LYS B 601 -30.09 43.26 -20.13
N LYS B 602 -29.28 43.81 -21.05
CA LYS B 602 -29.09 45.25 -21.20
C LYS B 602 -28.50 45.90 -19.95
N LYS B 603 -27.88 45.11 -19.09
CA LYS B 603 -27.29 45.60 -17.85
C LYS B 603 -25.94 44.94 -17.63
N PRO B 604 -25.05 45.57 -16.89
CA PRO B 604 -23.73 44.96 -16.63
C PRO B 604 -23.85 43.63 -15.91
N HIS B 605 -22.97 42.71 -16.26
CA HIS B 605 -22.95 41.37 -15.69
C HIS B 605 -21.90 41.27 -14.59
N VAL B 606 -22.05 40.24 -13.76
CA VAL B 606 -21.17 40.01 -12.62
C VAL B 606 -20.50 38.65 -12.80
N ILE B 607 -19.19 38.61 -12.63
CA ILE B 607 -18.40 37.39 -12.76
C ILE B 607 -18.21 36.80 -11.37
N ASP B 608 -18.62 35.54 -11.20
CA ASP B 608 -18.43 34.82 -9.95
C ASP B 608 -17.10 34.07 -10.02
N GLN B 609 -16.11 34.55 -9.26
CA GLN B 609 -14.78 33.95 -9.30
C GLN B 609 -14.75 32.54 -8.73
N SER B 610 -15.75 32.16 -7.93
CA SER B 610 -15.76 30.83 -7.33
C SER B 610 -16.05 29.75 -8.37
N LYS B 611 -16.99 30.00 -9.27
CA LYS B 611 -17.46 29.01 -10.22
C LYS B 611 -16.87 29.20 -11.62
N CYS B 612 -15.83 30.02 -11.76
CA CYS B 612 -15.22 30.27 -13.05
C CYS B 612 -14.07 29.30 -13.31
N ILE B 613 -13.95 28.85 -14.56
CA ILE B 613 -12.85 27.98 -14.95
C ILE B 613 -11.71 28.72 -15.65
N LYS B 614 -11.91 29.99 -15.99
CA LYS B 614 -10.86 30.84 -16.55
C LYS B 614 -10.27 30.27 -17.83
N CYS B 615 -11.15 29.74 -18.70
CA CYS B 615 -10.72 29.19 -19.98
C CYS B 615 -10.62 30.23 -21.08
N GLY B 616 -11.07 31.46 -20.83
CA GLY B 616 -10.96 32.52 -21.81
C GLY B 616 -12.05 32.54 -22.87
N ALA B 617 -13.11 31.76 -22.71
CA ALA B 617 -14.18 31.73 -23.71
C ALA B 617 -15.00 33.01 -23.69
N CYS B 618 -15.15 33.63 -22.52
CA CYS B 618 -16.03 34.79 -22.40
C CYS B 618 -15.48 36.00 -23.16
N ALA B 619 -14.20 36.30 -22.95
CA ALA B 619 -13.63 37.52 -23.52
C ALA B 619 -13.57 37.46 -25.04
N GLU B 620 -13.19 36.31 -25.60
CA GLU B 620 -12.94 36.22 -27.03
C GLU B 620 -14.21 36.13 -27.86
N ASN B 621 -15.36 35.86 -27.23
CA ASN B 621 -16.60 35.61 -27.95
C ASN B 621 -17.56 36.79 -27.94
N CYS B 622 -17.32 37.81 -27.10
CA CYS B 622 -18.27 38.92 -27.08
C CYS B 622 -17.74 40.06 -27.94
N PRO B 623 -18.56 40.59 -28.86
CA PRO B 623 -18.04 41.59 -29.80
C PRO B 623 -17.52 42.86 -29.14
N LYS B 624 -18.14 43.30 -28.04
CA LYS B 624 -17.66 44.50 -27.36
C LYS B 624 -16.30 44.30 -26.73
N GLY B 625 -16.03 43.12 -26.18
CA GLY B 625 -14.74 42.86 -25.56
C GLY B 625 -14.45 43.71 -24.35
N ALA B 626 -15.47 44.05 -23.58
CA ALA B 626 -15.26 44.84 -22.36
C ALA B 626 -14.63 44.01 -21.25
N ILE B 627 -14.71 42.68 -21.33
CA ILE B 627 -14.11 41.80 -20.34
C ILE B 627 -12.60 41.77 -20.59
N TYR B 628 -11.83 42.34 -19.67
CA TYR B 628 -10.38 42.44 -19.80
C TYR B 628 -9.71 41.50 -18.83
N LYS B 629 -8.59 40.92 -19.25
CA LYS B 629 -7.83 39.97 -18.44
C LYS B 629 -7.12 40.72 -17.33
N GLY B 630 -7.73 40.76 -16.16
CA GLY B 630 -7.15 41.45 -15.01
C GLY B 630 -6.73 40.50 -13.90
N ASP C 11 15.42 -11.29 -47.06
CA ASP C 11 15.44 -9.85 -47.29
C ASP C 11 16.61 -9.46 -48.20
N PRO C 12 16.36 -8.54 -49.12
CA PRO C 12 17.45 -8.03 -49.98
C PRO C 12 18.19 -6.83 -49.40
N ARG C 13 17.72 -6.28 -48.29
CA ARG C 13 18.38 -5.15 -47.64
C ARG C 13 19.55 -5.58 -46.78
N PHE C 14 19.73 -6.88 -46.54
CA PHE C 14 20.90 -7.35 -45.80
C PHE C 14 22.19 -7.13 -46.59
N GLU C 15 22.11 -7.02 -47.92
CA GLU C 15 23.28 -6.65 -48.70
C GLU C 15 23.57 -5.16 -48.58
N LYS C 16 22.52 -4.33 -48.52
CA LYS C 16 22.71 -2.90 -48.29
C LYS C 16 23.31 -2.65 -46.92
N VAL C 17 22.91 -3.43 -45.91
CA VAL C 17 23.51 -3.31 -44.58
C VAL C 17 24.98 -3.70 -44.63
N ASP C 18 25.31 -4.80 -45.31
CA ASP C 18 26.69 -5.22 -45.43
C ASP C 18 27.53 -4.24 -46.24
N GLU C 19 26.88 -3.43 -47.09
CA GLU C 19 27.61 -2.41 -47.84
C GLU C 19 28.27 -1.40 -46.91
N ILE C 20 27.55 -0.98 -45.85
CA ILE C 20 28.11 -0.04 -44.88
C ILE C 20 28.77 -0.74 -43.70
N LEU C 21 28.55 -2.05 -43.53
CA LEU C 21 29.25 -2.79 -42.49
C LEU C 21 30.74 -2.96 -42.80
N SER C 22 31.18 -2.61 -44.00
CA SER C 22 32.59 -2.68 -44.37
C SER C 22 33.23 -1.32 -44.53
N LYS C 23 32.45 -0.24 -44.57
CA LYS C 23 32.98 1.11 -44.74
C LYS C 23 33.24 1.79 -43.40
N LEU C 24 32.20 1.89 -42.57
CA LEU C 24 32.29 2.56 -41.27
C LEU C 24 32.53 1.57 -40.13
N ALA C 25 33.19 0.45 -40.40
CA ALA C 25 33.48 -0.53 -39.36
C ALA C 25 34.91 -1.03 -39.44
N ASN C 26 35.79 -0.26 -40.07
CA ASN C 26 37.22 -0.55 -40.05
C ASN C 26 37.92 0.11 -38.87
N GLU C 27 37.22 0.92 -38.10
CA GLU C 27 37.76 1.61 -36.94
C GLU C 27 37.33 0.87 -35.66
N ARG C 28 37.58 1.50 -34.51
CA ARG C 28 37.31 0.90 -33.21
C ARG C 28 36.19 1.67 -32.53
N GLY C 29 35.15 0.95 -32.13
CA GLY C 29 34.02 1.56 -31.44
C GLY C 29 33.21 2.51 -32.30
N ALA C 30 32.51 1.97 -33.29
CA ALA C 30 31.72 2.78 -34.22
C ALA C 30 30.28 2.27 -34.32
N LEU C 31 29.69 1.91 -33.17
CA LEU C 31 28.31 1.44 -33.17
C LEU C 31 27.34 2.57 -33.50
N ILE C 32 27.57 3.76 -32.93
CA ILE C 32 26.65 4.87 -33.12
C ILE C 32 26.67 5.35 -34.57
N ALA C 33 27.85 5.36 -35.20
CA ALA C 33 27.94 5.73 -36.61
C ALA C 33 27.17 4.74 -37.48
N ILE C 34 27.28 3.45 -37.18
CA ILE C 34 26.53 2.44 -37.92
C ILE C 34 25.04 2.66 -37.75
N LEU C 35 24.59 2.94 -36.53
CA LEU C 35 23.17 3.18 -36.29
C LEU C 35 22.68 4.40 -37.06
N GLN C 36 23.47 5.48 -37.07
CA GLN C 36 23.08 6.67 -37.80
C GLN C 36 23.00 6.41 -39.30
N HIS C 37 23.97 5.68 -39.85
CA HIS C 37 23.93 5.35 -41.28
C HIS C 37 22.72 4.48 -41.61
N VAL C 38 22.41 3.51 -40.75
CA VAL C 38 21.26 2.65 -40.96
C VAL C 38 19.97 3.45 -40.96
N GLN C 39 19.83 4.37 -39.99
CA GLN C 39 18.62 5.19 -39.94
C GLN C 39 18.55 6.12 -41.14
N HIS C 40 19.68 6.63 -41.60
CA HIS C 40 19.69 7.48 -42.79
C HIS C 40 19.22 6.72 -44.02
N GLU C 41 19.71 5.49 -44.20
CA GLU C 41 19.35 4.74 -45.40
C GLU C 41 17.90 4.23 -45.33
N PHE C 42 17.47 3.70 -44.20
CA PHE C 42 16.18 3.05 -44.09
C PHE C 42 15.06 3.98 -43.65
N GLY C 43 15.35 5.25 -43.37
CA GLY C 43 14.33 6.16 -42.87
C GLY C 43 14.03 6.00 -41.39
N TYR C 44 13.84 4.76 -40.94
CA TYR C 44 13.70 4.46 -39.52
C TYR C 44 14.68 3.36 -39.16
N LEU C 45 14.59 2.82 -37.93
CA LEU C 45 15.57 1.89 -37.40
C LEU C 45 14.87 0.59 -37.03
N PRO C 46 14.85 -0.40 -37.94
CA PRO C 46 14.04 -1.61 -37.72
C PRO C 46 14.69 -2.65 -36.83
N GLU C 47 14.04 -3.81 -36.72
CA GLU C 47 14.41 -4.87 -35.78
C GLU C 47 15.38 -5.89 -36.38
N ASP C 48 15.01 -6.47 -37.53
CA ASP C 48 15.85 -7.48 -38.16
C ASP C 48 17.23 -6.93 -38.51
N VAL C 49 17.31 -5.64 -38.81
CA VAL C 49 18.62 -5.04 -39.07
C VAL C 49 19.45 -5.00 -37.79
N ILE C 50 18.83 -4.71 -36.65
CA ILE C 50 19.55 -4.76 -35.37
C ILE C 50 20.05 -6.17 -35.11
N PHE C 51 19.21 -7.17 -35.35
CA PHE C 51 19.64 -8.53 -35.10
C PHE C 51 20.76 -8.95 -36.05
N TYR C 52 20.71 -8.51 -37.30
CA TYR C 52 21.78 -8.79 -38.24
C TYR C 52 23.08 -8.12 -37.82
N ILE C 53 23.02 -6.88 -37.35
CA ILE C 53 24.20 -6.20 -36.85
C ILE C 53 24.78 -6.94 -35.66
N ALA C 54 23.92 -7.38 -34.74
CA ALA C 54 24.39 -8.13 -33.57
C ALA C 54 25.07 -9.42 -34.00
N SER C 55 24.51 -10.11 -34.98
CA SER C 55 25.12 -11.36 -35.45
C SER C 55 26.45 -11.12 -36.14
N LYS C 56 26.54 -10.06 -36.96
CA LYS C 56 27.69 -9.86 -37.82
C LYS C 56 28.82 -9.05 -37.18
N THR C 57 28.56 -8.37 -36.07
CA THR C 57 29.56 -7.52 -35.44
C THR C 57 30.03 -8.01 -34.08
N GLY C 58 29.28 -8.92 -33.44
CA GLY C 58 29.66 -9.45 -32.15
C GLY C 58 29.04 -8.76 -30.96
N ILE C 59 28.55 -7.54 -31.12
CA ILE C 59 27.93 -6.83 -30.00
C ILE C 59 26.58 -7.47 -29.68
N PRO C 60 26.32 -7.84 -28.42
CA PRO C 60 25.00 -8.40 -28.08
C PRO C 60 23.89 -7.39 -28.34
N ALA C 61 22.72 -7.92 -28.69
CA ALA C 61 21.59 -7.07 -29.07
C ALA C 61 21.10 -6.20 -27.93
N SER C 62 21.35 -6.60 -26.69
CA SER C 62 20.90 -5.79 -25.55
C SER C 62 21.61 -4.43 -25.54
N LYS C 63 22.92 -4.42 -25.81
CA LYS C 63 23.67 -3.17 -25.86
C LYS C 63 23.16 -2.26 -26.97
N ILE C 64 22.91 -2.84 -28.15
CA ILE C 64 22.41 -2.04 -29.27
C ILE C 64 21.04 -1.47 -28.96
N TYR C 65 20.15 -2.27 -28.35
CA TYR C 65 18.83 -1.78 -28.00
C TYR C 65 18.92 -0.67 -26.95
N GLY C 66 19.79 -0.82 -25.97
CA GLY C 66 19.95 0.23 -24.97
C GLY C 66 20.48 1.52 -25.56
N VAL C 67 21.46 1.42 -26.46
CA VAL C 67 21.99 2.61 -27.12
C VAL C 67 20.91 3.27 -27.97
N ALA C 68 20.14 2.48 -28.70
CA ALA C 68 19.08 3.04 -29.55
C ALA C 68 18.00 3.73 -28.71
N THR C 69 17.64 3.14 -27.58
CA THR C 69 16.60 3.71 -26.73
C THR C 69 17.11 4.87 -25.86
N PHE C 70 18.42 5.03 -25.73
CA PHE C 70 18.96 6.13 -24.94
C PHE C 70 18.69 7.48 -25.63
N TYR C 71 19.27 7.68 -26.80
CA TYR C 71 19.19 8.96 -27.49
C TYR C 71 17.82 9.16 -28.13
N ALA C 72 17.37 10.41 -28.15
CA ALA C 72 16.09 10.77 -28.75
C ALA C 72 16.15 10.96 -30.25
N GLN C 73 17.35 11.03 -30.83
CA GLN C 73 17.46 11.12 -32.28
C GLN C 73 16.98 9.83 -32.95
N PHE C 74 17.39 8.68 -32.42
CA PHE C 74 16.97 7.41 -32.98
C PHE C 74 15.52 7.12 -32.61
N HIS C 75 14.74 6.64 -33.59
CA HIS C 75 13.39 6.19 -33.36
C HIS C 75 13.16 4.90 -34.14
N LEU C 76 12.42 3.99 -33.52
CA LEU C 76 12.20 2.64 -34.06
C LEU C 76 10.82 2.49 -34.69
N LYS C 77 10.32 3.54 -35.36
CA LYS C 77 9.00 3.50 -35.98
C LYS C 77 9.01 4.45 -37.16
N PRO C 78 8.45 4.07 -38.31
CA PRO C 78 8.52 4.93 -39.49
C PRO C 78 7.82 6.26 -39.28
N ARG C 79 8.34 7.29 -39.94
CA ARG C 79 7.88 8.66 -39.81
C ARG C 79 7.12 9.09 -41.06
N GLY C 80 6.73 10.36 -41.11
CA GLY C 80 6.09 10.94 -42.26
C GLY C 80 7.11 11.48 -43.25
N LYS C 81 6.62 12.28 -44.20
CA LYS C 81 7.48 12.89 -45.20
C LYS C 81 7.93 14.29 -44.80
N TYR C 82 6.99 15.17 -44.47
CA TYR C 82 7.31 16.53 -44.03
C TYR C 82 7.31 16.57 -42.51
N VAL C 83 8.49 16.79 -41.93
CA VAL C 83 8.65 16.85 -40.48
C VAL C 83 8.69 18.32 -40.06
N ILE C 84 7.89 18.66 -39.06
CA ILE C 84 7.81 20.02 -38.54
C ILE C 84 8.69 20.12 -37.30
N ARG C 85 9.55 21.12 -37.25
CA ARG C 85 10.44 21.36 -36.13
C ARG C 85 10.18 22.74 -35.56
N VAL C 86 10.29 22.87 -34.24
CA VAL C 86 10.14 24.13 -33.54
C VAL C 86 11.40 24.40 -32.74
N CYS C 87 11.64 25.67 -32.44
CA CYS C 87 12.83 26.03 -31.68
C CYS C 87 12.67 25.70 -30.20
N LEU C 88 11.71 26.36 -29.55
CA LEU C 88 11.41 26.12 -28.13
C LEU C 88 12.67 26.29 -27.27
N GLY C 89 13.50 27.26 -27.63
CA GLY C 89 14.71 27.57 -26.90
C GLY C 89 14.48 28.61 -25.83
N THR C 90 15.56 28.94 -25.13
CA THR C 90 15.49 29.92 -24.04
C THR C 90 15.26 31.33 -24.54
N ALA C 91 15.51 31.62 -25.82
CA ALA C 91 15.24 32.93 -26.39
C ALA C 91 13.93 32.99 -27.15
N CYS C 92 13.29 31.85 -27.43
CA CYS C 92 12.01 31.81 -28.11
C CYS C 92 10.85 31.37 -27.22
N HIS C 93 11.13 30.62 -26.15
CA HIS C 93 10.07 30.29 -25.20
C HIS C 93 9.49 31.54 -24.55
N VAL C 94 10.31 32.57 -24.38
CA VAL C 94 9.83 33.83 -23.79
C VAL C 94 8.74 34.44 -24.67
N LYS C 95 8.98 34.48 -25.97
CA LYS C 95 8.03 35.10 -26.90
C LYS C 95 7.10 34.05 -27.52
N GLY C 96 6.41 33.33 -26.65
CA GLY C 96 5.26 32.53 -27.03
C GLY C 96 5.44 31.42 -28.05
N ALA C 97 6.46 30.57 -27.85
CA ALA C 97 6.57 29.37 -28.68
C ALA C 97 5.57 28.30 -28.26
N ASN C 98 5.21 28.26 -26.97
CA ASN C 98 4.26 27.26 -26.49
C ASN C 98 2.93 27.40 -27.19
N LYS C 99 2.50 28.64 -27.48
CA LYS C 99 1.26 28.82 -28.23
C LYS C 99 1.38 28.29 -29.66
N ILE C 100 2.56 28.40 -30.26
CA ILE C 100 2.77 27.85 -31.60
C ILE C 100 2.63 26.32 -31.56
N LEU C 101 3.26 25.68 -30.57
CA LEU C 101 3.11 24.23 -30.43
C LEU C 101 1.66 23.85 -30.15
N ALA C 102 0.95 24.64 -29.34
CA ALA C 102 -0.46 24.36 -29.06
C ALA C 102 -1.30 24.46 -30.32
N GLU C 103 -1.03 25.46 -31.16
CA GLU C 103 -1.74 25.59 -32.43
C GLU C 103 -1.47 24.39 -33.34
N PHE C 104 -0.19 23.95 -33.40
CA PHE C 104 0.14 22.77 -34.20
C PHE C 104 -0.61 21.55 -33.71
N GLU C 105 -0.63 21.34 -32.38
CA GLU C 105 -1.30 20.17 -31.83
C GLU C 105 -2.81 20.23 -32.04
N LYS C 106 -3.41 21.42 -31.93
CA LYS C 106 -4.85 21.54 -32.14
C LYS C 106 -5.21 21.31 -33.60
N GLN C 107 -4.41 21.83 -34.52
CA GLN C 107 -4.74 21.69 -35.94
C GLN C 107 -4.50 20.27 -36.44
N LEU C 108 -3.39 19.65 -36.05
CA LEU C 108 -3.04 18.33 -36.56
C LEU C 108 -3.69 17.20 -35.76
N GLY C 109 -4.13 17.46 -34.54
CA GLY C 109 -4.74 16.40 -33.75
C GLY C 109 -3.78 15.38 -33.20
N ILE C 110 -2.47 15.63 -33.27
CA ILE C 110 -1.46 14.70 -32.78
C ILE C 110 -0.54 15.47 -31.84
N LYS C 111 -0.14 14.82 -30.75
CA LYS C 111 0.75 15.44 -29.79
C LYS C 111 2.18 15.49 -30.33
N ALA C 112 3.00 16.30 -29.68
CA ALA C 112 4.41 16.40 -30.07
C ALA C 112 5.13 15.09 -29.78
N GLY C 113 5.98 14.68 -30.71
CA GLY C 113 6.74 13.46 -30.60
C GLY C 113 6.13 12.26 -31.30
N GLU C 114 4.85 12.33 -31.66
CA GLU C 114 4.18 11.26 -32.37
C GLU C 114 3.73 11.75 -33.74
N THR C 115 3.55 10.81 -34.67
CA THR C 115 3.26 11.14 -36.05
C THR C 115 1.82 10.77 -36.41
N THR C 116 1.40 11.25 -37.58
CA THR C 116 0.10 10.95 -38.18
C THR C 116 0.22 9.96 -39.32
N SER C 117 1.01 8.91 -39.11
CA SER C 117 1.56 8.02 -40.14
C SER C 117 0.61 7.75 -41.31
N ASP C 118 -0.70 7.64 -41.04
CA ASP C 118 -1.67 7.59 -42.14
C ASP C 118 -1.46 8.76 -43.10
N LEU C 119 -1.22 9.95 -42.56
CA LEU C 119 -0.83 11.10 -43.36
C LEU C 119 0.69 11.20 -43.40
N LYS C 120 1.22 12.30 -43.91
CA LYS C 120 2.66 12.47 -44.08
C LYS C 120 3.28 13.49 -43.13
N PHE C 121 2.52 14.04 -42.18
CA PHE C 121 3.06 15.05 -41.29
C PHE C 121 3.68 14.40 -40.05
N THR C 122 4.52 15.17 -39.37
CA THR C 122 5.17 14.72 -38.14
C THR C 122 5.58 15.94 -37.33
N LEU C 123 5.38 15.87 -36.01
CA LEU C 123 5.83 16.90 -35.09
C LEU C 123 7.13 16.46 -34.42
N GLU C 124 7.88 17.45 -33.93
CA GLU C 124 9.15 17.20 -33.27
C GLU C 124 9.43 18.34 -32.30
N ARG C 125 10.34 18.10 -31.37
CA ARG C 125 10.63 19.02 -30.27
C ARG C 125 12.11 19.37 -30.24
N VAL C 126 12.66 19.71 -31.41
CA VAL C 126 14.06 20.10 -31.50
C VAL C 126 14.30 21.38 -30.70
N GLY C 127 15.55 21.59 -30.27
CA GLY C 127 15.88 22.74 -29.46
C GLY C 127 16.96 23.65 -30.02
N CYS C 128 16.64 24.95 -30.12
CA CYS C 128 17.60 26.02 -30.40
C CYS C 128 18.31 25.79 -31.74
N LEU C 129 17.53 25.94 -32.81
CA LEU C 129 18.06 25.94 -34.17
C LEU C 129 19.06 27.09 -34.35
N GLY C 130 19.70 27.09 -35.51
CA GLY C 130 20.79 28.02 -35.79
C GLY C 130 20.50 29.49 -35.61
N ALA C 131 19.36 29.95 -36.13
CA ALA C 131 19.00 31.36 -36.06
C ALA C 131 18.22 31.63 -34.79
N CYS C 132 18.75 32.51 -33.94
CA CYS C 132 18.09 32.88 -32.69
C CYS C 132 17.42 34.24 -32.73
N GLY C 133 17.74 35.08 -33.71
CA GLY C 133 17.15 36.40 -33.80
C GLY C 133 15.82 36.48 -34.52
N LEU C 134 15.38 35.39 -35.14
CA LEU C 134 14.15 35.39 -35.93
C LEU C 134 12.99 34.87 -35.09
N ALA C 135 12.65 35.65 -34.05
CA ALA C 135 11.53 35.40 -33.14
C ALA C 135 11.52 33.92 -32.71
N PRO C 136 10.39 33.27 -32.41
CA PRO C 136 10.39 31.81 -32.44
C PRO C 136 10.42 31.31 -33.87
N THR C 137 11.14 30.20 -34.08
CA THR C 137 11.52 29.73 -35.40
C THR C 137 10.99 28.32 -35.62
N VAL C 138 10.14 28.16 -36.63
CA VAL C 138 9.64 26.86 -37.05
C VAL C 138 10.33 26.47 -38.35
N MET C 139 10.98 25.32 -38.34
CA MET C 139 11.74 24.83 -39.50
C MET C 139 11.08 23.56 -40.01
N VAL C 140 10.23 23.69 -41.02
CA VAL C 140 9.58 22.55 -41.66
C VAL C 140 10.49 22.03 -42.77
N ASN C 141 10.77 20.73 -42.74
CA ASN C 141 11.62 20.07 -43.73
C ASN C 141 13.01 20.68 -43.77
N GLU C 142 13.24 21.63 -44.68
CA GLU C 142 14.59 22.15 -44.92
C GLU C 142 14.72 23.67 -44.84
N LYS C 143 13.65 24.42 -45.07
CA LYS C 143 13.74 25.88 -45.15
C LYS C 143 13.21 26.52 -43.89
N THR C 144 13.73 27.70 -43.57
CA THR C 144 13.42 28.41 -42.33
C THR C 144 12.32 29.43 -42.55
N TYR C 145 11.39 29.50 -41.58
CA TYR C 145 10.23 30.38 -41.70
C TYR C 145 10.55 31.80 -41.27
N GLY C 146 10.93 31.98 -40.00
CA GLY C 146 11.13 33.31 -39.45
C GLY C 146 10.14 33.65 -38.36
N LYS C 147 9.72 34.93 -38.30
CA LYS C 147 8.76 35.37 -37.30
C LYS C 147 7.46 34.59 -37.42
N MET C 148 6.91 34.20 -36.28
CA MET C 148 5.64 33.48 -36.22
C MET C 148 4.66 34.14 -35.27
N THR C 149 3.38 34.06 -35.64
CA THR C 149 2.20 34.38 -34.87
C THR C 149 1.24 33.20 -34.96
N PRO C 150 0.51 32.86 -33.89
CA PRO C 150 -0.38 31.68 -33.93
C PRO C 150 -1.39 31.67 -35.08
N GLU C 151 -1.51 32.77 -35.82
CA GLU C 151 -2.43 32.83 -36.94
C GLU C 151 -1.82 32.33 -38.25
N LYS C 152 -0.49 32.41 -38.39
CA LYS C 152 0.15 31.96 -39.63
C LYS C 152 0.17 30.44 -39.75
N VAL C 153 -0.11 29.72 -38.67
CA VAL C 153 -0.11 28.26 -38.71
C VAL C 153 -1.17 27.77 -39.70
N SER C 154 -2.36 28.36 -39.64
CA SER C 154 -3.45 27.92 -40.51
C SER C 154 -3.07 28.10 -41.98
N GLU C 155 -2.54 29.27 -42.34
CA GLU C 155 -2.24 29.53 -43.74
C GLU C 155 -1.07 28.68 -44.23
N VAL C 156 -0.05 28.46 -43.38
CA VAL C 156 1.07 27.66 -43.82
C VAL C 156 0.67 26.20 -43.99
N LEU C 157 -0.17 25.68 -43.08
CA LEU C 157 -0.63 24.31 -43.22
C LEU C 157 -1.56 24.17 -44.41
N LYS C 158 -2.37 25.20 -44.71
CA LYS C 158 -3.21 25.16 -45.89
C LYS C 158 -2.37 25.16 -47.17
N GLU C 159 -1.30 25.95 -47.21
CA GLU C 159 -0.49 26.03 -48.40
C GLU C 159 0.49 24.86 -48.53
N TYR C 160 0.64 24.03 -47.49
CA TYR C 160 1.22 22.72 -47.72
C TYR C 160 0.17 21.65 -47.99
N SER C 161 -0.78 21.46 -47.08
CA SER C 161 -1.79 20.41 -47.24
C SER C 161 -2.71 20.70 -48.43
N MET D 1 -6.57 -34.71 38.49
CA MET D 1 -5.73 -35.09 37.36
C MET D 1 -6.24 -36.37 36.72
N ASN D 2 -7.22 -36.24 35.83
CA ASN D 2 -7.77 -37.35 35.07
C ASN D 2 -7.50 -37.11 33.60
N MET D 3 -6.92 -38.11 32.93
CA MET D 3 -6.47 -37.96 31.56
C MET D 3 -7.52 -38.46 30.57
N VAL D 4 -7.40 -38.03 29.33
CA VAL D 4 -8.35 -38.34 28.28
C VAL D 4 -7.59 -38.82 27.05
N MET D 5 -8.29 -39.57 26.19
CA MET D 5 -7.70 -40.12 24.97
C MET D 5 -8.23 -39.36 23.75
N LEU D 6 -7.33 -39.02 22.84
CA LEU D 6 -7.69 -38.39 21.59
C LEU D 6 -6.61 -38.66 20.56
N THR D 7 -6.96 -38.43 19.29
CA THR D 7 -6.04 -38.62 18.17
C THR D 7 -5.94 -37.31 17.41
N ILE D 8 -4.72 -36.76 17.33
CA ILE D 8 -4.46 -35.52 16.61
C ILE D 8 -3.44 -35.85 15.52
N ASP D 9 -3.90 -35.78 14.26
CA ASP D 9 -3.05 -36.06 13.09
C ASP D 9 -2.42 -37.45 13.17
N GLY D 10 -3.16 -38.40 13.75
CA GLY D 10 -2.70 -39.77 13.85
C GLY D 10 -1.82 -40.08 15.04
N LYS D 11 -1.63 -39.13 15.96
CA LYS D 11 -0.77 -39.32 17.12
C LYS D 11 -1.59 -39.28 18.39
N GLN D 12 -1.38 -40.28 19.25
CA GLN D 12 -2.09 -40.35 20.52
C GLN D 12 -1.55 -39.30 21.48
N VAL D 13 -2.45 -38.72 22.28
CA VAL D 13 -2.11 -37.60 23.14
C VAL D 13 -2.75 -37.81 24.51
N GLN D 14 -2.00 -37.51 25.57
CA GLN D 14 -2.48 -37.59 26.94
C GLN D 14 -2.60 -36.17 27.50
N VAL D 15 -3.83 -35.71 27.70
CA VAL D 15 -4.09 -34.39 28.25
C VAL D 15 -5.15 -34.50 29.33
N GLU D 16 -5.11 -33.54 30.27
CA GLU D 16 -6.10 -33.48 31.34
C GLU D 16 -7.44 -33.00 30.80
N LYS D 17 -8.51 -33.37 31.50
CA LYS D 17 -9.84 -32.90 31.14
C LYS D 17 -9.93 -31.38 31.27
N GLY D 18 -10.60 -30.75 30.31
CA GLY D 18 -10.78 -29.32 30.28
C GLY D 18 -9.84 -28.58 29.36
N THR D 19 -8.72 -29.21 28.97
CA THR D 19 -7.79 -28.57 28.06
C THR D 19 -8.41 -28.46 26.67
N THR D 20 -8.17 -27.32 26.02
CA THR D 20 -8.70 -27.09 24.68
C THR D 20 -7.87 -27.86 23.66
N ILE D 21 -8.33 -27.81 22.40
CA ILE D 21 -7.62 -28.49 21.32
C ILE D 21 -6.27 -27.82 21.07
N LYS D 22 -6.22 -26.49 21.19
CA LYS D 22 -4.97 -25.77 20.93
C LYS D 22 -3.89 -26.16 21.93
N LYS D 23 -4.22 -26.14 23.23
CA LYS D 23 -3.23 -26.49 24.24
C LYS D 23 -2.89 -27.98 24.21
N ALA D 24 -3.82 -28.81 23.73
CA ALA D 24 -3.53 -30.24 23.61
C ALA D 24 -2.59 -30.52 22.45
N ALA D 25 -2.78 -29.83 21.32
CA ALA D 25 -1.92 -29.99 20.17
C ALA D 25 -0.59 -29.26 20.32
N GLU D 26 -0.49 -28.32 21.26
CA GLU D 26 0.78 -27.64 21.50
C GLU D 26 1.86 -28.62 21.95
N LYS D 27 1.46 -29.72 22.60
CA LYS D 27 2.42 -30.70 23.10
C LYS D 27 2.97 -31.61 22.00
N LEU D 28 2.44 -31.53 20.78
CA LEU D 28 2.97 -32.26 19.65
C LEU D 28 3.82 -31.39 18.74
N GLY D 29 4.18 -30.19 19.18
CA GLY D 29 4.91 -29.27 18.32
C GLY D 29 4.12 -28.78 17.13
N ILE D 30 2.86 -28.42 17.34
CA ILE D 30 2.00 -27.88 16.30
C ILE D 30 1.48 -26.53 16.76
N GLU D 31 1.69 -25.50 15.94
CA GLU D 31 1.26 -24.13 16.25
C GLU D 31 0.11 -23.78 15.32
N ILE D 32 -1.10 -23.69 15.89
CA ILE D 32 -2.29 -23.33 15.13
C ILE D 32 -2.40 -21.80 15.11
N PRO D 33 -2.55 -21.19 13.94
CA PRO D 33 -2.61 -19.72 13.88
C PRO D 33 -3.81 -19.16 14.62
N GLY D 34 -3.63 -17.96 15.16
CA GLY D 34 -4.69 -17.28 15.88
C GLY D 34 -4.32 -15.84 16.21
N LEU D 35 -5.31 -14.94 16.16
CA LEU D 35 -5.05 -13.52 16.33
C LEU D 35 -5.81 -12.88 17.49
N CYS D 36 -6.87 -13.50 17.99
CA CYS D 36 -7.74 -12.88 18.98
C CYS D 36 -7.60 -13.47 20.37
N ASP D 37 -6.64 -14.36 20.59
CA ASP D 37 -6.47 -15.02 21.88
C ASP D 37 -5.09 -14.72 22.45
N ASP D 38 -5.04 -14.53 23.76
CA ASP D 38 -3.80 -14.23 24.48
C ASP D 38 -3.75 -15.07 25.75
N ASN D 39 -2.55 -15.24 26.29
CA ASN D 39 -2.36 -16.06 27.48
C ASN D 39 -2.99 -15.45 28.73
N ASP D 40 -3.30 -14.16 28.71
CA ASP D 40 -3.87 -13.48 29.88
C ASP D 40 -5.39 -13.42 29.84
N LEU D 41 -6.02 -13.78 28.74
CA LEU D 41 -7.43 -13.50 28.51
C LEU D 41 -8.18 -14.78 28.17
N LYS D 42 -9.49 -14.75 28.40
CA LYS D 42 -10.35 -15.86 28.03
C LYS D 42 -10.52 -15.90 26.50
N PRO D 43 -10.86 -17.06 25.96
CA PRO D 43 -11.13 -17.14 24.52
C PRO D 43 -12.31 -16.26 24.12
N PHE D 44 -12.23 -15.70 22.92
CA PHE D 44 -13.23 -14.78 22.41
C PHE D 44 -13.97 -15.32 21.19
N GLY D 45 -13.25 -15.88 20.22
CA GLY D 45 -13.88 -16.43 19.04
C GLY D 45 -14.29 -15.39 18.03
N ALA D 46 -13.36 -14.50 17.67
CA ALA D 46 -13.64 -13.43 16.72
C ALA D 46 -12.91 -13.58 15.40
N CYS D 47 -11.63 -13.99 15.43
CA CYS D 47 -10.87 -14.12 14.19
C CYS D 47 -11.30 -15.33 13.36
N ARG D 48 -11.72 -16.41 14.02
CA ARG D 48 -12.14 -17.64 13.33
C ARG D 48 -11.02 -18.18 12.45
N LEU D 49 -9.78 -18.02 12.90
CA LEU D 49 -8.61 -18.39 12.10
C LEU D 49 -7.91 -19.63 12.62
N CYS D 50 -8.42 -20.25 13.69
CA CYS D 50 -7.83 -21.44 14.28
C CYS D 50 -8.70 -22.67 14.06
N VAL D 51 -9.50 -22.66 13.01
CA VAL D 51 -10.47 -23.74 12.80
C VAL D 51 -9.74 -25.04 12.47
N VAL D 52 -10.31 -26.15 12.93
CA VAL D 52 -9.82 -27.49 12.62
C VAL D 52 -10.99 -28.34 12.18
N GLU D 53 -10.69 -29.48 11.58
CA GLU D 53 -11.70 -30.38 11.04
C GLU D 53 -11.76 -31.64 11.89
N ASP D 54 -12.95 -31.98 12.38
CA ASP D 54 -13.14 -33.17 13.19
C ASP D 54 -13.56 -34.33 12.30
N ALA D 55 -13.99 -35.44 12.92
CA ALA D 55 -14.35 -36.63 12.16
C ALA D 55 -15.60 -36.43 11.32
N ARG D 56 -16.57 -35.66 11.82
CA ARG D 56 -17.81 -35.45 11.09
C ARG D 56 -17.58 -34.69 9.80
N GLY D 57 -16.69 -33.72 9.80
CA GLY D 57 -16.40 -32.93 8.62
C GLY D 57 -16.73 -31.45 8.71
N ASN D 58 -16.94 -30.90 9.89
CA ASN D 58 -17.26 -29.50 10.08
C ASN D 58 -16.07 -28.76 10.65
N LEU D 59 -16.02 -27.45 10.43
CA LEU D 59 -14.94 -26.63 10.98
C LEU D 59 -15.31 -26.14 12.37
N VAL D 60 -14.45 -26.41 13.35
CA VAL D 60 -14.67 -26.00 14.73
C VAL D 60 -13.46 -25.20 15.21
N ALA D 61 -13.72 -24.14 15.96
CA ALA D 61 -12.64 -23.34 16.52
C ALA D 61 -11.94 -24.10 17.63
N SER D 62 -10.61 -24.15 17.57
CA SER D 62 -9.83 -24.96 18.49
C SER D 62 -9.33 -24.19 19.70
N CYS D 63 -9.72 -22.92 19.86
CA CYS D 63 -9.28 -22.14 21.00
C CYS D 63 -10.27 -22.16 22.17
N HIS D 64 -11.52 -22.55 21.94
CA HIS D 64 -12.52 -22.61 22.98
C HIS D 64 -13.32 -23.91 22.91
N THR D 65 -12.71 -24.98 22.42
CA THR D 65 -13.37 -26.28 22.28
C THR D 65 -12.77 -27.26 23.27
N PRO D 66 -13.51 -27.73 24.26
CA PRO D 66 -12.96 -28.70 25.21
C PRO D 66 -12.67 -30.04 24.56
N VAL D 67 -11.78 -30.78 25.18
CA VAL D 67 -11.33 -32.07 24.66
C VAL D 67 -12.29 -33.16 25.16
N ARG D 68 -12.40 -34.23 24.38
CA ARG D 68 -13.28 -35.34 24.70
C ARG D 68 -12.62 -36.65 24.32
N GLU D 69 -13.12 -37.73 24.90
CA GLU D 69 -12.63 -39.06 24.58
C GLU D 69 -13.03 -39.47 23.18
N GLY D 70 -12.13 -40.17 22.48
CA GLY D 70 -12.41 -40.67 21.15
C GLY D 70 -12.64 -39.60 20.11
N MET D 71 -11.79 -38.59 20.06
CA MET D 71 -11.92 -37.49 19.11
C MET D 71 -10.83 -37.57 18.05
N VAL D 72 -11.22 -37.33 16.80
CA VAL D 72 -10.30 -37.31 15.67
C VAL D 72 -10.26 -35.91 15.10
N VAL D 73 -9.06 -35.33 15.02
CA VAL D 73 -8.88 -33.94 14.61
C VAL D 73 -7.84 -33.89 13.49
N LYS D 74 -8.15 -33.11 12.45
CA LYS D 74 -7.23 -32.86 11.35
C LYS D 74 -6.91 -31.37 11.32
N THR D 75 -5.63 -31.03 11.28
CA THR D 75 -5.20 -29.64 11.41
C THR D 75 -4.66 -29.02 10.12
N ASN D 76 -4.32 -29.83 9.12
CA ASN D 76 -3.72 -29.30 7.90
C ASN D 76 -4.38 -29.90 6.66
N SER D 77 -5.68 -30.16 6.73
CA SER D 77 -6.42 -30.57 5.56
C SER D 77 -6.55 -29.40 4.59
N PRO D 78 -6.71 -29.68 3.29
CA PRO D 78 -6.82 -28.57 2.32
C PRO D 78 -7.98 -27.62 2.58
N LYS D 79 -9.10 -28.13 3.10
CA LYS D 79 -10.25 -27.27 3.37
C LYS D 79 -9.92 -26.20 4.41
N VAL D 80 -9.21 -26.58 5.46
CA VAL D 80 -8.83 -25.63 6.51
C VAL D 80 -7.91 -24.56 5.94
N LEU D 81 -6.92 -24.97 5.15
CA LEU D 81 -6.01 -24.00 4.56
C LEU D 81 -6.74 -23.03 3.63
N LYS D 82 -7.68 -23.55 2.83
CA LYS D 82 -8.46 -22.69 1.95
C LYS D 82 -9.29 -21.69 2.74
N ALA D 83 -9.92 -22.15 3.83
CA ALA D 83 -10.72 -21.25 4.65
C ALA D 83 -9.86 -20.17 5.28
N ARG D 84 -8.67 -20.54 5.79
CA ARG D 84 -7.79 -19.54 6.38
C ARG D 84 -7.33 -18.52 5.35
N ARG D 85 -7.00 -18.99 4.14
CA ARG D 85 -6.59 -18.06 3.09
C ARG D 85 -7.72 -17.10 2.73
N VAL D 86 -8.95 -17.60 2.64
CA VAL D 86 -10.07 -16.73 2.30
C VAL D 86 -10.32 -15.71 3.41
N ILE D 87 -10.22 -16.13 4.68
CA ILE D 87 -10.44 -15.20 5.78
C ILE D 87 -9.37 -14.11 5.79
N LEU D 88 -8.11 -14.48 5.58
CA LEU D 88 -7.07 -13.46 5.55
C LEU D 88 -7.20 -12.53 4.35
N GLU D 89 -7.64 -13.06 3.20
CA GLU D 89 -7.91 -12.18 2.06
C GLU D 89 -9.05 -11.21 2.39
N LEU D 90 -10.07 -11.68 3.10
CA LEU D 90 -11.16 -10.80 3.49
C LEU D 90 -10.66 -9.68 4.41
N LEU D 91 -9.78 -10.02 5.35
CA LEU D 91 -9.17 -8.97 6.18
C LEU D 91 -8.37 -7.98 5.35
N LEU D 92 -7.46 -8.48 4.51
CA LEU D 92 -6.56 -7.60 3.79
C LEU D 92 -7.22 -6.84 2.65
N SER D 93 -8.47 -7.18 2.31
CA SER D 93 -9.19 -6.42 1.30
C SER D 93 -9.59 -5.03 1.77
N SER D 94 -9.53 -4.75 3.07
CA SER D 94 -9.95 -3.47 3.64
C SER D 94 -8.93 -2.96 4.66
N HIS D 95 -7.66 -3.00 4.28
CA HIS D 95 -6.56 -2.52 5.12
C HIS D 95 -5.84 -1.39 4.42
N ASN D 96 -5.56 -0.32 5.15
CA ASN D 96 -4.73 0.77 4.64
C ASN D 96 -3.27 0.38 4.86
N ALA D 97 -2.50 0.35 3.78
CA ALA D 97 -1.32 -0.51 3.71
C ALA D 97 -0.01 0.28 3.66
N ASP D 98 0.12 1.28 4.51
CA ASP D 98 1.39 1.98 4.60
C ASP D 98 2.36 1.20 5.47
N CYS D 99 2.76 0.00 5.02
CA CYS D 99 3.78 -0.76 5.73
C CYS D 99 5.14 -0.11 5.67
N PHE D 100 5.33 0.88 4.78
CA PHE D 100 6.53 1.71 4.82
C PHE D 100 6.47 2.69 5.99
N GLU D 101 5.28 3.17 6.31
CA GLU D 101 5.07 4.21 7.31
C GLU D 101 4.63 3.65 8.65
N CYS D 102 4.47 2.34 8.77
CA CYS D 102 3.87 1.76 9.96
C CYS D 102 4.92 1.53 11.04
N ASP D 103 4.60 1.96 12.27
CA ASP D 103 5.52 1.76 13.38
C ASP D 103 5.72 0.29 13.70
N LYS D 104 4.71 -0.53 13.49
CA LYS D 104 4.76 -1.95 13.80
C LYS D 104 5.37 -2.77 12.67
N ASN D 105 6.12 -2.12 11.78
CA ASN D 105 6.76 -2.83 10.68
C ASN D 105 7.76 -3.84 11.22
N LEU D 106 7.78 -5.02 10.59
CA LEU D 106 8.66 -6.14 10.95
C LEU D 106 8.34 -6.68 12.34
N HIS D 107 7.32 -6.13 12.98
CA HIS D 107 6.85 -6.63 14.27
C HIS D 107 5.35 -6.96 14.26
N CYS D 108 4.67 -6.73 13.14
CA CYS D 108 3.24 -6.99 13.04
C CYS D 108 2.98 -8.49 12.92
N LYS D 109 1.86 -8.93 13.48
CA LYS D 109 1.45 -10.32 13.37
C LYS D 109 0.61 -10.58 12.12
N LEU D 110 -0.21 -9.61 11.72
CA LEU D 110 -0.97 -9.74 10.48
C LEU D 110 -0.04 -9.87 9.28
N GLN D 111 1.05 -9.10 9.26
CA GLN D 111 2.02 -9.19 8.18
C GLN D 111 2.70 -10.55 8.14
N LYS D 112 3.08 -11.07 9.31
CA LYS D 112 3.75 -12.37 9.37
C LYS D 112 2.80 -13.48 8.93
N TYR D 113 1.53 -13.41 9.34
CA TYR D 113 0.56 -14.42 8.91
C TYR D 113 0.23 -14.30 7.42
N ALA D 114 0.21 -13.08 6.89
CA ALA D 114 0.04 -12.92 5.45
C ALA D 114 1.20 -13.52 4.68
N TYR D 115 2.41 -13.41 5.23
CA TYR D 115 3.56 -14.05 4.58
C TYR D 115 3.47 -15.56 4.66
N GLU D 116 3.21 -16.11 5.85
CA GLU D 116 3.33 -17.55 6.05
C GLU D 116 2.24 -18.32 5.30
N LEU D 117 1.00 -17.87 5.39
CA LEU D 117 -0.11 -18.58 4.75
C LEU D 117 -0.25 -18.23 3.26
N ASN D 118 0.81 -17.69 2.65
CA ASN D 118 0.95 -17.64 1.20
C ASN D 118 -0.18 -16.84 0.55
N ILE D 119 -0.16 -15.53 0.74
CA ILE D 119 -1.06 -14.61 0.05
C ILE D 119 -0.24 -13.82 -0.97
N ARG D 120 -0.69 -13.82 -2.22
CA ARG D 120 -0.01 -13.08 -3.27
C ARG D 120 -0.92 -12.26 -4.18
N ASN D 121 -2.24 -12.49 -4.13
CA ASN D 121 -3.15 -11.77 -5.04
C ASN D 121 -4.53 -11.71 -4.40
N ILE D 122 -4.95 -10.50 -4.05
CA ILE D 122 -6.27 -10.31 -3.46
C ILE D 122 -7.31 -10.19 -4.57
N ARG D 123 -8.34 -11.02 -4.49
CA ARG D 123 -9.42 -11.00 -5.48
C ARG D 123 -10.53 -10.02 -5.13
N PHE D 124 -10.65 -9.66 -3.86
CA PHE D 124 -11.71 -8.76 -3.40
C PHE D 124 -11.13 -7.36 -3.26
N LYS D 125 -11.45 -6.49 -4.22
CA LYS D 125 -11.03 -5.09 -4.18
C LYS D 125 -12.27 -4.21 -4.19
N GLY D 126 -12.32 -3.27 -3.26
CA GLY D 126 -13.48 -2.40 -3.15
C GLY D 126 -13.38 -1.37 -2.04
N GLU D 127 -14.46 -1.22 -1.27
CA GLU D 127 -14.50 -0.22 -0.22
C GLU D 127 -13.54 -0.57 0.91
N LYS D 128 -12.89 0.45 1.46
CA LYS D 128 -11.90 0.30 2.52
C LYS D 128 -12.37 1.05 3.76
N ARG D 129 -11.55 0.99 4.81
CA ARG D 129 -11.81 1.76 6.02
C ARG D 129 -11.18 3.13 5.91
N ASN D 130 -11.91 4.15 6.34
CA ASN D 130 -11.42 5.52 6.28
C ASN D 130 -11.95 6.29 7.50
N TYR D 131 -11.05 6.71 8.38
CA TYR D 131 -11.41 7.48 9.56
C TYR D 131 -10.47 8.67 9.72
N GLU D 132 -10.56 9.36 10.84
CA GLU D 132 -9.70 10.50 11.15
C GLU D 132 -8.87 10.18 12.38
N ILE D 133 -7.58 10.48 12.32
CA ILE D 133 -6.65 10.21 13.42
C ILE D 133 -6.54 11.47 14.27
N LYS D 134 -6.71 11.30 15.58
CA LYS D 134 -6.67 12.40 16.52
C LYS D 134 -5.67 12.10 17.63
N ASP D 135 -5.07 13.17 18.18
CA ASP D 135 -4.08 13.03 19.22
C ASP D 135 -4.74 12.64 20.54
N ASN D 136 -4.22 11.59 21.18
CA ASN D 136 -4.71 11.11 22.46
C ASN D 136 -3.64 11.17 23.54
N GLY D 137 -2.70 12.11 23.39
CA GLY D 137 -1.61 12.24 24.33
C GLY D 137 -0.42 11.39 23.94
N PRO D 138 0.10 10.60 24.89
CA PRO D 138 1.22 9.71 24.59
C PRO D 138 0.83 8.41 23.90
N ILE D 139 -0.41 8.25 23.48
CA ILE D 139 -0.88 7.05 22.80
C ILE D 139 -1.43 7.46 21.43
N TYR D 140 -1.01 6.72 20.40
CA TYR D 140 -1.39 7.01 19.02
C TYR D 140 -2.34 5.92 18.54
N TYR D 141 -3.55 6.34 18.14
CA TYR D 141 -4.60 5.41 17.73
C TYR D 141 -4.97 5.67 16.28
N ASP D 142 -4.86 4.66 15.44
CA ASP D 142 -5.23 4.73 14.02
C ASP D 142 -6.29 3.70 13.74
N PRO D 143 -7.57 4.09 13.66
CA PRO D 143 -8.64 3.09 13.45
C PRO D 143 -8.68 2.51 12.04
N ASN D 144 -7.83 2.97 11.13
CA ASN D 144 -7.79 2.41 9.78
C ASN D 144 -7.02 1.09 9.73
N LYS D 145 -6.29 0.73 10.78
CA LYS D 145 -5.53 -0.51 10.83
C LYS D 145 -6.11 -1.51 11.82
N CYS D 146 -7.27 -1.22 12.40
CA CYS D 146 -7.87 -2.10 13.40
C CYS D 146 -8.51 -3.31 12.73
N ILE D 147 -8.36 -4.47 13.37
CA ILE D 147 -8.99 -5.70 12.93
C ILE D 147 -10.10 -6.15 13.86
N LEU D 148 -10.39 -5.38 14.91
CA LEU D 148 -11.47 -5.66 15.86
C LEU D 148 -11.32 -7.04 16.49
N CYS D 149 -10.22 -7.22 17.22
CA CYS D 149 -9.98 -8.45 17.95
C CYS D 149 -10.44 -8.36 19.40
N GLY D 150 -10.62 -7.16 19.94
CA GLY D 150 -11.11 -6.98 21.28
C GLY D 150 -10.08 -7.13 22.38
N LYS D 151 -8.80 -7.32 22.03
CA LYS D 151 -7.78 -7.56 23.06
C LYS D 151 -7.63 -6.36 23.99
N CYS D 152 -7.70 -5.15 23.44
CA CYS D 152 -7.55 -3.95 24.27
C CYS D 152 -8.74 -3.80 25.23
N VAL D 153 -9.96 -3.99 24.73
CA VAL D 153 -11.14 -3.89 25.58
C VAL D 153 -11.11 -4.98 26.65
N ARG D 154 -10.76 -6.20 26.25
CA ARG D 154 -10.75 -7.31 27.21
C ARG D 154 -9.66 -7.13 28.27
N ILE D 155 -8.49 -6.62 27.88
CA ILE D 155 -7.44 -6.40 28.88
C ILE D 155 -7.80 -5.24 29.79
N CYS D 156 -8.49 -4.21 29.29
CA CYS D 156 -8.89 -3.11 30.14
C CYS D 156 -10.04 -3.45 31.07
N GLU D 157 -10.91 -4.40 30.69
CA GLU D 157 -12.07 -4.74 31.49
C GLU D 157 -11.82 -5.92 32.43
N GLU D 158 -11.28 -7.02 31.92
CA GLU D 158 -11.13 -8.23 32.73
C GLU D 158 -10.03 -8.08 33.77
N VAL D 159 -8.88 -7.52 33.38
CA VAL D 159 -7.70 -7.53 34.23
C VAL D 159 -7.57 -6.23 34.99
N GLN D 160 -7.53 -5.10 34.27
CA GLN D 160 -7.30 -3.82 34.90
C GLN D 160 -8.49 -3.31 35.68
N HIS D 161 -9.70 -3.73 35.34
CA HIS D 161 -10.93 -3.33 36.02
C HIS D 161 -11.13 -1.82 35.99
N ILE D 162 -10.71 -1.18 34.90
CA ILE D 162 -10.90 0.26 34.72
C ILE D 162 -12.05 0.55 33.77
N CYS D 163 -12.12 -0.18 32.66
CA CYS D 163 -13.20 -0.05 31.67
C CYS D 163 -13.25 1.37 31.11
N ALA D 164 -12.17 1.77 30.45
CA ALA D 164 -12.08 3.09 29.85
C ALA D 164 -12.47 3.12 28.38
N ILE D 165 -12.52 1.97 27.70
CA ILE D 165 -12.87 1.89 26.30
C ILE D 165 -13.84 0.73 26.09
N ASP D 166 -14.55 0.78 24.96
CA ASP D 166 -15.51 -0.25 24.60
C ASP D 166 -15.78 -0.14 23.11
N PHE D 167 -16.62 -1.04 22.60
CA PHE D 167 -16.98 -1.03 21.19
C PHE D 167 -18.00 0.07 20.90
N ALA D 168 -17.99 0.54 19.66
CA ALA D 168 -18.95 1.53 19.19
C ALA D 168 -19.45 1.13 17.82
N SER D 169 -20.69 1.55 17.51
CA SER D 169 -21.34 1.24 16.24
C SER D 169 -21.51 -0.26 16.06
N ARG D 170 -21.91 -0.69 14.87
CA ARG D 170 -22.10 -2.11 14.58
C ARG D 170 -21.85 -2.37 13.11
N GLY D 171 -21.52 -3.62 12.80
CA GLY D 171 -21.37 -4.05 11.43
C GLY D 171 -20.01 -3.73 10.83
N PHE D 172 -19.99 -3.36 9.55
CA PHE D 172 -18.76 -2.99 8.88
C PHE D 172 -18.15 -1.70 9.44
N LYS D 173 -18.94 -0.89 10.15
CA LYS D 173 -18.50 0.41 10.63
C LYS D 173 -18.14 0.40 12.11
N ALA D 174 -17.96 -0.78 12.71
CA ALA D 174 -17.60 -0.85 14.12
C ALA D 174 -16.18 -0.35 14.35
N TYR D 175 -15.95 0.19 15.54
CA TYR D 175 -14.64 0.72 15.91
C TYR D 175 -14.59 0.84 17.43
N ILE D 176 -13.39 1.08 17.95
CA ILE D 176 -13.16 1.23 19.38
C ILE D 176 -13.10 2.71 19.70
N SER D 177 -13.83 3.13 20.74
CA SER D 177 -13.89 4.54 21.06
C SER D 177 -14.24 4.73 22.53
N THR D 178 -13.85 5.89 23.05
CA THR D 178 -14.26 6.43 24.34
C THR D 178 -15.60 7.13 24.19
N PRO D 179 -16.31 7.37 25.30
CA PRO D 179 -17.60 8.07 25.22
C PRO D 179 -17.48 9.39 24.48
N PHE D 180 -18.22 9.50 23.38
CA PHE D 180 -18.30 10.70 22.55
C PHE D 180 -16.97 11.07 21.91
N GLU D 181 -16.10 10.10 21.70
CA GLU D 181 -14.79 10.31 21.06
C GLU D 181 -13.96 11.37 21.79
N LYS D 182 -14.13 11.46 23.11
CA LYS D 182 -13.38 12.42 23.89
C LYS D 182 -11.92 11.98 24.02
N PRO D 183 -11.00 12.93 24.18
CA PRO D 183 -9.60 12.57 24.38
C PRO D 183 -9.42 11.73 25.64
N LEU D 184 -8.38 10.89 25.62
CA LEU D 184 -8.15 9.94 26.70
C LEU D 184 -7.82 10.62 28.02
N LEU D 185 -7.38 11.87 28.00
CA LEU D 185 -6.92 12.53 29.23
C LEU D 185 -8.06 12.71 30.22
N GLU D 186 -9.24 13.15 29.75
CA GLU D 186 -10.37 13.38 30.63
C GLU D 186 -11.33 12.20 30.67
N SER D 187 -11.00 11.09 30.02
CA SER D 187 -11.73 9.84 30.18
C SER D 187 -11.24 9.16 31.46
N ASP D 188 -11.61 7.89 31.64
CA ASP D 188 -11.21 7.13 32.82
C ASP D 188 -9.86 6.44 32.63
N CYS D 189 -9.10 6.81 31.60
CA CYS D 189 -7.79 6.22 31.38
C CYS D 189 -6.79 6.71 32.41
N ILE D 190 -5.95 5.79 32.90
CA ILE D 190 -4.92 6.10 33.87
C ILE D 190 -3.52 5.98 33.28
N PHE D 191 -3.41 5.73 31.97
CA PHE D 191 -2.14 5.68 31.26
C PHE D 191 -1.20 4.62 31.86
N CYS D 192 -1.64 3.37 31.82
CA CYS D 192 -0.77 2.26 32.19
C CYS D 192 -0.07 1.66 30.99
N GLY D 193 -0.78 1.54 29.86
CA GLY D 193 -0.19 1.08 28.63
C GLY D 193 -0.30 -0.40 28.34
N GLN D 194 -1.14 -1.14 29.07
CA GLN D 194 -1.27 -2.56 28.82
C GLN D 194 -2.03 -2.85 27.53
N CYS D 195 -2.88 -1.92 27.09
CA CYS D 195 -3.58 -2.11 25.83
C CYS D 195 -2.64 -1.98 24.64
N VAL D 196 -1.63 -1.11 24.74
CA VAL D 196 -0.63 -0.97 23.69
C VAL D 196 0.28 -2.19 23.64
N ARG D 197 0.42 -2.92 24.75
CA ARG D 197 1.34 -4.04 24.84
C ARG D 197 0.79 -5.31 24.19
N VAL D 198 -0.53 -5.40 24.00
CA VAL D 198 -1.15 -6.62 23.48
C VAL D 198 -1.75 -6.45 22.10
N CYS D 199 -1.78 -5.25 21.56
CA CYS D 199 -2.38 -5.04 20.24
C CYS D 199 -1.56 -5.76 19.18
N PRO D 200 -2.18 -6.56 18.30
CA PRO D 200 -1.42 -7.30 17.29
C PRO D 200 -1.11 -6.52 16.02
N THR D 201 -1.69 -5.35 15.83
CA THR D 201 -1.47 -4.53 14.64
C THR D 201 -0.85 -3.20 15.05
N GLY D 202 -0.73 -2.29 14.09
CA GLY D 202 -0.15 -0.99 14.36
C GLY D 202 -1.19 0.06 14.68
N ALA D 203 -2.39 -0.36 15.05
CA ALA D 203 -3.44 0.59 15.39
C ALA D 203 -3.09 1.40 16.63
N LEU D 204 -2.56 0.74 17.66
CA LEU D 204 -2.13 1.40 18.88
C LEU D 204 -0.61 1.48 18.90
N ALA D 205 -0.08 2.68 19.11
CA ALA D 205 1.35 2.91 19.02
C ALA D 205 1.76 3.99 20.01
N GLU D 206 2.95 4.54 19.81
CA GLU D 206 3.55 5.50 20.73
C GLU D 206 3.78 6.84 20.04
N LYS D 207 3.85 7.89 20.86
CA LYS D 207 4.23 9.20 20.38
C LYS D 207 5.74 9.40 20.53
N THR D 208 6.43 9.62 19.42
CA THR D 208 7.88 9.68 19.39
C THR D 208 8.37 11.11 19.59
N ASP D 209 9.55 11.23 20.22
CA ASP D 209 10.19 12.51 20.49
C ASP D 209 11.63 12.50 20.01
N ILE D 210 11.94 11.65 19.03
CA ILE D 210 13.32 11.48 18.57
C ILE D 210 13.81 12.75 17.86
N GLU D 211 12.93 13.40 17.10
CA GLU D 211 13.34 14.56 16.31
C GLU D 211 13.82 15.70 17.21
N ARG D 212 13.13 15.93 18.33
CA ARG D 212 13.58 16.98 19.25
C ARG D 212 14.94 16.65 19.84
N ILE D 213 15.18 15.38 20.15
CA ILE D 213 16.48 14.98 20.68
C ILE D 213 17.58 15.21 19.66
N TYR D 214 17.33 14.85 18.39
CA TYR D 214 18.31 15.10 17.34
C TYR D 214 18.56 16.59 17.14
N GLU D 215 17.49 17.40 17.18
CA GLU D 215 17.67 18.84 16.97
C GLU D 215 18.32 19.53 18.17
N ALA D 216 18.23 18.92 19.35
CA ALA D 216 18.95 19.44 20.51
C ALA D 216 20.39 18.97 20.57
N ILE D 217 20.69 17.80 20.01
CA ILE D 217 22.07 17.33 19.93
C ILE D 217 22.86 18.17 18.94
N SER D 218 22.27 18.48 17.79
CA SER D 218 22.95 19.29 16.78
C SER D 218 23.15 20.73 17.25
N ASP D 219 22.42 21.17 18.26
CA ASP D 219 22.59 22.52 18.77
C ASP D 219 23.94 22.64 19.46
N PRO D 220 24.81 23.55 19.03
CA PRO D 220 26.16 23.66 19.63
C PRO D 220 26.21 24.42 20.94
N ASN D 221 25.07 24.87 21.47
CA ASN D 221 25.03 25.64 22.71
C ASN D 221 24.20 24.95 23.78
N LYS D 222 24.23 23.62 23.83
CA LYS D 222 23.50 22.85 24.82
C LYS D 222 24.31 21.63 25.23
N VAL D 223 24.03 21.14 26.43
CA VAL D 223 24.66 19.93 26.97
C VAL D 223 23.56 18.91 27.23
N VAL D 224 23.75 17.70 26.73
CA VAL D 224 22.75 16.64 26.80
C VAL D 224 23.21 15.58 27.77
N VAL D 225 22.33 15.21 28.71
CA VAL D 225 22.59 14.15 29.66
C VAL D 225 21.43 13.16 29.60
N VAL D 226 21.72 11.89 29.89
CA VAL D 226 20.74 10.82 29.76
C VAL D 226 20.76 9.98 31.03
N GLN D 227 19.59 9.49 31.42
CA GLN D 227 19.43 8.59 32.56
C GLN D 227 18.71 7.32 32.11
N VAL D 228 19.13 6.20 32.67
CA VAL D 228 18.65 4.88 32.25
C VAL D 228 17.94 4.22 33.42
N ALA D 229 16.78 3.62 33.15
CA ALA D 229 15.97 2.94 34.15
C ALA D 229 16.57 1.59 34.52
N PRO D 230 16.31 1.12 35.74
CA PRO D 230 16.87 -0.19 36.14
C PRO D 230 16.39 -1.35 35.29
N ALA D 231 15.18 -1.31 34.75
CA ALA D 231 14.61 -2.43 34.03
C ALA D 231 14.95 -2.45 32.55
N VAL D 232 15.63 -1.42 32.04
CA VAL D 232 15.96 -1.39 30.62
C VAL D 232 17.14 -2.32 30.32
N ARG D 233 17.98 -2.60 31.31
CA ARG D 233 19.21 -3.34 31.07
C ARG D 233 19.02 -4.85 31.04
N VAL D 234 17.80 -5.34 31.26
CA VAL D 234 17.51 -6.78 31.17
C VAL D 234 16.63 -7.13 29.99
N ALA D 235 16.01 -6.15 29.35
CA ALA D 235 15.13 -6.40 28.21
C ALA D 235 15.59 -5.74 26.93
N LEU D 236 16.67 -4.96 26.95
CA LEU D 236 17.16 -4.33 25.74
C LEU D 236 17.86 -5.32 24.82
N GLY D 237 18.44 -6.38 25.39
CA GLY D 237 19.14 -7.35 24.56
C GLY D 237 18.23 -8.23 23.75
N GLU D 238 16.94 -8.26 24.09
CA GLU D 238 15.99 -9.07 23.34
C GLU D 238 15.85 -8.57 21.90
N GLU D 239 15.88 -7.25 21.72
CA GLU D 239 15.74 -6.65 20.38
C GLU D 239 16.88 -7.03 19.44
N PHE D 240 18.00 -7.54 19.96
CA PHE D 240 19.16 -7.85 19.14
C PHE D 240 19.44 -9.35 19.08
N GLY D 241 18.44 -10.18 19.39
CA GLY D 241 18.58 -11.61 19.22
C GLY D 241 19.04 -12.39 20.43
N LEU D 242 19.01 -11.79 21.62
CA LEU D 242 19.42 -12.47 22.84
C LEU D 242 18.20 -12.96 23.62
N GLU D 243 18.48 -13.74 24.66
CA GLU D 243 17.42 -14.26 25.51
C GLU D 243 17.00 -13.23 26.55
N PRO D 244 15.75 -13.28 27.02
CA PRO D 244 15.33 -12.36 28.08
C PRO D 244 16.13 -12.57 29.36
N GLY D 245 16.37 -11.48 30.07
CA GLY D 245 17.08 -11.52 31.33
C GLY D 245 18.59 -11.50 31.23
N GLU D 246 19.14 -11.17 30.07
CA GLU D 246 20.59 -11.10 29.89
C GLU D 246 21.06 -9.66 30.09
N ILE D 247 22.07 -9.49 30.94
CA ILE D 247 22.53 -8.16 31.32
C ILE D 247 23.36 -7.56 30.19
N VAL D 248 23.00 -6.36 29.76
CA VAL D 248 23.67 -5.68 28.66
C VAL D 248 24.07 -4.27 29.09
N THR D 249 24.36 -4.09 30.38
CA THR D 249 24.60 -2.75 30.91
C THR D 249 25.79 -2.07 30.24
N GLY D 250 26.94 -2.75 30.22
CA GLY D 250 28.12 -2.15 29.60
C GLY D 250 27.94 -1.90 28.12
N LYS D 251 27.31 -2.85 27.42
CA LYS D 251 27.05 -2.68 25.99
C LYS D 251 26.15 -1.49 25.74
N MET D 252 25.10 -1.32 26.55
CA MET D 252 24.19 -0.20 26.34
C MET D 252 24.85 1.12 26.69
N VAL D 253 25.73 1.15 27.70
CA VAL D 253 26.46 2.37 28.01
C VAL D 253 27.39 2.76 26.87
N ALA D 254 28.09 1.77 26.31
CA ALA D 254 28.96 2.05 25.16
C ALA D 254 28.15 2.55 23.97
N ALA D 255 27.00 1.93 23.71
CA ALA D 255 26.16 2.36 22.60
C ALA D 255 25.65 3.77 22.81
N LEU D 256 25.23 4.11 24.04
CA LEU D 256 24.76 5.45 24.31
C LEU D 256 25.88 6.48 24.16
N LYS D 257 27.10 6.12 24.58
CA LYS D 257 28.23 7.02 24.35
C LYS D 257 28.49 7.22 22.86
N ARG D 258 28.35 6.16 22.07
CA ARG D 258 28.54 6.29 20.63
C ARG D 258 27.42 7.07 19.95
N LEU D 259 26.29 7.29 20.63
CA LEU D 259 25.15 7.96 20.02
C LEU D 259 25.27 9.48 20.05
N GLY D 260 26.19 10.03 20.81
CA GLY D 260 26.38 11.48 20.88
C GLY D 260 26.02 12.10 22.22
N PHE D 261 25.54 11.33 23.21
CA PHE D 261 25.24 11.90 24.51
C PHE D 261 26.52 12.26 25.24
N ASP D 262 26.56 13.47 25.82
CA ASP D 262 27.78 13.94 26.46
C ASP D 262 28.04 13.21 27.77
N LYS D 263 27.01 13.03 28.59
CA LYS D 263 27.16 12.36 29.88
C LYS D 263 26.05 11.33 30.04
N VAL D 264 26.41 10.15 30.53
CA VAL D 264 25.46 9.05 30.74
C VAL D 264 25.47 8.71 32.23
N PHE D 265 24.29 8.78 32.85
CA PHE D 265 24.12 8.44 34.25
C PHE D 265 23.07 7.33 34.38
N ASP D 266 22.70 7.02 35.62
CA ASP D 266 21.68 6.03 35.89
C ASP D 266 20.74 6.55 36.97
N THR D 267 19.51 6.03 36.95
CA THR D 267 18.46 6.48 37.86
C THR D 267 18.58 5.88 39.25
N GLN D 268 19.40 4.85 39.43
CA GLN D 268 19.50 4.17 40.73
C GLN D 268 20.07 5.08 41.81
N PHE D 269 20.87 6.08 41.45
CA PHE D 269 21.28 7.10 42.42
C PHE D 269 20.06 7.83 42.98
N ALA D 270 19.17 8.28 42.09
CA ALA D 270 17.93 8.89 42.53
C ALA D 270 17.05 7.88 43.27
N ALA D 271 17.15 6.60 42.92
CA ALA D 271 16.42 5.58 43.65
C ALA D 271 16.88 5.49 45.10
N ASP D 272 18.19 5.52 45.34
CA ASP D 272 18.70 5.53 46.70
C ASP D 272 18.30 6.79 47.44
N MET D 273 18.35 7.94 46.75
CA MET D 273 17.93 9.19 47.39
C MET D 273 16.46 9.11 47.81
N THR D 274 15.61 8.60 46.92
CA THR D 274 14.19 8.44 47.24
C THR D 274 13.99 7.44 48.37
N ILE D 275 14.80 6.38 48.41
CA ILE D 275 14.70 5.41 49.48
C ILE D 275 14.99 6.08 50.82
N VAL D 276 16.05 6.89 50.86
CA VAL D 276 16.40 7.58 52.11
C VAL D 276 15.28 8.51 52.54
N GLU D 277 14.76 9.31 51.60
CA GLU D 277 13.70 10.25 51.93
C GLU D 277 12.44 9.53 52.43
N GLU D 278 12.04 8.48 51.71
CA GLU D 278 10.83 7.75 52.08
C GLU D 278 10.99 7.04 53.41
N THR D 279 12.18 6.48 53.68
CA THR D 279 12.39 5.80 54.95
C THR D 279 12.36 6.80 56.11
N ALA D 280 12.96 7.97 55.94
CA ALA D 280 12.88 8.99 56.98
C ALA D 280 11.44 9.43 57.21
N GLU D 281 10.69 9.63 56.13
CA GLU D 281 9.28 10.02 56.26
C GLU D 281 8.48 8.93 56.97
N LEU D 282 8.71 7.67 56.63
CA LEU D 282 7.99 6.58 57.26
C LEU D 282 8.34 6.47 58.74
N VAL D 283 9.60 6.66 59.10
CA VAL D 283 9.99 6.63 60.50
C VAL D 283 9.31 7.75 61.28
N GLU D 284 9.29 8.96 60.70
CA GLU D 284 8.63 10.07 61.38
C GLU D 284 7.12 9.81 61.52
N ARG D 285 6.50 9.26 60.49
CA ARG D 285 5.07 8.97 60.56
C ARG D 285 4.78 7.90 61.60
N LEU D 286 5.63 6.86 61.68
CA LEU D 286 5.45 5.84 62.71
C LEU D 286 5.61 6.42 64.10
N GLU D 287 6.58 7.33 64.29
CA GLU D 287 6.73 7.99 65.57
C GLU D 287 5.49 8.82 65.91
N LYS D 288 4.95 9.54 64.93
CA LYS D 288 3.75 10.32 65.16
C LYS D 288 2.50 9.45 65.20
N GLY D 289 2.46 8.38 64.42
CA GLY D 289 1.29 7.51 64.41
C GLY D 289 0.04 8.15 63.85
N GLU D 290 0.15 8.88 62.76
CA GLU D 290 -0.98 9.56 62.15
C GLU D 290 -1.01 9.30 60.65
N ASN D 291 -2.22 9.35 60.07
CA ASN D 291 -2.43 9.19 58.64
C ASN D 291 -1.89 7.83 58.15
N PHE D 292 -2.49 6.77 58.67
CA PHE D 292 -2.14 5.42 58.27
C PHE D 292 -3.25 4.79 57.44
N PRO D 293 -2.92 3.92 56.48
CA PRO D 293 -1.55 3.54 56.09
C PRO D 293 -0.89 4.56 55.16
N MET D 294 0.37 4.31 54.83
CA MET D 294 1.14 5.17 53.92
C MET D 294 1.34 4.43 52.60
N PHE D 295 0.99 5.09 51.50
CA PHE D 295 1.14 4.53 50.17
C PHE D 295 2.33 5.18 49.46
N THR D 296 2.97 4.40 48.59
CA THR D 296 4.08 4.92 47.80
C THR D 296 3.54 5.81 46.68
N SER D 297 4.47 6.52 46.02
CA SER D 297 4.08 7.44 44.96
C SER D 297 5.01 7.36 43.76
N CYS D 298 5.71 6.23 43.56
CA CYS D 298 6.64 6.09 42.46
C CYS D 298 5.96 5.75 41.14
N CYS D 299 4.70 5.34 41.16
CA CYS D 299 3.99 4.94 39.95
C CYS D 299 3.05 6.06 39.53
N PRO D 300 3.30 6.72 38.38
CA PRO D 300 2.38 7.79 37.96
C PRO D 300 0.95 7.32 37.72
N SER D 301 0.77 6.09 37.21
CA SER D 301 -0.58 5.58 36.97
C SER D 301 -1.33 5.37 38.27
N TRP D 302 -0.64 4.93 39.32
CA TRP D 302 -1.28 4.80 40.63
C TRP D 302 -1.72 6.15 41.15
N ILE D 303 -0.90 7.19 40.96
CA ILE D 303 -1.27 8.53 41.38
C ILE D 303 -2.47 9.02 40.59
N LEU D 304 -2.52 8.76 39.29
CA LEU D 304 -3.68 9.14 38.48
C LEU D 304 -4.93 8.42 38.97
N ALA D 305 -4.82 7.13 39.28
CA ALA D 305 -5.97 6.38 39.79
C ALA D 305 -6.46 6.95 41.11
N VAL D 306 -5.53 7.32 42.00
CA VAL D 306 -5.92 7.95 43.26
C VAL D 306 -6.64 9.27 43.00
N GLU D 307 -6.10 10.08 42.09
CA GLU D 307 -6.68 11.40 41.84
C GLU D 307 -8.06 11.28 41.21
N LYS D 308 -8.29 10.25 40.39
CA LYS D 308 -9.56 10.15 39.67
C LYS D 308 -10.61 9.40 40.47
N PHE D 309 -10.29 8.24 41.01
CA PHE D 309 -11.28 7.35 41.59
C PHE D 309 -11.33 7.36 43.11
N TYR D 310 -10.20 7.58 43.78
CA TYR D 310 -10.12 7.54 45.24
C TYR D 310 -9.49 8.83 45.75
N PRO D 311 -10.20 9.96 45.66
CA PRO D 311 -9.60 11.24 46.07
C PRO D 311 -9.54 11.43 47.58
N GLU D 312 -10.02 10.47 48.38
CA GLU D 312 -9.97 10.59 49.82
C GLU D 312 -8.68 10.02 50.42
N LEU D 313 -7.82 9.41 49.61
CA LEU D 313 -6.57 8.86 50.07
C LEU D 313 -5.39 9.79 49.86
N ILE D 314 -5.64 11.01 49.35
CA ILE D 314 -4.54 11.94 49.08
C ILE D 314 -3.72 12.27 50.32
N PRO D 315 -4.30 12.54 51.49
CA PRO D 315 -3.46 12.81 52.67
C PRO D 315 -2.57 11.64 53.07
N ASN D 316 -2.88 10.41 52.65
CA ASN D 316 -2.10 9.25 53.02
C ASN D 316 -0.98 8.93 52.03
N ILE D 317 -0.92 9.61 50.89
CA ILE D 317 0.09 9.34 49.89
C ILE D 317 1.39 10.02 50.29
N SER D 318 2.50 9.30 50.11
CA SER D 318 3.82 9.89 50.33
C SER D 318 4.08 11.00 49.32
N THR D 319 4.69 12.08 49.79
CA THR D 319 4.91 13.27 48.98
C THR D 319 6.22 13.26 48.22
N ALA D 320 7.07 12.25 48.41
CA ALA D 320 8.34 12.20 47.72
C ALA D 320 8.14 12.02 46.21
N ARG D 321 8.95 12.71 45.43
CA ARG D 321 8.86 12.62 43.98
C ARG D 321 9.37 11.26 43.50
N SER D 322 9.04 10.96 42.25
CA SER D 322 9.57 9.76 41.61
C SER D 322 11.07 9.95 41.32
N PRO D 323 11.82 8.85 41.19
CA PRO D 323 13.26 8.97 40.92
C PRO D 323 13.58 9.77 39.67
N GLN D 324 12.74 9.70 38.63
CA GLN D 324 13.01 10.45 37.41
C GLN D 324 13.03 11.96 37.66
N GLN D 325 12.00 12.46 38.34
CA GLN D 325 11.94 13.90 38.61
C GLN D 325 13.00 14.32 39.62
N ILE D 326 13.32 13.46 40.58
CA ILE D 326 14.39 13.77 41.53
C ILE D 326 15.72 13.90 40.80
N PHE D 327 16.00 12.97 39.88
CA PHE D 327 17.22 13.06 39.10
C PHE D 327 17.25 14.32 38.24
N GLY D 328 16.11 14.66 37.63
CA GLY D 328 16.05 15.88 36.83
C GLY D 328 16.34 17.12 37.66
N ALA D 329 15.73 17.21 38.84
CA ALA D 329 15.98 18.33 39.73
C ALA D 329 17.44 18.40 40.16
N ILE D 330 18.02 17.24 40.48
CA ILE D 330 19.43 17.20 40.89
C ILE D 330 20.32 17.69 39.76
N ALA D 331 20.07 17.22 38.54
CA ALA D 331 20.90 17.59 37.40
C ALA D 331 20.78 19.08 37.10
N LYS D 332 19.56 19.62 37.13
CA LYS D 332 19.35 21.01 36.72
C LYS D 332 19.52 22.01 37.85
N ASN D 333 19.70 21.56 39.10
CA ASN D 333 19.87 22.47 40.22
C ASN D 333 21.21 22.37 40.92
N TYR D 334 21.89 21.24 40.86
CA TYR D 334 23.16 21.04 41.56
C TYR D 334 24.33 20.75 40.64
N TYR D 335 24.14 19.87 39.65
CA TYR D 335 25.23 19.52 38.74
C TYR D 335 25.61 20.70 37.85
N ALA D 336 24.62 21.46 37.39
CA ALA D 336 24.89 22.56 36.48
C ALA D 336 25.75 23.64 37.14
N LYS D 337 25.45 23.96 38.40
CA LYS D 337 26.25 24.96 39.11
C LYS D 337 27.68 24.47 39.32
N LYS D 338 27.84 23.18 39.63
CA LYS D 338 29.17 22.62 39.79
C LYS D 338 29.96 22.69 38.49
N ILE D 339 29.32 22.37 37.37
CA ILE D 339 30.01 22.41 36.09
C ILE D 339 30.13 23.84 35.57
N GLY D 340 29.09 24.64 35.76
CA GLY D 340 29.09 26.01 35.27
C GLY D 340 28.28 26.19 34.00
N VAL D 341 27.10 25.57 33.97
CA VAL D 341 26.20 25.62 32.82
C VAL D 341 24.89 26.26 33.27
N ALA D 342 24.40 27.20 32.47
CA ALA D 342 23.13 27.84 32.77
C ALA D 342 21.98 26.85 32.68
N ARG D 343 20.95 27.10 33.50
CA ARG D 343 19.83 26.17 33.57
C ARG D 343 19.09 26.08 32.24
N GLU D 344 19.08 27.16 31.46
CA GLU D 344 18.37 27.17 30.19
C GLU D 344 19.10 26.42 29.08
N ASN D 345 20.38 26.11 29.27
CA ASN D 345 21.18 25.46 28.25
C ASN D 345 21.53 24.01 28.60
N MET D 346 20.66 23.33 29.34
CA MET D 346 20.88 21.94 29.71
C MET D 346 19.67 21.10 29.28
N PHE D 347 19.93 19.98 28.64
CA PHE D 347 18.90 19.08 28.13
C PHE D 347 19.01 17.75 28.85
N VAL D 348 17.88 17.25 29.37
CA VAL D 348 17.83 15.99 30.10
C VAL D 348 16.90 15.04 29.36
N VAL D 349 17.41 13.84 29.08
CA VAL D 349 16.65 12.80 28.38
C VAL D 349 16.61 11.57 29.27
N SER D 350 15.45 10.90 29.29
CA SER D 350 15.26 9.70 30.09
C SER D 350 14.82 8.55 29.20
N VAL D 351 15.32 7.36 29.51
CA VAL D 351 14.92 6.12 28.84
C VAL D 351 14.15 5.29 29.85
N MET D 352 12.85 5.11 29.61
CA MET D 352 11.99 4.43 30.55
C MET D 352 11.19 3.35 29.87
N PRO D 353 10.89 2.25 30.58
CA PRO D 353 10.05 1.20 29.99
C PRO D 353 8.56 1.44 30.22
N CYS D 354 8.20 2.66 30.62
CA CYS D 354 6.84 2.99 31.00
C CYS D 354 6.23 3.97 30.02
N ILE D 355 4.90 4.10 30.08
CA ILE D 355 4.17 5.04 29.27
C ILE D 355 3.59 6.20 30.10
N GLY D 356 3.28 5.96 31.38
CA GLY D 356 2.84 7.04 32.24
C GLY D 356 3.91 8.07 32.52
N LYS D 357 5.18 7.73 32.29
CA LYS D 357 6.25 8.72 32.44
C LYS D 357 6.18 9.79 31.37
N LYS D 358 5.75 9.43 30.15
CA LYS D 358 5.59 10.41 29.10
C LYS D 358 4.59 11.49 29.49
N PHE D 359 3.50 11.10 30.14
CA PHE D 359 2.53 12.07 30.62
C PHE D 359 3.03 12.79 31.87
N GLU D 360 3.74 12.08 32.75
CA GLU D 360 4.23 12.68 33.98
C GLU D 360 5.24 13.78 33.71
N ALA D 361 6.06 13.62 32.68
CA ALA D 361 7.10 14.62 32.40
C ALA D 361 6.53 15.96 31.98
N THR D 362 5.24 16.03 31.64
CA THR D 362 4.63 17.26 31.14
C THR D 362 3.70 17.91 32.16
N ARG D 363 3.73 17.47 33.41
CA ARG D 363 2.88 18.07 34.42
C ARG D 363 3.40 19.47 34.80
N PRO D 364 2.50 20.43 34.99
CA PRO D 364 2.95 21.81 35.29
C PRO D 364 3.71 21.95 36.60
N GLU D 365 3.50 21.07 37.57
CA GLU D 365 4.09 21.26 38.89
C GLU D 365 5.59 21.01 38.91
N PHE D 366 6.14 20.34 37.89
CA PHE D 366 7.55 19.98 37.89
C PHE D 366 8.43 21.02 37.21
N ASN D 367 7.86 22.08 36.66
CA ASN D 367 8.63 23.19 36.09
C ASN D 367 9.53 22.72 34.94
N ASN D 368 9.09 21.68 34.24
CA ASN D 368 9.80 21.16 33.06
C ASN D 368 11.23 20.73 33.43
N ASP D 369 11.34 19.82 34.39
CA ASP D 369 12.65 19.31 34.78
C ASP D 369 13.22 18.39 33.71
N VAL D 370 12.40 17.48 33.18
CA VAL D 370 12.82 16.53 32.16
C VAL D 370 12.25 16.99 30.82
N ASP D 371 13.12 17.10 29.81
CA ASP D 371 12.71 17.64 28.52
C ASP D 371 12.16 16.59 27.57
N ALA D 372 12.59 15.34 27.67
CA ALA D 372 12.11 14.31 26.78
C ALA D 372 12.17 12.96 27.48
N VAL D 373 11.33 12.04 27.02
CA VAL D 373 11.25 10.68 27.57
C VAL D 373 11.24 9.70 26.40
N LEU D 374 12.06 8.66 26.48
CA LEU D 374 12.13 7.62 25.48
C LEU D 374 11.66 6.29 26.06
N THR D 375 11.63 5.27 25.20
CA THR D 375 11.32 3.91 25.59
C THR D 375 12.45 2.99 25.13
N THR D 376 12.37 1.73 25.56
CA THR D 376 13.38 0.76 25.16
C THR D 376 13.35 0.51 23.66
N ARG D 377 12.15 0.40 23.08
CA ARG D 377 12.04 0.19 21.65
C ARG D 377 12.57 1.37 20.85
N GLU D 378 12.33 2.59 21.32
CA GLU D 378 12.88 3.77 20.64
C GLU D 378 14.40 3.77 20.72
N LEU D 379 14.96 3.40 21.87
CA LEU D 379 16.42 3.32 21.99
C LEU D 379 16.99 2.27 21.05
N ALA D 380 16.33 1.11 20.95
CA ALA D 380 16.80 0.08 20.03
C ALA D 380 16.73 0.56 18.59
N ARG D 381 15.65 1.26 18.23
CA ARG D 381 15.54 1.81 16.89
C ARG D 381 16.65 2.80 16.60
N MET D 382 16.96 3.67 17.56
CA MET D 382 18.04 4.64 17.39
C MET D 382 19.38 3.94 17.23
N ILE D 383 19.64 2.90 18.03
CA ILE D 383 20.89 2.16 17.94
C ILE D 383 21.03 1.49 16.58
N LYS D 384 19.95 0.86 16.10
CA LYS D 384 20.00 0.23 14.78
C LYS D 384 20.15 1.27 13.66
N GLU D 385 19.53 2.44 13.82
CA GLU D 385 19.65 3.49 12.82
C GLU D 385 21.07 4.00 12.72
N SER D 386 21.74 4.18 13.86
CA SER D 386 23.09 4.72 13.85
C SER D 386 24.11 3.74 13.26
N GLY D 387 23.80 2.44 13.24
CA GLY D 387 24.65 1.45 12.63
C GLY D 387 25.54 0.69 13.58
N ILE D 388 25.45 0.94 14.88
CA ILE D 388 26.30 0.26 15.84
C ILE D 388 25.87 -1.20 15.98
N ASP D 389 26.84 -2.11 16.00
CA ASP D 389 26.58 -3.51 16.26
C ASP D 389 26.61 -3.77 17.76
N PHE D 390 25.62 -4.49 18.26
CA PHE D 390 25.45 -4.66 19.69
C PHE D 390 26.18 -5.88 20.24
N ILE D 391 26.35 -6.92 19.44
CA ILE D 391 26.94 -8.16 19.93
C ILE D 391 28.41 -7.98 20.26
N LYS D 392 29.12 -7.18 19.46
CA LYS D 392 30.58 -7.06 19.56
C LYS D 392 31.01 -5.70 20.12
N LEU D 393 30.28 -5.21 21.12
CA LEU D 393 30.64 -3.96 21.78
C LEU D 393 31.58 -4.23 22.96
N GLU D 394 32.20 -3.15 23.44
CA GLU D 394 33.14 -3.20 24.55
C GLU D 394 32.50 -2.59 25.78
N GLU D 395 32.61 -3.28 26.91
CA GLU D 395 31.97 -2.83 28.14
C GLU D 395 32.62 -1.56 28.66
N GLU D 396 31.79 -0.63 29.15
CA GLU D 396 32.25 0.61 29.74
C GLU D 396 31.46 0.87 31.01
N ASN D 397 31.77 1.98 31.68
CA ASN D 397 31.16 2.34 32.95
C ASN D 397 30.42 3.67 32.84
N PHE D 398 29.60 3.94 33.85
CA PHE D 398 28.85 5.19 33.90
C PHE D 398 29.77 6.36 34.26
N ASP D 399 29.34 7.56 33.89
CA ASP D 399 30.11 8.77 34.15
C ASP D 399 30.06 9.11 35.63
N SER D 400 30.67 10.24 35.98
CA SER D 400 30.79 10.72 37.34
C SER D 400 30.23 12.14 37.45
N PRO D 401 29.82 12.57 38.66
CA PRO D 401 29.85 11.86 39.94
C PRO D 401 28.51 11.27 40.36
N LEU D 402 27.58 11.14 39.43
CA LEU D 402 26.24 10.61 39.71
C LEU D 402 26.00 9.31 38.97
N GLY D 403 26.99 8.42 38.97
CA GLY D 403 26.88 7.17 38.24
C GLY D 403 26.89 5.93 39.11
N GLU D 404 27.60 5.97 40.24
CA GLU D 404 27.72 4.80 41.09
C GLU D 404 26.41 4.55 41.85
N SER D 405 26.05 3.28 41.96
CA SER D 405 24.82 2.88 42.63
C SER D 405 25.09 1.64 43.48
N THR D 406 24.07 1.18 44.18
CA THR D 406 24.14 0.02 45.06
C THR D 406 23.19 -1.06 44.55
N GLY D 407 23.10 -2.15 45.32
CA GLY D 407 22.22 -3.24 44.95
C GLY D 407 20.80 -3.10 45.41
N ALA D 408 20.56 -2.27 46.43
CA ALA D 408 19.19 -2.07 46.92
C ALA D 408 18.33 -1.34 45.90
N ALA D 409 18.94 -0.55 45.03
CA ALA D 409 18.22 0.22 44.02
C ALA D 409 18.11 -0.49 42.68
N ALA D 410 18.64 -1.71 42.57
CA ALA D 410 18.62 -2.45 41.32
C ALA D 410 17.41 -3.36 41.18
N ILE D 411 16.50 -3.36 42.15
CA ILE D 411 15.36 -4.26 42.12
C ILE D 411 14.05 -3.47 42.11
N PHE D 412 14.09 -2.24 41.61
CA PHE D 412 12.86 -1.48 41.42
C PHE D 412 12.09 -1.88 40.17
N GLY D 413 12.70 -2.69 39.29
CA GLY D 413 12.02 -3.16 38.09
C GLY D 413 11.17 -4.39 38.29
N VAL D 414 11.00 -4.85 39.53
CA VAL D 414 10.20 -6.03 39.84
C VAL D 414 9.33 -5.71 41.05
N THR D 415 8.21 -6.42 41.16
CA THR D 415 7.28 -6.16 42.25
C THR D 415 7.86 -6.63 43.58
N GLY D 416 7.77 -5.76 44.59
CA GLY D 416 8.26 -6.06 45.91
C GLY D 416 9.68 -5.59 46.20
N GLY D 417 10.43 -5.17 45.19
CA GLY D 417 11.79 -4.72 45.43
C GLY D 417 11.88 -3.44 46.23
N VAL D 418 10.98 -2.48 45.94
CA VAL D 418 10.97 -1.22 46.67
C VAL D 418 10.70 -1.47 48.15
N MET D 419 9.74 -2.34 48.44
CA MET D 419 9.44 -2.67 49.83
C MET D 419 10.62 -3.32 50.52
N GLU D 420 11.32 -4.23 49.82
CA GLU D 420 12.48 -4.89 50.40
C GLU D 420 13.58 -3.90 50.72
N ALA D 421 13.85 -2.98 49.79
CA ALA D 421 14.88 -1.97 50.04
C ALA D 421 14.50 -1.03 51.18
N ALA D 422 13.22 -0.63 51.22
CA ALA D 422 12.76 0.23 52.31
C ALA D 422 12.91 -0.47 53.64
N LEU D 423 12.58 -1.76 53.72
CA LEU D 423 12.76 -2.52 54.95
C LEU D 423 14.24 -2.63 55.31
N ARG D 424 15.10 -2.83 54.30
CA ARG D 424 16.53 -2.90 54.53
C ARG D 424 17.04 -1.63 55.20
N THR D 425 16.62 -0.48 54.70
CA THR D 425 17.07 0.79 55.29
C THR D 425 16.42 1.04 56.64
N ALA D 426 15.14 0.67 56.78
CA ALA D 426 14.40 0.95 58.00
C ALA D 426 14.90 0.13 59.17
N TYR D 427 15.31 -1.13 58.93
CA TYR D 427 15.87 -1.93 60.01
C TYR D 427 17.12 -1.27 60.59
N SER D 428 18.02 -0.82 59.70
CA SER D 428 19.23 -0.16 60.15
C SER D 428 18.91 1.14 60.88
N ILE D 429 17.96 1.92 60.38
CA ILE D 429 17.64 3.19 61.02
C ILE D 429 17.01 2.96 62.39
N MET D 430 16.11 1.98 62.50
CA MET D 430 15.40 1.75 63.76
C MET D 430 16.28 1.10 64.82
N THR D 431 17.10 0.13 64.43
CA THR D 431 17.89 -0.63 65.40
C THR D 431 19.30 -0.09 65.57
N GLY D 432 19.98 0.26 64.47
CA GLY D 432 21.34 0.74 64.53
C GLY D 432 22.38 -0.24 64.07
N GLU D 433 22.04 -1.52 63.95
CA GLU D 433 22.94 -2.54 63.44
C GLU D 433 22.57 -2.88 62.00
N GLU D 434 23.48 -3.57 61.32
CA GLU D 434 23.33 -3.89 59.92
C GLU D 434 23.05 -5.37 59.74
N LEU D 435 22.12 -5.69 58.85
CA LEU D 435 21.81 -7.08 58.55
C LEU D 435 22.99 -7.75 57.85
N GLU D 436 23.26 -8.99 58.23
CA GLU D 436 24.37 -9.75 57.67
C GLU D 436 23.90 -11.15 57.32
N GLY D 437 24.58 -11.76 56.35
CA GLY D 437 24.23 -13.10 55.94
C GLY D 437 23.02 -13.13 55.01
N ASP D 438 22.23 -14.19 55.12
CA ASP D 438 21.03 -14.36 54.30
C ASP D 438 19.85 -13.56 54.82
N LYS D 439 19.98 -12.89 55.97
CA LYS D 439 18.89 -12.09 56.51
C LYS D 439 18.60 -10.85 55.68
N ILE D 440 19.47 -10.50 54.73
CA ILE D 440 19.23 -9.34 53.88
C ILE D 440 18.00 -9.56 53.01
N GLU D 441 17.86 -10.77 52.45
CA GLU D 441 16.72 -11.06 51.59
C GLU D 441 15.47 -11.34 52.43
N PHE D 442 14.36 -10.71 52.06
CA PHE D 442 13.05 -10.98 52.65
C PHE D 442 12.27 -11.81 51.65
N THR D 443 12.33 -13.14 51.81
CA THR D 443 11.67 -14.05 50.89
C THR D 443 10.15 -14.06 51.02
N ALA D 444 9.60 -13.42 52.05
CA ALA D 444 8.15 -13.42 52.26
C ALA D 444 7.42 -12.41 51.37
N VAL D 445 8.14 -11.54 50.67
CA VAL D 445 7.54 -10.54 49.81
C VAL D 445 7.88 -10.76 48.34
N ARG D 446 8.41 -11.93 47.99
CA ARG D 446 8.85 -12.22 46.64
C ARG D 446 7.90 -13.21 45.97
N GLY D 447 7.75 -13.07 44.65
CA GLY D 447 6.84 -13.92 43.91
C GLY D 447 6.02 -13.14 42.90
N LEU D 448 4.98 -13.75 42.36
CA LEU D 448 4.10 -13.11 41.39
C LEU D 448 2.62 -13.27 41.78
N GLU D 449 2.34 -13.29 43.07
CA GLU D 449 0.97 -13.43 43.54
C GLU D 449 0.23 -12.10 43.46
N GLY D 450 -1.08 -12.16 43.66
CA GLY D 450 -1.92 -10.98 43.59
C GLY D 450 -1.67 -10.00 44.73
N ILE D 451 -1.99 -10.42 45.95
CA ILE D 451 -1.77 -9.61 47.15
C ILE D 451 -0.82 -10.38 48.06
N LYS D 452 0.29 -9.75 48.41
CA LYS D 452 1.31 -10.36 49.25
C LYS D 452 1.32 -9.65 50.60
N GLU D 453 1.21 -10.42 51.68
CA GLU D 453 1.18 -9.90 53.03
C GLU D 453 2.34 -10.46 53.83
N ALA D 454 2.82 -9.67 54.79
CA ALA D 454 3.93 -10.07 55.63
C ALA D 454 3.87 -9.35 56.96
N GLU D 455 4.60 -9.87 57.94
CA GLU D 455 4.71 -9.26 59.26
C GLU D 455 6.17 -9.38 59.69
N VAL D 456 6.93 -8.30 59.50
CA VAL D 456 8.34 -8.26 59.83
C VAL D 456 8.50 -7.76 61.26
N ASP D 457 9.24 -8.51 62.07
CA ASP D 457 9.48 -8.17 63.46
C ASP D 457 10.85 -7.50 63.57
N ILE D 458 10.87 -6.27 64.08
CA ILE D 458 12.09 -5.48 64.18
C ILE D 458 12.32 -5.19 65.65
N LYS D 459 13.11 -6.04 66.31
CA LYS D 459 13.49 -5.87 67.71
C LYS D 459 12.27 -5.71 68.61
N GLY D 460 11.30 -6.60 68.43
CA GLY D 460 10.11 -6.62 69.26
C GLY D 460 8.95 -5.80 68.78
N LYS D 461 9.12 -4.99 67.74
CA LYS D 461 8.06 -4.18 67.18
C LYS D 461 7.61 -4.81 65.86
N LYS D 462 6.31 -5.06 65.73
CA LYS D 462 5.74 -5.72 64.56
C LYS D 462 5.04 -4.67 63.69
N VAL D 463 5.28 -4.76 62.38
CA VAL D 463 4.70 -3.85 61.40
C VAL D 463 3.88 -4.67 60.41
N ARG D 464 2.65 -4.21 60.16
CA ARG D 464 1.79 -4.82 59.14
C ARG D 464 2.08 -4.16 57.81
N ILE D 465 2.53 -4.97 56.84
CA ILE D 465 2.92 -4.49 55.52
C ILE D 465 2.18 -5.29 54.46
N ALA D 466 2.00 -4.67 53.29
CA ALA D 466 1.27 -5.30 52.20
C ALA D 466 1.82 -4.81 50.87
N ILE D 467 1.70 -5.66 49.85
CA ILE D 467 2.09 -5.34 48.49
C ILE D 467 0.96 -5.80 47.57
N ALA D 468 0.61 -4.95 46.60
CA ALA D 468 -0.48 -5.24 45.67
C ALA D 468 -0.05 -4.80 44.27
N ASN D 469 0.32 -5.77 43.42
CA ASN D 469 0.69 -5.49 42.05
C ASN D 469 -0.52 -5.63 41.14
N GLY D 470 -0.89 -4.54 40.48
CA GLY D 470 -2.05 -4.53 39.61
C GLY D 470 -3.13 -3.59 40.14
N ILE D 471 -3.90 -3.03 39.21
CA ILE D 471 -4.97 -2.11 39.61
C ILE D 471 -6.12 -2.87 40.26
N GLY D 472 -6.48 -4.04 39.72
CA GLY D 472 -7.56 -4.81 40.31
C GLY D 472 -7.28 -5.23 41.74
N ASN D 473 -6.07 -5.74 41.97
CA ASN D 473 -5.66 -6.10 43.33
C ASN D 473 -5.58 -4.86 44.22
N ALA D 474 -5.21 -3.71 43.65
CA ALA D 474 -5.20 -2.47 44.42
C ALA D 474 -6.61 -2.10 44.87
N LYS D 475 -7.59 -2.23 43.98
CA LYS D 475 -8.98 -1.95 44.37
C LYS D 475 -9.47 -2.92 45.42
N LYS D 476 -9.11 -4.21 45.28
CA LYS D 476 -9.50 -5.19 46.29
C LYS D 476 -8.89 -4.86 47.65
N LEU D 477 -7.61 -4.48 47.66
CA LEU D 477 -6.96 -4.10 48.91
C LEU D 477 -7.57 -2.85 49.52
N ILE D 478 -7.94 -1.88 48.68
CA ILE D 478 -8.58 -0.67 49.19
C ILE D 478 -9.93 -1.01 49.80
N GLU D 479 -10.71 -1.86 49.15
CA GLU D 479 -12.00 -2.27 49.71
C GLU D 479 -11.81 -3.02 51.02
N LYS D 480 -10.78 -3.86 51.12
CA LYS D 480 -10.50 -4.56 52.37
C LYS D 480 -10.12 -3.58 53.48
N ILE D 481 -9.29 -2.58 53.14
CA ILE D 481 -8.78 -1.65 54.16
C ILE D 481 -9.89 -0.74 54.65
N LYS D 482 -10.71 -0.21 53.74
CA LYS D 482 -11.70 0.79 54.12
C LYS D 482 -12.75 0.21 55.06
N SER D 483 -13.12 -1.06 54.87
CA SER D 483 -14.13 -1.69 55.71
C SER D 483 -13.64 -1.92 57.14
N GLY D 484 -12.34 -1.77 57.40
CA GLY D 484 -11.82 -1.91 58.75
C GLY D 484 -11.53 -3.32 59.19
N GLU D 485 -11.32 -4.25 58.25
CA GLU D 485 -10.98 -5.62 58.63
C GLU D 485 -9.65 -5.68 59.35
N THR D 486 -8.65 -4.92 58.87
CA THR D 486 -7.34 -4.90 59.48
C THR D 486 -6.65 -3.59 59.14
N LYS D 487 -5.57 -3.30 59.87
CA LYS D 487 -4.83 -2.06 59.72
C LYS D 487 -3.38 -2.36 59.35
N TYR D 488 -2.83 -1.57 58.43
CA TYR D 488 -1.47 -1.73 57.95
C TYR D 488 -0.65 -0.50 58.32
N ASP D 489 0.61 -0.48 57.89
CA ASP D 489 1.50 0.63 58.18
C ASP D 489 2.19 1.15 56.93
N PHE D 490 2.33 0.30 55.92
CA PHE D 490 3.01 0.68 54.68
C PHE D 490 2.51 -0.22 53.57
N VAL D 491 2.05 0.39 52.47
CA VAL D 491 1.45 -0.34 51.36
C VAL D 491 2.11 0.11 50.06
N GLU D 492 2.44 -0.85 49.20
CA GLU D 492 2.97 -0.58 47.87
C GLU D 492 1.92 -0.94 46.82
N VAL D 493 1.82 -0.12 45.78
CA VAL D 493 0.91 -0.37 44.67
C VAL D 493 1.65 -0.10 43.37
N MET D 494 1.51 -1.02 42.41
CA MET D 494 2.05 -0.86 41.07
C MET D 494 0.95 -1.17 40.07
N ALA D 495 0.81 -0.32 39.05
CA ALA D 495 -0.29 -0.48 38.10
C ALA D 495 -0.09 -1.66 37.16
N CYS D 496 1.15 -2.05 36.88
CA CYS D 496 1.32 -3.17 35.97
C CYS D 496 1.50 -4.47 36.73
N PRO D 497 0.84 -5.55 36.29
CA PRO D 497 0.99 -6.84 36.97
C PRO D 497 2.37 -7.42 36.72
N GLY D 498 3.12 -7.62 37.80
CA GLY D 498 4.46 -8.16 37.72
C GLY D 498 5.58 -7.14 37.82
N GLY D 499 5.26 -5.87 38.02
CA GLY D 499 6.27 -4.83 38.15
C GLY D 499 6.52 -4.10 36.85
N CYS D 500 7.51 -3.22 36.90
CA CYS D 500 7.87 -2.39 35.75
C CYS D 500 8.45 -3.21 34.60
N MET D 501 8.84 -4.47 34.83
CA MET D 501 9.34 -5.30 33.75
C MET D 501 8.23 -5.73 32.79
N SER D 502 6.97 -5.48 33.13
CA SER D 502 5.85 -5.73 32.24
C SER D 502 5.25 -4.44 31.70
N GLY D 503 6.05 -3.37 31.64
CA GLY D 503 5.55 -2.09 31.19
C GLY D 503 5.21 -2.08 29.70
N GLY D 504 4.50 -1.02 29.31
CA GLY D 504 4.08 -0.88 27.93
C GLY D 504 5.16 -0.42 26.97
N GLY D 505 6.33 -0.06 27.48
CA GLY D 505 7.44 0.35 26.64
C GLY D 505 8.51 -0.69 26.43
N GLN D 506 8.29 -1.93 26.87
CA GLN D 506 9.26 -2.99 26.71
C GLN D 506 9.11 -3.66 25.34
N PRO D 507 10.19 -4.30 24.85
CA PRO D 507 10.10 -4.97 23.55
C PRO D 507 9.10 -6.12 23.56
N TYR D 508 8.51 -6.35 22.38
CA TYR D 508 7.49 -7.38 22.25
C TYR D 508 8.10 -8.77 22.40
N THR D 509 7.32 -9.68 22.97
CA THR D 509 7.78 -11.04 23.24
C THR D 509 6.75 -12.03 22.74
N ASP D 510 7.21 -13.25 22.48
CA ASP D 510 6.34 -14.37 22.15
C ASP D 510 6.42 -15.52 23.15
N ASP D 511 7.46 -15.56 23.97
CA ASP D 511 7.56 -16.62 24.98
C ASP D 511 6.53 -16.39 26.08
N PRO D 512 5.82 -17.43 26.52
CA PRO D 512 4.86 -17.26 27.62
C PRO D 512 5.49 -17.18 28.99
N GLU D 513 6.81 -17.24 29.09
CA GLU D 513 7.51 -17.25 30.38
C GLU D 513 8.51 -16.11 30.47
N PHE D 514 8.15 -14.93 29.96
CA PHE D 514 9.05 -13.79 29.99
C PHE D 514 9.16 -13.18 31.38
N ARG D 515 8.07 -13.19 32.16
CA ARG D 515 8.09 -12.59 33.48
C ARG D 515 9.09 -13.30 34.39
N LYS D 516 9.06 -14.63 34.40
CA LYS D 516 9.97 -15.39 35.25
C LYS D 516 11.42 -15.17 34.85
N LYS D 517 11.70 -15.17 33.55
CA LYS D 517 13.08 -14.95 33.08
C LYS D 517 13.57 -13.57 33.46
N ARG D 518 12.72 -12.54 33.27
CA ARG D 518 13.15 -11.18 33.60
C ARG D 518 13.33 -11.01 35.10
N MET D 519 12.46 -11.61 35.91
CA MET D 519 12.63 -11.54 37.36
C MET D 519 13.91 -12.23 37.80
N GLU D 520 14.21 -13.40 37.22
CA GLU D 520 15.45 -14.08 37.54
C GLU D 520 16.67 -13.24 37.15
N GLY D 521 16.61 -12.60 35.98
CA GLY D 521 17.71 -11.74 35.57
C GLY D 521 17.90 -10.56 36.51
N ILE D 522 16.79 -9.94 36.94
CA ILE D 522 16.89 -8.80 37.86
C ILE D 522 17.50 -9.24 39.18
N TYR D 523 17.05 -10.38 39.72
CA TYR D 523 17.61 -10.85 40.98
C TYR D 523 19.08 -11.22 40.84
N LYS D 524 19.47 -11.84 39.72
CA LYS D 524 20.87 -12.16 39.50
C LYS D 524 21.72 -10.89 39.41
N ASN D 525 21.20 -9.85 38.74
CA ASN D 525 21.92 -8.58 38.67
C ASN D 525 22.08 -7.98 40.06
N ASP D 526 21.02 -8.05 40.89
CA ASP D 526 21.12 -7.55 42.25
C ASP D 526 22.17 -8.31 43.05
N ARG D 527 22.22 -9.63 42.88
CA ARG D 527 23.12 -10.46 43.68
C ARG D 527 24.60 -10.24 43.36
N ASN D 528 24.92 -9.56 42.26
CA ASN D 528 26.30 -9.41 41.81
C ASN D 528 26.85 -8.01 42.05
N LEU D 529 26.39 -7.31 43.09
CA LEU D 529 26.90 -5.98 43.37
C LEU D 529 27.63 -5.96 44.71
N PRO D 530 28.60 -5.05 44.89
CA PRO D 530 29.35 -5.04 46.16
C PRO D 530 28.54 -4.50 47.34
N LYS D 531 27.67 -3.53 47.11
CA LYS D 531 26.85 -2.94 48.17
C LYS D 531 25.39 -3.32 47.97
N ARG D 532 24.71 -3.60 49.09
CA ARG D 532 23.31 -4.03 49.05
C ARG D 532 22.42 -3.19 49.96
N LYS D 533 22.86 -1.99 50.33
CA LYS D 533 22.08 -1.10 51.18
C LYS D 533 22.14 0.31 50.64
N SER D 534 21.08 1.09 50.92
CA SER D 534 20.97 2.44 50.39
C SER D 534 21.84 3.43 51.15
N HIS D 535 22.01 3.26 52.45
CA HIS D 535 22.78 4.20 53.24
C HIS D 535 24.29 4.03 53.05
N GLU D 536 24.73 3.00 52.35
CA GLU D 536 26.13 2.79 52.07
C GLU D 536 26.59 3.51 50.81
N ASN D 537 25.69 4.14 50.07
CA ASN D 537 26.08 4.93 48.91
C ASN D 537 26.89 6.14 49.34
N GLU D 538 27.91 6.47 48.55
CA GLU D 538 28.87 7.50 48.92
C GLU D 538 28.52 8.88 48.39
N GLU D 539 27.95 8.97 47.19
CA GLU D 539 27.63 10.27 46.61
C GLU D 539 26.40 10.89 47.24
N VAL D 540 25.48 10.08 47.77
CA VAL D 540 24.31 10.62 48.46
C VAL D 540 24.73 11.41 49.69
N LYS D 541 25.70 10.87 50.45
CA LYS D 541 26.21 11.58 51.61
C LYS D 541 26.84 12.91 51.21
N LYS D 542 27.59 12.92 50.11
CA LYS D 542 28.19 14.17 49.64
C LYS D 542 27.13 15.18 49.24
N VAL D 543 26.08 14.72 48.53
CA VAL D 543 25.02 15.63 48.11
C VAL D 543 24.33 16.25 49.31
N TYR D 544 24.01 15.43 50.31
CA TYR D 544 23.44 15.95 51.55
C TYR D 544 24.38 16.95 52.21
N GLU D 545 25.63 16.56 52.44
CA GLU D 545 26.54 17.41 53.20
C GLU D 545 26.93 18.68 52.44
N GLU D 546 26.69 18.74 51.14
CA GLU D 546 27.05 19.93 50.37
C GLU D 546 25.87 20.83 50.03
N TYR D 547 24.67 20.29 49.84
CA TYR D 547 23.57 21.12 49.35
C TYR D 547 22.36 21.15 50.27
N TYR D 548 21.96 20.01 50.84
CA TYR D 548 20.71 19.94 51.60
C TYR D 548 20.91 19.83 53.11
N GLU D 549 21.99 19.17 53.54
CA GLU D 549 22.43 19.13 54.94
C GLU D 549 21.55 18.26 55.83
N LYS D 550 20.40 17.81 55.32
CA LYS D 550 19.53 16.90 56.08
C LYS D 550 18.39 16.41 55.21
N PRO D 551 17.98 15.14 55.35
CA PRO D 551 16.74 14.70 54.70
C PRO D 551 15.54 15.42 55.29
N CYS D 552 14.53 15.65 54.44
CA CYS D 552 13.30 16.33 54.82
C CYS D 552 13.56 17.74 55.33
N GLY D 553 14.62 18.39 54.84
CA GLY D 553 14.93 19.74 55.20
C GLY D 553 14.16 20.74 54.38
N PRO D 554 14.28 22.02 54.75
CA PRO D 554 13.55 23.06 54.00
C PRO D 554 13.88 23.08 52.52
N LYS D 555 15.17 23.05 52.18
CA LYS D 555 15.57 22.99 50.77
C LYS D 555 15.09 21.70 50.13
N ALA D 556 15.25 20.57 50.84
CA ALA D 556 14.76 19.29 50.33
C ALA D 556 13.25 19.29 50.17
N HIS D 557 12.53 19.84 51.16
CA HIS D 557 11.07 19.90 51.07
C HIS D 557 10.63 20.79 49.92
N GLU D 558 11.43 21.82 49.59
CA GLU D 558 11.09 22.68 48.47
C GLU D 558 11.37 22.01 47.13
N GLU D 559 12.47 21.26 47.04
CA GLU D 559 12.91 20.72 45.75
C GLU D 559 12.67 19.23 45.57
N LEU D 560 12.40 18.48 46.64
CA LEU D 560 12.25 17.03 46.54
C LEU D 560 10.89 16.54 47.03
N HIS D 561 9.88 17.40 47.03
CA HIS D 561 8.54 17.02 47.47
C HIS D 561 7.51 17.66 46.53
N THR D 562 6.29 17.11 46.57
CA THR D 562 5.23 17.55 45.68
C THR D 562 3.89 17.39 46.38
N HIS D 563 2.85 17.91 45.74
CA HIS D 563 1.49 17.85 46.27
C HIS D 563 0.54 17.42 45.15
N TYR D 564 -0.58 16.81 45.55
CA TYR D 564 -1.54 16.23 44.62
C TYR D 564 -2.89 16.90 44.77
N HIS D 565 -3.64 16.92 43.67
CA HIS D 565 -4.96 17.54 43.62
C HIS D 565 -5.96 16.56 43.03
N SER D 566 -7.23 16.73 43.38
CA SER D 566 -8.29 15.84 42.91
C SER D 566 -8.64 16.16 41.47
N ARG D 567 -8.71 15.11 40.64
CA ARG D 567 -9.11 15.24 39.24
C ARG D 567 -10.53 14.77 38.99
N LYS D 568 -11.32 14.54 40.04
CA LYS D 568 -12.65 13.98 39.88
C LYS D 568 -13.61 15.00 39.28
N LYS D 569 -13.80 14.96 37.97
CA LYS D 569 -14.74 15.83 37.28
C LYS D 569 -16.15 15.31 37.54
N GLU D 570 -16.83 15.93 38.51
CA GLU D 570 -18.19 15.50 38.84
C GLU D 570 -19.13 15.78 37.68
N TYR D 571 -20.08 14.88 37.48
CA TYR D 571 -21.03 14.99 36.38
C TYR D 571 -22.45 15.17 36.90
N MET E 1 -63.32 -9.26 42.00
CA MET E 1 -61.98 -9.78 41.84
C MET E 1 -61.34 -10.09 43.19
N VAL E 2 -61.87 -11.09 43.88
CA VAL E 2 -61.39 -11.50 45.19
C VAL E 2 -60.38 -12.63 45.00
N LYS E 3 -59.49 -12.77 45.99
CA LYS E 3 -58.45 -13.80 45.92
C LYS E 3 -59.06 -15.19 46.02
N LEU E 4 -58.32 -16.16 45.51
CA LEU E 4 -58.74 -17.56 45.51
C LEU E 4 -57.82 -18.38 46.40
N LYS E 5 -58.40 -19.35 47.10
CA LYS E 5 -57.65 -20.19 48.02
C LYS E 5 -57.89 -21.69 47.80
N SER E 6 -58.65 -22.07 46.79
CA SER E 6 -58.90 -23.48 46.53
C SER E 6 -59.02 -23.71 45.03
N ILE E 7 -58.70 -24.92 44.60
CA ILE E 7 -58.77 -25.26 43.18
C ILE E 7 -60.23 -25.32 42.71
N GLN E 8 -61.11 -25.86 43.55
CA GLN E 8 -62.52 -26.03 43.15
C GLN E 8 -63.25 -24.70 43.03
N GLU E 9 -62.78 -23.65 43.70
CA GLU E 9 -63.45 -22.36 43.62
C GLU E 9 -63.37 -21.77 42.21
N LEU E 10 -62.31 -22.09 41.46
CA LEU E 10 -62.22 -21.62 40.08
C LEU E 10 -63.33 -22.21 39.23
N GLU E 11 -63.57 -23.52 39.35
CA GLU E 11 -64.67 -24.14 38.63
C GLU E 11 -66.02 -23.67 39.16
N ASN E 12 -66.10 -23.36 40.46
CA ASN E 12 -67.34 -22.82 41.01
C ASN E 12 -67.68 -21.48 40.37
N LEU E 13 -66.68 -20.60 40.22
CA LEU E 13 -66.89 -19.31 39.59
C LEU E 13 -67.07 -19.44 38.07
N ARG E 14 -66.55 -20.53 37.49
CA ARG E 14 -66.76 -20.78 36.06
C ARG E 14 -68.24 -20.87 35.72
N GLU E 15 -69.03 -21.54 36.57
CA GLU E 15 -70.46 -21.66 36.33
C GLU E 15 -71.16 -20.30 36.40
N LYS E 16 -70.74 -19.45 37.34
CA LYS E 16 -71.31 -18.11 37.41
C LYS E 16 -71.00 -17.30 36.15
N ILE E 17 -69.75 -17.40 35.66
CA ILE E 17 -69.41 -16.70 34.42
C ILE E 17 -70.22 -17.24 33.25
N LYS E 18 -70.39 -18.56 33.20
CA LYS E 18 -71.15 -19.17 32.11
C LYS E 18 -72.61 -18.70 32.14
N GLU E 19 -73.21 -18.64 33.33
CA GLU E 19 -74.58 -18.15 33.43
C GLU E 19 -74.68 -16.68 33.02
N ALA E 20 -73.73 -15.86 33.47
CA ALA E 20 -73.73 -14.45 33.11
C ALA E 20 -73.62 -14.26 31.61
N LYS E 21 -72.76 -15.03 30.95
CA LYS E 21 -72.67 -14.98 29.50
C LYS E 21 -73.95 -15.49 28.83
N LYS E 22 -74.56 -16.54 29.38
CA LYS E 22 -75.79 -17.08 28.82
C LYS E 22 -76.96 -16.13 28.96
N LYS E 23 -76.91 -15.19 29.89
CA LYS E 23 -77.99 -14.21 30.04
C LYS E 23 -78.09 -13.27 28.85
N GLU E 24 -77.09 -13.23 27.97
CA GLU E 24 -77.12 -12.36 26.80
C GLU E 24 -77.83 -13.04 25.63
N LYS E 25 -78.27 -12.23 24.68
CA LYS E 25 -78.97 -12.72 23.49
C LYS E 25 -78.22 -12.42 22.20
N ILE E 26 -77.84 -11.17 21.97
CA ILE E 26 -77.20 -10.73 20.73
C ILE E 26 -75.79 -10.29 21.05
N VAL E 27 -74.82 -10.80 20.28
CA VAL E 27 -73.41 -10.45 20.44
C VAL E 27 -72.84 -10.08 19.07
N ILE E 28 -72.06 -9.01 19.04
CA ILE E 28 -71.42 -8.53 17.82
C ILE E 28 -69.92 -8.46 18.06
N ARG E 29 -69.15 -9.01 17.14
CA ARG E 29 -67.69 -9.07 17.25
C ARG E 29 -67.07 -8.19 16.18
N ILE E 30 -66.09 -7.37 16.58
CA ILE E 30 -65.36 -6.50 15.67
C ILE E 30 -63.88 -6.79 15.83
N CYS E 31 -63.18 -6.89 14.70
CA CYS E 31 -61.76 -7.23 14.72
C CYS E 31 -60.95 -6.06 15.28
N GLY E 32 -60.15 -6.34 16.31
CA GLY E 32 -59.31 -5.34 16.93
C GLY E 32 -57.85 -5.46 16.53
N GLY E 33 -57.58 -6.22 15.47
CA GLY E 33 -56.22 -6.42 15.03
C GLY E 33 -55.63 -5.18 14.39
N THR E 34 -54.30 -5.18 14.28
CA THR E 34 -53.59 -4.02 13.77
C THR E 34 -53.97 -3.72 12.32
N GLY E 35 -54.07 -4.76 11.49
CA GLY E 35 -54.44 -4.55 10.10
C GLY E 35 -55.82 -3.96 9.94
N CYS E 36 -56.78 -4.43 10.73
CA CYS E 36 -58.13 -3.88 10.69
C CYS E 36 -58.21 -2.53 11.39
N ARG E 37 -57.43 -2.33 12.45
CA ARG E 37 -57.41 -1.03 13.12
C ARG E 37 -56.83 0.05 12.21
N ALA E 38 -55.92 -0.33 11.30
CA ALA E 38 -55.41 0.62 10.32
C ALA E 38 -56.49 1.07 9.34
N SER E 39 -57.55 0.29 9.18
CA SER E 39 -58.66 0.65 8.31
C SER E 39 -59.75 1.45 9.03
N GLY E 40 -59.66 1.59 10.34
CA GLY E 40 -60.63 2.38 11.08
C GLY E 40 -61.74 1.58 11.73
N SER E 41 -61.39 0.49 12.40
CA SER E 41 -62.39 -0.30 13.11
C SER E 41 -62.84 0.39 14.39
N LEU E 42 -61.96 1.17 15.02
CA LEU E 42 -62.34 1.90 16.23
C LEU E 42 -63.42 2.93 15.93
N ALA E 43 -63.30 3.63 14.79
CA ALA E 43 -64.34 4.57 14.39
C ALA E 43 -65.66 3.85 14.12
N VAL E 44 -65.58 2.67 13.51
CA VAL E 44 -66.80 1.88 13.27
C VAL E 44 -67.47 1.52 14.58
N ARG E 45 -66.67 1.07 15.56
CA ARG E 45 -67.23 0.72 16.86
C ARG E 45 -67.85 1.94 17.55
N ASP E 46 -67.17 3.09 17.48
CA ASP E 46 -67.70 4.30 18.10
C ASP E 46 -69.02 4.71 17.45
N GLU E 47 -69.07 4.68 16.12
CA GLU E 47 -70.33 5.01 15.43
C GLU E 47 -71.43 4.04 15.79
N LEU E 48 -71.11 2.75 15.86
CA LEU E 48 -72.13 1.74 16.16
C LEU E 48 -72.67 1.91 17.56
N VAL E 49 -71.79 2.16 18.54
CA VAL E 49 -72.26 2.34 19.92
C VAL E 49 -73.05 3.64 20.03
N LYS E 50 -72.65 4.69 19.30
CA LYS E 50 -73.42 5.93 19.33
C LYS E 50 -74.83 5.73 18.77
N VAL E 51 -74.94 5.03 17.65
CA VAL E 51 -76.26 4.77 17.07
C VAL E 51 -77.10 3.90 17.99
N LEU E 52 -76.48 2.89 18.63
CA LEU E 52 -77.23 2.06 19.57
C LEU E 52 -77.73 2.89 20.74
N LYS E 53 -76.90 3.80 21.26
CA LYS E 53 -77.31 4.66 22.36
C LYS E 53 -78.45 5.57 21.94
N ARG E 54 -78.39 6.09 20.70
CA ARG E 54 -79.47 6.96 20.22
C ARG E 54 -80.77 6.19 20.05
N GLU E 55 -80.69 4.94 19.60
CA GLU E 55 -81.86 4.13 19.29
C GLU E 55 -82.56 3.56 20.53
N GLY E 56 -82.21 4.03 21.72
CA GLY E 56 -82.86 3.59 22.93
C GLY E 56 -82.31 2.33 23.54
N PHE E 57 -81.24 1.75 22.98
CA PHE E 57 -80.61 0.57 23.54
C PHE E 57 -79.79 0.98 24.75
N ALA E 58 -80.39 0.90 25.94
CA ALA E 58 -79.71 1.36 27.15
C ALA E 58 -78.62 0.40 27.60
N ASN E 59 -78.79 -0.90 27.36
CA ASN E 59 -77.85 -1.92 27.82
C ASN E 59 -76.84 -2.19 26.71
N VAL E 60 -75.89 -1.27 26.56
CA VAL E 60 -74.80 -1.41 25.60
C VAL E 60 -73.49 -1.19 26.33
N ASP E 61 -72.59 -2.17 26.24
CA ASP E 61 -71.29 -2.09 26.88
C ASP E 61 -70.22 -2.58 25.91
N VAL E 62 -68.97 -2.19 26.20
CA VAL E 62 -67.83 -2.50 25.35
C VAL E 62 -66.98 -3.62 25.94
N ASN E 63 -66.65 -3.52 27.23
CA ASN E 63 -65.75 -4.46 27.89
C ASN E 63 -66.51 -5.25 28.94
N LEU E 64 -66.32 -6.56 28.96
CA LEU E 64 -66.92 -7.43 29.96
C LEU E 64 -65.98 -7.50 31.16
N SER E 65 -66.38 -6.89 32.27
CA SER E 65 -65.56 -6.80 33.46
C SER E 65 -66.25 -7.50 34.63
N SER E 66 -65.66 -7.37 35.82
CA SER E 66 -66.22 -7.99 37.01
C SER E 66 -67.58 -7.40 37.37
N ASP E 67 -67.71 -6.07 37.24
CA ASP E 67 -68.99 -5.43 37.54
C ASP E 67 -70.06 -5.78 36.51
N CYS E 68 -69.66 -6.26 35.33
CA CYS E 68 -70.62 -6.63 34.29
C CYS E 68 -71.33 -7.94 34.56
N LEU E 69 -70.84 -8.74 35.51
CA LEU E 69 -71.46 -10.03 35.78
C LEU E 69 -72.87 -9.88 36.35
N GLU E 70 -73.14 -8.78 37.04
CA GLU E 70 -74.45 -8.53 37.63
C GLU E 70 -75.38 -7.76 36.70
N ASN E 71 -74.94 -7.45 35.48
CA ASN E 71 -75.72 -6.66 34.54
C ASN E 71 -76.14 -7.53 33.36
N THR E 72 -77.43 -7.50 33.04
CA THR E 72 -77.97 -8.23 31.90
C THR E 72 -78.12 -7.26 30.74
N SER E 73 -77.38 -7.51 29.66
CA SER E 73 -77.35 -6.64 28.49
C SER E 73 -77.99 -7.36 27.31
N GLU E 74 -79.00 -6.72 26.71
CA GLU E 74 -79.65 -7.32 25.54
C GLU E 74 -78.71 -7.36 24.34
N VAL E 75 -77.92 -6.31 24.15
CA VAL E 75 -76.97 -6.23 23.03
C VAL E 75 -75.59 -6.01 23.61
N HIS E 76 -74.62 -6.81 23.15
CA HIS E 76 -73.24 -6.72 23.60
C HIS E 76 -72.33 -6.45 22.41
N VAL E 77 -71.38 -5.53 22.59
CA VAL E 77 -70.41 -5.18 21.57
C VAL E 77 -69.05 -5.69 22.03
N LYS E 78 -68.42 -6.51 21.19
CA LYS E 78 -67.13 -7.12 21.51
C LYS E 78 -66.02 -6.54 20.65
N MET E 79 -64.79 -6.73 21.11
CA MET E 79 -63.59 -6.35 20.36
C MET E 79 -62.60 -7.50 20.51
N THR E 80 -62.52 -8.35 19.49
CA THR E 80 -61.67 -9.53 19.54
C THR E 80 -60.33 -9.21 18.88
N GLY E 81 -59.50 -10.25 18.70
CA GLY E 81 -58.23 -10.11 18.03
C GLY E 81 -58.36 -10.25 16.53
N CYS E 82 -57.22 -10.51 15.88
CA CYS E 82 -57.22 -10.71 14.44
C CYS E 82 -57.97 -11.99 14.09
N GLN E 83 -58.92 -11.88 13.16
CA GLN E 83 -59.76 -13.00 12.78
C GLN E 83 -59.13 -13.90 11.72
N GLY E 84 -58.01 -13.47 11.11
CA GLY E 84 -57.31 -14.32 10.17
C GLY E 84 -57.35 -13.85 8.73
N PHE E 85 -58.49 -13.28 8.32
CA PHE E 85 -58.69 -12.84 6.94
C PHE E 85 -58.50 -11.32 6.90
N CYS E 86 -57.26 -10.90 6.66
CA CYS E 86 -56.88 -9.49 6.68
C CYS E 86 -57.07 -8.81 5.33
N ALA E 87 -57.51 -9.53 4.30
CA ALA E 87 -57.53 -8.98 2.96
C ALA E 87 -58.56 -7.86 2.81
N GLN E 88 -59.73 -8.00 3.43
CA GLN E 88 -60.84 -7.07 3.25
C GLN E 88 -61.45 -6.69 4.59
N GLY E 89 -60.62 -6.31 5.55
CA GLY E 89 -61.10 -5.83 6.83
C GLY E 89 -61.74 -4.47 6.70
N PRO E 90 -62.49 -4.04 7.74
CA PRO E 90 -62.75 -4.73 9.02
C PRO E 90 -63.72 -5.90 8.90
N LEU E 91 -63.69 -6.78 9.90
CA LEU E 91 -64.53 -7.97 9.94
C LEU E 91 -65.54 -7.85 11.07
N MET E 92 -66.79 -8.18 10.80
CA MET E 92 -67.86 -8.15 11.79
C MET E 92 -68.70 -9.40 11.68
N THR E 93 -69.09 -9.95 12.83
CA THR E 93 -69.91 -11.15 12.90
C THR E 93 -71.10 -10.88 13.82
N ILE E 94 -72.27 -11.34 13.41
CA ILE E 94 -73.52 -11.14 14.14
C ILE E 94 -74.09 -12.51 14.50
N GLU E 95 -74.49 -12.66 15.76
CA GLU E 95 -75.06 -13.90 16.28
C GLU E 95 -76.40 -13.60 16.94
N PRO E 96 -77.33 -14.58 16.94
CA PRO E 96 -77.21 -15.92 16.38
C PRO E 96 -77.53 -15.99 14.89
N LEU E 97 -77.48 -14.85 14.21
CA LEU E 97 -77.71 -14.84 12.76
C LEU E 97 -76.62 -15.57 12.01
N GLY E 98 -75.38 -15.53 12.51
CA GLY E 98 -74.28 -16.18 11.82
C GLY E 98 -73.93 -15.58 10.49
N VAL E 99 -73.98 -14.26 10.39
CA VAL E 99 -73.68 -13.56 9.14
C VAL E 99 -72.29 -12.97 9.23
N PHE E 100 -71.49 -13.18 8.19
CA PHE E 100 -70.10 -12.74 8.13
C PHE E 100 -70.02 -11.54 7.19
N TYR E 101 -69.72 -10.37 7.75
CA TYR E 101 -69.70 -9.12 7.00
C TYR E 101 -68.26 -8.67 6.77
N VAL E 102 -68.00 -8.15 5.58
CA VAL E 102 -66.67 -7.67 5.21
C VAL E 102 -66.78 -6.23 4.73
N GLY E 103 -65.70 -5.48 4.91
CA GLY E 103 -65.66 -4.10 4.45
C GLY E 103 -66.68 -3.20 5.10
N VAL E 104 -66.87 -3.34 6.42
CA VAL E 104 -67.88 -2.55 7.12
C VAL E 104 -67.44 -1.09 7.16
N LYS E 105 -68.32 -0.19 6.73
CA LYS E 105 -68.10 1.24 6.70
C LYS E 105 -68.94 1.92 7.78
N PRO E 106 -68.43 2.98 8.41
CA PRO E 106 -69.23 3.67 9.44
C PRO E 106 -70.58 4.16 8.94
N GLU E 107 -70.67 4.61 7.69
CA GLU E 107 -71.95 5.09 7.17
C GLU E 107 -72.88 3.93 6.82
N ASP E 108 -72.37 2.70 6.79
CA ASP E 108 -73.22 1.52 6.64
C ASP E 108 -73.73 0.99 7.97
N VAL E 109 -73.26 1.56 9.08
CA VAL E 109 -73.63 1.04 10.41
C VAL E 109 -75.12 1.21 10.64
N GLU E 110 -75.67 2.36 10.24
CA GLU E 110 -77.09 2.61 10.44
C GLU E 110 -77.95 1.59 9.69
N GLU E 111 -77.59 1.30 8.43
CA GLU E 111 -78.32 0.31 7.66
C GLU E 111 -78.15 -1.09 8.26
N ILE E 112 -76.95 -1.39 8.78
CA ILE E 112 -76.73 -2.69 9.41
C ILE E 112 -77.63 -2.86 10.63
N VAL E 113 -77.71 -1.82 11.46
CA VAL E 113 -78.58 -1.86 12.64
C VAL E 113 -80.04 -1.96 12.22
N GLU E 114 -80.45 -1.21 11.19
CA GLU E 114 -81.85 -1.24 10.76
C GLU E 114 -82.25 -2.60 10.21
N LYS E 115 -81.38 -3.25 9.44
CA LYS E 115 -81.72 -4.49 8.75
C LYS E 115 -81.18 -5.72 9.47
N SER E 116 -79.87 -5.78 9.73
CA SER E 116 -79.29 -7.00 10.26
C SER E 116 -79.64 -7.22 11.74
N ILE E 117 -79.89 -6.14 12.48
CA ILE E 117 -80.20 -6.22 13.91
C ILE E 117 -81.70 -6.27 14.14
N LYS E 118 -82.45 -5.36 13.52
CA LYS E 118 -83.88 -5.25 13.77
C LYS E 118 -84.71 -6.17 12.87
N LYS E 119 -84.32 -6.33 11.61
CA LYS E 119 -85.11 -7.09 10.65
C LYS E 119 -84.56 -8.48 10.39
N ASN E 120 -83.39 -8.82 10.95
CA ASN E 120 -82.77 -10.14 10.76
C ASN E 120 -82.58 -10.45 9.27
N GLU E 121 -82.17 -9.45 8.51
CA GLU E 121 -81.95 -9.59 7.08
C GLU E 121 -80.46 -9.55 6.77
N ILE E 122 -80.14 -9.77 5.49
CA ILE E 122 -78.76 -9.78 5.01
C ILE E 122 -78.67 -8.88 3.78
N ILE E 123 -77.54 -8.19 3.65
CA ILE E 123 -77.28 -7.30 2.52
C ILE E 123 -76.22 -7.96 1.64
N GLU E 124 -76.61 -8.31 0.42
CA GLU E 124 -75.69 -9.03 -0.46
C GLU E 124 -74.51 -8.17 -0.91
N ARG E 125 -74.71 -6.85 -0.99
CA ARG E 125 -73.65 -5.98 -1.49
C ARG E 125 -72.46 -5.89 -0.54
N LEU E 126 -72.62 -6.28 0.73
CA LEU E 126 -71.54 -6.23 1.70
C LEU E 126 -70.98 -7.60 2.03
N LEU E 127 -71.52 -8.67 1.45
CA LEU E 127 -70.96 -9.99 1.62
C LEU E 127 -69.79 -10.20 0.66
N TYR E 128 -69.03 -11.27 0.90
CA TYR E 128 -67.88 -11.56 0.06
C TYR E 128 -68.34 -12.14 -1.27
N HIS E 129 -67.81 -11.58 -2.36
CA HIS E 129 -68.05 -12.09 -3.70
C HIS E 129 -66.69 -12.40 -4.33
N ASP E 130 -66.42 -13.69 -4.54
CA ASP E 130 -65.14 -14.10 -5.08
C ASP E 130 -65.11 -13.81 -6.57
N PRO E 131 -64.18 -12.97 -7.05
CA PRO E 131 -64.13 -12.67 -8.49
C PRO E 131 -63.82 -13.88 -9.36
N ALA E 132 -63.18 -14.91 -8.79
CA ALA E 132 -62.86 -16.10 -9.60
C ALA E 132 -64.11 -16.85 -10.03
N THR E 133 -65.09 -16.98 -9.14
CA THR E 133 -66.30 -17.72 -9.43
C THR E 133 -67.57 -16.88 -9.39
N GLY E 134 -67.62 -15.83 -8.57
CA GLY E 134 -68.81 -15.02 -8.44
C GLY E 134 -69.81 -15.51 -7.41
N LYS E 135 -69.56 -16.63 -6.76
CA LYS E 135 -70.47 -17.16 -5.75
C LYS E 135 -70.44 -16.28 -4.51
N THR E 136 -71.59 -16.20 -3.85
CA THR E 136 -71.75 -15.41 -2.63
C THR E 136 -71.80 -16.33 -1.42
N TYR E 137 -70.96 -16.03 -0.43
CA TYR E 137 -70.87 -16.83 0.79
C TYR E 137 -71.36 -16.03 1.98
N VAL E 138 -72.07 -16.69 2.88
CA VAL E 138 -72.66 -16.06 4.06
C VAL E 138 -71.88 -16.43 5.33
N LYS E 139 -71.81 -17.72 5.65
CA LYS E 139 -71.13 -18.15 6.86
C LYS E 139 -69.62 -18.05 6.70
N ARG E 140 -68.93 -17.88 7.84
CA ARG E 140 -67.48 -17.81 7.83
C ARG E 140 -66.86 -19.17 7.45
N ASP E 141 -67.40 -20.25 8.00
CA ASP E 141 -66.82 -21.58 7.73
C ASP E 141 -67.05 -22.00 6.29
N GLU E 142 -68.17 -21.57 5.69
CA GLU E 142 -68.44 -21.92 4.30
C GLU E 142 -67.48 -21.25 3.33
N ASN E 143 -66.75 -20.23 3.78
CA ASN E 143 -65.80 -19.56 2.92
C ASN E 143 -64.69 -20.53 2.51
N PRO E 144 -64.25 -20.49 1.25
CA PRO E 144 -63.14 -21.36 0.84
C PRO E 144 -61.85 -21.08 1.59
N PHE E 145 -61.67 -19.86 2.08
CA PHE E 145 -60.46 -19.53 2.84
C PHE E 145 -60.38 -20.35 4.12
N TYR E 146 -61.51 -20.50 4.82
CA TYR E 146 -61.55 -21.22 6.09
C TYR E 146 -61.90 -22.68 5.94
N ALA E 147 -62.17 -23.16 4.72
CA ALA E 147 -62.61 -24.53 4.54
C ALA E 147 -61.51 -25.53 4.88
N LYS E 148 -60.29 -25.26 4.44
CA LYS E 148 -59.17 -26.19 4.60
C LYS E 148 -58.39 -25.98 5.89
N GLN E 149 -58.82 -25.05 6.75
CA GLN E 149 -58.07 -24.70 7.95
C GLN E 149 -58.60 -25.47 9.15
N THR E 150 -57.68 -26.06 9.92
CA THR E 150 -58.01 -26.76 11.16
C THR E 150 -57.38 -25.96 12.30
N ARG E 151 -58.14 -25.00 12.82
CA ARG E 151 -57.63 -24.09 13.85
C ARG E 151 -57.56 -24.81 15.19
N LEU E 152 -56.34 -24.94 15.72
CA LEU E 152 -56.11 -25.52 17.03
C LEU E 152 -55.50 -24.53 18.00
N VAL E 153 -54.39 -23.88 17.62
CA VAL E 153 -53.81 -22.85 18.47
C VAL E 153 -54.69 -21.61 18.51
N LEU E 154 -55.28 -21.25 17.37
CA LEU E 154 -56.15 -20.09 17.25
C LEU E 154 -57.62 -20.43 17.51
N LYS E 155 -57.88 -21.47 18.32
CA LYS E 155 -59.26 -21.85 18.61
C LYS E 155 -60.01 -20.72 19.34
N HIS E 156 -59.35 -20.08 20.31
CA HIS E 156 -59.95 -18.98 21.04
C HIS E 156 -59.79 -17.63 20.36
N CYS E 157 -58.95 -17.55 19.33
CA CYS E 157 -58.76 -16.28 18.62
C CYS E 157 -60.00 -15.91 17.84
N GLY E 158 -60.35 -14.62 17.88
CA GLY E 158 -61.49 -14.11 17.15
C GLY E 158 -62.82 -14.26 17.85
N THR E 159 -62.86 -14.83 19.04
CA THR E 159 -64.11 -15.02 19.77
C THR E 159 -64.01 -14.66 21.25
N VAL E 160 -62.84 -14.26 21.74
CA VAL E 160 -62.63 -13.94 23.14
C VAL E 160 -62.00 -12.56 23.24
N ASP E 161 -62.50 -11.75 24.16
CA ASP E 161 -61.96 -10.42 24.37
C ASP E 161 -60.56 -10.56 24.99
N PRO E 162 -59.51 -10.05 24.33
CA PRO E 162 -58.15 -10.21 24.88
C PRO E 162 -57.93 -9.47 26.18
N ALA E 163 -58.74 -8.47 26.51
CA ALA E 163 -58.56 -7.67 27.70
C ALA E 163 -59.41 -8.15 28.88
N SER E 164 -60.12 -9.26 28.73
CA SER E 164 -60.99 -9.79 29.77
C SER E 164 -60.52 -11.18 30.18
N VAL E 165 -60.40 -11.40 31.48
CA VAL E 165 -60.02 -12.70 31.98
C VAL E 165 -61.24 -13.60 32.19
N TYR E 166 -62.38 -13.03 32.58
CA TYR E 166 -63.59 -13.82 32.77
C TYR E 166 -64.06 -14.45 31.46
N ASP E 167 -63.90 -13.74 30.35
CA ASP E 167 -64.24 -14.31 29.05
C ASP E 167 -63.37 -15.53 28.75
N TYR E 168 -62.08 -15.46 29.08
CA TYR E 168 -61.21 -16.62 28.92
C TYR E 168 -61.63 -17.76 29.85
N ILE E 169 -62.05 -17.43 31.06
CA ILE E 169 -62.51 -18.45 32.00
C ILE E 169 -63.75 -19.16 31.45
N ALA E 170 -64.67 -18.40 30.86
CA ALA E 170 -65.92 -18.97 30.35
C ALA E 170 -65.69 -19.97 29.21
N GLU E 171 -64.56 -19.89 28.54
CA GLU E 171 -64.26 -20.78 27.42
C GLU E 171 -63.59 -22.08 27.85
N GLY E 172 -63.38 -22.28 29.15
CA GLY E 172 -62.74 -23.48 29.64
C GLY E 172 -61.26 -23.35 29.94
N GLY E 173 -60.70 -22.15 29.89
CA GLY E 173 -59.30 -21.96 30.18
C GLY E 173 -58.99 -22.09 31.67
N TYR E 174 -57.70 -22.07 31.97
CA TYR E 174 -57.17 -22.17 33.33
C TYR E 174 -57.54 -23.47 34.02
N SER E 175 -57.92 -24.50 33.25
CA SER E 175 -58.20 -25.82 33.83
C SER E 175 -57.03 -26.77 33.69
N ALA E 176 -56.18 -26.57 32.68
CA ALA E 176 -55.01 -27.43 32.50
C ALA E 176 -54.06 -27.29 33.69
N ILE E 177 -53.84 -26.07 34.18
CA ILE E 177 -52.98 -25.86 35.33
C ILE E 177 -53.58 -26.50 36.57
N ALA E 178 -54.91 -26.40 36.72
CA ALA E 178 -55.57 -27.03 37.87
C ALA E 178 -55.41 -28.54 37.84
N LYS E 179 -55.58 -29.15 36.67
CA LYS E 179 -55.37 -30.59 36.55
C LYS E 179 -53.92 -30.97 36.80
N ALA E 180 -52.98 -30.17 36.29
CA ALA E 180 -51.57 -30.49 36.42
C ALA E 180 -51.08 -30.35 37.86
N LEU E 181 -51.69 -29.45 38.64
CA LEU E 181 -51.27 -29.25 40.01
C LEU E 181 -51.48 -30.47 40.89
N THR E 182 -52.29 -31.43 40.46
CA THR E 182 -52.50 -32.66 41.20
C THR E 182 -51.59 -33.79 40.74
N MET E 183 -50.79 -33.58 39.70
CA MET E 183 -49.89 -34.59 39.17
C MET E 183 -48.44 -34.24 39.48
N ASP E 184 -47.56 -35.21 39.24
CA ASP E 184 -46.14 -35.03 39.44
C ASP E 184 -45.49 -34.37 38.22
N ARG E 185 -44.30 -33.82 38.45
CA ARG E 185 -43.56 -33.18 37.36
C ARG E 185 -43.17 -34.19 36.30
N LYS E 186 -42.75 -35.39 36.71
CA LYS E 186 -42.30 -36.39 35.75
C LYS E 186 -43.42 -36.85 34.84
N GLN E 187 -44.64 -36.96 35.37
CA GLN E 187 -45.78 -37.33 34.53
C GLN E 187 -46.01 -36.30 33.44
N ILE E 188 -45.96 -35.01 33.79
CA ILE E 188 -46.16 -33.95 32.81
C ILE E 188 -45.04 -33.96 31.78
N ILE E 189 -43.80 -34.13 32.23
CA ILE E 189 -42.66 -34.13 31.30
C ILE E 189 -42.76 -35.30 30.33
N ASP E 190 -43.10 -36.49 30.85
CA ASP E 190 -43.23 -37.66 29.98
C ASP E 190 -44.40 -37.52 29.04
N GLU E 191 -45.50 -36.88 29.48
CA GLU E 191 -46.61 -36.63 28.58
C GLU E 191 -46.19 -35.69 27.45
N VAL E 192 -45.43 -34.65 27.77
CA VAL E 192 -44.94 -33.73 26.75
C VAL E 192 -44.03 -34.48 25.77
N ILE E 193 -43.15 -35.34 26.28
CA ILE E 193 -42.26 -36.10 25.41
C ILE E 193 -43.06 -37.02 24.49
N LYS E 194 -44.04 -37.72 25.05
CA LYS E 194 -44.86 -38.64 24.26
C LYS E 194 -45.72 -37.90 23.25
N SER E 195 -46.02 -36.62 23.51
CA SER E 195 -46.78 -35.83 22.56
C SER E 195 -46.03 -35.61 21.25
N GLY E 196 -44.71 -35.77 21.26
CA GLY E 196 -43.94 -35.55 20.05
C GLY E 196 -43.78 -34.11 19.66
N LEU E 197 -43.95 -33.18 20.60
CA LEU E 197 -43.83 -31.76 20.29
C LEU E 197 -42.40 -31.41 19.92
N ARG E 198 -42.26 -30.53 18.93
CA ARG E 198 -40.96 -30.03 18.49
C ARG E 198 -40.99 -28.52 18.43
N GLY E 199 -39.81 -27.91 18.56
CA GLY E 199 -39.73 -26.47 18.61
C GLY E 199 -40.25 -25.83 17.33
N ARG E 200 -41.03 -24.76 17.49
CA ARG E 200 -41.60 -24.02 16.38
C ARG E 200 -40.76 -22.83 15.96
N GLY E 201 -39.61 -22.62 16.59
CA GLY E 201 -38.76 -21.48 16.28
C GLY E 201 -37.86 -21.65 15.08
N GLY E 202 -37.89 -22.81 14.42
CA GLY E 202 -37.08 -23.02 13.24
C GLY E 202 -36.03 -24.10 13.41
N ALA E 203 -35.41 -24.15 14.59
CA ALA E 203 -34.36 -25.13 14.84
C ALA E 203 -34.91 -26.55 14.83
N GLY E 204 -36.09 -26.76 15.40
CA GLY E 204 -36.68 -28.08 15.46
C GLY E 204 -36.19 -28.97 16.57
N PHE E 205 -35.41 -28.43 17.52
CA PHE E 205 -34.92 -29.23 18.63
C PHE E 205 -36.10 -29.67 19.51
N PRO E 206 -36.12 -30.93 19.94
CA PRO E 206 -37.24 -31.40 20.77
C PRO E 206 -37.33 -30.63 22.09
N THR E 207 -38.57 -30.34 22.50
CA THR E 207 -38.80 -29.63 23.75
C THR E 207 -38.63 -30.55 24.95
N GLY E 208 -39.07 -31.80 24.83
CA GLY E 208 -39.00 -32.72 25.95
C GLY E 208 -37.58 -32.99 26.40
N GLU E 209 -36.63 -33.08 25.46
CA GLU E 209 -35.25 -33.28 25.83
C GLU E 209 -34.70 -32.12 26.65
N LYS E 210 -34.99 -30.89 26.24
CA LYS E 210 -34.55 -29.73 26.99
C LYS E 210 -35.20 -29.67 28.37
N TRP E 211 -36.49 -29.99 28.44
CA TRP E 211 -37.18 -29.99 29.73
C TRP E 211 -36.60 -31.05 30.67
N LEU E 212 -36.28 -32.24 30.15
CA LEU E 212 -35.65 -33.27 30.96
C LEU E 212 -34.27 -32.82 31.42
N GLY E 213 -33.48 -32.21 30.52
CA GLY E 213 -32.18 -31.72 30.91
C GLY E 213 -32.23 -30.67 31.99
N ALA E 214 -33.23 -29.79 31.93
CA ALA E 214 -33.43 -28.81 32.99
C ALA E 214 -33.87 -29.47 34.29
N TYR E 215 -34.70 -30.51 34.19
CA TYR E 215 -35.19 -31.21 35.36
C TYR E 215 -34.05 -31.92 36.11
N LYS E 216 -33.13 -32.53 35.36
CA LYS E 216 -32.04 -33.29 35.98
C LYS E 216 -31.01 -32.41 36.67
N ASN E 217 -31.06 -31.09 36.49
CA ASN E 217 -30.10 -30.19 37.10
C ASN E 217 -30.56 -29.82 38.50
N GLN E 218 -29.67 -30.01 39.48
CA GLN E 218 -29.96 -29.70 40.88
C GLN E 218 -29.31 -28.36 41.21
N SER E 219 -30.06 -27.28 40.97
CA SER E 219 -29.59 -25.93 41.25
C SER E 219 -30.64 -25.17 42.02
N PRO E 220 -30.23 -24.26 42.92
CA PRO E 220 -31.23 -23.49 43.68
C PRO E 220 -32.18 -22.67 42.81
N LYS E 221 -31.68 -22.11 41.70
CA LYS E 221 -32.48 -21.21 40.88
C LYS E 221 -32.49 -21.67 39.42
N LYS E 222 -33.65 -21.53 38.79
CA LYS E 222 -33.81 -21.80 37.37
C LYS E 222 -34.69 -20.71 36.76
N TYR E 223 -34.55 -20.53 35.45
CA TYR E 223 -35.27 -19.48 34.74
C TYR E 223 -35.95 -20.05 33.50
N ILE E 224 -37.02 -19.37 33.09
CA ILE E 224 -37.69 -19.66 31.82
C ILE E 224 -37.85 -18.34 31.07
N ILE E 225 -37.65 -18.38 29.76
CA ILE E 225 -37.74 -17.20 28.91
C ILE E 225 -38.67 -17.50 27.74
N CYS E 226 -39.62 -16.61 27.48
CA CYS E 226 -40.50 -16.70 26.34
C CYS E 226 -40.07 -15.70 25.29
N ASN E 227 -39.83 -16.17 24.07
CA ASN E 227 -39.26 -15.37 23.00
C ASN E 227 -40.36 -14.92 22.05
N GLY E 228 -40.53 -13.61 21.91
CA GLY E 228 -41.50 -13.05 21.00
C GLY E 228 -40.93 -11.91 20.18
N ASP E 229 -39.66 -12.03 19.79
CA ASP E 229 -38.98 -10.95 19.08
C ASP E 229 -39.61 -10.71 17.71
N GLU E 230 -39.76 -11.77 16.93
CA GLU E 230 -40.26 -11.70 15.55
C GLU E 230 -39.45 -10.70 14.72
N GLY E 231 -38.16 -11.00 14.58
CA GLY E 231 -37.29 -10.16 13.79
C GLY E 231 -37.44 -10.30 12.30
N ASP E 232 -38.11 -11.35 11.83
CA ASP E 232 -38.27 -11.58 10.41
C ASP E 232 -39.35 -10.66 9.86
N PRO E 233 -39.04 -9.81 8.88
CA PRO E 233 -40.09 -9.00 8.24
C PRO E 233 -41.04 -9.87 7.44
N GLY E 234 -42.30 -9.46 7.42
CA GLY E 234 -43.32 -10.21 6.73
C GLY E 234 -43.96 -11.33 7.52
N ALA E 235 -43.52 -11.57 8.75
CA ALA E 235 -44.09 -12.60 9.60
C ALA E 235 -44.75 -11.92 10.81
N PHE E 236 -46.04 -12.19 11.01
CA PHE E 236 -46.80 -11.58 12.08
C PHE E 236 -47.65 -12.64 12.78
N MET E 237 -47.04 -13.78 13.09
CA MET E 237 -47.78 -14.87 13.74
C MET E 237 -47.87 -14.64 15.24
N ASP E 238 -46.73 -14.56 15.92
CA ASP E 238 -46.74 -14.37 17.36
C ASP E 238 -47.32 -13.01 17.75
N ARG E 239 -47.22 -12.02 16.86
CA ARG E 239 -47.89 -10.74 17.09
C ARG E 239 -49.38 -10.95 17.28
N SER E 240 -50.02 -11.65 16.35
CA SER E 240 -51.45 -11.91 16.46
C SER E 240 -51.76 -12.85 17.62
N VAL E 241 -50.86 -13.79 17.91
CA VAL E 241 -51.10 -14.69 19.04
C VAL E 241 -51.12 -13.92 20.36
N MET E 242 -50.18 -13.00 20.54
CA MET E 242 -50.16 -12.19 21.76
C MET E 242 -51.32 -11.20 21.80
N GLU E 243 -51.67 -10.63 20.65
CA GLU E 243 -52.80 -9.70 20.61
C GLU E 243 -54.15 -10.39 20.73
N GLY E 244 -54.20 -11.72 20.59
CA GLY E 244 -55.44 -12.44 20.68
C GLY E 244 -55.72 -13.04 22.05
N ASP E 245 -54.73 -13.71 22.63
CA ASP E 245 -54.93 -14.37 23.91
C ASP E 245 -53.62 -14.56 24.66
N PRO E 246 -53.17 -13.56 25.43
CA PRO E 246 -51.98 -13.76 26.27
C PRO E 246 -52.19 -14.75 27.40
N HIS E 247 -53.44 -15.04 27.78
CA HIS E 247 -53.67 -15.97 28.86
C HIS E 247 -53.23 -17.39 28.51
N LYS E 248 -53.30 -17.76 27.24
CA LYS E 248 -52.84 -19.08 26.82
C LYS E 248 -51.34 -19.24 27.06
N VAL E 249 -50.55 -18.24 26.64
CA VAL E 249 -49.11 -18.34 26.83
C VAL E 249 -48.76 -18.19 28.32
N ILE E 250 -49.54 -17.42 29.07
CA ILE E 250 -49.30 -17.34 30.51
C ILE E 250 -49.52 -18.70 31.16
N GLU E 251 -50.60 -19.38 30.77
CA GLU E 251 -50.87 -20.71 31.31
C GLU E 251 -49.78 -21.70 30.91
N GLY E 252 -49.33 -21.64 29.66
CA GLY E 252 -48.24 -22.51 29.25
C GLY E 252 -46.96 -22.25 30.02
N MET E 253 -46.65 -20.98 30.27
CA MET E 253 -45.47 -20.63 31.05
C MET E 253 -45.57 -21.15 32.48
N MET E 254 -46.75 -21.01 33.10
CA MET E 254 -46.93 -21.54 34.45
C MET E 254 -46.79 -23.05 34.47
N ILE E 255 -47.35 -23.74 33.48
CA ILE E 255 -47.23 -25.19 33.41
C ILE E 255 -45.77 -25.60 33.29
N GLY E 256 -45.02 -24.93 32.41
CA GLY E 256 -43.61 -25.25 32.26
C GLY E 256 -42.82 -24.98 33.52
N ALA E 257 -43.10 -23.86 34.18
CA ALA E 257 -42.39 -23.53 35.42
C ALA E 257 -42.67 -24.57 36.50
N TYR E 258 -43.93 -25.02 36.62
CA TYR E 258 -44.24 -26.08 37.56
C TYR E 258 -43.52 -27.38 37.17
N ALA E 259 -43.47 -27.68 35.88
CA ALA E 259 -42.85 -28.92 35.42
C ALA E 259 -41.37 -28.96 35.75
N ILE E 260 -40.65 -27.86 35.51
CA ILE E 260 -39.20 -27.88 35.77
C ILE E 260 -38.84 -27.35 37.15
N GLY E 261 -39.69 -26.54 37.77
CA GLY E 261 -39.42 -26.04 39.10
C GLY E 261 -38.70 -24.72 39.15
N SER E 262 -39.23 -23.71 38.46
CA SER E 262 -38.67 -22.36 38.46
C SER E 262 -39.72 -21.38 38.94
N ASP E 263 -39.31 -20.45 39.81
CA ASP E 263 -40.21 -19.48 40.40
C ASP E 263 -40.14 -18.11 39.72
N GLU E 264 -39.40 -17.98 38.62
CA GLU E 264 -39.29 -16.71 37.92
C GLU E 264 -39.33 -16.97 36.42
N GLY E 265 -39.76 -15.95 35.67
CA GLY E 265 -39.84 -16.05 34.23
C GLY E 265 -39.93 -14.68 33.59
N TYR E 266 -39.55 -14.63 32.32
CA TYR E 266 -39.53 -13.40 31.56
C TYR E 266 -40.27 -13.59 30.24
N ILE E 267 -40.78 -12.49 29.71
CA ILE E 267 -41.45 -12.47 28.41
C ILE E 267 -40.77 -11.38 27.59
N TYR E 268 -39.97 -11.77 26.60
CA TYR E 268 -39.24 -10.82 25.79
C TYR E 268 -40.10 -10.39 24.61
N VAL E 269 -40.53 -9.13 24.62
CA VAL E 269 -41.32 -8.55 23.54
C VAL E 269 -40.60 -7.31 23.04
N ARG E 270 -40.80 -7.01 21.76
CA ARG E 270 -40.23 -5.79 21.19
C ARG E 270 -41.12 -4.60 21.52
N ALA E 271 -40.48 -3.49 21.91
CA ALA E 271 -41.23 -2.29 22.26
C ALA E 271 -41.91 -1.65 21.07
N GLU E 272 -41.56 -2.05 19.84
CA GLU E 272 -42.20 -1.54 18.63
C GLU E 272 -43.65 -1.97 18.52
N TYR E 273 -44.09 -2.96 19.32
CA TYR E 273 -45.45 -3.48 19.28
C TYR E 273 -46.20 -2.94 20.49
N PRO E 274 -46.93 -1.82 20.37
CA PRO E 274 -47.58 -1.26 21.56
C PRO E 274 -48.77 -2.07 22.03
N LEU E 275 -49.62 -2.53 21.11
CA LEU E 275 -50.81 -3.27 21.52
C LEU E 275 -50.45 -4.56 22.24
N ALA E 276 -49.44 -5.28 21.74
CA ALA E 276 -49.05 -6.54 22.35
C ALA E 276 -48.55 -6.35 23.77
N VAL E 277 -47.68 -5.35 23.99
CA VAL E 277 -47.14 -5.15 25.34
C VAL E 277 -48.21 -4.62 26.28
N GLN E 278 -49.10 -3.75 25.79
CA GLN E 278 -50.19 -3.27 26.62
C GLN E 278 -51.10 -4.42 27.06
N MET E 279 -51.46 -5.29 26.11
CA MET E 279 -52.32 -6.42 26.42
C MET E 279 -51.63 -7.38 27.38
N LEU E 280 -50.33 -7.63 27.18
CA LEU E 280 -49.60 -8.54 28.06
C LEU E 280 -49.53 -7.99 29.48
N ARG E 281 -49.24 -6.69 29.63
CA ARG E 281 -49.18 -6.10 30.96
C ARG E 281 -50.55 -6.12 31.63
N LYS E 282 -51.61 -5.82 30.87
CA LYS E 282 -52.96 -5.86 31.44
C LYS E 282 -53.32 -7.27 31.88
N ALA E 283 -53.01 -8.27 31.07
CA ALA E 283 -53.30 -9.65 31.43
C ALA E 283 -52.52 -10.07 32.67
N ILE E 284 -51.24 -9.69 32.76
CA ILE E 284 -50.44 -10.06 33.92
C ILE E 284 -50.97 -9.41 35.18
N GLU E 285 -51.33 -8.12 35.11
CA GLU E 285 -51.86 -7.46 36.30
C GLU E 285 -53.21 -8.02 36.70
N GLU E 286 -54.07 -8.37 35.73
CA GLU E 286 -55.35 -9.00 36.05
C GLU E 286 -55.14 -10.36 36.72
N CYS E 287 -54.21 -11.16 36.19
CA CYS E 287 -53.95 -12.46 36.77
C CYS E 287 -53.39 -12.35 38.19
N GLU E 288 -52.50 -11.37 38.41
CA GLU E 288 -51.96 -11.16 39.75
C GLU E 288 -53.05 -10.71 40.71
N LYS E 289 -53.95 -9.83 40.25
CA LYS E 289 -55.05 -9.38 41.09
C LYS E 289 -55.99 -10.54 41.43
N LEU E 290 -56.26 -11.41 40.46
CA LEU E 290 -57.14 -12.55 40.70
C LEU E 290 -56.56 -13.54 41.70
N GLY E 291 -55.24 -13.58 41.86
CA GLY E 291 -54.60 -14.46 42.81
C GLY E 291 -53.98 -15.72 42.23
N LEU E 292 -53.94 -15.85 40.90
CA LEU E 292 -53.33 -17.02 40.28
C LEU E 292 -51.81 -16.90 40.16
N LEU E 293 -51.26 -15.71 40.39
CA LEU E 293 -49.83 -15.49 40.32
C LEU E 293 -49.32 -14.93 41.64
N GLY E 294 -48.17 -15.43 42.10
CA GLY E 294 -47.60 -14.98 43.35
C GLY E 294 -47.05 -16.12 44.19
N ASP E 295 -47.42 -16.17 45.46
CA ASP E 295 -46.96 -17.19 46.39
C ASP E 295 -48.13 -18.05 46.83
N ASN E 296 -47.89 -19.36 46.93
CA ASN E 296 -48.89 -20.33 47.36
C ASN E 296 -50.13 -20.28 46.45
N ILE E 297 -49.91 -20.65 45.18
CA ILE E 297 -50.97 -20.60 44.18
C ILE E 297 -51.99 -21.69 44.52
N LEU E 298 -53.21 -21.29 44.84
CA LEU E 298 -54.32 -22.19 45.12
C LEU E 298 -54.01 -23.16 46.27
N GLY E 299 -53.21 -22.70 47.24
CA GLY E 299 -52.91 -23.51 48.40
C GLY E 299 -51.95 -24.65 48.17
N THR E 300 -51.31 -24.71 47.01
CA THR E 300 -50.38 -25.79 46.68
C THR E 300 -48.97 -25.51 47.19
N GLY E 301 -48.53 -24.26 47.18
CA GLY E 301 -47.16 -23.92 47.52
C GLY E 301 -46.29 -23.58 46.34
N PHE E 302 -46.82 -23.65 45.11
CA PHE E 302 -46.07 -23.27 43.94
C PHE E 302 -45.99 -21.76 43.83
N SER E 303 -44.79 -21.24 43.58
CA SER E 303 -44.56 -19.81 43.45
C SER E 303 -44.07 -19.50 42.05
N PHE E 304 -44.59 -18.41 41.47
CA PHE E 304 -44.22 -18.02 40.12
C PHE E 304 -44.41 -16.53 39.96
N ARG E 305 -43.48 -15.90 39.24
CA ARG E 305 -43.54 -14.48 38.94
C ARG E 305 -43.24 -14.27 37.46
N LEU E 306 -43.85 -13.24 36.88
CA LEU E 306 -43.71 -12.94 35.46
C LEU E 306 -43.25 -11.51 35.28
N HIS E 307 -42.33 -11.31 34.33
CA HIS E 307 -41.78 -10.00 34.02
C HIS E 307 -41.80 -9.78 32.51
N VAL E 308 -41.93 -8.52 32.11
CA VAL E 308 -41.95 -8.14 30.70
C VAL E 308 -40.73 -7.27 30.42
N ARG E 309 -39.98 -7.63 29.39
CA ARG E 309 -38.79 -6.89 28.97
C ARG E 309 -39.00 -6.42 27.54
N GLU E 310 -39.17 -5.11 27.36
CA GLU E 310 -39.40 -4.56 26.04
C GLU E 310 -38.10 -4.53 25.24
N GLY E 311 -38.15 -5.06 24.02
CA GLY E 311 -36.98 -5.07 23.16
C GLY E 311 -36.68 -3.72 22.56
N ALA E 312 -35.50 -3.59 21.97
CA ALA E 312 -35.04 -2.30 21.48
C ALA E 312 -34.35 -2.43 20.13
N GLY E 313 -34.88 -3.25 19.23
CA GLY E 313 -34.29 -3.27 17.90
C GLY E 313 -33.75 -4.58 17.36
N ALA E 314 -32.42 -4.66 17.32
CA ALA E 314 -31.64 -5.55 16.45
C ALA E 314 -32.27 -6.90 16.20
N PHE E 315 -32.30 -7.29 14.92
CA PHE E 315 -32.72 -8.63 14.51
C PHE E 315 -31.89 -9.72 15.16
N VAL E 316 -30.61 -9.44 15.45
CA VAL E 316 -29.73 -10.44 16.03
C VAL E 316 -30.04 -10.72 17.49
N CYS E 317 -30.87 -9.88 18.13
CA CYS E 317 -31.19 -10.06 19.54
C CYS E 317 -32.09 -11.27 19.80
N GLY E 318 -32.64 -11.90 18.76
CA GLY E 318 -33.42 -13.10 18.95
C GLY E 318 -32.60 -14.32 19.29
N GLU E 319 -31.30 -14.31 18.95
CA GLU E 319 -30.43 -15.43 19.26
C GLU E 319 -30.30 -15.58 20.77
N SER E 320 -30.16 -16.82 21.23
CA SER E 320 -30.37 -17.13 22.64
C SER E 320 -29.39 -16.38 23.54
N THR E 321 -28.09 -16.51 23.27
CA THR E 321 -27.11 -15.81 24.08
C THR E 321 -27.21 -14.29 23.90
N ALA E 322 -27.45 -13.84 22.67
CA ALA E 322 -27.66 -12.42 22.46
C ALA E 322 -28.89 -11.94 23.22
N LEU E 323 -29.95 -12.76 23.27
CA LEU E 323 -31.13 -12.40 24.03
C LEU E 323 -30.83 -12.30 25.52
N THR E 324 -30.05 -13.24 26.05
CA THR E 324 -29.69 -13.18 27.47
C THR E 324 -28.86 -11.93 27.78
N TYR E 325 -27.91 -11.60 26.90
CA TYR E 325 -27.12 -10.38 27.11
C TYR E 325 -27.99 -9.14 27.03
N SER E 326 -28.94 -9.09 26.09
CA SER E 326 -29.84 -7.95 26.01
C SER E 326 -30.69 -7.82 27.26
N ILE E 327 -31.15 -8.96 27.80
CA ILE E 327 -31.92 -8.92 29.04
C ILE E 327 -31.06 -8.40 30.18
N GLU E 328 -29.80 -8.85 30.26
CA GLU E 328 -28.91 -8.40 31.33
C GLU E 328 -28.60 -6.91 31.20
N GLY E 329 -28.48 -6.41 29.97
CA GLY E 329 -28.22 -5.00 29.76
C GLY E 329 -26.92 -4.67 29.06
N LYS E 330 -26.45 -5.57 28.20
CA LYS E 330 -25.21 -5.37 27.46
C LYS E 330 -25.49 -5.42 25.96
N ARG E 331 -24.42 -5.33 25.17
CA ARG E 331 -24.54 -5.45 23.72
C ARG E 331 -24.90 -6.88 23.35
N GLY E 332 -25.82 -7.03 22.40
CA GLY E 332 -26.25 -8.34 21.98
C GLY E 332 -25.27 -9.06 21.08
N MET E 333 -24.05 -9.29 21.58
CA MET E 333 -23.07 -10.07 20.84
C MET E 333 -23.10 -11.52 21.29
N PRO E 334 -23.32 -12.47 20.38
CA PRO E 334 -23.34 -13.88 20.79
C PRO E 334 -22.00 -14.31 21.39
N ARG E 335 -22.08 -15.19 22.38
CA ARG E 335 -20.90 -15.74 23.03
C ARG E 335 -20.63 -17.14 22.49
N VAL E 336 -19.48 -17.68 22.90
CA VAL E 336 -18.97 -18.93 22.35
C VAL E 336 -19.50 -20.10 23.17
N ARG E 337 -19.70 -21.24 22.48
CA ARG E 337 -20.18 -22.47 23.08
C ARG E 337 -19.16 -23.58 22.90
N PRO E 338 -19.09 -24.55 23.81
CA PRO E 338 -19.82 -24.67 25.08
C PRO E 338 -19.22 -23.76 26.16
N PRO E 339 -19.92 -23.55 27.29
CA PRO E 339 -21.21 -24.13 27.72
C PRO E 339 -22.42 -23.57 26.99
N ARG E 340 -23.56 -24.25 27.14
CA ARG E 340 -24.81 -23.87 26.51
C ARG E 340 -25.73 -23.24 27.55
N THR E 341 -26.76 -22.55 27.05
CA THR E 341 -27.69 -21.88 27.95
C THR E 341 -28.54 -22.85 28.78
N ASN E 342 -28.54 -24.13 28.44
CA ASN E 342 -29.26 -25.12 29.23
C ASN E 342 -28.47 -25.60 30.44
N GLU E 343 -27.25 -25.11 30.64
CA GLU E 343 -26.46 -25.42 31.81
C GLU E 343 -26.11 -24.19 32.63
N CYS E 344 -25.80 -23.07 31.97
CA CYS E 344 -25.57 -21.79 32.67
C CYS E 344 -25.90 -20.67 31.69
N GLY E 345 -27.07 -20.07 31.86
CA GLY E 345 -27.53 -19.04 30.95
C GLY E 345 -27.61 -17.66 31.56
N LEU E 346 -28.82 -17.24 31.92
CA LEU E 346 -29.03 -15.91 32.48
C LEU E 346 -28.39 -15.82 33.86
N TRP E 347 -27.43 -14.90 34.01
CA TRP E 347 -26.71 -14.70 35.27
C TRP E 347 -26.07 -16.00 35.76
N GLU E 348 -25.54 -16.78 34.82
CA GLU E 348 -24.86 -18.05 35.11
C GLU E 348 -25.77 -19.01 35.86
N MET E 349 -27.01 -19.12 35.42
CA MET E 349 -27.98 -20.06 35.95
C MET E 349 -28.66 -20.79 34.80
N PRO E 350 -29.09 -22.03 35.00
CA PRO E 350 -29.77 -22.77 33.93
C PRO E 350 -31.04 -22.06 33.48
N THR E 351 -31.30 -22.08 32.19
CA THR E 351 -32.45 -21.41 31.60
C THR E 351 -33.09 -22.32 30.56
N VAL E 352 -34.37 -22.06 30.31
CA VAL E 352 -35.14 -22.74 29.26
C VAL E 352 -35.78 -21.67 28.39
N LEU E 353 -35.41 -21.65 27.11
CA LEU E 353 -35.88 -20.63 26.18
C LEU E 353 -36.72 -21.31 25.11
N ASN E 354 -37.97 -20.87 24.96
CA ASN E 354 -38.89 -21.45 23.99
C ASN E 354 -39.67 -20.33 23.31
N ASN E 355 -40.30 -20.69 22.19
CA ASN E 355 -41.08 -19.76 21.41
C ASN E 355 -42.47 -19.57 22.02
N VAL E 356 -43.18 -18.55 21.52
CA VAL E 356 -44.55 -18.29 21.98
C VAL E 356 -45.47 -19.42 21.56
N GLU E 357 -45.37 -19.85 20.29
CA GLU E 357 -46.23 -20.91 19.78
C GLU E 357 -46.00 -22.22 20.52
N THR E 358 -44.75 -22.52 20.87
CA THR E 358 -44.46 -23.73 21.61
C THR E 358 -45.11 -23.72 22.99
N PHE E 359 -45.06 -22.58 23.68
CA PHE E 359 -45.71 -22.47 24.98
C PHE E 359 -47.23 -22.41 24.87
N ALA E 360 -47.76 -22.05 23.70
CA ALA E 360 -49.21 -21.97 23.54
C ALA E 360 -49.85 -23.34 23.44
N CYS E 361 -49.13 -24.35 22.98
CA CYS E 361 -49.70 -25.68 22.74
C CYS E 361 -49.64 -26.60 23.95
N ILE E 362 -48.94 -26.19 25.02
CA ILE E 362 -48.81 -27.06 26.19
C ILE E 362 -50.15 -27.35 26.86
N PRO E 363 -51.02 -26.36 27.13
CA PRO E 363 -52.29 -26.69 27.79
C PRO E 363 -53.16 -27.64 26.99
N GLU E 364 -53.15 -27.55 25.65
CA GLU E 364 -53.92 -28.50 24.85
C GLU E 364 -53.41 -29.93 25.04
N ILE E 365 -52.08 -30.10 25.06
CA ILE E 365 -51.51 -31.42 25.29
C ILE E 365 -51.88 -31.92 26.68
N ILE E 366 -51.82 -31.05 27.68
CA ILE E 366 -52.17 -31.46 29.03
C ILE E 366 -53.62 -31.89 29.12
N LEU E 367 -54.52 -31.12 28.50
CA LEU E 367 -55.95 -31.40 28.61
C LEU E 367 -56.34 -32.66 27.83
N ASN E 368 -55.87 -32.79 26.60
CA ASN E 368 -56.35 -33.84 25.71
C ASN E 368 -55.42 -35.04 25.60
N GLY E 369 -54.17 -34.92 26.03
CA GLY E 369 -53.25 -36.03 25.94
C GLY E 369 -52.35 -35.95 24.72
N GLY E 370 -51.15 -36.50 24.87
CA GLY E 370 -50.18 -36.43 23.78
C GLY E 370 -50.46 -37.42 22.67
N GLU E 371 -51.11 -38.54 23.00
CA GLU E 371 -51.44 -39.53 21.97
C GLU E 371 -52.43 -38.97 20.96
N TRP E 372 -53.40 -38.19 21.41
CA TRP E 372 -54.32 -37.53 20.48
C TRP E 372 -53.57 -36.54 19.60
N PHE E 373 -52.62 -35.79 20.18
CA PHE E 373 -51.86 -34.83 19.41
C PHE E 373 -50.99 -35.51 18.35
N ALA E 374 -50.41 -36.66 18.69
CA ALA E 374 -49.48 -37.34 17.80
C ALA E 374 -50.15 -37.96 16.57
N SER E 375 -51.48 -37.99 16.53
CA SER E 375 -52.20 -38.59 15.41
C SER E 375 -52.33 -37.65 14.21
N ILE E 376 -51.84 -36.42 14.31
CA ILE E 376 -51.94 -35.43 13.24
C ILE E 376 -50.57 -35.22 12.64
N GLY E 377 -50.50 -35.18 11.32
CA GLY E 377 -49.26 -34.93 10.62
C GLY E 377 -48.38 -36.16 10.49
N THR E 378 -47.15 -35.92 10.05
CA THR E 378 -46.20 -36.99 9.87
C THR E 378 -45.78 -37.59 11.21
N PRO E 379 -45.46 -38.89 11.25
CA PRO E 379 -45.02 -39.50 12.51
C PRO E 379 -43.78 -38.86 13.10
N THR E 380 -42.85 -38.40 12.26
CA THR E 380 -41.62 -37.80 12.76
C THR E 380 -41.78 -36.32 13.12
N SER E 381 -42.93 -35.72 12.79
CA SER E 381 -43.17 -34.31 13.14
C SER E 381 -44.68 -34.13 13.23
N THR E 382 -45.20 -34.11 14.46
CA THR E 382 -46.63 -34.02 14.70
C THR E 382 -47.04 -32.56 14.95
N GLY E 383 -48.33 -32.36 15.15
CA GLY E 383 -48.86 -31.04 15.42
C GLY E 383 -49.26 -30.29 14.16
N THR E 384 -49.39 -28.98 14.33
CA THR E 384 -49.76 -28.09 13.24
C THR E 384 -48.90 -26.84 13.30
N LYS E 385 -48.96 -26.04 12.24
CA LYS E 385 -48.17 -24.83 12.13
C LYS E 385 -49.04 -23.69 11.62
N ILE E 386 -48.67 -22.46 11.98
CA ILE E 386 -49.36 -21.26 11.55
C ILE E 386 -48.50 -20.55 10.52
N PHE E 387 -49.07 -20.32 9.33
CA PHE E 387 -48.36 -19.69 8.23
C PHE E 387 -49.02 -18.36 7.88
N ALA E 388 -48.18 -17.36 7.61
CA ALA E 388 -48.63 -16.04 7.18
C ALA E 388 -48.21 -15.84 5.73
N LEU E 389 -49.15 -16.10 4.82
CA LEU E 389 -48.88 -16.02 3.39
C LEU E 389 -49.29 -14.65 2.87
N SER E 390 -48.44 -14.06 2.02
CA SER E 390 -48.70 -12.75 1.46
C SER E 390 -47.93 -12.63 0.14
N GLY E 391 -47.92 -11.42 -0.41
CA GLY E 391 -47.22 -11.15 -1.66
C GLY E 391 -48.20 -10.91 -2.80
N LYS E 392 -47.82 -11.40 -3.98
CA LYS E 392 -48.65 -11.25 -5.17
C LYS E 392 -49.64 -12.41 -5.25
N VAL E 393 -50.58 -12.41 -4.30
CA VAL E 393 -51.63 -13.41 -4.24
C VAL E 393 -52.95 -12.69 -3.99
N ASN E 394 -54.04 -13.35 -4.37
CA ASN E 394 -55.36 -12.72 -4.28
C ASN E 394 -55.77 -12.50 -2.83
N ARG E 395 -55.65 -13.53 -2.00
CA ARG E 395 -56.07 -13.47 -0.61
C ARG E 395 -54.86 -13.58 0.30
N THR E 396 -54.68 -12.60 1.19
CA THR E 396 -53.62 -12.59 2.18
C THR E 396 -54.21 -12.68 3.58
N GLY E 397 -53.56 -13.43 4.45
CA GLY E 397 -54.04 -13.56 5.82
C GLY E 397 -53.27 -14.63 6.55
N LEU E 398 -53.75 -14.93 7.76
CA LEU E 398 -53.13 -15.91 8.64
C LEU E 398 -53.88 -17.24 8.51
N VAL E 399 -53.17 -18.28 8.05
CA VAL E 399 -53.77 -19.59 7.82
C VAL E 399 -53.14 -20.59 8.77
N GLU E 400 -53.92 -21.60 9.14
CA GLU E 400 -53.46 -22.71 9.96
C GLU E 400 -53.92 -24.01 9.33
N VAL E 401 -52.96 -24.88 9.00
CA VAL E 401 -53.27 -26.14 8.35
C VAL E 401 -52.52 -27.25 9.07
N PRO E 402 -53.01 -28.48 8.98
CA PRO E 402 -52.25 -29.61 9.53
C PRO E 402 -50.88 -29.72 8.88
N MET E 403 -49.89 -30.08 9.69
CA MET E 403 -48.51 -30.08 9.24
C MET E 403 -48.29 -31.26 8.29
N GLY E 404 -48.17 -30.97 7.00
CA GLY E 404 -47.99 -32.00 6.00
C GLY E 404 -48.77 -31.74 4.72
N LEU E 405 -49.54 -30.64 4.71
CA LEU E 405 -50.32 -30.29 3.54
C LEU E 405 -49.42 -29.91 2.38
N LYS E 406 -49.82 -30.26 1.16
CA LYS E 406 -49.03 -29.97 -0.02
C LYS E 406 -49.02 -28.47 -0.30
N LEU E 407 -47.97 -28.02 -0.99
CA LEU E 407 -47.77 -26.60 -1.23
C LEU E 407 -48.69 -26.05 -2.32
N ARG E 408 -49.11 -26.90 -3.27
CA ARG E 408 -49.86 -26.40 -4.41
C ARG E 408 -51.23 -25.86 -4.00
N GLU E 409 -51.96 -26.61 -3.17
CA GLU E 409 -53.27 -26.12 -2.73
C GLU E 409 -53.12 -25.02 -1.69
N LEU E 410 -52.01 -24.99 -0.97
CA LEU E 410 -51.74 -23.86 -0.07
C LEU E 410 -51.58 -22.57 -0.86
N ILE E 411 -50.86 -22.63 -1.99
CA ILE E 411 -50.64 -21.43 -2.79
C ILE E 411 -51.88 -21.05 -3.57
N PHE E 412 -52.54 -22.04 -4.20
CA PHE E 412 -53.61 -21.78 -5.16
C PHE E 412 -55.00 -21.89 -4.56
N ASP E 413 -55.32 -23.03 -3.92
CA ASP E 413 -56.67 -23.24 -3.43
C ASP E 413 -57.04 -22.23 -2.34
N ILE E 414 -56.19 -22.13 -1.32
CA ILE E 414 -56.45 -21.18 -0.25
C ILE E 414 -56.20 -19.74 -0.71
N GLY E 415 -55.10 -19.53 -1.42
CA GLY E 415 -54.74 -18.19 -1.86
C GLY E 415 -55.53 -17.64 -3.02
N GLY E 416 -56.34 -18.47 -3.68
CA GLY E 416 -57.13 -18.01 -4.80
C GLY E 416 -56.33 -17.60 -6.02
N GLY E 417 -55.27 -18.32 -6.33
CA GLY E 417 -54.50 -18.06 -7.53
C GLY E 417 -53.63 -16.83 -7.42
N ILE E 418 -53.01 -16.48 -8.55
CA ILE E 418 -52.12 -15.33 -8.65
C ILE E 418 -52.93 -14.13 -9.12
N ALA E 419 -52.72 -12.99 -8.47
CA ALA E 419 -53.45 -11.78 -8.80
C ALA E 419 -53.07 -11.28 -10.19
N ASN E 420 -54.02 -10.58 -10.82
CA ASN E 420 -53.87 -9.97 -12.15
C ASN E 420 -53.67 -11.01 -13.24
N ASN E 421 -54.03 -12.28 -12.98
CA ASN E 421 -53.95 -13.35 -13.96
C ASN E 421 -52.55 -13.48 -14.56
N LYS E 422 -51.54 -13.41 -13.70
CA LYS E 422 -50.16 -13.57 -14.12
C LYS E 422 -49.73 -15.02 -13.91
N LYS E 423 -48.46 -15.31 -14.16
CA LYS E 423 -47.92 -16.66 -14.05
C LYS E 423 -47.04 -16.77 -12.81
N PHE E 424 -47.24 -17.86 -12.06
CA PHE E 424 -46.46 -18.10 -10.86
C PHE E 424 -44.99 -18.33 -11.20
N LYS E 425 -44.10 -17.79 -10.37
CA LYS E 425 -42.66 -17.96 -10.56
C LYS E 425 -41.98 -18.69 -9.43
N ALA E 426 -42.11 -18.22 -8.19
CA ALA E 426 -41.41 -18.83 -7.07
C ALA E 426 -42.01 -18.35 -5.76
N VAL E 427 -41.64 -19.05 -4.68
CA VAL E 427 -42.03 -18.69 -3.32
C VAL E 427 -40.78 -18.66 -2.45
N GLN E 428 -40.77 -17.75 -1.48
CA GLN E 428 -39.71 -17.68 -0.49
C GLN E 428 -40.23 -18.21 0.84
N LEU E 429 -39.54 -19.22 1.38
CA LEU E 429 -39.95 -19.87 2.62
C LEU E 429 -38.86 -19.69 3.66
N GLY E 430 -39.23 -19.14 4.82
CA GLY E 430 -38.33 -18.97 5.93
C GLY E 430 -37.79 -17.57 6.12
N GLY E 431 -37.94 -16.70 5.13
CA GLY E 431 -37.45 -15.35 5.23
C GLY E 431 -36.03 -15.20 4.74
N PRO E 432 -35.26 -14.30 5.37
CA PRO E 432 -33.88 -14.07 4.95
C PRO E 432 -32.98 -15.29 5.12
N SER E 433 -33.35 -16.23 5.98
CA SER E 433 -32.57 -17.43 6.21
C SER E 433 -33.03 -18.62 5.37
N GLY E 434 -34.05 -18.45 4.54
CA GLY E 434 -34.60 -19.52 3.74
C GLY E 434 -34.16 -19.45 2.28
N GLY E 435 -34.63 -20.43 1.52
CA GLY E 435 -34.28 -20.55 0.12
C GLY E 435 -35.47 -20.27 -0.79
N CYS E 436 -35.20 -20.29 -2.09
CA CYS E 436 -36.19 -20.01 -3.12
C CYS E 436 -36.62 -21.33 -3.76
N VAL E 437 -37.93 -21.54 -3.85
CA VAL E 437 -38.50 -22.76 -4.40
C VAL E 437 -39.18 -22.42 -5.73
N PRO E 438 -38.77 -23.02 -6.85
CA PRO E 438 -39.43 -22.71 -8.13
C PRO E 438 -40.75 -23.43 -8.30
N GLU E 439 -41.35 -23.29 -9.49
CA GLU E 439 -42.64 -23.92 -9.76
C GLU E 439 -42.55 -25.43 -9.93
N SER E 440 -41.35 -25.95 -10.23
CA SER E 440 -41.20 -27.37 -10.49
C SER E 440 -41.36 -28.22 -9.24
N GLN E 441 -41.30 -27.63 -8.06
CA GLN E 441 -41.34 -28.37 -6.80
C GLN E 441 -42.55 -27.99 -5.94
N LEU E 442 -43.67 -27.65 -6.57
CA LEU E 442 -44.87 -27.29 -5.81
C LEU E 442 -45.57 -28.51 -5.21
N ASP E 443 -45.25 -29.71 -5.67
CA ASP E 443 -45.89 -30.92 -5.16
C ASP E 443 -45.19 -31.48 -3.93
N LEU E 444 -44.40 -30.67 -3.22
CA LEU E 444 -43.67 -31.13 -2.06
C LEU E 444 -44.46 -30.88 -0.78
N PRO E 445 -44.77 -31.90 0.00
CA PRO E 445 -45.41 -31.66 1.30
C PRO E 445 -44.46 -30.96 2.25
N ILE E 446 -45.04 -30.24 3.21
CA ILE E 446 -44.28 -29.39 4.12
C ILE E 446 -44.05 -30.14 5.43
N ASP E 447 -42.78 -30.32 5.77
CA ASP E 447 -42.35 -30.82 7.07
C ASP E 447 -40.85 -30.58 7.17
N PHE E 448 -40.29 -30.83 8.35
CA PHE E 448 -38.87 -30.53 8.57
C PHE E 448 -37.99 -31.37 7.67
N ASP E 449 -38.31 -32.66 7.51
CA ASP E 449 -37.43 -33.57 6.78
C ASP E 449 -37.34 -33.19 5.30
N SER E 450 -38.50 -33.03 4.64
CA SER E 450 -38.48 -32.73 3.20
C SER E 450 -37.87 -31.36 2.93
N LEU E 451 -38.21 -30.36 3.74
CA LEU E 451 -37.65 -29.02 3.54
C LEU E 451 -36.14 -29.03 3.77
N SER E 452 -35.67 -29.77 4.77
CA SER E 452 -34.22 -29.89 4.98
C SER E 452 -33.56 -30.63 3.83
N LYS E 453 -34.27 -31.57 3.20
CA LYS E 453 -33.72 -32.28 2.06
C LYS E 453 -33.57 -31.37 0.85
N ALA E 454 -34.49 -30.41 0.69
CA ALA E 454 -34.54 -29.56 -0.49
C ALA E 454 -33.66 -28.32 -0.37
N GLY E 455 -32.90 -28.19 0.71
CA GLY E 455 -32.01 -27.06 0.89
C GLY E 455 -32.62 -25.85 1.55
N ALA E 456 -33.93 -25.86 1.81
CA ALA E 456 -34.60 -24.77 2.50
C ALA E 456 -34.73 -25.11 3.99
N ILE E 457 -35.26 -24.16 4.75
CA ILE E 457 -35.52 -24.34 6.17
C ILE E 457 -36.93 -23.87 6.49
N MET E 458 -37.46 -24.37 7.60
CA MET E 458 -38.79 -23.97 8.03
C MET E 458 -38.86 -22.48 8.33
N GLY E 459 -37.87 -21.96 9.05
CA GLY E 459 -37.82 -20.55 9.36
C GLY E 459 -38.95 -20.13 10.29
N SER E 460 -39.24 -18.82 10.28
CA SER E 460 -40.34 -18.31 11.08
C SER E 460 -41.68 -18.87 10.60
N GLY E 461 -41.88 -18.94 9.29
CA GLY E 461 -43.12 -19.45 8.74
C GLY E 461 -43.76 -18.52 7.73
N GLY E 462 -43.00 -17.53 7.26
CA GLY E 462 -43.52 -16.57 6.29
C GLY E 462 -43.42 -17.11 4.86
N VAL E 463 -44.47 -16.85 4.09
CA VAL E 463 -44.55 -17.27 2.70
C VAL E 463 -44.80 -16.04 1.83
N VAL E 464 -43.96 -15.85 0.82
CA VAL E 464 -44.07 -14.72 -0.10
C VAL E 464 -44.08 -15.27 -1.52
N VAL E 465 -45.04 -14.82 -2.33
CA VAL E 465 -45.21 -15.29 -3.70
C VAL E 465 -44.82 -14.17 -4.64
N VAL E 466 -44.06 -14.51 -5.68
CA VAL E 466 -43.62 -13.55 -6.69
C VAL E 466 -43.96 -14.11 -8.07
N ASP E 467 -44.32 -13.23 -9.00
CA ASP E 467 -44.69 -13.60 -10.36
C ASP E 467 -43.53 -13.35 -11.31
N GLU E 468 -43.80 -13.48 -12.61
CA GLU E 468 -42.76 -13.35 -13.62
C GLU E 468 -42.24 -11.94 -13.79
N ASP E 469 -42.87 -10.94 -13.15
CA ASP E 469 -42.48 -9.55 -13.30
C ASP E 469 -41.15 -9.24 -12.63
N THR E 470 -40.85 -9.84 -11.48
CA THR E 470 -39.70 -9.47 -10.68
C THR E 470 -38.43 -10.12 -11.21
N CYS E 471 -37.30 -9.45 -10.99
CA CYS E 471 -36.00 -9.97 -11.35
C CYS E 471 -35.40 -10.69 -10.15
N MET E 472 -34.81 -11.87 -10.40
CA MET E 472 -34.28 -12.66 -9.29
C MET E 472 -33.00 -12.07 -8.73
N VAL E 473 -32.17 -11.46 -9.57
CA VAL E 473 -30.94 -10.84 -9.09
C VAL E 473 -31.27 -9.71 -8.12
N ASP E 474 -32.27 -8.90 -8.43
CA ASP E 474 -32.67 -7.82 -7.53
C ASP E 474 -33.23 -8.36 -6.22
N PHE E 475 -33.96 -9.47 -6.26
CA PHE E 475 -34.49 -10.08 -5.05
C PHE E 475 -33.36 -10.56 -4.15
N ALA E 476 -32.38 -11.26 -4.74
CA ALA E 476 -31.22 -11.70 -3.97
C ALA E 476 -30.44 -10.52 -3.43
N LYS E 477 -30.33 -9.44 -4.21
CA LYS E 477 -29.64 -8.25 -3.75
C LYS E 477 -30.35 -7.62 -2.57
N PHE E 478 -31.69 -7.57 -2.61
CA PHE E 478 -32.46 -7.02 -1.51
C PHE E 478 -32.25 -7.84 -0.23
N PHE E 479 -32.30 -9.16 -0.35
CA PHE E 479 -32.07 -10.00 0.83
C PHE E 479 -30.66 -9.84 1.37
N THR E 480 -29.67 -9.78 0.48
CA THR E 480 -28.29 -9.59 0.90
C THR E 480 -28.09 -8.25 1.58
N ASN E 481 -28.75 -7.19 1.06
CA ASN E 481 -28.66 -5.88 1.67
C ASN E 481 -29.27 -5.87 3.07
N PHE E 482 -30.42 -6.55 3.23
CA PHE E 482 -31.00 -6.66 4.57
C PHE E 482 -30.08 -7.39 5.52
N ILE E 483 -29.45 -8.47 5.05
CA ILE E 483 -28.54 -9.23 5.91
C ILE E 483 -27.33 -8.38 6.29
N VAL E 484 -26.80 -7.61 5.33
CA VAL E 484 -25.68 -6.72 5.61
C VAL E 484 -26.07 -5.67 6.64
N GLU E 485 -27.29 -5.14 6.52
CA GLU E 485 -27.74 -4.11 7.45
C GLU E 485 -27.94 -4.67 8.86
N GLU E 486 -28.40 -5.91 8.97
CA GLU E 486 -28.77 -6.46 10.27
C GLU E 486 -27.64 -7.20 10.96
N SER E 487 -26.43 -7.18 10.41
CA SER E 487 -25.29 -7.85 11.04
C SER E 487 -24.86 -7.12 12.30
N CYS E 488 -24.08 -7.79 13.13
CA CYS E 488 -23.57 -7.21 14.37
C CYS E 488 -22.08 -6.91 14.32
N GLY E 489 -21.33 -7.58 13.45
CA GLY E 489 -19.93 -7.26 13.25
C GLY E 489 -19.01 -7.66 14.38
N LYS E 490 -18.94 -8.95 14.68
CA LYS E 490 -18.00 -9.46 15.67
C LYS E 490 -16.92 -10.35 15.06
N CYS E 491 -17.30 -11.26 14.17
CA CYS E 491 -16.34 -12.17 13.54
C CYS E 491 -16.07 -11.76 12.10
N ILE E 492 -14.90 -12.16 11.61
CA ILE E 492 -14.46 -11.74 10.28
C ILE E 492 -15.37 -12.26 9.17
N PRO E 493 -15.71 -13.58 9.11
CA PRO E 493 -16.42 -14.09 7.93
C PRO E 493 -17.72 -13.37 7.62
N CYS E 494 -18.66 -13.33 8.55
CA CYS E 494 -19.94 -12.66 8.28
C CYS E 494 -19.71 -11.20 7.92
N ARG E 495 -18.98 -10.48 8.78
CA ARG E 495 -18.88 -9.03 8.67
C ARG E 495 -18.25 -8.61 7.35
N GLU E 496 -17.23 -9.33 6.89
CA GLU E 496 -16.58 -8.94 5.64
C GLU E 496 -17.25 -9.55 4.41
N GLY E 497 -17.55 -10.86 4.45
CA GLY E 497 -18.10 -11.53 3.30
C GLY E 497 -19.47 -11.04 2.91
N ASN E 498 -20.30 -10.64 3.88
CA ASN E 498 -21.63 -10.13 3.51
C ASN E 498 -21.52 -8.86 2.67
N LYS E 499 -20.63 -7.95 3.08
CA LYS E 499 -20.44 -6.73 2.30
C LYS E 499 -19.77 -7.02 0.96
N LYS E 500 -18.84 -7.97 0.91
CA LYS E 500 -18.24 -8.33 -0.37
C LYS E 500 -19.28 -8.89 -1.33
N MET E 501 -20.17 -9.76 -0.84
CA MET E 501 -21.23 -10.32 -1.68
C MET E 501 -22.20 -9.24 -2.13
N LEU E 502 -22.54 -8.30 -1.24
CA LEU E 502 -23.41 -7.19 -1.63
C LEU E 502 -22.76 -6.36 -2.73
N GLU E 503 -21.45 -6.09 -2.61
CA GLU E 503 -20.75 -5.34 -3.63
C GLU E 503 -20.75 -6.08 -4.97
N ILE E 504 -20.52 -7.39 -4.94
CA ILE E 504 -20.52 -8.17 -6.17
C ILE E 504 -21.89 -8.13 -6.83
N LEU E 505 -22.95 -8.30 -6.02
CA LEU E 505 -24.31 -8.26 -6.56
C LEU E 505 -24.64 -6.90 -7.15
N GLU E 506 -24.23 -5.81 -6.49
CA GLU E 506 -24.46 -4.48 -7.02
C GLU E 506 -23.72 -4.28 -8.34
N ARG E 507 -22.47 -4.75 -8.40
CA ARG E 507 -21.71 -4.65 -9.65
C ARG E 507 -22.39 -5.42 -10.77
N ILE E 508 -22.91 -6.61 -10.47
CA ILE E 508 -23.60 -7.40 -11.48
C ILE E 508 -24.87 -6.67 -11.95
N THR E 509 -25.63 -6.13 -11.01
CA THR E 509 -26.92 -5.54 -11.34
C THR E 509 -26.82 -4.14 -11.94
N GLU E 510 -25.65 -3.49 -11.87
CA GLU E 510 -25.47 -2.20 -12.52
C GLU E 510 -24.93 -2.33 -13.94
N GLY E 511 -24.77 -3.53 -14.46
CA GLY E 511 -24.28 -3.73 -15.81
C GLY E 511 -22.77 -3.83 -15.93
N LYS E 512 -22.03 -3.66 -14.84
CA LYS E 512 -20.58 -3.72 -14.85
C LYS E 512 -20.06 -5.11 -14.48
N GLY E 513 -20.93 -6.11 -14.46
CA GLY E 513 -20.49 -7.45 -14.07
C GLY E 513 -19.49 -8.03 -15.05
N LYS E 514 -18.63 -8.90 -14.54
CA LYS E 514 -17.59 -9.54 -15.32
C LYS E 514 -17.72 -11.05 -15.21
N GLU E 515 -17.18 -11.74 -16.19
CA GLU E 515 -17.25 -13.20 -16.22
C GLU E 515 -16.44 -13.80 -15.06
N GLY E 516 -17.01 -14.81 -14.43
CA GLY E 516 -16.38 -15.45 -13.30
C GLY E 516 -16.89 -15.02 -11.93
N ASP E 517 -17.94 -14.20 -11.88
CA ASP E 517 -18.47 -13.73 -10.60
C ASP E 517 -19.27 -14.80 -9.87
N ILE E 518 -19.92 -15.71 -10.60
CA ILE E 518 -20.77 -16.70 -9.96
C ILE E 518 -19.93 -17.67 -9.12
N GLU E 519 -18.80 -18.11 -9.65
CA GLU E 519 -17.94 -19.03 -8.90
C GLU E 519 -17.38 -18.35 -7.65
N LEU E 520 -17.00 -17.08 -7.78
CA LEU E 520 -16.50 -16.33 -6.62
C LEU E 520 -17.59 -16.18 -5.57
N LEU E 521 -18.82 -15.89 -6.00
CA LEU E 521 -19.95 -15.79 -5.07
C LEU E 521 -20.19 -17.11 -4.36
N GLU E 522 -20.13 -18.22 -5.10
CA GLU E 522 -20.34 -19.53 -4.49
C GLU E 522 -19.24 -19.85 -3.47
N GLU E 523 -17.99 -19.52 -3.80
CA GLU E 523 -16.89 -19.75 -2.86
C GLU E 523 -17.07 -18.91 -1.60
N LEU E 524 -17.44 -17.65 -1.75
CA LEU E 524 -17.69 -16.80 -0.58
C LEU E 524 -18.82 -17.35 0.26
N GLY E 525 -19.91 -17.79 -0.37
CA GLY E 525 -21.01 -18.36 0.39
C GLY E 525 -20.59 -19.59 1.15
N ASP E 526 -19.82 -20.47 0.51
CA ASP E 526 -19.35 -21.69 1.18
C ASP E 526 -18.49 -21.33 2.39
N VAL E 527 -17.54 -20.40 2.22
CA VAL E 527 -16.66 -20.05 3.33
C VAL E 527 -17.44 -19.41 4.47
N ILE E 528 -18.37 -18.51 4.14
CA ILE E 528 -19.16 -17.85 5.18
C ILE E 528 -20.00 -18.86 5.95
N ILE E 529 -20.63 -19.80 5.23
CA ILE E 529 -21.44 -20.81 5.88
C ILE E 529 -20.58 -21.68 6.79
N SER E 530 -19.39 -22.06 6.32
CA SER E 530 -18.55 -22.99 7.08
C SER E 530 -17.96 -22.34 8.33
N ALA E 531 -17.46 -21.11 8.21
CA ALA E 531 -16.59 -20.54 9.23
C ALA E 531 -17.24 -19.41 10.04
N SER E 532 -18.57 -19.37 10.11
CA SER E 532 -19.21 -18.33 10.90
C SER E 532 -19.37 -18.78 12.35
N LEU E 533 -19.71 -17.83 13.22
CA LEU E 533 -19.82 -18.07 14.65
C LEU E 533 -21.24 -18.41 15.08
N CYS E 534 -22.18 -17.51 14.84
CA CYS E 534 -23.56 -17.69 15.27
C CYS E 534 -24.41 -18.16 14.09
N GLY E 535 -25.72 -18.26 14.32
CA GLY E 535 -26.62 -18.77 13.30
C GLY E 535 -27.06 -17.76 12.26
N LEU E 536 -26.79 -16.47 12.46
CA LEU E 536 -27.18 -15.47 11.48
C LEU E 536 -26.28 -15.47 10.25
N GLY E 537 -24.98 -15.70 10.45
CA GLY E 537 -24.05 -15.71 9.34
C GLY E 537 -24.00 -17.04 8.63
N LYS E 538 -24.40 -18.11 9.31
CA LYS E 538 -24.39 -19.44 8.70
C LYS E 538 -25.52 -19.61 7.68
N THR E 539 -26.64 -18.91 7.88
CA THR E 539 -27.77 -18.97 6.98
C THR E 539 -27.88 -17.76 6.07
N ALA E 540 -26.91 -16.85 6.12
CA ALA E 540 -26.99 -15.62 5.33
C ALA E 540 -26.96 -15.86 3.82
N PRO E 541 -26.05 -16.65 3.25
CA PRO E 541 -25.97 -16.77 1.79
C PRO E 541 -27.01 -17.69 1.16
N ASN E 542 -27.99 -18.16 1.92
CA ASN E 542 -28.98 -19.10 1.37
C ASN E 542 -29.82 -18.49 0.26
N PRO E 543 -30.38 -17.29 0.38
CA PRO E 543 -31.15 -16.74 -0.75
C PRO E 543 -30.33 -16.56 -2.02
N VAL E 544 -29.04 -16.21 -1.89
CA VAL E 544 -28.20 -16.06 -3.06
C VAL E 544 -27.90 -17.42 -3.68
N LEU E 545 -27.56 -18.40 -2.85
CA LEU E 545 -27.19 -19.71 -3.37
C LEU E 545 -28.37 -20.41 -4.04
N SER E 546 -29.56 -20.31 -3.43
CA SER E 546 -30.74 -20.92 -4.03
C SER E 546 -31.08 -20.28 -5.37
N THR E 547 -31.00 -18.95 -5.44
CA THR E 547 -31.28 -18.25 -6.68
C THR E 547 -30.27 -18.61 -7.76
N ILE E 548 -28.99 -18.73 -7.39
CA ILE E 548 -27.99 -19.16 -8.35
C ILE E 548 -28.27 -20.58 -8.83
N LYS E 549 -28.65 -21.48 -7.92
CA LYS E 549 -28.91 -22.86 -8.29
C LYS E 549 -30.10 -22.97 -9.24
N HIS E 550 -31.17 -22.24 -8.97
CA HIS E 550 -32.41 -22.39 -9.73
C HIS E 550 -32.55 -21.44 -10.91
N PHE E 551 -31.91 -20.27 -10.85
CA PHE E 551 -32.09 -19.27 -11.90
C PHE E 551 -30.76 -18.77 -12.45
N ARG E 552 -29.87 -19.71 -12.81
CA ARG E 552 -28.57 -19.32 -13.34
C ARG E 552 -28.68 -18.57 -14.66
N ASP E 553 -29.73 -18.85 -15.45
CA ASP E 553 -29.88 -18.20 -16.74
C ASP E 553 -30.09 -16.69 -16.58
N GLU E 554 -30.75 -16.26 -15.50
CA GLU E 554 -30.91 -14.83 -15.25
C GLU E 554 -29.55 -14.17 -15.06
N TYR E 555 -28.67 -14.80 -14.27
CA TYR E 555 -27.33 -14.25 -14.05
C TYR E 555 -26.53 -14.24 -15.35
N GLU E 556 -26.64 -15.31 -16.14
CA GLU E 556 -25.92 -15.35 -17.41
C GLU E 556 -26.38 -14.24 -18.35
N ALA E 557 -27.70 -14.02 -18.42
CA ALA E 557 -28.22 -12.94 -19.24
C ALA E 557 -27.76 -11.58 -18.75
N HIS E 558 -27.76 -11.38 -17.42
CA HIS E 558 -27.35 -10.11 -16.86
C HIS E 558 -25.87 -9.82 -17.14
N ILE E 559 -25.02 -10.85 -17.06
CA ILE E 559 -23.58 -10.65 -17.18
C ILE E 559 -23.16 -10.59 -18.63
N ARG E 560 -23.46 -11.65 -19.40
CA ARG E 560 -22.91 -11.78 -20.74
C ARG E 560 -23.60 -10.86 -21.75
N ASP E 561 -24.92 -10.71 -21.67
CA ASP E 561 -25.67 -9.99 -22.70
C ASP E 561 -26.07 -8.58 -22.28
N LYS E 562 -25.84 -8.20 -21.03
CA LYS E 562 -26.20 -6.86 -20.53
C LYS E 562 -27.68 -6.57 -20.75
N LYS E 563 -28.51 -7.57 -20.50
CA LYS E 563 -29.95 -7.43 -20.66
C LYS E 563 -30.67 -8.08 -19.49
N CYS E 564 -31.75 -7.44 -19.04
CA CYS E 564 -32.56 -7.99 -17.96
C CYS E 564 -33.78 -8.67 -18.55
N PRO E 565 -33.93 -9.99 -18.40
CA PRO E 565 -35.08 -10.67 -19.01
C PRO E 565 -36.43 -10.15 -18.52
N ALA E 566 -36.52 -9.76 -17.25
CA ALA E 566 -37.77 -9.28 -16.69
C ALA E 566 -37.97 -7.78 -16.86
N GLY E 567 -36.96 -7.06 -17.33
CA GLY E 567 -37.08 -5.62 -17.51
C GLY E 567 -37.30 -4.85 -16.23
N ALA E 568 -36.63 -5.23 -15.14
CA ALA E 568 -36.79 -4.55 -13.86
C ALA E 568 -35.55 -3.77 -13.45
N CYS E 569 -34.40 -4.03 -14.06
CA CYS E 569 -33.17 -3.33 -13.73
C CYS E 569 -33.06 -2.10 -14.63
N GLN E 570 -33.09 -0.91 -14.00
CA GLN E 570 -33.12 0.34 -14.77
C GLN E 570 -31.82 0.55 -15.53
N ALA E 571 -30.68 0.21 -14.93
CA ALA E 571 -29.39 0.48 -15.54
C ALA E 571 -29.14 -0.35 -16.80
N LEU E 572 -29.95 -1.38 -17.05
CA LEU E 572 -29.80 -2.21 -18.24
C LEU E 572 -30.95 -2.05 -19.22
N ALA E 573 -31.71 -0.97 -19.11
CA ALA E 573 -32.82 -0.73 -20.01
C ALA E 573 -32.31 -0.34 -21.40
N ALA E 574 -32.96 -0.86 -22.43
CA ALA E 574 -32.60 -0.59 -23.83
C ALA E 574 -33.83 -0.03 -24.53
N TYR E 575 -33.92 1.29 -24.57
CA TYR E 575 -35.05 1.95 -25.22
C TYR E 575 -34.98 1.74 -26.73
N LYS E 576 -36.16 1.53 -27.34
CA LYS E 576 -36.28 1.32 -28.77
C LYS E 576 -37.26 2.33 -29.35
N ILE E 577 -36.88 2.94 -30.47
CA ILE E 577 -37.69 3.96 -31.13
C ILE E 577 -38.48 3.28 -32.25
N ASP E 578 -39.81 3.44 -32.21
CA ASP E 578 -40.68 2.86 -33.23
C ASP E 578 -40.78 3.81 -34.41
N PRO E 579 -40.32 3.42 -35.60
CA PRO E 579 -40.44 4.32 -36.76
C PRO E 579 -41.89 4.66 -37.12
N GLY E 580 -42.82 3.72 -36.91
CA GLY E 580 -44.20 3.98 -37.31
C GLY E 580 -44.86 5.08 -36.50
N LYS E 581 -44.63 5.09 -35.19
CA LYS E 581 -45.27 6.06 -34.30
C LYS E 581 -44.44 7.32 -34.09
N CYS E 582 -43.28 7.43 -34.75
CA CYS E 582 -42.43 8.59 -34.60
C CYS E 582 -42.86 9.70 -35.56
N ILE E 583 -42.76 10.95 -35.08
CA ILE E 583 -43.04 12.12 -35.89
C ILE E 583 -41.81 13.01 -36.05
N GLY E 584 -40.65 12.56 -35.60
CA GLY E 584 -39.46 13.38 -35.65
C GLY E 584 -39.54 14.61 -34.77
N CYS E 585 -40.09 14.47 -33.56
CA CYS E 585 -40.21 15.62 -32.66
C CYS E 585 -38.84 16.12 -32.23
N GLY E 586 -37.89 15.23 -32.00
CA GLY E 586 -36.57 15.62 -31.57
C GLY E 586 -36.45 16.02 -30.12
N LYS E 587 -37.50 15.82 -29.32
CA LYS E 587 -37.43 16.16 -27.90
C LYS E 587 -36.42 15.27 -27.17
N CYS E 588 -36.35 14.00 -27.55
CA CYS E 588 -35.38 13.10 -26.92
C CYS E 588 -33.95 13.54 -27.19
N VAL E 589 -33.68 14.03 -28.40
CA VAL E 589 -32.35 14.53 -28.72
C VAL E 589 -32.03 15.77 -27.89
N LYS E 590 -33.03 16.62 -27.68
CA LYS E 590 -32.79 17.89 -26.97
C LYS E 590 -32.58 17.67 -25.48
N VAL E 591 -33.39 16.80 -24.86
CA VAL E 591 -33.39 16.70 -23.40
C VAL E 591 -32.28 15.80 -22.85
N CYS E 592 -31.69 14.93 -23.67
CA CYS E 592 -30.69 14.00 -23.17
C CYS E 592 -29.36 14.71 -23.01
N PRO E 593 -28.73 14.67 -21.82
CA PRO E 593 -27.44 15.36 -21.65
C PRO E 593 -26.34 14.83 -22.55
N VAL E 594 -26.32 13.53 -22.86
CA VAL E 594 -25.27 12.95 -23.69
C VAL E 594 -25.63 12.89 -25.16
N GLY E 595 -26.92 12.92 -25.50
CA GLY E 595 -27.34 13.00 -26.88
C GLY E 595 -26.96 11.81 -27.74
N ALA E 596 -27.17 10.60 -27.25
CA ALA E 596 -26.86 9.41 -28.03
C ALA E 596 -27.79 9.22 -29.22
N ILE E 597 -28.90 9.96 -29.29
CA ILE E 597 -29.84 9.88 -30.40
C ILE E 597 -29.53 10.99 -31.39
N SER E 598 -29.24 10.62 -32.63
CA SER E 598 -29.01 11.57 -33.70
C SER E 598 -29.84 11.15 -34.91
N GLY E 599 -30.58 12.10 -35.47
CA GLY E 599 -31.43 11.80 -36.60
C GLY E 599 -31.97 13.07 -37.24
N GLU E 600 -32.65 12.89 -38.36
CA GLU E 600 -33.21 13.98 -39.12
C GLU E 600 -34.62 14.31 -38.64
N LYS E 601 -35.02 15.56 -38.85
CA LYS E 601 -36.37 15.99 -38.49
C LYS E 601 -37.41 15.30 -39.37
N LYS E 602 -38.59 15.09 -38.78
CA LYS E 602 -39.73 14.46 -39.46
C LYS E 602 -39.43 13.04 -39.92
N LYS E 603 -38.41 12.41 -39.34
CA LYS E 603 -38.00 11.06 -39.70
C LYS E 603 -37.68 10.28 -38.44
N PRO E 604 -37.79 8.95 -38.48
CA PRO E 604 -37.48 8.15 -37.30
C PRO E 604 -36.02 8.33 -36.85
N HIS E 605 -35.82 8.30 -35.54
CA HIS E 605 -34.51 8.49 -34.93
C HIS E 605 -33.91 7.14 -34.56
N VAL E 606 -32.58 7.15 -34.35
CA VAL E 606 -31.82 5.95 -34.03
C VAL E 606 -31.14 6.16 -32.69
N ILE E 607 -31.25 5.16 -31.82
CA ILE E 607 -30.65 5.21 -30.49
C ILE E 607 -29.31 4.47 -30.54
N ASP E 608 -28.25 5.16 -30.13
CA ASP E 608 -26.93 4.56 -30.05
C ASP E 608 -26.74 3.99 -28.64
N GLN E 609 -26.75 2.66 -28.52
CA GLN E 609 -26.66 2.02 -27.22
C GLN E 609 -25.30 2.23 -26.56
N SER E 610 -24.27 2.59 -27.33
CA SER E 610 -22.94 2.76 -26.76
C SER E 610 -22.85 4.04 -25.93
N LYS E 611 -23.48 5.12 -26.39
CA LYS E 611 -23.36 6.42 -25.75
C LYS E 611 -24.58 6.79 -24.92
N CYS E 612 -25.46 5.83 -24.63
CA CYS E 612 -26.66 6.09 -23.85
C CYS E 612 -26.41 5.85 -22.38
N ILE E 613 -27.03 6.67 -21.53
CA ILE E 613 -26.93 6.52 -20.08
C ILE E 613 -28.16 5.87 -19.47
N LYS E 614 -29.23 5.69 -20.26
CA LYS E 614 -30.42 4.96 -19.82
C LYS E 614 -31.05 5.57 -18.56
N CYS E 615 -31.14 6.90 -18.53
CA CYS E 615 -31.73 7.61 -17.41
C CYS E 615 -33.24 7.78 -17.55
N GLY E 616 -33.82 7.45 -18.70
CA GLY E 616 -35.25 7.55 -18.89
C GLY E 616 -35.76 8.93 -19.26
N ALA E 617 -34.87 9.87 -19.58
CA ALA E 617 -35.32 11.21 -19.93
C ALA E 617 -36.00 11.26 -21.29
N CYS E 618 -35.61 10.38 -22.21
CA CYS E 618 -36.14 10.43 -23.57
C CYS E 618 -37.61 10.02 -23.61
N ALA E 619 -37.95 8.92 -22.96
CA ALA E 619 -39.31 8.38 -23.07
C ALA E 619 -40.33 9.30 -22.41
N GLU E 620 -40.00 9.86 -21.25
CA GLU E 620 -40.98 10.59 -20.47
C GLU E 620 -41.21 12.01 -20.98
N ASN E 621 -40.36 12.50 -21.86
CA ASN E 621 -40.43 13.89 -22.31
C ASN E 621 -41.04 14.06 -23.70
N CYS E 622 -41.17 12.99 -24.48
CA CYS E 622 -41.74 13.17 -25.81
C CYS E 622 -43.23 12.89 -25.79
N PRO E 623 -44.06 13.79 -26.33
CA PRO E 623 -45.52 13.59 -26.22
C PRO E 623 -46.03 12.32 -26.85
N LYS E 624 -45.44 11.89 -27.96
CA LYS E 624 -45.90 10.66 -28.61
C LYS E 624 -45.61 9.42 -27.78
N GLY E 625 -44.47 9.38 -27.09
CA GLY E 625 -44.13 8.24 -26.27
C GLY E 625 -43.93 6.96 -27.05
N ALA E 626 -43.44 7.04 -28.28
CA ALA E 626 -43.19 5.85 -29.07
C ALA E 626 -41.97 5.07 -28.59
N ILE E 627 -41.10 5.71 -27.81
CA ILE E 627 -39.91 5.05 -27.27
C ILE E 627 -40.37 4.19 -26.09
N TYR E 628 -40.27 2.87 -26.25
CA TYR E 628 -40.73 1.92 -25.25
C TYR E 628 -39.54 1.25 -24.57
N LYS E 629 -39.69 0.95 -23.29
CA LYS E 629 -38.63 0.33 -22.49
C LYS E 629 -38.54 -1.14 -22.88
N GLY E 630 -37.68 -1.43 -23.85
CA GLY E 630 -37.48 -2.79 -24.32
C GLY E 630 -36.12 -3.36 -23.96
N ASP F 11 -28.30 22.33 35.74
CA ASP F 11 -29.45 21.93 34.96
C ASP F 11 -30.61 21.53 35.86
N PRO F 12 -31.84 21.92 35.48
CA PRO F 12 -33.02 21.51 36.25
C PRO F 12 -33.57 20.16 35.83
N ARG F 13 -33.07 19.58 34.73
CA ARG F 13 -33.53 18.27 34.27
C ARG F 13 -32.87 17.12 35.02
N PHE F 14 -31.86 17.39 35.85
CA PHE F 14 -31.27 16.34 36.67
C PHE F 14 -32.23 15.85 37.73
N GLU F 15 -33.22 16.66 38.11
CA GLU F 15 -34.29 16.18 38.99
C GLU F 15 -35.28 15.31 38.25
N LYS F 16 -35.60 15.65 36.99
CA LYS F 16 -36.44 14.79 36.18
C LYS F 16 -35.78 13.44 35.93
N VAL F 17 -34.46 13.43 35.73
CA VAL F 17 -33.74 12.17 35.57
C VAL F 17 -33.81 11.34 36.87
N ASP F 18 -33.59 11.99 38.01
CA ASP F 18 -33.69 11.29 39.29
C ASP F 18 -35.10 10.81 39.59
N GLU F 19 -36.11 11.44 38.98
CA GLU F 19 -37.49 10.98 39.14
C GLU F 19 -37.66 9.56 38.65
N ILE F 20 -37.08 9.22 37.49
CA ILE F 20 -37.16 7.86 36.96
C ILE F 20 -35.98 7.00 37.35
N LEU F 21 -34.94 7.57 37.95
CA LEU F 21 -33.85 6.76 38.49
C LEU F 21 -34.24 6.00 39.75
N SER F 22 -35.43 6.28 40.30
CA SER F 22 -35.93 5.55 41.45
C SER F 22 -37.11 4.65 41.13
N LYS F 23 -37.71 4.78 39.95
CA LYS F 23 -38.86 3.98 39.56
C LYS F 23 -38.46 2.72 38.80
N LEU F 24 -37.73 2.88 37.69
CA LEU F 24 -37.31 1.77 36.85
C LEU F 24 -35.89 1.32 37.17
N ALA F 25 -35.44 1.48 38.42
CA ALA F 25 -34.09 1.07 38.80
C ALA F 25 -34.10 0.30 40.12
N ASN F 26 -35.24 -0.24 40.50
CA ASN F 26 -35.33 -1.16 41.64
C ASN F 26 -35.13 -2.61 41.24
N GLU F 27 -34.99 -2.88 39.94
CA GLU F 27 -34.78 -4.22 39.42
C GLU F 27 -33.30 -4.43 39.14
N ARG F 28 -32.96 -5.55 38.50
CA ARG F 28 -31.58 -5.92 38.24
C ARG F 28 -31.33 -5.85 36.74
N GLY F 29 -30.36 -5.02 36.34
CA GLY F 29 -30.02 -4.88 34.94
C GLY F 29 -31.08 -4.19 34.11
N ALA F 30 -31.30 -2.90 34.34
CA ALA F 30 -32.34 -2.12 33.67
C ALA F 30 -31.75 -0.90 32.98
N LEU F 31 -30.61 -1.05 32.31
CA LEU F 31 -30.01 0.07 31.62
C LEU F 31 -30.83 0.48 30.39
N ILE F 32 -31.31 -0.50 29.62
CA ILE F 32 -32.03 -0.20 28.39
C ILE F 32 -33.35 0.47 28.69
N ALA F 33 -34.04 0.03 29.75
CA ALA F 33 -35.29 0.67 30.13
C ALA F 33 -35.07 2.13 30.52
N ILE F 34 -33.99 2.40 31.26
CA ILE F 34 -33.65 3.77 31.63
C ILE F 34 -33.37 4.60 30.40
N LEU F 35 -32.63 4.05 29.44
CA LEU F 35 -32.33 4.78 28.22
C LEU F 35 -33.61 5.09 27.43
N GLN F 36 -34.52 4.12 27.34
CA GLN F 36 -35.77 4.35 26.64
C GLN F 36 -36.62 5.41 27.32
N HIS F 37 -36.69 5.38 28.65
CA HIS F 37 -37.45 6.40 29.37
C HIS F 37 -36.84 7.79 29.19
N VAL F 38 -35.51 7.87 29.23
CA VAL F 38 -34.83 9.15 29.01
C VAL F 38 -35.13 9.68 27.61
N GLN F 39 -35.06 8.81 26.61
CA GLN F 39 -35.35 9.23 25.24
C GLN F 39 -36.80 9.69 25.12
N HIS F 40 -37.72 8.99 25.77
CA HIS F 40 -39.12 9.38 25.75
C HIS F 40 -39.32 10.76 26.34
N GLU F 41 -38.69 11.03 27.49
CA GLU F 41 -38.89 12.32 28.14
C GLU F 41 -38.23 13.46 27.37
N PHE F 42 -36.98 13.28 26.96
CA PHE F 42 -36.20 14.38 26.38
C PHE F 42 -36.31 14.49 24.87
N GLY F 43 -37.03 13.58 24.22
CA GLY F 43 -37.11 13.60 22.77
C GLY F 43 -35.91 12.96 22.10
N TYR F 44 -34.72 13.31 22.57
CA TYR F 44 -33.49 12.67 22.12
C TYR F 44 -32.68 12.24 23.33
N LEU F 45 -31.44 11.80 23.11
CA LEU F 45 -30.62 11.18 24.16
C LEU F 45 -29.34 11.98 24.31
N PRO F 46 -29.28 12.92 25.27
CA PRO F 46 -28.14 13.84 25.35
C PRO F 46 -26.92 13.27 26.06
N GLU F 47 -25.91 14.12 26.27
CA GLU F 47 -24.60 13.73 26.79
C GLU F 47 -24.52 13.84 28.32
N ASP F 48 -24.85 15.02 28.85
CA ASP F 48 -24.78 15.22 30.30
C ASP F 48 -25.71 14.28 31.04
N VAL F 49 -26.82 13.88 30.41
CA VAL F 49 -27.69 12.88 31.02
C VAL F 49 -26.98 11.54 31.12
N ILE F 50 -26.24 11.15 30.08
CA ILE F 50 -25.48 9.90 30.13
C ILE F 50 -24.44 9.98 31.24
N PHE F 51 -23.74 11.11 31.35
CA PHE F 51 -22.72 11.22 32.38
C PHE F 51 -23.33 11.19 33.78
N TYR F 52 -24.51 11.81 33.95
CA TYR F 52 -25.19 11.76 35.24
C TYR F 52 -25.65 10.35 35.58
N ILE F 53 -26.15 9.60 34.59
CA ILE F 53 -26.52 8.21 34.81
C ILE F 53 -25.30 7.39 35.21
N ALA F 54 -24.18 7.60 34.52
CA ALA F 54 -22.96 6.87 34.86
C ALA F 54 -22.51 7.18 36.28
N SER F 55 -22.59 8.45 36.68
CA SER F 55 -22.19 8.82 38.04
C SER F 55 -23.14 8.23 39.09
N LYS F 56 -24.44 8.23 38.82
CA LYS F 56 -25.43 7.88 39.84
C LYS F 56 -25.80 6.41 39.86
N THR F 57 -25.36 5.63 38.87
CA THR F 57 -25.72 4.22 38.81
C THR F 57 -24.54 3.27 38.90
N GLY F 58 -23.31 3.75 38.68
CA GLY F 58 -22.13 2.94 38.78
C GLY F 58 -21.65 2.34 37.47
N ILE F 59 -22.49 2.29 36.45
CA ILE F 59 -22.07 1.76 35.15
C ILE F 59 -21.13 2.74 34.48
N PRO F 60 -19.95 2.31 34.03
CA PRO F 60 -19.05 3.23 33.33
C PRO F 60 -19.68 3.74 32.04
N ALA F 61 -19.33 4.98 31.68
CA ALA F 61 -19.94 5.63 30.52
C ALA F 61 -19.64 4.93 29.21
N SER F 62 -18.54 4.16 29.14
CA SER F 62 -18.23 3.46 27.90
C SER F 62 -19.29 2.42 27.58
N LYS F 63 -19.76 1.68 28.59
CA LYS F 63 -20.81 0.69 28.37
C LYS F 63 -22.10 1.35 27.90
N ILE F 64 -22.47 2.47 28.51
CA ILE F 64 -23.70 3.17 28.13
C ILE F 64 -23.59 3.68 26.70
N TYR F 65 -22.43 4.24 26.34
CA TYR F 65 -22.24 4.73 24.98
C TYR F 65 -22.29 3.61 23.96
N GLY F 66 -21.68 2.46 24.29
CA GLY F 66 -21.74 1.32 23.38
C GLY F 66 -23.15 0.81 23.19
N VAL F 67 -23.91 0.71 24.29
CA VAL F 67 -25.30 0.26 24.19
C VAL F 67 -26.12 1.24 23.37
N ALA F 68 -25.92 2.54 23.58
CA ALA F 68 -26.67 3.54 22.83
C ALA F 68 -26.34 3.49 21.35
N THR F 69 -25.07 3.31 21.01
CA THR F 69 -24.65 3.26 19.61
C THR F 69 -24.96 1.94 18.94
N PHE F 70 -25.24 0.88 19.70
CA PHE F 70 -25.56 -0.40 19.10
C PHE F 70 -26.89 -0.37 18.36
N TYR F 71 -27.98 -0.10 19.08
CA TYR F 71 -29.31 -0.16 18.50
C TYR F 71 -29.60 1.09 17.67
N ALA F 72 -30.40 0.90 16.62
CA ALA F 72 -30.79 1.99 15.74
C ALA F 72 -31.98 2.78 16.28
N GLN F 73 -32.69 2.27 17.28
CA GLN F 73 -33.78 3.03 17.89
C GLN F 73 -33.26 4.26 18.59
N PHE F 74 -32.17 4.13 19.34
CA PHE F 74 -31.58 5.26 20.04
C PHE F 74 -30.82 6.16 19.09
N HIS F 75 -31.06 7.46 19.19
CA HIS F 75 -30.31 8.46 18.42
C HIS F 75 -29.95 9.61 19.34
N LEU F 76 -28.75 10.16 19.14
CA LEU F 76 -28.17 11.17 20.01
C LEU F 76 -28.20 12.57 19.38
N LYS F 77 -29.29 12.88 18.68
CA LYS F 77 -29.41 14.17 18.01
C LYS F 77 -30.89 14.51 17.87
N PRO F 78 -31.30 15.75 18.14
CA PRO F 78 -32.72 16.07 18.12
C PRO F 78 -33.33 15.89 16.73
N ARG F 79 -34.61 15.55 16.72
CA ARG F 79 -35.36 15.25 15.51
C ARG F 79 -36.33 16.38 15.20
N GLY F 80 -37.16 16.16 14.18
CA GLY F 80 -38.25 17.06 13.85
C GLY F 80 -39.50 16.72 14.64
N LYS F 81 -40.61 17.30 14.20
CA LYS F 81 -41.91 17.06 14.84
C LYS F 81 -42.67 15.90 14.20
N TYR F 82 -42.83 15.94 12.87
CA TYR F 82 -43.51 14.87 12.14
C TYR F 82 -42.48 13.91 11.59
N VAL F 83 -42.48 12.68 12.09
CA VAL F 83 -41.55 11.64 11.66
C VAL F 83 -42.26 10.74 10.67
N ILE F 84 -41.63 10.49 9.53
CA ILE F 84 -42.20 9.69 8.45
C ILE F 84 -41.54 8.33 8.44
N ARG F 85 -42.35 7.28 8.29
CA ARG F 85 -41.88 5.91 8.24
C ARG F 85 -42.38 5.24 6.97
N VAL F 86 -41.46 4.57 6.26
CA VAL F 86 -41.79 3.78 5.08
C VAL F 86 -41.50 2.32 5.41
N CYS F 87 -42.33 1.43 4.86
CA CYS F 87 -42.28 0.03 5.25
C CYS F 87 -40.98 -0.64 4.79
N LEU F 88 -40.77 -0.70 3.48
CA LEU F 88 -39.59 -1.36 2.90
C LEU F 88 -39.46 -2.80 3.38
N GLY F 89 -40.60 -3.47 3.52
CA GLY F 89 -40.62 -4.86 3.94
C GLY F 89 -40.60 -5.81 2.75
N THR F 90 -40.52 -7.11 3.06
CA THR F 90 -40.46 -8.13 2.03
C THR F 90 -41.73 -8.26 1.23
N ALA F 91 -42.87 -7.77 1.75
CA ALA F 91 -44.12 -7.79 1.01
C ALA F 91 -44.44 -6.47 0.32
N CYS F 92 -43.75 -5.39 0.69
CA CYS F 92 -43.94 -4.09 0.06
C CYS F 92 -42.81 -3.68 -0.87
N HIS F 93 -41.60 -4.21 -0.66
CA HIS F 93 -40.51 -3.91 -1.57
C HIS F 93 -40.80 -4.43 -2.98
N VAL F 94 -41.54 -5.53 -3.07
CA VAL F 94 -41.87 -6.09 -4.38
C VAL F 94 -42.68 -5.09 -5.20
N LYS F 95 -43.68 -4.48 -4.58
CA LYS F 95 -44.56 -3.52 -5.27
C LYS F 95 -44.10 -2.09 -5.04
N GLY F 96 -42.85 -1.83 -5.40
CA GLY F 96 -42.33 -0.49 -5.57
C GLY F 96 -42.33 0.45 -4.38
N ALA F 97 -41.85 0.00 -3.22
CA ALA F 97 -41.63 0.91 -2.10
C ALA F 97 -40.37 1.74 -2.28
N ASN F 98 -39.39 1.21 -3.01
CA ASN F 98 -38.15 1.95 -3.25
C ASN F 98 -38.43 3.24 -4.02
N LYS F 99 -39.36 3.21 -4.96
CA LYS F 99 -39.72 4.43 -5.68
C LYS F 99 -40.38 5.44 -4.76
N ILE F 100 -41.19 4.98 -3.79
CA ILE F 100 -41.77 5.90 -2.82
C ILE F 100 -40.68 6.56 -1.99
N LEU F 101 -39.70 5.77 -1.53
CA LEU F 101 -38.61 6.35 -0.77
C LEU F 101 -37.80 7.33 -1.61
N ALA F 102 -37.56 7.00 -2.88
CA ALA F 102 -36.83 7.90 -3.76
C ALA F 102 -37.58 9.21 -3.97
N GLU F 103 -38.90 9.13 -4.13
CA GLU F 103 -39.70 10.34 -4.27
C GLU F 103 -39.62 11.20 -3.01
N PHE F 104 -39.71 10.57 -1.84
CA PHE F 104 -39.59 11.31 -0.59
C PHE F 104 -38.23 11.99 -0.48
N GLU F 105 -37.16 11.27 -0.82
CA GLU F 105 -35.82 11.84 -0.74
C GLU F 105 -35.65 13.00 -1.73
N LYS F 106 -36.20 12.86 -2.94
CA LYS F 106 -36.08 13.92 -3.93
C LYS F 106 -36.85 15.16 -3.50
N GLN F 107 -38.06 14.97 -2.94
CA GLN F 107 -38.87 16.12 -2.56
C GLN F 107 -38.32 16.82 -1.32
N LEU F 108 -37.90 16.06 -0.31
CA LEU F 108 -37.45 16.65 0.93
C LEU F 108 -35.98 17.09 0.89
N GLY F 109 -35.20 16.58 -0.06
CA GLY F 109 -33.81 16.96 -0.15
C GLY F 109 -32.91 16.38 0.91
N ILE F 110 -33.40 15.42 1.69
CA ILE F 110 -32.63 14.78 2.75
C ILE F 110 -32.70 13.28 2.58
N LYS F 111 -31.58 12.60 2.85
CA LYS F 111 -31.53 11.15 2.71
C LYS F 111 -32.25 10.48 3.89
N ALA F 112 -32.55 9.19 3.70
CA ALA F 112 -33.21 8.43 4.74
C ALA F 112 -32.32 8.30 5.97
N GLY F 113 -32.93 8.47 7.14
CA GLY F 113 -32.20 8.46 8.39
C GLY F 113 -31.61 9.79 8.79
N GLU F 114 -31.73 10.81 7.96
CA GLU F 114 -31.22 12.14 8.25
C GLU F 114 -32.39 13.11 8.31
N THR F 115 -32.32 14.06 9.24
CA THR F 115 -33.40 15.00 9.49
C THR F 115 -33.11 16.35 8.83
N THR F 116 -34.18 17.14 8.71
CA THR F 116 -34.13 18.50 8.20
C THR F 116 -34.27 19.53 9.32
N SER F 117 -33.57 19.30 10.44
CA SER F 117 -33.80 19.92 11.75
C SER F 117 -34.23 21.38 11.68
N ASP F 118 -33.69 22.15 10.72
CA ASP F 118 -34.22 23.48 10.47
C ASP F 118 -35.73 23.46 10.28
N LEU F 119 -36.23 22.49 9.51
CA LEU F 119 -37.65 22.23 9.39
C LEU F 119 -38.06 21.17 10.42
N LYS F 120 -39.29 20.67 10.31
CA LYS F 120 -39.82 19.73 11.29
C LYS F 120 -40.01 18.32 10.75
N PHE F 121 -39.53 18.02 9.56
CA PHE F 121 -39.70 16.70 8.97
C PHE F 121 -38.53 15.78 9.31
N THR F 122 -38.77 14.47 9.16
CA THR F 122 -37.75 13.47 9.40
C THR F 122 -38.11 12.20 8.63
N LEU F 123 -37.09 11.52 8.11
CA LEU F 123 -37.27 10.25 7.42
C LEU F 123 -36.80 9.10 8.31
N GLU F 124 -37.34 7.91 8.05
CA GLU F 124 -37.01 6.74 8.84
C GLU F 124 -37.23 5.50 7.97
N ARG F 125 -36.68 4.38 8.42
CA ARG F 125 -36.66 3.14 7.65
C ARG F 125 -37.20 1.98 8.47
N VAL F 126 -38.34 2.18 9.14
CA VAL F 126 -38.92 1.12 9.97
C VAL F 126 -39.50 0.04 9.08
N GLY F 127 -39.16 -1.22 9.39
CA GLY F 127 -39.48 -2.34 8.53
C GLY F 127 -40.72 -3.10 9.00
N CYS F 128 -41.62 -3.38 8.05
CA CYS F 128 -42.75 -4.29 8.21
C CYS F 128 -43.66 -3.87 9.36
N LEU F 129 -44.33 -2.74 9.15
CA LEU F 129 -45.38 -2.28 10.05
C LEU F 129 -46.51 -3.31 10.14
N GLY F 130 -47.45 -3.04 11.04
CA GLY F 130 -48.51 -3.99 11.36
C GLY F 130 -49.34 -4.48 10.20
N ALA F 131 -49.77 -3.58 9.32
CA ALA F 131 -50.62 -3.94 8.20
C ALA F 131 -49.75 -4.28 6.98
N CYS F 132 -49.86 -5.52 6.50
CA CYS F 132 -49.11 -5.97 5.34
C CYS F 132 -49.94 -6.01 4.06
N GLY F 133 -51.27 -5.97 4.17
CA GLY F 133 -52.13 -6.04 3.01
C GLY F 133 -52.41 -4.73 2.31
N LEU F 134 -51.99 -3.61 2.88
CA LEU F 134 -52.29 -2.29 2.33
C LEU F 134 -51.08 -1.80 1.51
N ALA F 135 -50.83 -2.50 0.39
CA ALA F 135 -49.78 -2.18 -0.57
C ALA F 135 -48.47 -1.84 0.16
N PRO F 136 -47.58 -0.97 -0.36
CA PRO F 136 -46.60 -0.35 0.55
C PRO F 136 -47.27 0.69 1.43
N THR F 137 -46.82 0.76 2.68
CA THR F 137 -47.51 1.50 3.73
C THR F 137 -46.58 2.57 4.28
N VAL F 138 -46.93 3.83 4.09
CA VAL F 138 -46.24 4.96 4.68
C VAL F 138 -47.05 5.44 5.88
N MET F 139 -46.40 5.49 7.04
CA MET F 139 -47.05 5.86 8.29
C MET F 139 -46.37 7.12 8.83
N VAL F 140 -47.01 8.27 8.61
CA VAL F 140 -46.50 9.53 9.12
C VAL F 140 -47.08 9.75 10.51
N ASN F 141 -46.21 9.99 11.49
CA ASN F 141 -46.61 10.25 12.87
C ASN F 141 -47.40 9.09 13.45
N GLU F 142 -48.73 9.18 13.41
CA GLU F 142 -49.56 8.18 14.07
C GLU F 142 -50.75 7.70 13.23
N LYS F 143 -50.74 7.90 11.92
CA LYS F 143 -51.85 7.47 11.07
C LYS F 143 -51.33 6.66 9.89
N THR F 144 -52.17 5.74 9.43
CA THR F 144 -51.84 4.83 8.34
C THR F 144 -52.46 5.32 7.04
N TYR F 145 -51.70 5.22 5.95
CA TYR F 145 -52.15 5.73 4.65
C TYR F 145 -52.77 4.63 3.79
N GLY F 146 -52.03 3.57 3.51
CA GLY F 146 -52.53 2.50 2.67
C GLY F 146 -51.87 2.45 1.31
N LYS F 147 -52.65 2.16 0.27
CA LYS F 147 -52.10 2.10 -1.08
C LYS F 147 -51.44 3.41 -1.46
N MET F 148 -50.23 3.32 -2.01
CA MET F 148 -49.43 4.49 -2.33
C MET F 148 -48.95 4.44 -3.78
N THR F 149 -48.80 5.62 -4.36
CA THR F 149 -48.28 5.83 -5.70
C THR F 149 -47.30 7.01 -5.65
N PRO F 150 -46.22 6.98 -6.45
CA PRO F 150 -45.26 8.09 -6.44
C PRO F 150 -45.88 9.45 -6.76
N GLU F 151 -47.13 9.47 -7.21
CA GLU F 151 -47.81 10.73 -7.50
C GLU F 151 -48.51 11.32 -6.28
N LYS F 152 -48.94 10.48 -5.33
CA LYS F 152 -49.59 10.97 -4.12
C LYS F 152 -48.61 11.66 -3.19
N VAL F 153 -47.31 11.51 -3.43
CA VAL F 153 -46.30 12.08 -2.55
C VAL F 153 -46.43 13.59 -2.52
N SER F 154 -46.55 14.21 -3.69
CA SER F 154 -46.61 15.67 -3.77
C SER F 154 -47.85 16.19 -3.06
N GLU F 155 -49.01 15.58 -3.29
CA GLU F 155 -50.24 16.08 -2.68
C GLU F 155 -50.23 15.88 -1.17
N VAL F 156 -49.71 14.75 -0.69
CA VAL F 156 -49.71 14.54 0.76
C VAL F 156 -48.73 15.48 1.44
N LEU F 157 -47.56 15.72 0.83
CA LEU F 157 -46.61 16.64 1.42
C LEU F 157 -47.14 18.07 1.40
N LYS F 158 -47.84 18.44 0.32
CA LYS F 158 -48.48 19.75 0.27
C LYS F 158 -49.55 19.88 1.34
N GLU F 159 -50.31 18.80 1.58
CA GLU F 159 -51.34 18.83 2.60
C GLU F 159 -50.75 19.04 3.99
N TYR F 160 -49.64 18.35 4.29
CA TYR F 160 -48.99 18.60 5.58
C TYR F 160 -48.25 19.92 5.60
N SER F 161 -47.51 20.25 4.56
CA SER F 161 -46.77 21.51 4.53
C SER F 161 -47.68 22.68 4.24
FE1 SF4 G . 21.36 -25.36 -11.46
FE2 SF4 G . 23.65 -25.86 -12.86
FE3 SF4 G . 23.51 -26.51 -10.21
FE4 SF4 G . 23.61 -23.88 -10.96
S1 SF4 G . 25.24 -25.45 -11.27
S2 SF4 G . 22.22 -24.81 -9.42
S3 SF4 G . 22.41 -23.95 -12.90
S4 SF4 G . 22.28 -27.41 -11.91
FE1 HC1 H . 21.01 -31.82 -7.63
FE2 HC1 H . 22.06 -32.70 -9.78
S1 HC1 H . 20.94 -34.06 -8.27
S2 HC1 H . 23.29 -32.13 -7.89
O1 HC1 H . 22.87 -30.90 -4.95
O2 HC1 H . 26.22 -32.35 -10.70
O3 HC1 H . 21.25 -28.91 -7.21
O4 HC1 H . 18.10 -32.06 -7.78
O5 HC1 H . 20.95 -30.01 -10.01
O6 HC1 H . 23.87 -30.86 -11.27
O7 HC1 H . 20.08 -33.16 -11.92
C3 HC1 H . 21.19 -30.01 -7.33
C4 HC1 H . 19.25 -31.89 -7.75
C5 HC1 H . 20.96 -31.00 -9.54
C6 HC1 H . 23.15 -31.57 -10.76
C7 HC1 H . 20.85 -32.99 -11.12
FE1 FES I . 27.67 3.40 -2.13
FE2 FES I . 25.41 2.62 -3.38
S1 FES I . 26.51 4.50 -3.64
S2 FES I . 26.53 1.55 -1.80
FE1 SF4 J . 7.49 -4.16 0.13
FE2 SF4 J . 10.06 -4.71 -0.61
FE3 SF4 J . 8.44 -3.28 -2.28
FE4 SF4 J . 7.97 -5.95 -1.88
S1 SF4 J . 9.80 -5.01 -2.87
S2 SF4 J . 6.42 -4.28 -1.89
S3 SF4 J . 8.56 -6.15 0.31
S4 SF4 J . 9.17 -2.65 -0.23
FE1 SF4 K . 15.97 -3.87 -10.67
FE2 SF4 K . 18.29 -4.11 -9.25
FE3 SF4 K . 17.89 -5.64 -11.49
FE4 SF4 K . 16.46 -6.13 -9.21
S1 SF4 K . 18.71 -6.34 -9.48
S2 SF4 K . 15.65 -6.02 -11.33
S3 SF4 K . 16.18 -4.01 -8.40
S4 SF4 K . 18.07 -3.36 -11.39
FE1 SF4 L . 21.48 -15.77 -15.78
FE2 SF4 L . 19.52 -15.02 -17.52
FE3 SF4 L . 21.63 -13.36 -17.05
FE4 SF4 L . 19.75 -13.75 -15.11
S1 SF4 L . 19.43 -12.78 -17.14
S2 SF4 L . 22.01 -13.76 -14.83
S3 SF4 L . 19.23 -15.95 -15.46
S4 SF4 L . 21.71 -15.42 -18.02
N1 FMN M . 32.03 21.46 -21.61
C2 FMN M . 32.15 21.97 -22.94
O2 FMN M . 33.21 22.41 -23.35
N3 FMN M . 31.09 21.94 -23.72
C4 FMN M . 29.96 21.46 -23.25
O4 FMN M . 29.02 21.47 -24.01
C4A FMN M . 29.82 20.90 -21.81
N5 FMN M . 28.68 20.41 -21.32
C5A FMN M . 28.61 19.94 -20.07
C6 FMN M . 27.41 19.44 -19.61
C7 FMN M . 27.30 18.95 -18.34
C7M FMN M . 26.02 18.41 -17.85
C8 FMN M . 28.43 18.95 -17.45
C8M FMN M . 28.28 18.42 -16.09
C9 FMN M . 29.62 19.44 -17.87
C9A FMN M . 29.75 19.94 -19.14
N10 FMN M . 30.96 20.43 -19.57
C10 FMN M . 30.98 20.89 -20.85
C1' FMN M . 32.17 20.49 -18.81
C2' FMN M . 33.02 19.37 -19.26
O2' FMN M . 32.85 18.44 -18.23
C3' FMN M . 34.49 19.62 -19.23
O3' FMN M . 34.75 19.88 -17.89
C4' FMN M . 35.00 20.79 -20.01
O4' FMN M . 34.92 20.43 -21.35
C5' FMN M . 36.46 21.00 -19.69
O5' FMN M . 37.09 21.89 -20.57
P FMN M . 38.09 22.91 -19.90
O1P FMN M . 37.22 23.65 -18.99
O2P FMN M . 38.58 23.72 -21.01
O3P FMN M . 39.11 22.15 -19.17
FE1 SF4 N . 22.28 11.25 -14.29
FE2 SF4 N . 22.68 11.38 -11.59
FE3 SF4 N . 21.19 13.29 -12.83
FE4 SF4 N . 23.90 13.19 -13.24
S1 SF4 N . 22.82 13.63 -11.28
S2 SF4 N . 22.28 13.47 -14.83
S3 SF4 N . 24.25 10.94 -13.19
S4 SF4 N . 20.69 11.07 -12.65
ZN ZN O . 2.49 33.91 -12.67
FE1 FES P . 25.98 36.15 -37.64
FE2 FES P . 25.55 36.53 -40.29
S1 FES P . 26.11 38.04 -38.78
S2 FES P . 25.29 34.67 -39.12
FE1 SF4 Q . -15.56 33.93 -18.78
FE2 SF4 Q . -17.53 33.62 -16.91
FE3 SF4 Q . -15.07 32.49 -16.50
FE4 SF4 Q . -16.74 31.49 -18.43
S1 SF4 Q . -17.10 31.51 -16.18
S2 SF4 Q . -14.51 31.91 -18.63
S3 SF4 Q . -17.74 33.40 -19.17
S4 SF4 Q . -15.56 34.72 -16.64
FE1 SF4 R . -18.89 43.40 -22.83
FE2 SF4 R . -21.25 43.16 -21.47
FE3 SF4 R . -19.33 41.23 -21.24
FE4 SF4 R . -20.71 41.49 -23.58
S1 SF4 R . -21.57 40.90 -21.55
S2 SF4 R . -18.46 41.22 -23.34
S3 SF4 R . -20.99 43.76 -23.65
S4 SF4 R . -19.18 43.40 -20.57
PA NAP S . 34.96 19.24 -12.88
O1A NAP S . 35.04 18.61 -11.55
O2A NAP S . 34.37 20.61 -12.99
O5B NAP S . 36.40 19.31 -13.53
C5B NAP S . 36.47 19.48 -14.93
C4B NAP S . 37.87 19.15 -15.43
O4B NAP S . 38.85 19.20 -14.39
C3B NAP S . 37.93 17.74 -15.94
O3B NAP S . 38.97 17.65 -16.90
C2B NAP S . 38.24 17.00 -14.66
O2B NAP S . 38.51 15.63 -14.88
C1B NAP S . 39.35 17.90 -14.14
N9A NAP S . 39.76 17.78 -12.74
C8A NAP S . 39.11 18.34 -11.71
N7A NAP S . 39.71 18.07 -10.53
C5A NAP S . 40.78 17.33 -10.79
C6A NAP S . 41.84 16.72 -10.00
N6A NAP S . 41.86 16.85 -8.67
N1A NAP S . 42.78 16.03 -10.64
C2A NAP S . 42.74 15.89 -11.97
N3A NAP S . 41.81 16.42 -12.77
C4A NAP S . 40.81 17.14 -12.25
O3 NAP S . 34.26 18.25 -13.89
PN NAP S . 32.85 18.34 -14.61
O1N NAP S . 33.15 18.63 -16.04
O2N NAP S . 31.97 17.16 -14.35
O5D NAP S . 32.13 19.53 -13.87
C5D NAP S . 31.03 20.14 -14.47
C4D NAP S . 31.12 21.63 -14.23
O4D NAP S . 30.93 22.26 -15.47
C3D NAP S . 30.00 22.13 -13.35
O3D NAP S . 30.38 22.25 -11.96
C2D NAP S . 29.65 23.47 -13.92
O2D NAP S . 30.41 24.45 -13.26
C1D NAP S . 30.11 23.40 -15.35
N1N NAP S . 28.96 23.27 -16.23
C2N NAP S . 29.10 23.65 -17.50
C3N NAP S . 28.00 23.53 -18.33
C7N NAP S . 28.17 23.95 -19.73
O7N NAP S . 29.20 24.41 -20.18
N7N NAP S . 27.10 23.79 -20.46
C4N NAP S . 26.80 23.03 -17.85
C5N NAP S . 26.67 22.64 -16.52
C6N NAP S . 27.79 22.78 -15.75
P2B NAP S . 37.42 14.45 -14.69
O1X NAP S . 38.21 13.48 -13.89
O2X NAP S . 37.15 14.04 -16.11
O3X NAP S . 36.27 15.02 -13.93
FE1 FES T . 18.14 29.40 -30.21
FE2 FES T . 15.52 30.01 -30.47
S1 FES T . 16.74 30.02 -28.63
S2 FES T . 16.85 29.12 -31.98
FE1 SF4 U . 3.81 2.00 37.09
FE2 SF4 U . 3.80 0.09 35.14
FE3 SF4 U . 6.15 0.76 36.38
FE4 SF4 U . 4.95 2.53 34.66
S1 SF4 U . 5.81 0.48 34.14
S2 SF4 U . 5.83 2.99 36.71
S3 SF4 U . 2.75 2.12 35.09
S4 SF4 U . 4.32 -0.21 37.33
FE1 HC1 V . 12.11 3.09 36.82
FE2 HC1 V . 10.99 4.03 38.90
S1 HC1 V . 13.22 4.43 38.38
S2 HC1 V . 11.65 1.80 38.69
O1 HC1 V . 12.94 -0.18 36.51
O2 HC1 V . 9.06 1.66 41.97
O3 HC1 V . 10.34 1.49 35.07
O4 HC1 V . 12.76 5.27 34.99
O5 HC1 V . 9.22 3.84 36.60
O6 HC1 V . 8.28 3.00 39.57
O7 HC1 V . 10.23 6.87 38.64
C3 HC1 V . 11.03 2.06 35.73
C4 HC1 V . 12.44 4.40 35.68
C5 HC1 V . 10.22 3.95 37.02
C6 HC1 V . 9.31 3.40 39.37
C7 HC1 V . 10.52 5.79 38.77
FE1 FES W . -9.61 -19.08 18.04
FE2 FES W . -9.47 -16.45 17.43
S1 FES W . -11.19 -17.80 17.16
S2 FES W . -7.87 -17.73 18.24
FE1 SF4 X . -1.10 -3.07 8.72
FE2 SF4 X . 1.10 -1.93 9.88
FE3 SF4 X . 1.39 -3.53 7.69
FE4 SF4 X . 0.68 -4.63 10.09
S1 SF4 X . 2.64 -3.58 9.59
S2 SF4 X . -0.25 -5.08 8.07
S3 SF4 X . -0.63 -2.96 10.94
S4 SF4 X . 0.30 -1.54 7.79
FE1 SF4 Y . -8.11 -2.94 17.58
FE2 SF4 Y . -7.46 -5.29 18.80
FE3 SF4 Y . -7.89 -3.04 20.30
FE4 SF4 Y . -5.66 -3.24 18.73
S1 SF4 Y . -6.18 -4.54 20.52
S2 SF4 Y . -7.04 -1.43 18.92
S3 SF4 Y . -6.48 -4.39 16.95
S4 SF4 Y . -9.41 -4.13 19.01
FE1 SF4 Z . -5.22 1.16 27.92
FE2 SF4 Z . -4.68 1.19 30.60
FE3 SF4 Z . -7.25 0.88 29.73
FE4 SF4 Z . -6.00 3.30 29.45
S1 SF4 Z . -6.53 2.25 31.40
S2 SF4 Z . -7.25 2.21 27.88
S3 SF4 Z . -3.86 2.62 29.02
S4 SF4 Z . -5.51 -0.56 29.40
N1 FMN AA . -36.52 -17.59 17.68
C2 FMN AA . -37.81 -17.04 17.97
O2 FMN AA . -38.62 -17.69 18.60
N3 FMN AA . -38.09 -15.84 17.54
C4 FMN AA . -37.19 -15.15 16.86
O4 FMN AA . -37.50 -14.06 16.50
C4A FMN AA . -35.78 -15.74 16.55
N5 FMN AA . -34.85 -15.06 15.86
C5A FMN AA . -33.64 -15.60 15.60
C6 FMN AA . -32.72 -14.87 14.90
C7 FMN AA . -31.49 -15.38 14.62
C7M FMN AA . -30.49 -14.60 13.86
C8 FMN AA . -31.13 -16.70 15.08
C8M FMN AA . -29.79 -17.24 14.77
C9 FMN AA . -32.01 -17.45 15.78
C9A FMN AA . -33.26 -16.95 16.06
N10 FMN AA . -34.16 -17.69 16.77
C10 FMN AA . -35.36 -17.10 17.00
C1' FMN AA . -33.94 -19.01 17.27
C2' FMN AA . -33.62 -18.88 18.72
O2' FMN AA . -32.24 -19.06 18.72
C3' FMN AA . -34.10 -19.98 19.60
O3' FMN AA . -33.40 -21.09 19.14
C4' FMN AA . -35.55 -20.33 19.53
O4' FMN AA . -36.22 -19.30 20.20
C5' FMN AA . -35.79 -21.59 20.31
O5' FMN AA . -37.15 -21.86 20.54
P FMN AA . -37.59 -23.37 20.35
O1P FMN AA . -37.27 -23.62 18.95
O2P FMN AA . -39.01 -23.36 20.64
O3P FMN AA . -36.76 -24.20 21.25
FE1 SF4 BA . -20.63 -13.15 13.40
FE2 SF4 BA . -22.35 -11.19 14.23
FE3 SF4 BA . -23.28 -13.71 13.78
FE4 SF4 BA . -22.50 -12.15 11.67
S1 SF4 BA . -24.24 -11.76 13.09
S2 SF4 BA . -21.99 -14.34 12.01
S3 SF4 BA . -20.76 -11.01 12.60
S4 SF4 BA . -21.78 -13.07 15.37
ZN ZN CA . -32.63 -7.77 -13.87
FE1 FES DA . -56.45 -9.66 10.78
FE2 FES DA . -58.48 -7.93 11.25
S1 FES DA . -58.55 -9.84 10.14
S2 FES DA . -56.35 -7.67 11.73
FE1 SF4 EA . -33.13 8.27 -24.09
FE2 SF4 EA . -31.18 8.66 -25.98
FE3 SF4 EA . -30.64 7.17 -23.75
FE4 SF4 EA . -30.97 9.88 -23.54
S1 SF4 EA . -29.32 8.78 -24.67
S2 SF4 EA . -31.87 8.29 -22.18
S3 SF4 EA . -32.58 10.24 -25.11
S4 SF4 EA . -32.15 6.67 -25.39
FE1 SF4 FA . -41.77 9.21 -30.59
FE2 SF4 FA . -40.15 10.08 -32.61
FE3 SF4 FA . -39.07 9.38 -30.19
FE4 SF4 FA . -40.59 11.66 -30.42
S1 SF4 FA . -38.58 11.24 -31.43
S2 SF4 FA . -40.72 10.09 -28.77
S3 SF4 FA . -42.13 11.00 -31.95
S4 SF4 FA . -40.15 8.01 -31.65
PA NAP GA . -29.31 -23.66 17.73
O1A NAP GA . -27.87 -23.55 18.09
O2A NAP GA . -29.67 -24.18 16.39
O5B NAP GA . -30.03 -24.56 18.82
C5B NAP GA . -31.40 -24.31 19.09
C4B NAP GA . -31.70 -24.54 20.55
O4B NAP GA . -30.96 -25.63 21.11
C3B NAP GA . -31.26 -23.34 21.37
O3B NAP GA . -32.32 -22.99 22.25
C2B NAP GA . -30.06 -23.92 22.09
O2B NAP GA . -29.58 -23.07 23.13
C1B NAP GA . -30.70 -25.23 22.44
N9A NAP GA . -29.95 -26.23 23.22
C8A NAP GA . -29.92 -26.31 24.55
N7A NAP GA . -29.15 -27.33 24.98
C5A NAP GA . -28.68 -27.94 23.89
C6A NAP GA . -27.80 -29.07 23.63
N6A NAP GA . -27.28 -29.78 24.63
N1A NAP GA . -27.54 -29.38 22.36
C2A NAP GA . -28.06 -28.67 21.36
N3A NAP GA . -28.87 -27.62 21.51
C4A NAP GA . -29.21 -27.20 22.74
O3 NAP GA . -30.01 -22.26 17.95
PN NAP GA . -29.67 -20.92 17.17
O1N NAP GA . -30.03 -19.80 18.10
O2N NAP GA . -28.32 -20.89 16.56
O5D NAP GA . -30.67 -21.07 15.96
C5D NAP GA . -30.19 -21.28 14.66
C4D NAP GA . -31.35 -21.67 13.80
O4D NAP GA . -32.35 -20.70 13.94
C3D NAP GA . -31.03 -21.63 12.32
O3D NAP GA . -30.49 -22.86 11.83
C2D NAP GA . -32.36 -21.33 11.70
O2D NAP GA . -32.97 -22.57 11.38
C1D NAP GA . -33.15 -20.68 12.79
N1N NAP GA . -33.43 -19.32 12.39
C2N NAP GA . -34.60 -18.78 12.74
C3N NAP GA . -34.87 -17.49 12.37
C7N NAP GA . -36.17 -16.91 12.76
O7N NAP GA . -37.00 -17.52 13.39
N7N NAP GA . -36.34 -15.68 12.36
C4N NAP GA . -33.93 -16.75 11.64
C5N NAP GA . -32.72 -17.32 11.28
C6N NAP GA . -32.51 -18.62 11.69
P2B NAP GA . -28.16 -22.31 23.08
O1X NAP GA . -27.29 -23.31 23.74
O2X NAP GA . -28.44 -21.07 23.86
O3X NAP GA . -27.80 -22.12 21.64
FE1 FES HA . -45.04 -6.09 6.47
FE2 FES HA . -44.82 -4.21 4.53
S1 FES HA . -43.85 -6.19 4.61
S2 FES HA . -45.84 -4.03 6.47
#